data_1N4S
#
_entry.id   1N4S
#
_cell.length_a   271.121
_cell.length_b   268.426
_cell.length_c   184.818
_cell.angle_alpha   90.00
_cell.angle_beta   131.58
_cell.angle_gamma   90.00
#
_symmetry.space_group_name_H-M   'C 1 2 1'
#
loop_
_entity.id
_entity.type
_entity.pdbx_description
1 polymer 'Protein farnesyltransferase/geranylgeranyltransferase type-1 subunit alpha'
2 polymer 'Geranylgeranyl transferase type-1 subunit beta'
3 polymer 'Fusion protein consisting of transforming protein p21b and Ras related protein Rap-2b'
4 non-polymer 'ZINC ION'
5 non-polymer 'CHLORIDE ION'
6 non-polymer 'GERANYLGERANYL DIPHOSPHATE'
7 non-polymer 'GERAN-8-YL GERAN'
8 water water
#
loop_
_entity_poly.entity_id
_entity_poly.type
_entity_poly.pdbx_seq_one_letter_code
_entity_poly.pdbx_strand_id
1 'polypeptide(L)'
;MAATEGVGESAPGGEPGQPEQPPPPPPPPPAQQPQEEEMAAEAGEAAASPMDDGFLSLDSPTYVLYRDRAEWADIDPVPQ
NDGPSPVVQIIYSEKFRDVYDYFRAVLQRDERSERAFKLTRDAIELNAANYTVWHFRRVLLRSLQKDLQEEMNYIIAIIE
EQPKNYQVWHHRRVLVEWLKDPSQELEFIADILNQDAKNYHAWQHRQWVIQEFRLWDNELQYVDQLLKEDVRNNSVWNQR
HFVISNTTGYSDRAVLEREVQYTLEMIKLVPHNESAWNYLKGILQDRGLSRYPNLLNQLLDLQPSHSSPYLIAFLVDIYE
DMLENQCDNKEDILNKALELCEILAKEKDTIRKEYWRYIGRSLQSKHSRESDIPASV
;
A,C,E,G,I,K
2 'polypeptide(L)'
;MAATEDDRLAGSGEGERLDFLRDRHVRFFQRCLQVLPERYSSLETSRLTIAFFALSGLDMLDSLDVVNKDDIIEWIYSLQ
VLPTEDRSNLDRCGFRGSSYLGIPFNPSKNPGTAHPYDSGHIAMTYTGLSCLIILGDDLSRVDKEACLAGLRALQLEDGS
FCAVPEGSENDMRFVYCASCICYMLNNWSGMDMKKAISYIRRSMSYDNGLAQGAGLESHGGSTFCGIASLCLMGKLEEVF
SEKELNRIKRWCIMRQQNGYHGRPNKPVDTCYSFWVGATLKLLKIFQYTNFEKNRNYILSTQDRLVGGFAKWPDSHPDAL
HAYFGICGLSLMEESGICKVHPALNVSTRTSERLRDLHQSWKTKDSKQCSDNVHISS
;
B,D,F,H,J,L
3 'polypeptide(L)' KKKSKTKCVIL M,N,O,P,Q,R
#
# COMPACT_ATOMS: atom_id res chain seq x y z
N PHE A 55 -23.53 -8.17 -28.89
CA PHE A 55 -22.42 -8.54 -29.83
C PHE A 55 -21.03 -8.66 -29.19
N LEU A 56 -20.30 -7.55 -29.15
CA LEU A 56 -18.95 -7.53 -28.59
C LEU A 56 -18.94 -7.38 -27.08
N SER A 57 -18.70 -8.51 -26.40
CA SER A 57 -18.68 -8.55 -24.93
C SER A 57 -17.64 -7.63 -24.30
N LEU A 58 -17.97 -7.11 -23.13
CA LEU A 58 -17.07 -6.20 -22.40
C LEU A 58 -15.79 -6.86 -21.92
N ASP A 59 -15.79 -8.18 -21.82
CA ASP A 59 -14.59 -8.85 -21.39
C ASP A 59 -13.98 -9.73 -22.48
N SER A 60 -14.43 -9.53 -23.72
CA SER A 60 -13.88 -10.29 -24.83
C SER A 60 -12.46 -9.79 -25.11
N PRO A 61 -11.56 -10.70 -25.49
CA PRO A 61 -10.15 -10.38 -25.78
C PRO A 61 -10.08 -9.30 -26.85
N THR A 62 -11.05 -9.31 -27.76
CA THR A 62 -11.08 -8.36 -28.84
C THR A 62 -11.99 -7.15 -28.65
N TYR A 63 -12.32 -6.86 -27.41
CA TYR A 63 -13.17 -5.71 -27.11
C TYR A 63 -12.45 -4.44 -27.50
N VAL A 64 -13.18 -3.49 -28.07
CA VAL A 64 -12.59 -2.23 -28.50
C VAL A 64 -13.37 -1.07 -27.90
N LEU A 65 -12.67 -0.09 -27.35
CA LEU A 65 -13.36 1.05 -26.77
C LEU A 65 -14.16 1.75 -27.86
N TYR A 66 -15.28 2.35 -27.47
CA TYR A 66 -16.13 3.04 -28.43
C TYR A 66 -15.37 4.18 -29.12
N ARG A 67 -14.40 4.76 -28.42
CA ARG A 67 -13.64 5.87 -29.00
C ARG A 67 -12.76 5.38 -30.15
N ASP A 68 -12.56 4.06 -30.24
CA ASP A 68 -11.75 3.48 -31.30
C ASP A 68 -12.58 2.72 -32.34
N ARG A 69 -13.90 2.83 -32.27
CA ARG A 69 -14.74 2.13 -33.23
C ARG A 69 -15.15 3.05 -34.37
N ALA A 70 -14.95 2.57 -35.59
CA ALA A 70 -15.27 3.32 -36.79
C ALA A 70 -16.73 3.73 -36.87
N GLU A 71 -17.64 2.81 -36.51
CA GLU A 71 -19.07 3.11 -36.56
C GLU A 71 -19.47 4.23 -35.61
N TRP A 72 -18.59 4.62 -34.71
CA TRP A 72 -18.89 5.68 -33.76
C TRP A 72 -18.10 6.96 -33.97
N ALA A 73 -17.32 7.01 -35.05
CA ALA A 73 -16.47 8.15 -35.35
C ALA A 73 -17.21 9.48 -35.46
N ASP A 74 -18.46 9.46 -35.92
CA ASP A 74 -19.24 10.68 -36.08
C ASP A 74 -19.75 11.30 -34.79
N ILE A 75 -19.81 10.51 -33.72
CA ILE A 75 -20.32 10.99 -32.44
C ILE A 75 -19.26 11.58 -31.51
N ASP A 76 -19.58 12.71 -30.90
CA ASP A 76 -18.66 13.36 -29.96
C ASP A 76 -19.06 12.92 -28.56
N PRO A 77 -18.21 12.12 -27.89
CA PRO A 77 -18.56 11.68 -26.54
C PRO A 77 -18.80 12.83 -25.58
N VAL A 78 -19.75 12.66 -24.65
CA VAL A 78 -20.08 13.69 -23.67
C VAL A 78 -19.65 13.23 -22.28
N PRO A 79 -18.67 13.92 -21.69
CA PRO A 79 -18.17 13.58 -20.36
C PRO A 79 -19.01 14.11 -19.20
N GLN A 80 -18.86 13.49 -18.05
CA GLN A 80 -19.57 13.89 -16.86
C GLN A 80 -18.70 14.90 -16.13
N ASN A 81 -19.32 15.90 -15.52
CA ASN A 81 -18.56 16.91 -14.80
C ASN A 81 -19.23 17.28 -13.48
N ASP A 82 -18.54 16.95 -12.39
CA ASP A 82 -19.02 17.20 -11.03
C ASP A 82 -18.63 18.57 -10.51
N GLY A 83 -18.08 19.41 -11.37
CA GLY A 83 -17.69 20.74 -10.96
C GLY A 83 -16.38 20.79 -10.19
N PRO A 84 -16.01 21.97 -9.67
CA PRO A 84 -14.77 22.20 -8.91
C PRO A 84 -14.50 21.27 -7.72
N SER A 85 -15.49 21.07 -6.86
CA SER A 85 -15.33 20.20 -5.70
C SER A 85 -16.37 19.09 -5.71
N PRO A 86 -16.04 17.95 -6.30
CA PRO A 86 -16.96 16.81 -6.37
C PRO A 86 -17.22 16.13 -5.03
N VAL A 87 -18.45 15.71 -4.82
CA VAL A 87 -18.83 15.02 -3.59
C VAL A 87 -19.22 13.57 -3.91
N VAL A 88 -18.83 12.65 -3.05
CA VAL A 88 -19.12 11.23 -3.26
C VAL A 88 -18.82 10.87 -4.71
N GLN A 89 -17.59 11.19 -5.12
CA GLN A 89 -17.15 10.93 -6.48
C GLN A 89 -16.66 9.50 -6.60
N ILE A 90 -17.17 8.80 -7.62
CA ILE A 90 -16.79 7.42 -7.88
C ILE A 90 -15.76 7.40 -9.00
N ILE A 91 -14.66 6.69 -8.80
CA ILE A 91 -13.63 6.60 -9.85
C ILE A 91 -14.00 5.51 -10.85
N TYR A 92 -13.93 5.85 -12.12
CA TYR A 92 -14.27 4.91 -13.17
C TYR A 92 -13.10 4.46 -14.02
N SER A 93 -13.13 3.20 -14.42
CA SER A 93 -12.08 2.64 -15.27
C SER A 93 -12.26 3.21 -16.67
N GLU A 94 -11.22 3.10 -17.49
CA GLU A 94 -11.27 3.60 -18.85
C GLU A 94 -12.47 3.02 -19.58
N LYS A 95 -12.64 1.71 -19.45
CA LYS A 95 -13.70 0.99 -20.12
C LYS A 95 -15.08 1.52 -19.71
N PHE A 96 -15.28 1.68 -18.41
CA PHE A 96 -16.55 2.16 -17.87
C PHE A 96 -16.85 3.57 -18.33
N ARG A 97 -15.90 4.48 -18.17
CA ARG A 97 -16.11 5.86 -18.57
C ARG A 97 -16.35 5.99 -20.07
N ASP A 98 -15.69 5.12 -20.83
CA ASP A 98 -15.81 5.15 -22.29
C ASP A 98 -17.24 4.79 -22.72
N VAL A 99 -17.80 3.73 -22.14
CA VAL A 99 -19.16 3.34 -22.49
C VAL A 99 -20.15 4.46 -22.14
N TYR A 100 -20.04 5.01 -20.94
CA TYR A 100 -20.97 6.04 -20.53
C TYR A 100 -20.76 7.39 -21.18
N ASP A 101 -19.55 7.66 -21.66
CA ASP A 101 -19.32 8.94 -22.34
C ASP A 101 -20.08 8.90 -23.66
N TYR A 102 -20.20 7.72 -24.25
CA TYR A 102 -20.93 7.59 -25.51
C TYR A 102 -22.42 7.45 -25.24
N PHE A 103 -22.77 6.85 -24.10
CA PHE A 103 -24.18 6.73 -23.74
C PHE A 103 -24.74 8.14 -23.58
N ARG A 104 -24.00 9.03 -22.92
CA ARG A 104 -24.45 10.40 -22.72
C ARG A 104 -24.67 11.07 -24.07
N ALA A 105 -23.75 10.84 -25.00
CA ALA A 105 -23.85 11.43 -26.32
C ALA A 105 -25.13 11.00 -27.01
N VAL A 106 -25.37 9.69 -27.04
CA VAL A 106 -26.56 9.15 -27.65
C VAL A 106 -27.85 9.64 -26.98
N LEU A 107 -27.85 9.73 -25.65
CA LEU A 107 -29.03 10.21 -24.92
C LEU A 107 -29.32 11.66 -25.25
N GLN A 108 -28.30 12.49 -25.14
CA GLN A 108 -28.40 13.91 -25.38
C GLN A 108 -29.03 14.22 -26.74
N ARG A 109 -28.80 13.35 -27.71
CA ARG A 109 -29.34 13.57 -29.05
C ARG A 109 -30.56 12.71 -29.32
N ASP A 110 -30.98 11.95 -28.31
CA ASP A 110 -32.13 11.08 -28.44
C ASP A 110 -32.05 10.27 -29.73
N GLU A 111 -30.88 9.71 -30.00
CA GLU A 111 -30.66 8.93 -31.20
C GLU A 111 -31.33 7.55 -31.11
N ARG A 112 -32.38 7.32 -31.88
CA ARG A 112 -33.08 6.04 -31.86
C ARG A 112 -32.44 5.07 -32.86
N SER A 113 -31.18 4.73 -32.65
CA SER A 113 -30.48 3.84 -33.59
C SER A 113 -30.23 2.45 -33.05
N GLU A 114 -29.85 1.55 -33.95
CA GLU A 114 -29.55 0.19 -33.57
C GLU A 114 -28.25 0.15 -32.78
N ARG A 115 -27.31 1.04 -33.12
CA ARG A 115 -26.05 1.07 -32.41
C ARG A 115 -26.26 1.54 -30.98
N ALA A 116 -27.21 2.45 -30.79
CA ALA A 116 -27.53 2.97 -29.46
C ALA A 116 -28.15 1.85 -28.63
N PHE A 117 -28.98 1.05 -29.29
CA PHE A 117 -29.61 -0.09 -28.61
C PHE A 117 -28.56 -1.06 -28.10
N LYS A 118 -27.54 -1.34 -28.91
CA LYS A 118 -26.48 -2.26 -28.49
C LYS A 118 -25.63 -1.61 -27.39
N LEU A 119 -25.51 -0.29 -27.43
CA LEU A 119 -24.74 0.41 -26.41
C LEU A 119 -25.41 0.28 -25.04
N THR A 120 -26.74 0.26 -24.99
CA THR A 120 -27.43 0.13 -23.70
C THR A 120 -27.15 -1.21 -23.05
N ARG A 121 -26.90 -2.23 -23.86
CA ARG A 121 -26.62 -3.56 -23.33
C ARG A 121 -25.35 -3.48 -22.48
N ASP A 122 -24.37 -2.73 -22.97
CA ASP A 122 -23.10 -2.59 -22.27
C ASP A 122 -23.28 -1.71 -21.03
N ALA A 123 -24.03 -0.62 -21.18
CA ALA A 123 -24.27 0.29 -20.07
C ALA A 123 -24.95 -0.46 -18.94
N ILE A 124 -25.88 -1.34 -19.29
CA ILE A 124 -26.58 -2.14 -18.30
C ILE A 124 -25.66 -3.15 -17.64
N GLU A 125 -24.74 -3.73 -18.40
CA GLU A 125 -23.81 -4.70 -17.82
C GLU A 125 -22.92 -3.98 -16.80
N LEU A 126 -22.57 -2.74 -17.10
CA LEU A 126 -21.73 -1.96 -16.19
C LEU A 126 -22.50 -1.48 -14.97
N ASN A 127 -23.78 -1.16 -15.14
CA ASN A 127 -24.59 -0.68 -14.03
C ASN A 127 -26.10 -0.86 -14.27
N ALA A 128 -26.62 -1.99 -13.82
CA ALA A 128 -28.04 -2.31 -13.99
C ALA A 128 -28.98 -1.46 -13.15
N ALA A 129 -28.43 -0.63 -12.27
CA ALA A 129 -29.26 0.20 -11.43
C ALA A 129 -29.51 1.58 -12.02
N ASN A 130 -29.04 1.82 -13.23
CA ASN A 130 -29.24 3.12 -13.88
C ASN A 130 -30.60 3.13 -14.58
N TYR A 131 -31.62 3.66 -13.90
CA TYR A 131 -32.97 3.68 -14.45
C TYR A 131 -33.10 4.42 -15.78
N THR A 132 -32.30 5.46 -15.98
CA THR A 132 -32.36 6.20 -17.25
C THR A 132 -31.99 5.27 -18.41
N VAL A 133 -30.97 4.44 -18.21
CA VAL A 133 -30.57 3.52 -19.26
C VAL A 133 -31.72 2.59 -19.61
N TRP A 134 -32.39 2.05 -18.60
CA TRP A 134 -33.52 1.15 -18.88
C TRP A 134 -34.67 1.85 -19.61
N HIS A 135 -34.90 3.11 -19.24
CA HIS A 135 -35.97 3.86 -19.88
C HIS A 135 -35.64 4.04 -21.36
N PHE A 136 -34.42 4.49 -21.63
CA PHE A 136 -33.97 4.70 -23.00
C PHE A 136 -34.05 3.39 -23.78
N ARG A 137 -33.65 2.29 -23.15
CA ARG A 137 -33.70 1.02 -23.82
C ARG A 137 -35.16 0.68 -24.21
N ARG A 138 -36.11 1.06 -23.36
CA ARG A 138 -37.52 0.79 -23.67
C ARG A 138 -37.97 1.68 -24.83
N VAL A 139 -37.50 2.92 -24.85
CA VAL A 139 -37.83 3.84 -25.94
C VAL A 139 -37.34 3.19 -27.24
N LEU A 140 -36.10 2.70 -27.22
CA LEU A 140 -35.51 2.06 -28.39
C LEU A 140 -36.26 0.78 -28.78
N LEU A 141 -36.67 -0.01 -27.79
CA LEU A 141 -37.39 -1.24 -28.08
C LEU A 141 -38.62 -0.93 -28.93
N ARG A 142 -39.26 0.19 -28.65
CA ARG A 142 -40.43 0.61 -29.39
C ARG A 142 -40.04 1.18 -30.75
N SER A 143 -39.19 2.20 -30.76
CA SER A 143 -38.75 2.83 -32.00
C SER A 143 -38.25 1.84 -33.05
N LEU A 144 -37.42 0.89 -32.64
CA LEU A 144 -36.88 -0.09 -33.57
C LEU A 144 -37.76 -1.32 -33.70
N GLN A 145 -38.90 -1.31 -33.02
CA GLN A 145 -39.82 -2.44 -33.05
C GLN A 145 -39.08 -3.76 -32.90
N LYS A 146 -38.31 -3.88 -31.82
CA LYS A 146 -37.54 -5.08 -31.54
C LYS A 146 -38.41 -6.24 -31.08
N ASP A 147 -37.92 -7.46 -31.26
CA ASP A 147 -38.65 -8.64 -30.86
C ASP A 147 -38.73 -8.68 -29.34
N LEU A 148 -39.93 -8.50 -28.79
CA LEU A 148 -40.10 -8.49 -27.35
C LEU A 148 -39.92 -9.85 -26.70
N GLN A 149 -40.12 -10.91 -27.46
CA GLN A 149 -39.94 -12.24 -26.91
C GLN A 149 -38.47 -12.45 -26.59
N GLU A 150 -37.61 -11.82 -27.39
CA GLU A 150 -36.17 -11.93 -27.20
C GLU A 150 -35.76 -11.10 -25.97
N GLU A 151 -36.38 -9.94 -25.81
CA GLU A 151 -36.09 -9.08 -24.67
C GLU A 151 -36.50 -9.81 -23.38
N MET A 152 -37.52 -10.66 -23.46
CA MET A 152 -37.97 -11.40 -22.29
C MET A 152 -36.86 -12.36 -21.85
N ASN A 153 -36.17 -12.97 -22.82
CA ASN A 153 -35.09 -13.88 -22.49
C ASN A 153 -33.98 -13.10 -21.81
N TYR A 154 -33.73 -11.90 -22.34
CA TYR A 154 -32.69 -11.04 -21.81
C TYR A 154 -32.95 -10.68 -20.34
N ILE A 155 -34.09 -10.05 -20.09
CA ILE A 155 -34.44 -9.64 -18.75
C ILE A 155 -34.54 -10.83 -17.81
N ILE A 156 -34.89 -12.00 -18.34
CA ILE A 156 -34.99 -13.17 -17.49
C ILE A 156 -33.61 -13.54 -16.93
N ALA A 157 -32.58 -13.42 -17.76
CA ALA A 157 -31.23 -13.72 -17.33
C ALA A 157 -30.72 -12.64 -16.35
N ILE A 158 -30.97 -11.37 -16.68
CA ILE A 158 -30.54 -10.27 -15.83
C ILE A 158 -31.10 -10.36 -14.42
N ILE A 159 -32.38 -10.63 -14.30
CA ILE A 159 -33.02 -10.74 -13.00
C ILE A 159 -32.44 -11.91 -12.18
N GLU A 160 -32.15 -13.02 -12.85
CA GLU A 160 -31.60 -14.16 -12.12
C GLU A 160 -30.27 -13.80 -11.49
N GLU A 161 -29.51 -12.93 -12.14
CA GLU A 161 -28.22 -12.50 -11.62
C GLU A 161 -28.35 -11.36 -10.60
N GLN A 162 -29.42 -10.57 -10.70
CA GLN A 162 -29.64 -9.46 -9.78
C GLN A 162 -31.09 -9.37 -9.35
N PRO A 163 -31.57 -10.39 -8.64
CA PRO A 163 -32.96 -10.45 -8.17
C PRO A 163 -33.43 -9.38 -7.19
N LYS A 164 -32.51 -8.56 -6.68
CA LYS A 164 -32.89 -7.52 -5.72
C LYS A 164 -32.92 -6.12 -6.31
N ASN A 165 -32.70 -6.02 -7.61
CA ASN A 165 -32.69 -4.73 -8.31
C ASN A 165 -34.12 -4.27 -8.69
N TYR A 166 -34.46 -3.04 -8.33
CA TYR A 166 -35.78 -2.49 -8.64
C TYR A 166 -36.03 -2.26 -10.12
N GLN A 167 -35.03 -1.73 -10.83
CA GLN A 167 -35.17 -1.45 -12.25
C GLN A 167 -35.45 -2.67 -13.12
N VAL A 168 -34.81 -3.80 -12.83
CA VAL A 168 -35.01 -4.99 -13.65
C VAL A 168 -36.41 -5.57 -13.49
N TRP A 169 -36.97 -5.52 -12.29
CA TRP A 169 -38.33 -6.05 -12.11
C TRP A 169 -39.34 -5.11 -12.77
N HIS A 170 -39.08 -3.81 -12.73
CA HIS A 170 -39.96 -2.86 -13.34
C HIS A 170 -39.96 -3.07 -14.85
N HIS A 171 -38.77 -3.31 -15.40
CA HIS A 171 -38.62 -3.54 -16.83
C HIS A 171 -39.43 -4.76 -17.28
N ARG A 172 -39.32 -5.84 -16.53
CA ARG A 172 -40.04 -7.06 -16.88
C ARG A 172 -41.55 -6.82 -16.84
N ARG A 173 -42.01 -6.05 -15.85
CA ARG A 173 -43.44 -5.79 -15.76
C ARG A 173 -43.92 -5.02 -16.98
N VAL A 174 -43.16 -4.01 -17.41
CA VAL A 174 -43.56 -3.25 -18.58
C VAL A 174 -43.64 -4.18 -19.78
N LEU A 175 -42.70 -5.10 -19.92
CA LEU A 175 -42.71 -6.03 -21.05
C LEU A 175 -43.95 -6.92 -21.05
N VAL A 176 -44.28 -7.48 -19.89
CA VAL A 176 -45.45 -8.33 -19.80
C VAL A 176 -46.71 -7.52 -20.11
N GLU A 177 -46.74 -6.26 -19.73
CA GLU A 177 -47.89 -5.41 -20.03
C GLU A 177 -47.96 -5.22 -21.54
N TRP A 178 -46.82 -4.98 -22.19
CA TRP A 178 -46.79 -4.79 -23.63
C TRP A 178 -47.23 -6.02 -24.39
N LEU A 179 -46.74 -7.18 -23.99
CA LEU A 179 -47.08 -8.43 -24.65
C LEU A 179 -48.43 -8.99 -24.24
N LYS A 180 -48.97 -8.52 -23.12
CA LYS A 180 -50.25 -9.02 -22.62
C LYS A 180 -50.13 -10.54 -22.55
N ASP A 181 -48.92 -11.02 -22.27
CA ASP A 181 -48.66 -12.45 -22.20
C ASP A 181 -48.03 -12.86 -20.86
N PRO A 182 -48.82 -13.46 -19.97
CA PRO A 182 -48.27 -13.87 -18.67
C PRO A 182 -47.89 -15.35 -18.60
N SER A 183 -47.92 -16.03 -19.73
CA SER A 183 -47.64 -17.47 -19.77
C SER A 183 -46.33 -17.95 -19.14
N GLN A 184 -45.31 -17.10 -19.12
CA GLN A 184 -44.02 -17.50 -18.55
C GLN A 184 -43.85 -17.09 -17.08
N GLU A 185 -44.59 -16.07 -16.65
CA GLU A 185 -44.49 -15.51 -15.32
C GLU A 185 -44.50 -16.39 -14.08
N LEU A 186 -45.56 -17.16 -13.87
CA LEU A 186 -45.60 -18.00 -12.67
C LEU A 186 -44.44 -18.96 -12.52
N GLU A 187 -43.97 -19.53 -13.63
CA GLU A 187 -42.86 -20.46 -13.57
C GLU A 187 -41.54 -19.71 -13.32
N PHE A 188 -41.38 -18.56 -13.96
CA PHE A 188 -40.18 -17.76 -13.77
C PHE A 188 -40.03 -17.34 -12.30
N ILE A 189 -41.13 -16.80 -11.75
CA ILE A 189 -41.12 -16.36 -10.38
C ILE A 189 -40.85 -17.52 -9.42
N ALA A 190 -41.44 -18.69 -9.71
CA ALA A 190 -41.21 -19.85 -8.85
C ALA A 190 -39.73 -20.23 -8.84
N ASP A 191 -39.04 -19.99 -9.95
CA ASP A 191 -37.60 -20.29 -10.02
C ASP A 191 -36.82 -19.34 -9.11
N ILE A 192 -37.17 -18.05 -9.17
CA ILE A 192 -36.52 -17.03 -8.35
C ILE A 192 -36.82 -17.33 -6.88
N LEU A 193 -38.08 -17.62 -6.57
CA LEU A 193 -38.47 -17.92 -5.20
C LEU A 193 -37.80 -19.20 -4.72
N ASN A 194 -37.22 -19.94 -5.66
CA ASN A 194 -36.57 -21.17 -5.29
C ASN A 194 -35.17 -20.89 -4.76
N GLN A 195 -34.59 -19.77 -5.16
CA GLN A 195 -33.27 -19.38 -4.69
C GLN A 195 -33.42 -18.51 -3.42
N ASP A 196 -34.54 -17.80 -3.34
CA ASP A 196 -34.83 -16.92 -2.20
C ASP A 196 -36.35 -16.82 -2.04
N ALA A 197 -36.89 -17.71 -1.21
CA ALA A 197 -38.34 -17.77 -0.98
C ALA A 197 -38.97 -16.54 -0.34
N LYS A 198 -38.17 -15.54 0.02
CA LYS A 198 -38.72 -14.35 0.64
C LYS A 198 -38.44 -13.06 -0.12
N ASN A 199 -37.95 -13.21 -1.35
CA ASN A 199 -37.65 -12.05 -2.18
C ASN A 199 -38.91 -11.21 -2.37
N TYR A 200 -38.92 -10.03 -1.77
CA TYR A 200 -40.07 -9.14 -1.84
C TYR A 200 -40.45 -8.77 -3.28
N HIS A 201 -39.46 -8.51 -4.13
CA HIS A 201 -39.74 -8.15 -5.53
C HIS A 201 -40.49 -9.27 -6.26
N ALA A 202 -40.06 -10.51 -6.03
CA ALA A 202 -40.67 -11.67 -6.66
C ALA A 202 -42.14 -11.81 -6.26
N TRP A 203 -42.42 -11.75 -4.95
CA TRP A 203 -43.78 -11.88 -4.50
C TRP A 203 -44.66 -10.74 -5.02
N GLN A 204 -44.11 -9.54 -5.07
CA GLN A 204 -44.86 -8.39 -5.56
C GLN A 204 -45.22 -8.61 -7.03
N HIS A 205 -44.25 -9.06 -7.82
CA HIS A 205 -44.48 -9.31 -9.24
C HIS A 205 -45.50 -10.41 -9.40
N ARG A 206 -45.40 -11.45 -8.57
CA ARG A 206 -46.33 -12.57 -8.64
C ARG A 206 -47.77 -12.10 -8.37
N GLN A 207 -47.97 -11.26 -7.36
CA GLN A 207 -49.31 -10.77 -7.06
C GLN A 207 -49.84 -9.89 -8.18
N TRP A 208 -48.96 -9.14 -8.82
CA TRP A 208 -49.38 -8.27 -9.91
C TRP A 208 -49.85 -9.12 -11.09
N VAL A 209 -49.05 -10.12 -11.45
CA VAL A 209 -49.39 -10.99 -12.57
C VAL A 209 -50.72 -11.70 -12.32
N ILE A 210 -50.84 -12.32 -11.16
CA ILE A 210 -52.05 -13.03 -10.82
C ILE A 210 -53.30 -12.16 -10.87
N GLN A 211 -53.22 -10.95 -10.34
CA GLN A 211 -54.36 -10.06 -10.35
C GLN A 211 -54.66 -9.51 -11.73
N GLU A 212 -53.62 -9.05 -12.43
CA GLU A 212 -53.76 -8.47 -13.76
C GLU A 212 -54.31 -9.41 -14.83
N PHE A 213 -53.94 -10.69 -14.78
CA PHE A 213 -54.40 -11.65 -15.77
C PHE A 213 -55.29 -12.73 -15.17
N ARG A 214 -55.80 -12.46 -13.97
CA ARG A 214 -56.66 -13.40 -13.25
C ARG A 214 -56.18 -14.86 -13.31
N LEU A 215 -55.03 -15.12 -12.70
CA LEU A 215 -54.47 -16.47 -12.69
C LEU A 215 -54.53 -17.05 -11.27
N TRP A 216 -55.72 -17.06 -10.68
CA TRP A 216 -55.90 -17.56 -9.32
C TRP A 216 -56.01 -19.08 -9.18
N ASP A 217 -56.40 -19.75 -10.25
CA ASP A 217 -56.62 -21.19 -10.24
C ASP A 217 -55.67 -22.11 -9.46
N ASN A 218 -54.37 -21.92 -9.59
CA ASN A 218 -53.44 -22.80 -8.91
C ASN A 218 -52.60 -22.21 -7.79
N GLU A 219 -52.81 -20.94 -7.46
CA GLU A 219 -52.00 -20.32 -6.43
C GLU A 219 -52.16 -20.90 -5.03
N LEU A 220 -53.38 -21.22 -4.62
CA LEU A 220 -53.58 -21.77 -3.29
C LEU A 220 -52.84 -23.09 -3.11
N GLN A 221 -52.68 -23.82 -4.21
CA GLN A 221 -51.98 -25.09 -4.17
C GLN A 221 -50.48 -24.82 -4.07
N TYR A 222 -50.03 -23.76 -4.73
CA TYR A 222 -48.62 -23.37 -4.71
C TYR A 222 -48.26 -22.96 -3.28
N VAL A 223 -49.16 -22.20 -2.66
CA VAL A 223 -49.00 -21.74 -1.30
C VAL A 223 -48.88 -22.94 -0.36
N ASP A 224 -49.76 -23.93 -0.53
CA ASP A 224 -49.73 -25.12 0.31
C ASP A 224 -48.42 -25.87 0.18
N GLN A 225 -47.88 -25.89 -1.03
CA GLN A 225 -46.62 -26.57 -1.30
C GLN A 225 -45.46 -25.89 -0.57
N LEU A 226 -45.43 -24.56 -0.62
CA LEU A 226 -44.37 -23.81 0.03
C LEU A 226 -44.47 -23.83 1.55
N LEU A 227 -45.67 -23.88 2.09
CA LEU A 227 -45.83 -23.91 3.54
C LEU A 227 -45.34 -25.24 4.09
N LYS A 228 -45.27 -26.26 3.23
CA LYS A 228 -44.78 -27.56 3.66
C LYS A 228 -43.26 -27.50 3.67
N GLU A 229 -42.68 -26.77 2.73
CA GLU A 229 -41.23 -26.61 2.65
C GLU A 229 -40.67 -25.78 3.81
N ASP A 230 -41.44 -24.77 4.24
CA ASP A 230 -41.04 -23.89 5.33
C ASP A 230 -42.27 -23.18 5.90
N VAL A 231 -42.88 -23.76 6.92
CA VAL A 231 -44.07 -23.20 7.52
C VAL A 231 -43.82 -21.83 8.17
N ARG A 232 -42.56 -21.46 8.32
CA ARG A 232 -42.23 -20.17 8.93
C ARG A 232 -42.07 -19.03 7.93
N ASN A 233 -42.25 -19.30 6.64
CA ASN A 233 -42.11 -18.26 5.64
C ASN A 233 -43.30 -17.29 5.68
N ASN A 234 -43.07 -16.11 6.25
CA ASN A 234 -44.13 -15.11 6.39
C ASN A 234 -44.69 -14.64 5.05
N SER A 235 -43.87 -14.70 4.00
CA SER A 235 -44.29 -14.27 2.67
C SER A 235 -45.37 -15.19 2.12
N VAL A 236 -45.24 -16.48 2.41
CA VAL A 236 -46.20 -17.47 1.93
C VAL A 236 -47.54 -17.36 2.65
N TRP A 237 -47.51 -17.05 3.95
CA TRP A 237 -48.76 -16.89 4.68
C TRP A 237 -49.47 -15.66 4.13
N ASN A 238 -48.69 -14.65 3.74
CA ASN A 238 -49.29 -13.45 3.21
C ASN A 238 -49.96 -13.78 1.88
N GLN A 239 -49.29 -14.61 1.09
CA GLN A 239 -49.80 -15.00 -0.22
C GLN A 239 -51.13 -15.74 -0.06
N ARG A 240 -51.18 -16.63 0.94
CA ARG A 240 -52.38 -17.40 1.21
C ARG A 240 -53.56 -16.47 1.44
N HIS A 241 -53.39 -15.47 2.30
CA HIS A 241 -54.47 -14.54 2.56
C HIS A 241 -54.82 -13.74 1.31
N PHE A 242 -53.82 -13.49 0.48
CA PHE A 242 -54.00 -12.75 -0.76
C PHE A 242 -54.89 -13.53 -1.73
N VAL A 243 -54.63 -14.83 -1.87
CA VAL A 243 -55.42 -15.67 -2.75
C VAL A 243 -56.86 -15.79 -2.28
N ILE A 244 -57.02 -16.26 -1.05
CA ILE A 244 -58.35 -16.44 -0.50
C ILE A 244 -59.21 -15.19 -0.48
N SER A 245 -58.69 -14.09 0.03
CA SER A 245 -59.52 -12.89 0.10
C SER A 245 -59.85 -12.31 -1.26
N ASN A 246 -59.17 -12.76 -2.30
CA ASN A 246 -59.43 -12.25 -3.64
C ASN A 246 -60.22 -13.23 -4.49
N THR A 247 -60.57 -14.38 -3.92
CA THR A 247 -61.36 -15.36 -4.63
C THR A 247 -62.64 -15.57 -3.82
N THR A 248 -62.68 -16.63 -3.02
CA THR A 248 -63.85 -16.93 -2.21
C THR A 248 -64.14 -15.89 -1.13
N GLY A 249 -63.09 -15.35 -0.52
CA GLY A 249 -63.29 -14.40 0.57
C GLY A 249 -63.38 -15.22 1.85
N TYR A 250 -63.59 -14.58 3.00
CA TYR A 250 -63.66 -15.31 4.26
C TYR A 250 -65.06 -15.32 4.90
N SER A 251 -66.00 -14.62 4.29
CA SER A 251 -67.37 -14.56 4.82
C SER A 251 -68.10 -15.89 4.71
N ASP A 252 -67.58 -16.81 3.91
CA ASP A 252 -68.18 -18.14 3.77
C ASP A 252 -67.71 -18.98 4.95
N ARG A 253 -68.61 -19.19 5.92
CA ARG A 253 -68.29 -19.97 7.11
C ARG A 253 -67.56 -21.28 6.83
N ALA A 254 -67.81 -21.89 5.68
CA ALA A 254 -67.14 -23.15 5.35
C ALA A 254 -65.67 -22.89 5.06
N VAL A 255 -65.38 -21.74 4.46
CA VAL A 255 -64.01 -21.37 4.14
C VAL A 255 -63.28 -20.97 5.42
N LEU A 256 -63.92 -20.10 6.21
CA LEU A 256 -63.34 -19.66 7.46
C LEU A 256 -62.93 -20.85 8.31
N GLU A 257 -63.84 -21.81 8.43
CA GLU A 257 -63.60 -23.01 9.24
C GLU A 257 -62.41 -23.80 8.67
N ARG A 258 -62.37 -23.94 7.35
CA ARG A 258 -61.28 -24.68 6.70
C ARG A 258 -59.95 -24.02 7.03
N GLU A 259 -59.92 -22.69 6.92
CA GLU A 259 -58.71 -21.91 7.18
C GLU A 259 -58.27 -21.92 8.64
N VAL A 260 -59.22 -21.71 9.56
CA VAL A 260 -58.89 -21.72 10.98
C VAL A 260 -58.37 -23.10 11.36
N GLN A 261 -58.99 -24.13 10.81
CA GLN A 261 -58.59 -25.50 11.12
C GLN A 261 -57.21 -25.80 10.55
N TYR A 262 -56.95 -25.28 9.35
CA TYR A 262 -55.67 -25.48 8.67
C TYR A 262 -54.53 -24.83 9.46
N THR A 263 -54.79 -23.63 9.95
CA THR A 263 -53.79 -22.88 10.70
C THR A 263 -53.49 -23.57 12.03
N LEU A 264 -54.53 -24.01 12.73
CA LEU A 264 -54.33 -24.70 14.01
C LEU A 264 -53.48 -25.94 13.80
N GLU A 265 -53.65 -26.61 12.66
CA GLU A 265 -52.84 -27.80 12.39
C GLU A 265 -51.39 -27.42 12.19
N MET A 266 -51.16 -26.29 11.55
CA MET A 266 -49.79 -25.81 11.31
C MET A 266 -49.17 -25.35 12.62
N ILE A 267 -49.98 -24.72 13.46
CA ILE A 267 -49.50 -24.24 14.75
C ILE A 267 -49.11 -25.44 15.60
N LYS A 268 -49.89 -26.52 15.54
CA LYS A 268 -49.60 -27.71 16.31
C LYS A 268 -48.26 -28.31 15.90
N LEU A 269 -47.92 -28.19 14.61
CA LEU A 269 -46.65 -28.73 14.11
C LEU A 269 -45.44 -27.90 14.55
N VAL A 270 -45.61 -26.58 14.59
CA VAL A 270 -44.55 -25.67 15.00
C VAL A 270 -45.23 -24.54 15.75
N PRO A 271 -45.53 -24.76 17.04
CA PRO A 271 -46.19 -23.79 17.91
C PRO A 271 -45.55 -22.40 18.01
N HIS A 272 -44.23 -22.32 17.87
CA HIS A 272 -43.56 -21.03 17.94
C HIS A 272 -43.37 -20.48 16.53
N ASN A 273 -44.45 -19.94 15.97
CA ASN A 273 -44.42 -19.37 14.63
C ASN A 273 -45.36 -18.17 14.56
N GLU A 274 -44.79 -16.98 14.63
CA GLU A 274 -45.59 -15.75 14.61
C GLU A 274 -46.49 -15.64 13.38
N SER A 275 -45.97 -16.08 12.23
CA SER A 275 -46.72 -16.01 10.97
C SER A 275 -48.06 -16.75 11.02
N ALA A 276 -48.05 -17.98 11.52
CA ALA A 276 -49.28 -18.75 11.63
C ALA A 276 -50.25 -18.06 12.58
N TRP A 277 -49.75 -17.61 13.73
CA TRP A 277 -50.60 -16.94 14.70
C TRP A 277 -51.16 -15.62 14.18
N ASN A 278 -50.36 -14.91 13.38
CA ASN A 278 -50.82 -13.64 12.84
C ASN A 278 -51.92 -13.85 11.82
N TYR A 279 -51.83 -14.95 11.07
CA TYR A 279 -52.83 -15.28 10.06
C TYR A 279 -54.14 -15.61 10.79
N LEU A 280 -54.05 -16.50 11.77
CA LEU A 280 -55.21 -16.91 12.55
C LEU A 280 -55.93 -15.69 13.14
N LYS A 281 -55.17 -14.81 13.77
CA LYS A 281 -55.77 -13.61 14.37
C LYS A 281 -56.26 -12.68 13.28
N GLY A 282 -55.52 -12.62 12.18
CA GLY A 282 -55.90 -11.75 11.09
C GLY A 282 -57.26 -12.04 10.47
N ILE A 283 -57.58 -13.31 10.28
CA ILE A 283 -58.85 -13.66 9.67
C ILE A 283 -60.03 -13.66 10.64
N LEU A 284 -59.77 -13.45 11.92
CA LEU A 284 -60.85 -13.46 12.91
C LEU A 284 -61.06 -12.15 13.65
N GLN A 285 -59.99 -11.36 13.79
CA GLN A 285 -60.08 -10.12 14.55
C GLN A 285 -61.22 -9.17 14.18
N ASP A 286 -61.53 -9.05 12.89
CA ASP A 286 -62.59 -8.14 12.50
C ASP A 286 -63.99 -8.71 12.68
N ARG A 287 -64.09 -10.04 12.74
CA ARG A 287 -65.38 -10.69 12.94
C ARG A 287 -65.70 -10.59 14.44
N GLY A 288 -64.66 -10.52 15.25
CA GLY A 288 -64.81 -10.44 16.69
C GLY A 288 -64.32 -11.74 17.33
N LEU A 289 -63.15 -11.70 17.95
CA LEU A 289 -62.58 -12.89 18.57
C LEU A 289 -63.47 -13.54 19.64
N SER A 290 -64.22 -12.71 20.37
CA SER A 290 -65.08 -13.23 21.44
C SER A 290 -66.32 -13.98 20.92
N ARG A 291 -66.58 -13.86 19.62
CA ARG A 291 -67.72 -14.54 19.02
C ARG A 291 -67.42 -15.99 18.65
N TYR A 292 -66.27 -16.50 19.09
CA TYR A 292 -65.89 -17.88 18.80
C TYR A 292 -65.53 -18.65 20.07
N PRO A 293 -66.54 -19.00 20.88
CA PRO A 293 -66.37 -19.73 22.14
C PRO A 293 -65.55 -21.02 22.10
N ASN A 294 -65.66 -21.81 21.05
CA ASN A 294 -64.88 -23.04 21.00
C ASN A 294 -63.40 -22.78 20.78
N LEU A 295 -63.08 -21.63 20.20
CA LEU A 295 -61.71 -21.24 19.92
C LEU A 295 -61.00 -21.01 21.25
N LEU A 296 -61.60 -20.19 22.09
CA LEU A 296 -61.04 -19.90 23.39
C LEU A 296 -60.68 -21.18 24.15
N ASN A 297 -61.61 -22.13 24.21
CA ASN A 297 -61.36 -23.38 24.92
C ASN A 297 -60.34 -24.27 24.25
N GLN A 298 -60.35 -24.31 22.92
CA GLN A 298 -59.38 -25.13 22.20
C GLN A 298 -57.97 -24.61 22.41
N LEU A 299 -57.83 -23.30 22.55
CA LEU A 299 -56.53 -22.70 22.77
C LEU A 299 -56.07 -22.97 24.20
N LEU A 300 -56.97 -22.81 25.16
CA LEU A 300 -56.65 -23.07 26.56
C LEU A 300 -56.19 -24.51 26.74
N ASP A 301 -56.60 -25.39 25.83
CA ASP A 301 -56.22 -26.79 25.89
C ASP A 301 -54.85 -27.05 25.30
N LEU A 302 -54.31 -26.05 24.59
CA LEU A 302 -52.99 -26.17 24.00
C LEU A 302 -51.93 -25.62 24.96
N GLN A 303 -52.36 -24.67 25.80
CA GLN A 303 -51.48 -24.04 26.77
C GLN A 303 -50.57 -25.02 27.50
N PRO A 304 -51.11 -26.19 27.89
CA PRO A 304 -50.32 -27.20 28.60
C PRO A 304 -49.00 -27.58 27.90
N SER A 305 -49.10 -28.03 26.66
CA SER A 305 -47.92 -28.43 25.91
C SER A 305 -47.47 -27.43 24.85
N HIS A 306 -48.29 -27.23 23.82
CA HIS A 306 -47.98 -26.32 22.72
C HIS A 306 -48.01 -24.83 23.08
N SER A 307 -47.57 -24.48 24.28
CA SER A 307 -47.58 -23.07 24.69
C SER A 307 -46.53 -22.24 23.93
N SER A 308 -46.67 -20.92 24.02
CA SER A 308 -45.76 -19.98 23.37
C SER A 308 -46.28 -18.58 23.66
N PRO A 309 -45.43 -17.56 23.53
CA PRO A 309 -45.90 -16.20 23.81
C PRO A 309 -47.02 -15.78 22.85
N TYR A 310 -47.02 -16.32 21.64
CA TYR A 310 -48.03 -16.00 20.64
C TYR A 310 -49.42 -16.47 21.08
N LEU A 311 -49.47 -17.64 21.69
CA LEU A 311 -50.71 -18.21 22.18
C LEU A 311 -51.23 -17.36 23.35
N ILE A 312 -50.34 -17.06 24.31
CA ILE A 312 -50.72 -16.27 25.47
C ILE A 312 -51.28 -14.93 25.02
N ALA A 313 -50.58 -14.31 24.07
CA ALA A 313 -50.99 -13.02 23.55
C ALA A 313 -52.37 -13.09 22.91
N PHE A 314 -52.61 -14.19 22.19
CA PHE A 314 -53.89 -14.39 21.54
C PHE A 314 -54.99 -14.41 22.59
N LEU A 315 -54.77 -15.18 23.66
CA LEU A 315 -55.74 -15.27 24.74
C LEU A 315 -56.04 -13.90 25.30
N VAL A 316 -54.99 -13.11 25.55
CA VAL A 316 -55.19 -11.75 26.08
C VAL A 316 -56.09 -10.95 25.14
N ASP A 317 -55.87 -11.12 23.84
CA ASP A 317 -56.66 -10.40 22.86
C ASP A 317 -58.13 -10.87 22.83
N ILE A 318 -58.36 -12.14 23.14
CA ILE A 318 -59.71 -12.69 23.19
C ILE A 318 -60.40 -12.08 24.41
N TYR A 319 -59.72 -12.13 25.56
CA TYR A 319 -60.29 -11.57 26.78
C TYR A 319 -60.56 -10.09 26.59
N GLU A 320 -59.71 -9.41 25.85
CA GLU A 320 -59.91 -7.99 25.65
C GLU A 320 -61.15 -7.74 24.78
N ASP A 321 -61.35 -8.59 23.78
CA ASP A 321 -62.52 -8.44 22.91
C ASP A 321 -63.78 -8.62 23.74
N MET A 322 -63.74 -9.59 24.66
CA MET A 322 -64.87 -9.85 25.54
C MET A 322 -65.17 -8.61 26.36
N LEU A 323 -64.18 -8.08 27.05
CA LEU A 323 -64.37 -6.88 27.86
C LEU A 323 -64.91 -5.75 27.00
N GLU A 324 -64.49 -5.71 25.74
CA GLU A 324 -64.94 -4.66 24.82
C GLU A 324 -66.42 -4.81 24.54
N ASN A 325 -66.92 -6.04 24.63
CA ASN A 325 -68.34 -6.32 24.37
C ASN A 325 -69.12 -6.66 25.64
N GLN A 326 -69.10 -5.73 26.59
CA GLN A 326 -69.79 -5.87 27.87
C GLN A 326 -70.20 -7.32 28.19
N CYS A 327 -69.21 -8.20 28.33
CA CYS A 327 -69.47 -9.60 28.61
C CYS A 327 -69.85 -9.82 30.07
N ASP A 328 -70.11 -11.07 30.41
CA ASP A 328 -70.48 -11.46 31.76
C ASP A 328 -69.23 -11.77 32.57
N ASN A 329 -69.17 -11.28 33.81
CA ASN A 329 -68.02 -11.47 34.68
C ASN A 329 -66.91 -10.53 34.26
N LYS A 330 -67.27 -9.31 33.89
CA LYS A 330 -66.31 -8.32 33.45
C LYS A 330 -65.07 -8.31 34.35
N GLU A 331 -65.27 -8.05 35.64
CA GLU A 331 -64.16 -8.01 36.60
C GLU A 331 -63.34 -9.29 36.68
N ASP A 332 -63.98 -10.43 36.42
CA ASP A 332 -63.28 -11.71 36.46
C ASP A 332 -62.44 -11.94 35.22
N ILE A 333 -62.99 -11.53 34.07
CA ILE A 333 -62.29 -11.68 32.80
C ILE A 333 -61.04 -10.79 32.82
N LEU A 334 -61.21 -9.55 33.25
CA LEU A 334 -60.13 -8.59 33.35
C LEU A 334 -58.93 -9.18 34.10
N ASN A 335 -59.22 -9.91 35.19
CA ASN A 335 -58.15 -10.52 35.98
C ASN A 335 -57.47 -11.64 35.23
N LYS A 336 -58.22 -12.36 34.39
CA LYS A 336 -57.66 -13.45 33.62
C LYS A 336 -56.65 -12.86 32.62
N ALA A 337 -57.00 -11.68 32.11
CA ALA A 337 -56.16 -10.97 31.14
C ALA A 337 -54.90 -10.49 31.85
N LEU A 338 -55.08 -9.67 32.88
CA LEU A 338 -53.96 -9.12 33.63
C LEU A 338 -53.00 -10.22 34.07
N GLU A 339 -53.54 -11.36 34.47
CA GLU A 339 -52.72 -12.48 34.90
C GLU A 339 -51.81 -12.93 33.76
N LEU A 340 -52.35 -12.94 32.55
CA LEU A 340 -51.57 -13.37 31.38
C LEU A 340 -50.53 -12.32 30.98
N CYS A 341 -50.91 -11.05 31.02
CA CYS A 341 -49.98 -9.98 30.69
C CYS A 341 -48.75 -10.13 31.58
N GLU A 342 -48.96 -10.33 32.88
CA GLU A 342 -47.86 -10.48 33.80
C GLU A 342 -47.07 -11.76 33.53
N ILE A 343 -47.74 -12.80 33.07
CA ILE A 343 -47.03 -14.04 32.76
C ILE A 343 -46.13 -13.79 31.56
N LEU A 344 -46.59 -12.96 30.63
CA LEU A 344 -45.81 -12.61 29.43
C LEU A 344 -44.60 -11.77 29.83
N ALA A 345 -44.86 -10.73 30.62
CA ALA A 345 -43.81 -9.83 31.08
C ALA A 345 -42.75 -10.50 31.93
N LYS A 346 -43.17 -11.25 32.95
CA LYS A 346 -42.25 -11.91 33.86
C LYS A 346 -41.55 -13.18 33.38
N GLU A 347 -42.14 -13.92 32.43
CA GLU A 347 -41.48 -15.15 32.02
C GLU A 347 -41.62 -15.65 30.58
N LYS A 348 -42.67 -15.24 29.87
CA LYS A 348 -42.87 -15.74 28.51
C LYS A 348 -42.37 -14.89 27.35
N ASP A 349 -42.43 -13.57 27.52
CA ASP A 349 -41.98 -12.66 26.48
C ASP A 349 -41.30 -11.49 27.20
N THR A 350 -40.32 -11.83 28.03
CA THR A 350 -39.60 -10.86 28.85
C THR A 350 -39.02 -9.65 28.12
N ILE A 351 -38.55 -9.85 26.90
CA ILE A 351 -37.98 -8.74 26.15
C ILE A 351 -38.99 -7.60 26.00
N ARG A 352 -40.27 -7.93 26.04
CA ARG A 352 -41.35 -6.95 25.91
C ARG A 352 -42.00 -6.67 27.28
N LYS A 353 -41.26 -7.00 28.34
CA LYS A 353 -41.70 -6.81 29.71
C LYS A 353 -42.44 -5.50 29.95
N GLU A 354 -41.78 -4.38 29.65
CA GLU A 354 -42.42 -3.09 29.87
C GLU A 354 -43.66 -2.87 29.00
N TYR A 355 -43.69 -3.53 27.85
CA TYR A 355 -44.82 -3.38 26.94
C TYR A 355 -46.04 -4.12 27.50
N TRP A 356 -45.84 -5.36 27.92
CA TRP A 356 -46.95 -6.13 28.46
C TRP A 356 -47.51 -5.48 29.73
N ARG A 357 -46.62 -4.94 30.56
CA ARG A 357 -47.06 -4.27 31.78
C ARG A 357 -47.89 -3.05 31.37
N TYR A 358 -47.46 -2.41 30.30
CA TYR A 358 -48.15 -1.23 29.77
C TYR A 358 -49.54 -1.62 29.27
N ILE A 359 -49.63 -2.80 28.66
CA ILE A 359 -50.91 -3.29 28.17
C ILE A 359 -51.80 -3.56 29.37
N GLY A 360 -51.23 -4.21 30.39
CA GLY A 360 -51.99 -4.50 31.60
C GLY A 360 -52.60 -3.25 32.21
N ARG A 361 -51.77 -2.23 32.46
CA ARG A 361 -52.26 -0.99 33.03
C ARG A 361 -53.36 -0.37 32.18
N SER A 362 -53.28 -0.60 30.87
CA SER A 362 -54.27 -0.06 29.93
C SER A 362 -55.62 -0.74 30.11
N LEU A 363 -55.58 -2.04 30.35
CA LEU A 363 -56.79 -2.81 30.55
C LEU A 363 -57.47 -2.42 31.86
N GLN A 364 -56.70 -2.24 32.93
CA GLN A 364 -57.27 -1.85 34.20
C GLN A 364 -57.96 -0.49 34.16
N SER A 365 -57.26 0.52 33.65
CA SER A 365 -57.83 1.86 33.59
C SER A 365 -58.98 1.98 32.59
N LYS A 366 -59.26 0.90 31.84
CA LYS A 366 -60.33 0.93 30.86
C LYS A 366 -61.52 0.06 31.25
N HIS A 367 -61.32 -0.89 32.15
CA HIS A 367 -62.39 -1.78 32.57
C HIS A 367 -62.47 -2.00 34.10
N SER A 368 -62.92 -0.97 34.82
CA SER A 368 -63.03 -1.05 36.28
C SER A 368 -64.02 -0.05 36.87
N LEU B 18 -19.78 -3.26 22.69
CA LEU B 18 -18.80 -2.60 23.59
C LEU B 18 -19.11 -1.11 23.74
N ASP B 19 -18.24 -0.26 23.21
CA ASP B 19 -18.44 1.18 23.29
C ASP B 19 -18.61 1.79 21.90
N PHE B 20 -19.15 2.99 21.86
CA PHE B 20 -19.40 3.71 20.63
C PHE B 20 -18.14 4.42 20.13
N LEU B 21 -17.60 3.95 19.01
CA LEU B 21 -16.38 4.53 18.43
C LEU B 21 -16.67 5.80 17.65
N ARG B 22 -17.18 6.82 18.34
CA ARG B 22 -17.54 8.08 17.70
C ARG B 22 -16.59 8.69 16.65
N ASP B 23 -15.32 8.84 16.99
CA ASP B 23 -14.38 9.44 16.06
C ASP B 23 -14.18 8.62 14.80
N ARG B 24 -14.19 7.30 14.97
CA ARG B 24 -14.03 6.40 13.84
C ARG B 24 -15.19 6.59 12.86
N HIS B 25 -16.41 6.77 13.38
CA HIS B 25 -17.56 6.98 12.52
C HIS B 25 -17.52 8.33 11.85
N VAL B 26 -16.92 9.32 12.50
CA VAL B 26 -16.83 10.65 11.90
C VAL B 26 -15.92 10.54 10.68
N ARG B 27 -14.80 9.84 10.84
CA ARG B 27 -13.89 9.67 9.71
C ARG B 27 -14.56 8.90 8.59
N PHE B 28 -15.29 7.84 8.95
CA PHE B 28 -16.01 7.02 7.98
C PHE B 28 -16.89 7.91 7.08
N PHE B 29 -17.72 8.75 7.69
CA PHE B 29 -18.60 9.63 6.94
C PHE B 29 -17.81 10.63 6.08
N GLN B 30 -16.66 11.07 6.58
CA GLN B 30 -15.84 12.02 5.83
C GLN B 30 -15.38 11.36 4.54
N ARG B 31 -14.92 10.12 4.66
CA ARG B 31 -14.46 9.36 3.51
C ARG B 31 -15.59 9.17 2.49
N CYS B 32 -16.82 8.97 2.98
CA CYS B 32 -17.96 8.80 2.09
C CYS B 32 -18.14 10.02 1.22
N LEU B 33 -17.86 11.20 1.76
CA LEU B 33 -18.02 12.43 0.98
C LEU B 33 -16.88 12.67 0.00
N GLN B 34 -15.82 11.88 0.13
CA GLN B 34 -14.65 12.06 -0.73
C GLN B 34 -14.61 11.27 -2.04
N VAL B 35 -13.79 10.23 -2.11
CA VAL B 35 -13.70 9.46 -3.33
C VAL B 35 -13.90 7.97 -3.08
N LEU B 36 -14.76 7.35 -3.90
CA LEU B 36 -15.04 5.93 -3.76
C LEU B 36 -14.45 5.09 -4.89
N PRO B 37 -14.07 3.83 -4.59
CA PRO B 37 -13.51 2.89 -5.57
C PRO B 37 -14.58 2.51 -6.59
N GLU B 38 -14.17 2.12 -7.80
CA GLU B 38 -15.14 1.80 -8.83
C GLU B 38 -16.16 0.72 -8.47
N ARG B 39 -15.88 -0.03 -7.40
CA ARG B 39 -16.82 -1.07 -7.03
C ARG B 39 -18.14 -0.51 -6.53
N TYR B 40 -18.21 0.81 -6.38
CA TYR B 40 -19.44 1.44 -5.90
C TYR B 40 -20.18 2.18 -7.02
N SER B 41 -19.83 1.84 -8.26
CA SER B 41 -20.42 2.45 -9.44
C SER B 41 -21.94 2.40 -9.49
N SER B 42 -22.54 1.34 -8.95
CA SER B 42 -23.99 1.21 -8.98
C SER B 42 -24.70 2.24 -8.10
N LEU B 43 -23.93 3.05 -7.39
CA LEU B 43 -24.52 4.07 -6.53
C LEU B 43 -24.52 5.41 -7.27
N GLU B 44 -23.93 5.44 -8.46
CA GLU B 44 -23.83 6.66 -9.26
C GLU B 44 -25.08 7.53 -9.31
N THR B 45 -26.21 6.93 -9.66
CA THR B 45 -27.45 7.70 -9.77
C THR B 45 -28.10 8.09 -8.45
N SER B 46 -27.49 7.71 -7.34
CA SER B 46 -28.05 8.07 -6.05
C SER B 46 -26.94 8.54 -5.12
N ARG B 47 -25.97 9.24 -5.69
CA ARG B 47 -24.85 9.76 -4.93
C ARG B 47 -25.36 10.81 -3.92
N LEU B 48 -26.42 11.50 -4.31
CA LEU B 48 -26.99 12.50 -3.44
C LEU B 48 -27.50 11.89 -2.13
N THR B 49 -28.07 10.69 -2.17
CA THR B 49 -28.55 10.10 -0.94
C THR B 49 -27.38 9.57 -0.12
N ILE B 50 -26.26 9.26 -0.77
CA ILE B 50 -25.08 8.81 -0.05
C ILE B 50 -24.56 10.04 0.70
N ALA B 51 -24.59 11.18 0.03
CA ALA B 51 -24.16 12.44 0.63
C ALA B 51 -25.03 12.70 1.87
N PHE B 52 -26.34 12.48 1.73
CA PHE B 52 -27.29 12.67 2.82
C PHE B 52 -26.90 11.81 4.02
N PHE B 53 -26.69 10.52 3.81
CA PHE B 53 -26.30 9.63 4.91
C PHE B 53 -25.06 10.15 5.62
N ALA B 54 -24.09 10.63 4.85
CA ALA B 54 -22.83 11.15 5.40
C ALA B 54 -23.01 12.47 6.13
N LEU B 55 -23.63 13.45 5.45
CA LEU B 55 -23.87 14.76 6.04
C LEU B 55 -24.77 14.67 7.26
N SER B 56 -25.94 14.06 7.10
CA SER B 56 -26.87 13.92 8.21
C SER B 56 -26.21 13.10 9.32
N GLY B 57 -25.35 12.17 8.95
CA GLY B 57 -24.67 11.36 9.94
C GLY B 57 -23.67 12.19 10.74
N LEU B 58 -23.00 13.13 10.07
CA LEU B 58 -22.03 13.98 10.75
C LEU B 58 -22.80 14.96 11.64
N ASP B 59 -23.93 15.44 11.14
CA ASP B 59 -24.77 16.36 11.89
C ASP B 59 -25.19 15.66 13.17
N MET B 60 -25.62 14.43 13.04
CA MET B 60 -26.08 13.64 14.17
C MET B 60 -24.96 13.47 15.21
N LEU B 61 -23.71 13.52 14.75
CA LEU B 61 -22.55 13.38 15.63
C LEU B 61 -21.93 14.75 15.93
N ASP B 62 -22.66 15.80 15.54
CA ASP B 62 -22.22 17.17 15.75
C ASP B 62 -20.78 17.39 15.25
N SER B 63 -20.55 17.08 13.96
CA SER B 63 -19.23 17.24 13.35
C SER B 63 -19.31 17.81 11.94
N LEU B 64 -20.32 18.63 11.68
CA LEU B 64 -20.44 19.22 10.36
C LEU B 64 -19.33 20.21 10.07
N ASP B 65 -18.49 20.46 11.05
CA ASP B 65 -17.40 21.39 10.87
C ASP B 65 -16.27 20.82 10.02
N VAL B 66 -16.16 19.49 9.98
CA VAL B 66 -15.10 18.85 9.21
C VAL B 66 -15.33 18.87 7.69
N VAL B 67 -16.38 19.54 7.22
CA VAL B 67 -16.64 19.60 5.79
C VAL B 67 -16.86 21.04 5.35
N ASN B 68 -16.67 21.32 4.07
CA ASN B 68 -16.86 22.67 3.54
C ASN B 68 -18.30 22.87 3.07
N LYS B 69 -19.15 23.30 4.00
CA LYS B 69 -20.56 23.49 3.70
C LYS B 69 -20.84 24.23 2.40
N ASP B 70 -20.03 25.24 2.09
CA ASP B 70 -20.25 26.02 0.87
C ASP B 70 -20.01 25.25 -0.42
N ASP B 71 -18.96 24.44 -0.47
CA ASP B 71 -18.68 23.66 -1.67
C ASP B 71 -19.81 22.69 -1.92
N ILE B 72 -20.16 21.92 -0.89
CA ILE B 72 -21.21 20.94 -0.97
C ILE B 72 -22.56 21.56 -1.36
N ILE B 73 -22.84 22.75 -0.86
CA ILE B 73 -24.11 23.40 -1.20
C ILE B 73 -24.17 23.71 -2.69
N GLU B 74 -23.04 24.10 -3.27
CA GLU B 74 -23.00 24.42 -4.70
C GLU B 74 -23.20 23.14 -5.51
N TRP B 75 -22.57 22.05 -5.06
CA TRP B 75 -22.69 20.78 -5.73
C TRP B 75 -24.15 20.36 -5.75
N ILE B 76 -24.80 20.45 -4.61
CA ILE B 76 -26.21 20.06 -4.52
C ILE B 76 -27.04 20.90 -5.46
N TYR B 77 -26.78 22.20 -5.50
CA TYR B 77 -27.55 23.06 -6.38
C TYR B 77 -27.31 22.79 -7.86
N SER B 78 -26.17 22.17 -8.17
CA SER B 78 -25.87 21.84 -9.56
C SER B 78 -26.72 20.66 -9.98
N LEU B 79 -27.32 19.99 -9.00
CA LEU B 79 -28.17 18.84 -9.25
C LEU B 79 -29.65 19.18 -9.43
N GLN B 80 -30.01 20.45 -9.26
CA GLN B 80 -31.40 20.84 -9.40
C GLN B 80 -31.82 20.99 -10.86
N VAL B 81 -32.94 20.36 -11.19
CA VAL B 81 -33.47 20.44 -12.54
C VAL B 81 -34.40 21.65 -12.53
N LEU B 82 -33.93 22.75 -13.09
CA LEU B 82 -34.69 23.98 -13.14
C LEU B 82 -35.55 24.08 -14.39
N PRO B 83 -36.66 24.83 -14.31
CA PRO B 83 -37.51 24.96 -15.48
C PRO B 83 -36.81 25.77 -16.57
N THR B 84 -37.05 25.41 -17.82
CA THR B 84 -36.44 26.08 -18.95
C THR B 84 -37.11 27.44 -19.18
N GLU B 85 -36.47 28.27 -20.01
CA GLU B 85 -36.99 29.60 -20.31
C GLU B 85 -38.49 29.58 -20.57
N ASP B 86 -38.93 28.66 -21.44
CA ASP B 86 -40.34 28.53 -21.79
C ASP B 86 -41.16 27.76 -20.76
N ARG B 87 -40.52 27.40 -19.65
CA ARG B 87 -41.17 26.66 -18.56
C ARG B 87 -42.05 25.50 -19.06
N SER B 88 -41.53 24.76 -20.03
CA SER B 88 -42.26 23.64 -20.61
C SER B 88 -41.86 22.29 -20.02
N ASN B 89 -41.02 22.31 -18.99
CA ASN B 89 -40.56 21.08 -18.35
C ASN B 89 -40.84 21.08 -16.85
N LEU B 90 -41.87 21.80 -16.44
CA LEU B 90 -42.20 21.86 -15.01
C LEU B 90 -42.45 20.50 -14.39
N ASP B 91 -43.17 19.65 -15.13
CA ASP B 91 -43.49 18.31 -14.64
C ASP B 91 -42.27 17.44 -14.41
N ARG B 92 -41.09 17.96 -14.72
CA ARG B 92 -39.87 17.18 -14.56
C ARG B 92 -38.83 17.80 -13.65
N CYS B 93 -39.24 18.83 -12.91
CA CYS B 93 -38.30 19.50 -12.02
C CYS B 93 -38.14 18.83 -10.68
N GLY B 94 -37.02 19.12 -10.03
CA GLY B 94 -36.69 18.53 -8.74
C GLY B 94 -35.19 18.40 -8.72
N PHE B 95 -34.66 17.34 -8.14
CA PHE B 95 -33.20 17.15 -8.11
C PHE B 95 -32.76 15.82 -8.71
N ARG B 96 -31.55 15.82 -9.28
CA ARG B 96 -30.95 14.62 -9.88
C ARG B 96 -30.12 13.96 -8.79
N GLY B 97 -29.84 12.67 -8.95
CA GLY B 97 -29.03 11.96 -7.98
C GLY B 97 -27.56 12.26 -8.16
N SER B 98 -27.19 12.66 -9.37
CA SER B 98 -25.81 13.01 -9.70
C SER B 98 -25.77 13.63 -11.08
N SER B 99 -24.57 13.85 -11.59
CA SER B 99 -24.39 14.46 -12.90
C SER B 99 -24.12 13.44 -14.01
N TYR B 100 -24.58 12.20 -13.84
CA TYR B 100 -24.34 11.17 -14.85
C TYR B 100 -24.86 11.47 -16.25
N LEU B 101 -25.75 12.45 -16.41
CA LEU B 101 -26.27 12.76 -17.74
C LEU B 101 -25.35 13.62 -18.58
N GLY B 102 -24.35 14.24 -17.96
CA GLY B 102 -23.43 15.06 -18.73
C GLY B 102 -23.82 16.50 -18.89
N ILE B 103 -24.84 16.95 -18.16
CA ILE B 103 -25.26 18.34 -18.24
C ILE B 103 -24.18 19.20 -17.59
N PRO B 104 -23.78 20.29 -18.27
CA PRO B 104 -22.74 21.20 -17.77
C PRO B 104 -23.03 21.76 -16.38
N PHE B 105 -22.00 21.71 -15.52
CA PHE B 105 -22.09 22.19 -14.15
C PHE B 105 -22.72 23.57 -14.06
N ASN B 106 -23.80 23.68 -13.28
CA ASN B 106 -24.50 24.94 -13.10
C ASN B 106 -25.21 24.96 -11.75
N PRO B 107 -24.59 25.56 -10.72
CA PRO B 107 -25.16 25.65 -9.37
C PRO B 107 -26.43 26.50 -9.28
N SER B 108 -27.45 26.10 -10.02
CA SER B 108 -28.73 26.82 -10.05
C SER B 108 -28.56 28.31 -10.26
N LYS B 109 -27.68 28.66 -11.20
CA LYS B 109 -27.42 30.06 -11.52
C LYS B 109 -28.30 30.45 -12.71
N ASN B 110 -27.86 30.09 -13.91
CA ASN B 110 -28.62 30.40 -15.13
C ASN B 110 -29.87 29.50 -15.20
N PRO B 111 -30.75 29.73 -16.19
CA PRO B 111 -31.97 28.91 -16.32
C PRO B 111 -31.64 27.47 -16.67
N GLY B 112 -32.65 26.69 -17.03
CA GLY B 112 -32.42 25.29 -17.35
C GLY B 112 -32.06 25.00 -18.79
N THR B 113 -31.09 24.09 -18.97
CA THR B 113 -30.64 23.69 -20.31
C THR B 113 -31.43 22.45 -20.76
N ALA B 114 -32.37 22.64 -21.67
CA ALA B 114 -33.21 21.57 -22.18
C ALA B 114 -32.45 20.28 -22.52
N HIS B 115 -33.01 19.16 -22.10
CA HIS B 115 -32.41 17.85 -22.35
C HIS B 115 -33.56 16.83 -22.38
N PRO B 116 -33.64 16.03 -23.44
CA PRO B 116 -34.66 15.00 -23.65
C PRO B 116 -34.95 14.06 -22.48
N TYR B 117 -33.94 13.74 -21.69
CA TYR B 117 -34.14 12.78 -20.60
C TYR B 117 -33.74 13.27 -19.21
N ASP B 118 -33.54 14.56 -19.04
CA ASP B 118 -33.16 15.08 -17.75
C ASP B 118 -34.38 15.45 -16.91
N SER B 119 -34.49 14.83 -15.74
CA SER B 119 -35.60 15.10 -14.85
C SER B 119 -35.17 14.76 -13.43
N GLY B 120 -35.98 15.14 -12.46
CA GLY B 120 -35.64 14.86 -11.08
C GLY B 120 -36.06 13.46 -10.68
N HIS B 121 -35.67 13.09 -9.47
CA HIS B 121 -36.01 11.78 -8.91
C HIS B 121 -36.48 12.11 -7.50
N ILE B 122 -37.70 11.69 -7.17
CA ILE B 122 -38.30 12.00 -5.88
C ILE B 122 -37.43 11.77 -4.65
N ALA B 123 -36.70 10.67 -4.59
CA ALA B 123 -35.83 10.41 -3.45
C ALA B 123 -34.64 11.39 -3.42
N MET B 124 -34.29 11.90 -4.59
CA MET B 124 -33.17 12.84 -4.67
C MET B 124 -33.64 14.24 -4.33
N THR B 125 -34.87 14.57 -4.73
CA THR B 125 -35.42 15.88 -4.41
C THR B 125 -35.53 15.93 -2.88
N TYR B 126 -35.94 14.82 -2.30
CA TYR B 126 -36.06 14.71 -0.86
C TYR B 126 -34.71 14.86 -0.16
N THR B 127 -33.76 13.97 -0.46
CA THR B 127 -32.45 14.04 0.19
C THR B 127 -31.72 15.34 -0.15
N GLY B 128 -31.97 15.87 -1.33
CA GLY B 128 -31.34 17.12 -1.73
C GLY B 128 -31.77 18.26 -0.83
N LEU B 129 -33.08 18.50 -0.74
CA LEU B 129 -33.61 19.57 0.11
C LEU B 129 -33.15 19.35 1.55
N SER B 130 -33.24 18.10 1.97
CA SER B 130 -32.83 17.73 3.31
C SER B 130 -31.37 18.10 3.58
N CYS B 131 -30.49 17.83 2.60
CA CYS B 131 -29.07 18.14 2.75
C CYS B 131 -28.83 19.64 2.84
N LEU B 132 -29.54 20.40 2.00
CA LEU B 132 -29.39 21.84 1.99
C LEU B 132 -29.72 22.41 3.37
N ILE B 133 -30.80 21.92 3.97
CA ILE B 133 -31.20 22.39 5.30
C ILE B 133 -30.15 22.03 6.35
N ILE B 134 -29.60 20.83 6.26
CA ILE B 134 -28.58 20.38 7.20
C ILE B 134 -27.34 21.26 7.09
N LEU B 135 -26.99 21.64 5.86
CA LEU B 135 -25.82 22.47 5.62
C LEU B 135 -26.01 23.95 5.96
N GLY B 136 -27.24 24.33 6.32
CA GLY B 136 -27.50 25.71 6.68
C GLY B 136 -28.03 26.61 5.59
N ASP B 137 -28.21 26.08 4.39
CA ASP B 137 -28.74 26.88 3.28
C ASP B 137 -30.18 27.27 3.61
N ASP B 138 -30.67 28.37 3.02
CA ASP B 138 -32.02 28.83 3.28
C ASP B 138 -33.03 28.47 2.20
N LEU B 139 -32.59 27.68 1.22
CA LEU B 139 -33.45 27.24 0.13
C LEU B 139 -33.96 28.34 -0.80
N SER B 140 -33.31 29.49 -0.80
CA SER B 140 -33.74 30.58 -1.65
C SER B 140 -33.50 30.26 -3.13
N ARG B 141 -32.50 29.44 -3.41
CA ARG B 141 -32.20 29.09 -4.80
C ARG B 141 -33.02 27.90 -5.30
N VAL B 142 -33.90 27.39 -4.45
CA VAL B 142 -34.75 26.26 -4.81
C VAL B 142 -36.03 26.80 -5.47
N ASP B 143 -36.34 26.35 -6.67
CA ASP B 143 -37.55 26.79 -7.32
C ASP B 143 -38.66 25.96 -6.72
N LYS B 144 -39.15 26.40 -5.56
CA LYS B 144 -40.19 25.69 -4.84
C LYS B 144 -41.40 25.29 -5.69
N GLU B 145 -41.94 26.22 -6.47
CA GLU B 145 -43.11 25.92 -7.28
C GLU B 145 -42.82 24.85 -8.32
N ALA B 146 -41.61 24.86 -8.86
CA ALA B 146 -41.22 23.89 -9.87
C ALA B 146 -41.16 22.50 -9.24
N CYS B 147 -40.56 22.41 -8.06
CA CYS B 147 -40.46 21.13 -7.39
C CYS B 147 -41.83 20.56 -7.08
N LEU B 148 -42.72 21.40 -6.55
CA LEU B 148 -44.06 20.95 -6.22
C LEU B 148 -44.82 20.51 -7.48
N ALA B 149 -44.59 21.20 -8.59
CA ALA B 149 -45.24 20.83 -9.84
C ALA B 149 -44.71 19.45 -10.25
N GLY B 150 -43.41 19.25 -10.09
CA GLY B 150 -42.82 17.98 -10.43
C GLY B 150 -43.38 16.88 -9.54
N LEU B 151 -43.54 17.18 -8.26
CA LEU B 151 -44.08 16.22 -7.29
C LEU B 151 -45.48 15.79 -7.69
N ARG B 152 -46.36 16.75 -7.93
CA ARG B 152 -47.73 16.45 -8.31
C ARG B 152 -47.79 15.49 -9.48
N ALA B 153 -46.91 15.71 -10.45
CA ALA B 153 -46.87 14.86 -11.64
C ALA B 153 -46.53 13.42 -11.34
N LEU B 154 -45.87 13.16 -10.21
CA LEU B 154 -45.48 11.82 -9.85
C LEU B 154 -46.56 10.97 -9.17
N GLN B 155 -47.63 11.62 -8.69
CA GLN B 155 -48.68 10.86 -8.00
C GLN B 155 -49.62 10.12 -8.94
N LEU B 156 -49.85 8.84 -8.61
CA LEU B 156 -50.74 8.00 -9.42
C LEU B 156 -52.19 8.08 -8.94
N GLU B 157 -53.09 7.44 -9.69
CA GLU B 157 -54.50 7.45 -9.36
C GLU B 157 -54.76 6.84 -7.97
N ASP B 158 -54.04 5.78 -7.63
CA ASP B 158 -54.24 5.13 -6.34
C ASP B 158 -53.67 5.92 -5.15
N GLY B 159 -53.06 7.07 -5.43
CA GLY B 159 -52.52 7.89 -4.36
C GLY B 159 -51.05 7.75 -4.07
N SER B 160 -50.41 6.67 -4.56
CA SER B 160 -48.99 6.49 -4.32
C SER B 160 -48.19 7.31 -5.33
N PHE B 161 -46.86 7.25 -5.23
CA PHE B 161 -45.99 8.00 -6.13
C PHE B 161 -44.95 7.17 -6.88
N CYS B 162 -44.50 7.72 -8.01
CA CYS B 162 -43.44 7.15 -8.83
C CYS B 162 -42.22 7.98 -8.46
N ALA B 163 -41.04 7.53 -8.86
CA ALA B 163 -39.82 8.26 -8.55
C ALA B 163 -39.48 9.28 -9.63
N VAL B 164 -39.78 8.95 -10.88
CA VAL B 164 -39.47 9.81 -12.02
C VAL B 164 -40.64 9.93 -12.99
N PRO B 165 -40.80 11.09 -13.64
CA PRO B 165 -41.89 11.28 -14.59
C PRO B 165 -41.93 10.30 -15.75
N GLU B 166 -40.78 9.73 -16.12
CA GLU B 166 -40.73 8.77 -17.21
C GLU B 166 -41.39 7.45 -16.80
N GLY B 167 -41.64 7.30 -15.51
CA GLY B 167 -42.26 6.08 -15.02
C GLY B 167 -41.30 5.19 -14.26
N SER B 168 -41.82 4.48 -13.26
CA SER B 168 -41.01 3.59 -12.44
C SER B 168 -41.95 2.83 -11.54
N GLU B 169 -41.39 2.06 -10.61
CA GLU B 169 -42.22 1.33 -9.67
C GLU B 169 -42.82 2.40 -8.74
N ASN B 170 -43.94 2.08 -8.11
CA ASN B 170 -44.58 3.02 -7.21
C ASN B 170 -44.92 2.31 -5.90
N ASP B 171 -44.60 2.93 -4.78
CA ASP B 171 -44.88 2.32 -3.49
C ASP B 171 -44.75 3.29 -2.34
N MET B 172 -44.91 2.77 -1.13
CA MET B 172 -44.84 3.55 0.09
C MET B 172 -43.59 4.40 0.25
N ARG B 173 -42.44 3.89 -0.19
CA ARG B 173 -41.19 4.63 -0.07
C ARG B 173 -41.33 6.04 -0.63
N PHE B 174 -41.94 6.14 -1.80
CA PHE B 174 -42.09 7.43 -2.46
C PHE B 174 -43.18 8.30 -1.88
N VAL B 175 -44.13 7.68 -1.17
CA VAL B 175 -45.19 8.43 -0.51
C VAL B 175 -44.50 9.21 0.61
N TYR B 176 -43.56 8.55 1.28
CA TYR B 176 -42.81 9.18 2.35
C TYR B 176 -41.96 10.33 1.83
N CYS B 177 -41.35 10.13 0.66
CA CYS B 177 -40.51 11.17 0.06
C CYS B 177 -41.37 12.38 -0.24
N ALA B 178 -42.52 12.14 -0.85
CA ALA B 178 -43.43 13.21 -1.20
C ALA B 178 -43.83 13.98 0.06
N SER B 179 -44.16 13.25 1.12
CA SER B 179 -44.56 13.87 2.38
C SER B 179 -43.44 14.75 2.93
N CYS B 180 -42.22 14.24 2.94
CA CYS B 180 -41.07 15.01 3.44
C CYS B 180 -40.85 16.28 2.63
N ILE B 181 -40.99 16.17 1.31
CA ILE B 181 -40.77 17.32 0.45
C ILE B 181 -41.80 18.41 0.75
N CYS B 182 -43.07 18.03 0.79
CA CYS B 182 -44.14 18.97 1.10
C CYS B 182 -43.92 19.61 2.47
N TYR B 183 -43.48 18.80 3.42
CA TYR B 183 -43.23 19.30 4.76
C TYR B 183 -42.09 20.31 4.77
N MET B 184 -40.98 19.98 4.12
CA MET B 184 -39.83 20.88 4.10
C MET B 184 -40.12 22.16 3.34
N LEU B 185 -40.87 22.07 2.24
CA LEU B 185 -41.20 23.27 1.47
C LEU B 185 -42.41 23.92 2.11
N ASN B 186 -42.86 23.34 3.22
CA ASN B 186 -44.01 23.84 3.97
C ASN B 186 -45.16 24.21 3.04
N ASN B 187 -45.50 23.31 2.13
CA ASN B 187 -46.57 23.53 1.17
C ASN B 187 -47.04 22.16 0.68
N TRP B 188 -48.29 21.81 0.96
CA TRP B 188 -48.79 20.50 0.55
C TRP B 188 -49.51 20.45 -0.78
N SER B 189 -49.32 21.48 -1.60
CA SER B 189 -49.95 21.48 -2.92
C SER B 189 -49.21 20.48 -3.80
N GLY B 190 -48.14 19.91 -3.26
CA GLY B 190 -47.35 18.94 -3.99
C GLY B 190 -48.04 17.59 -4.11
N MET B 191 -49.12 17.37 -3.38
CA MET B 191 -49.82 16.10 -3.45
C MET B 191 -51.30 16.21 -3.12
N ASP B 192 -52.04 15.19 -3.53
CA ASP B 192 -53.46 15.09 -3.23
C ASP B 192 -53.46 14.26 -1.95
N MET B 193 -53.38 14.94 -0.81
CA MET B 193 -53.31 14.29 0.48
C MET B 193 -54.38 13.24 0.75
N LYS B 194 -55.61 13.50 0.29
CA LYS B 194 -56.68 12.55 0.51
C LYS B 194 -56.37 11.21 -0.15
N LYS B 195 -55.86 11.25 -1.38
CA LYS B 195 -55.53 10.01 -2.07
C LYS B 195 -54.31 9.31 -1.49
N ALA B 196 -53.34 10.08 -1.00
CA ALA B 196 -52.16 9.48 -0.40
C ALA B 196 -52.58 8.73 0.87
N ILE B 197 -53.42 9.37 1.68
CA ILE B 197 -53.89 8.75 2.92
C ILE B 197 -54.64 7.47 2.61
N SER B 198 -55.41 7.48 1.53
CA SER B 198 -56.15 6.30 1.12
C SER B 198 -55.19 5.16 0.79
N TYR B 199 -54.09 5.50 0.10
CA TYR B 199 -53.09 4.50 -0.26
C TYR B 199 -52.47 3.89 0.99
N ILE B 200 -52.16 4.75 1.96
CA ILE B 200 -51.57 4.28 3.21
C ILE B 200 -52.52 3.35 3.96
N ARG B 201 -53.80 3.72 4.03
CA ARG B 201 -54.77 2.87 4.72
C ARG B 201 -54.85 1.52 4.03
N ARG B 202 -54.97 1.53 2.71
CA ARG B 202 -55.10 0.30 1.94
C ARG B 202 -53.89 -0.62 1.99
N SER B 203 -52.79 -0.13 2.53
CA SER B 203 -51.60 -0.96 2.60
C SER B 203 -51.54 -1.77 3.88
N MET B 204 -52.45 -1.48 4.81
CA MET B 204 -52.46 -2.21 6.07
C MET B 204 -52.80 -3.68 5.84
N SER B 205 -51.96 -4.56 6.32
CA SER B 205 -52.13 -5.99 6.15
C SER B 205 -53.04 -6.59 7.21
N TYR B 206 -53.41 -7.85 7.01
CA TYR B 206 -54.27 -8.57 7.95
C TYR B 206 -53.49 -8.76 9.25
N ASP B 207 -52.17 -8.72 9.20
CA ASP B 207 -51.39 -8.89 10.43
C ASP B 207 -51.15 -7.55 11.10
N ASN B 208 -51.76 -6.51 10.54
CA ASN B 208 -51.71 -5.15 11.08
C ASN B 208 -50.50 -4.26 10.82
N GLY B 209 -49.52 -4.76 10.09
CA GLY B 209 -48.39 -3.91 9.77
C GLY B 209 -48.74 -3.24 8.46
N LEU B 210 -47.86 -2.38 7.96
CA LEU B 210 -48.11 -1.70 6.68
C LEU B 210 -47.15 -2.29 5.65
N ALA B 211 -47.67 -2.54 4.45
CA ALA B 211 -46.86 -3.12 3.37
C ALA B 211 -46.51 -2.05 2.34
N GLN B 212 -45.77 -2.43 1.31
CA GLN B 212 -45.39 -1.48 0.27
C GLN B 212 -46.62 -1.03 -0.50
N GLY B 213 -47.62 -1.91 -0.55
CA GLY B 213 -48.86 -1.62 -1.24
C GLY B 213 -49.91 -2.65 -0.84
N ALA B 214 -51.15 -2.41 -1.23
CA ALA B 214 -52.25 -3.31 -0.88
C ALA B 214 -51.97 -4.77 -1.20
N GLY B 215 -52.25 -5.65 -0.25
CA GLY B 215 -52.06 -7.08 -0.44
C GLY B 215 -50.66 -7.62 -0.24
N LEU B 216 -49.67 -6.75 -0.25
CA LEU B 216 -48.30 -7.18 -0.05
C LEU B 216 -47.97 -7.47 1.43
N GLU B 217 -46.86 -8.16 1.67
CA GLU B 217 -46.42 -8.50 3.03
C GLU B 217 -46.04 -7.22 3.78
N SER B 218 -46.56 -7.05 4.99
CA SER B 218 -46.22 -5.86 5.75
C SER B 218 -44.73 -5.89 6.07
N HIS B 219 -44.12 -4.70 6.14
CA HIS B 219 -42.69 -4.60 6.34
C HIS B 219 -42.33 -3.42 7.24
N GLY B 220 -41.24 -3.57 8.01
CA GLY B 220 -40.81 -2.50 8.89
C GLY B 220 -40.54 -1.19 8.17
N GLY B 221 -39.94 -1.29 6.99
CA GLY B 221 -39.65 -0.11 6.21
C GLY B 221 -40.88 0.64 5.74
N SER B 222 -41.82 -0.07 5.15
CA SER B 222 -43.04 0.58 4.67
C SER B 222 -43.93 1.05 5.80
N THR B 223 -43.89 0.36 6.94
CA THR B 223 -44.69 0.78 8.07
C THR B 223 -44.17 2.13 8.53
N PHE B 224 -42.85 2.28 8.57
CA PHE B 224 -42.27 3.55 8.96
C PHE B 224 -42.71 4.63 7.97
N CYS B 225 -42.59 4.33 6.68
CA CYS B 225 -42.95 5.30 5.67
C CYS B 225 -44.39 5.75 5.77
N GLY B 226 -45.30 4.80 6.03
CA GLY B 226 -46.70 5.14 6.15
C GLY B 226 -46.98 5.97 7.39
N ILE B 227 -46.55 5.47 8.55
CA ILE B 227 -46.76 6.17 9.80
C ILE B 227 -46.09 7.56 9.83
N ALA B 228 -44.83 7.63 9.39
CA ALA B 228 -44.13 8.91 9.37
C ALA B 228 -44.79 9.90 8.43
N SER B 229 -45.33 9.39 7.31
CA SER B 229 -46.01 10.28 6.38
C SER B 229 -47.22 10.90 7.06
N LEU B 230 -48.02 10.08 7.73
CA LEU B 230 -49.20 10.57 8.42
C LEU B 230 -48.82 11.57 9.51
N CYS B 231 -47.73 11.31 10.22
CA CYS B 231 -47.31 12.24 11.26
C CYS B 231 -46.89 13.56 10.66
N LEU B 232 -46.18 13.51 9.53
CA LEU B 232 -45.75 14.72 8.86
C LEU B 232 -46.97 15.52 8.40
N MET B 233 -48.03 14.82 8.02
CA MET B 233 -49.26 15.47 7.57
C MET B 233 -50.07 15.91 8.79
N GLY B 234 -49.70 15.39 9.96
CA GLY B 234 -50.41 15.70 11.18
C GLY B 234 -51.80 15.08 11.15
N LYS B 235 -51.90 13.85 10.68
CA LYS B 235 -53.18 13.18 10.61
C LYS B 235 -53.18 11.74 11.07
N LEU B 236 -52.22 11.38 11.92
CA LEU B 236 -52.13 10.02 12.42
C LEU B 236 -53.44 9.61 13.10
N GLU B 237 -53.80 10.37 14.14
CA GLU B 237 -55.01 10.13 14.93
C GLU B 237 -56.28 10.11 14.09
N GLU B 238 -56.35 11.00 13.11
CA GLU B 238 -57.51 11.11 12.24
C GLU B 238 -57.68 9.94 11.28
N VAL B 239 -56.57 9.37 10.82
CA VAL B 239 -56.63 8.26 9.86
C VAL B 239 -56.84 6.88 10.49
N PHE B 240 -56.17 6.63 11.61
CA PHE B 240 -56.30 5.34 12.27
C PHE B 240 -57.02 5.47 13.62
N SER B 241 -57.93 4.54 13.88
CA SER B 241 -58.67 4.54 15.14
C SER B 241 -57.74 4.05 16.23
N GLU B 242 -58.14 4.25 17.48
CA GLU B 242 -57.32 3.82 18.60
C GLU B 242 -57.08 2.32 18.53
N LYS B 243 -58.12 1.56 18.17
CA LYS B 243 -58.00 0.12 18.07
C LYS B 243 -56.96 -0.23 16.99
N GLU B 244 -57.02 0.49 15.87
CA GLU B 244 -56.10 0.26 14.77
C GLU B 244 -54.66 0.58 15.19
N LEU B 245 -54.46 1.73 15.81
CA LEU B 245 -53.14 2.13 16.27
C LEU B 245 -52.59 1.12 17.26
N ASN B 246 -53.46 0.52 18.08
CA ASN B 246 -52.99 -0.47 19.03
C ASN B 246 -52.50 -1.71 18.30
N ARG B 247 -53.18 -2.08 17.22
CA ARG B 247 -52.79 -3.25 16.45
C ARG B 247 -51.46 -3.01 15.75
N ILE B 248 -51.27 -1.80 15.23
CA ILE B 248 -50.03 -1.44 14.56
C ILE B 248 -48.89 -1.45 15.58
N LYS B 249 -49.13 -0.85 16.75
CA LYS B 249 -48.12 -0.83 17.81
C LYS B 249 -47.70 -2.25 18.14
N ARG B 250 -48.67 -3.15 18.26
CA ARG B 250 -48.39 -4.54 18.57
C ARG B 250 -47.49 -5.17 17.49
N TRP B 251 -47.83 -4.92 16.22
CA TRP B 251 -47.05 -5.48 15.13
C TRP B 251 -45.61 -4.97 15.19
N CYS B 252 -45.46 -3.66 15.39
CA CYS B 252 -44.15 -3.05 15.47
C CYS B 252 -43.30 -3.53 16.64
N ILE B 253 -43.85 -3.52 17.85
CA ILE B 253 -43.06 -3.95 18.99
C ILE B 253 -42.70 -5.43 18.94
N MET B 254 -43.42 -6.21 18.15
CA MET B 254 -43.12 -7.63 18.01
C MET B 254 -41.88 -7.85 17.14
N ARG B 255 -41.42 -6.80 16.47
CA ARG B 255 -40.25 -6.89 15.59
C ARG B 255 -38.93 -7.00 16.35
N GLN B 256 -38.91 -6.67 17.64
CA GLN B 256 -37.67 -6.76 18.39
C GLN B 256 -37.34 -8.19 18.85
N GLN B 257 -36.14 -8.65 18.52
CA GLN B 257 -35.65 -9.98 18.90
C GLN B 257 -34.49 -9.76 19.87
N ASN B 258 -33.76 -8.67 19.64
CA ASN B 258 -32.62 -8.17 20.42
C ASN B 258 -32.48 -6.86 19.67
N GLY B 259 -32.11 -6.98 18.40
CA GLY B 259 -32.07 -5.83 17.52
C GLY B 259 -33.46 -5.97 16.87
N TYR B 260 -33.69 -5.37 15.72
CA TYR B 260 -35.00 -5.50 15.08
C TYR B 260 -34.91 -6.10 13.69
N HIS B 261 -35.93 -6.86 13.30
CA HIS B 261 -35.96 -7.42 11.95
C HIS B 261 -37.04 -6.65 11.18
N GLY B 262 -37.07 -6.80 9.86
CA GLY B 262 -38.04 -6.08 9.05
C GLY B 262 -39.40 -6.72 8.90
N ARG B 263 -39.47 -8.03 9.11
CA ARG B 263 -40.73 -8.75 9.02
C ARG B 263 -40.61 -10.07 9.76
N PRO B 264 -41.74 -10.62 10.21
CA PRO B 264 -41.76 -11.88 10.95
C PRO B 264 -40.88 -12.97 10.35
N ASN B 265 -40.18 -13.69 11.22
CA ASN B 265 -39.32 -14.79 10.83
C ASN B 265 -38.13 -14.47 9.93
N LYS B 266 -37.69 -13.23 9.93
CA LYS B 266 -36.50 -12.83 9.16
C LYS B 266 -35.43 -12.39 10.17
N PRO B 267 -34.15 -12.52 9.80
CA PRO B 267 -33.07 -12.11 10.73
C PRO B 267 -33.02 -10.61 10.98
N VAL B 268 -32.57 -10.21 12.18
CA VAL B 268 -32.50 -8.80 12.53
C VAL B 268 -31.45 -8.09 11.68
N ASP B 269 -31.62 -6.80 11.53
CA ASP B 269 -30.74 -5.96 10.74
C ASP B 269 -30.69 -4.58 11.42
N THR B 270 -29.47 -4.10 11.67
CA THR B 270 -29.26 -2.82 12.31
C THR B 270 -30.18 -1.67 11.88
N CYS B 271 -30.39 -1.50 10.58
CA CYS B 271 -31.20 -0.39 10.11
C CYS B 271 -32.63 -0.39 10.64
N TYR B 272 -33.15 -1.55 11.04
CA TYR B 272 -34.51 -1.58 11.55
C TYR B 272 -34.60 -0.96 12.93
N SER B 273 -33.45 -0.81 13.59
CA SER B 273 -33.42 -0.16 14.89
C SER B 273 -33.94 1.24 14.68
N PHE B 274 -33.81 1.77 13.47
CA PHE B 274 -34.36 3.07 13.21
C PHE B 274 -35.75 2.97 12.56
N TRP B 275 -35.88 2.19 11.48
CA TRP B 275 -37.16 2.07 10.79
C TRP B 275 -38.30 1.71 11.77
N VAL B 276 -38.11 0.62 12.50
CA VAL B 276 -39.13 0.20 13.45
C VAL B 276 -39.09 1.03 14.72
N GLY B 277 -37.88 1.25 15.24
CA GLY B 277 -37.72 2.04 16.44
C GLY B 277 -38.34 3.42 16.31
N ALA B 278 -38.12 4.08 15.18
CA ALA B 278 -38.66 5.40 14.96
C ALA B 278 -40.19 5.34 14.88
N THR B 279 -40.72 4.24 14.33
CA THR B 279 -42.17 4.08 14.22
C THR B 279 -42.72 3.99 15.63
N LEU B 280 -42.08 3.17 16.47
CA LEU B 280 -42.51 3.01 17.85
C LEU B 280 -42.45 4.36 18.58
N LYS B 281 -41.42 5.16 18.29
CA LYS B 281 -41.28 6.47 18.91
C LYS B 281 -42.46 7.35 18.50
N LEU B 282 -42.81 7.33 17.22
CA LEU B 282 -43.93 8.13 16.76
C LEU B 282 -45.26 7.66 17.37
N LEU B 283 -45.33 6.37 17.70
CA LEU B 283 -46.54 5.82 18.30
C LEU B 283 -46.45 5.91 19.83
N LYS B 284 -45.43 6.60 20.32
CA LYS B 284 -45.22 6.81 21.74
C LYS B 284 -45.02 5.58 22.63
N ILE B 285 -44.50 4.49 22.09
CA ILE B 285 -44.28 3.32 22.94
C ILE B 285 -42.88 2.76 22.80
N PHE B 286 -41.97 3.54 22.21
CA PHE B 286 -40.59 3.07 22.05
C PHE B 286 -39.99 2.90 23.45
N GLN B 287 -40.47 3.74 24.36
CA GLN B 287 -40.03 3.73 25.75
C GLN B 287 -40.25 2.38 26.43
N TYR B 288 -41.13 1.56 25.88
CA TYR B 288 -41.42 0.26 26.48
C TYR B 288 -40.65 -0.89 25.88
N THR B 289 -39.73 -0.57 24.97
CA THR B 289 -38.91 -1.62 24.33
C THR B 289 -37.71 -1.88 25.21
N ASN B 290 -36.95 -2.91 24.90
CA ASN B 290 -35.75 -3.23 25.67
C ASN B 290 -34.55 -2.50 25.05
N PHE B 291 -34.07 -1.45 25.72
CA PHE B 291 -32.95 -0.65 25.22
C PHE B 291 -31.60 -1.37 25.15
N GLU B 292 -31.27 -2.07 26.23
CA GLU B 292 -29.99 -2.75 26.30
C GLU B 292 -29.72 -3.75 25.20
N LYS B 293 -30.66 -4.65 24.95
CA LYS B 293 -30.47 -5.65 23.90
C LYS B 293 -30.38 -5.00 22.52
N ASN B 294 -31.15 -3.94 22.30
CA ASN B 294 -31.12 -3.23 21.04
C ASN B 294 -29.74 -2.58 20.87
N ARG B 295 -29.31 -1.84 21.89
CA ARG B 295 -28.00 -1.17 21.86
C ARG B 295 -26.88 -2.16 21.67
N ASN B 296 -26.92 -3.28 22.39
CA ASN B 296 -25.87 -4.26 22.25
C ASN B 296 -25.81 -4.84 20.84
N TYR B 297 -26.97 -5.06 20.22
CA TYR B 297 -26.95 -5.60 18.88
C TYR B 297 -26.35 -4.60 17.89
N ILE B 298 -26.81 -3.35 17.95
CA ILE B 298 -26.30 -2.32 17.05
C ILE B 298 -24.79 -2.22 17.14
N LEU B 299 -24.28 -2.13 18.35
CA LEU B 299 -22.85 -2.01 18.55
C LEU B 299 -22.10 -3.23 18.06
N SER B 300 -22.74 -4.40 18.07
CA SER B 300 -22.07 -5.61 17.61
C SER B 300 -21.85 -5.59 16.10
N THR B 301 -22.49 -4.66 15.40
CA THR B 301 -22.34 -4.58 13.95
C THR B 301 -21.43 -3.42 13.58
N GLN B 302 -20.80 -2.85 14.59
CA GLN B 302 -19.89 -1.72 14.43
C GLN B 302 -18.56 -2.24 13.86
N ASP B 303 -18.03 -1.57 12.83
CA ASP B 303 -16.74 -2.00 12.29
C ASP B 303 -15.69 -1.18 13.04
N ARG B 304 -15.02 -1.84 13.98
CA ARG B 304 -14.01 -1.17 14.82
C ARG B 304 -12.76 -0.72 14.09
N LEU B 305 -12.56 -1.24 12.88
CA LEU B 305 -11.39 -0.90 12.10
C LEU B 305 -11.63 0.28 11.16
N VAL B 306 -12.64 0.18 10.29
CA VAL B 306 -12.92 1.25 9.33
C VAL B 306 -14.02 2.21 9.78
N GLY B 307 -14.77 1.83 10.81
CA GLY B 307 -15.85 2.68 11.27
C GLY B 307 -17.15 2.32 10.58
N GLY B 308 -18.23 3.03 10.91
CA GLY B 308 -19.52 2.74 10.31
C GLY B 308 -20.14 1.47 10.89
N PHE B 309 -21.36 1.15 10.47
CA PHE B 309 -22.04 -0.05 10.94
C PHE B 309 -22.46 -0.91 9.76
N ALA B 310 -22.65 -2.20 10.02
CA ALA B 310 -23.09 -3.14 8.99
C ALA B 310 -24.49 -3.63 9.40
N LYS B 311 -25.13 -4.40 8.54
CA LYS B 311 -26.46 -4.90 8.85
C LYS B 311 -26.34 -5.99 9.92
N TRP B 312 -25.31 -6.80 9.80
CA TRP B 312 -25.08 -7.89 10.75
C TRP B 312 -23.66 -7.83 11.27
N PRO B 313 -23.38 -8.48 12.41
CA PRO B 313 -22.02 -8.45 12.94
C PRO B 313 -21.05 -9.16 12.01
N ASP B 314 -19.81 -8.67 11.95
CA ASP B 314 -18.79 -9.26 11.10
C ASP B 314 -19.21 -9.21 9.63
N SER B 315 -19.86 -8.12 9.26
CA SER B 315 -20.33 -7.92 7.90
C SER B 315 -19.73 -6.58 7.46
N HIS B 316 -19.66 -6.31 6.15
CA HIS B 316 -19.09 -5.05 5.69
C HIS B 316 -19.99 -3.85 5.92
N PRO B 317 -19.43 -2.76 6.45
CA PRO B 317 -20.19 -1.53 6.72
C PRO B 317 -20.49 -0.73 5.48
N ASP B 318 -21.57 0.06 5.54
CA ASP B 318 -21.96 0.91 4.44
C ASP B 318 -22.58 2.18 5.01
N ALA B 319 -22.65 3.23 4.19
CA ALA B 319 -23.20 4.50 4.64
C ALA B 319 -24.63 4.40 5.19
N LEU B 320 -25.47 3.59 4.54
CA LEU B 320 -26.85 3.44 5.00
C LEU B 320 -26.96 2.85 6.40
N HIS B 321 -26.25 1.76 6.66
CA HIS B 321 -26.34 1.15 7.97
C HIS B 321 -25.59 1.95 9.04
N ALA B 322 -24.58 2.71 8.62
CA ALA B 322 -23.83 3.53 9.54
C ALA B 322 -24.77 4.63 10.03
N TYR B 323 -25.48 5.25 9.09
CA TYR B 323 -26.39 6.32 9.44
C TYR B 323 -27.57 5.84 10.30
N PHE B 324 -28.24 4.77 9.86
CA PHE B 324 -29.38 4.28 10.62
C PHE B 324 -29.00 3.64 11.95
N GLY B 325 -27.79 3.10 12.03
CA GLY B 325 -27.36 2.52 13.29
C GLY B 325 -27.19 3.66 14.29
N ILE B 326 -26.64 4.77 13.80
CA ILE B 326 -26.43 5.93 14.64
C ILE B 326 -27.78 6.53 15.05
N CYS B 327 -28.72 6.59 14.10
CA CYS B 327 -30.03 7.12 14.43
C CYS B 327 -30.75 6.19 15.40
N GLY B 328 -30.50 4.89 15.28
CA GLY B 328 -31.11 3.92 16.16
C GLY B 328 -30.60 4.16 17.57
N LEU B 329 -29.30 4.38 17.68
CA LEU B 329 -28.67 4.65 18.97
C LEU B 329 -29.25 5.96 19.53
N SER B 330 -29.44 6.94 18.65
CA SER B 330 -29.99 8.23 19.02
C SER B 330 -31.36 8.13 19.68
N LEU B 331 -32.19 7.22 19.17
CA LEU B 331 -33.53 7.02 19.73
C LEU B 331 -33.46 6.75 21.24
N MET B 332 -32.38 6.12 21.69
CA MET B 332 -32.20 5.81 23.11
C MET B 332 -31.25 6.81 23.79
N GLU B 333 -31.01 7.92 23.10
CA GLU B 333 -30.14 8.97 23.61
C GLU B 333 -28.73 8.57 23.98
N GLU B 334 -28.05 7.96 23.02
CA GLU B 334 -26.67 7.50 23.16
C GLU B 334 -25.79 8.70 23.54
N SER B 335 -24.88 8.49 24.48
CA SER B 335 -23.98 9.58 24.89
C SER B 335 -23.09 10.01 23.73
N GLY B 336 -23.32 11.20 23.22
CA GLY B 336 -22.51 11.69 22.12
C GLY B 336 -23.24 11.85 20.80
N ILE B 337 -24.53 11.52 20.77
CA ILE B 337 -25.33 11.59 19.54
C ILE B 337 -26.58 12.45 19.71
N CYS B 338 -26.78 13.40 18.80
CA CYS B 338 -27.97 14.26 18.86
C CYS B 338 -29.25 13.46 18.78
N LYS B 339 -30.34 14.05 19.27
CA LYS B 339 -31.65 13.39 19.22
C LYS B 339 -32.14 13.52 17.79
N VAL B 340 -32.59 12.41 17.21
CA VAL B 340 -33.09 12.46 15.84
C VAL B 340 -34.59 12.73 15.79
N HIS B 341 -35.00 13.53 14.82
CA HIS B 341 -36.43 13.80 14.65
C HIS B 341 -36.91 12.52 13.97
N PRO B 342 -37.66 11.68 14.70
CA PRO B 342 -38.17 10.40 14.18
C PRO B 342 -38.98 10.40 12.89
N ALA B 343 -39.63 11.50 12.55
CA ALA B 343 -40.43 11.49 11.34
C ALA B 343 -39.78 12.15 10.14
N LEU B 344 -38.94 13.16 10.40
CA LEU B 344 -38.29 13.89 9.32
C LEU B 344 -36.94 13.30 8.93
N ASN B 345 -36.41 12.48 9.82
CA ASN B 345 -35.13 11.82 9.58
C ASN B 345 -33.94 12.78 9.48
N VAL B 346 -33.90 13.74 10.39
CA VAL B 346 -32.82 14.72 10.49
C VAL B 346 -32.66 14.97 11.98
N SER B 347 -31.60 15.65 12.39
CA SER B 347 -31.40 15.92 13.81
C SER B 347 -32.49 16.89 14.26
N THR B 348 -32.88 16.82 15.54
CA THR B 348 -33.90 17.73 16.06
C THR B 348 -33.39 19.16 15.85
N ARG B 349 -32.08 19.34 15.96
CA ARG B 349 -31.47 20.64 15.75
C ARG B 349 -31.78 21.13 14.34
N THR B 350 -31.68 20.24 13.35
CA THR B 350 -31.96 20.60 11.97
C THR B 350 -33.45 20.85 11.79
N SER B 351 -34.28 20.03 12.44
CA SER B 351 -35.72 20.21 12.33
C SER B 351 -36.09 21.55 12.94
N GLU B 352 -35.37 21.94 14.01
CA GLU B 352 -35.61 23.23 14.66
C GLU B 352 -35.24 24.36 13.69
N ARG B 353 -34.08 24.24 13.06
CA ARG B 353 -33.61 25.26 12.12
C ARG B 353 -34.61 25.39 10.97
N LEU B 354 -35.28 24.29 10.65
CA LEU B 354 -36.27 24.29 9.58
C LEU B 354 -37.50 25.06 10.05
N ARG B 355 -37.84 24.94 11.34
CA ARG B 355 -38.99 25.65 11.90
C ARG B 355 -38.74 27.15 11.75
N ASP B 356 -37.52 27.58 12.07
CA ASP B 356 -37.17 28.99 11.96
C ASP B 356 -37.33 29.45 10.52
N LEU B 357 -36.77 28.67 9.61
CA LEU B 357 -36.85 28.97 8.19
C LEU B 357 -38.30 29.17 7.75
N HIS B 358 -39.18 28.23 8.12
CA HIS B 358 -40.58 28.34 7.76
C HIS B 358 -41.16 29.66 8.29
N GLN B 359 -40.75 30.03 9.49
CA GLN B 359 -41.21 31.26 10.11
C GLN B 359 -40.77 32.46 9.27
N SER B 360 -39.47 32.57 9.03
CA SER B 360 -38.92 33.67 8.25
C SER B 360 -39.64 33.83 6.90
N TRP B 361 -40.08 32.73 6.30
CA TRP B 361 -40.77 32.83 5.02
C TRP B 361 -42.13 33.50 5.20
N LYS B 362 -42.85 33.07 6.24
CA LYS B 362 -44.18 33.62 6.53
C LYS B 362 -44.11 35.07 7.03
N THR B 363 -43.70 35.98 6.16
CA THR B 363 -43.60 37.40 6.48
C THR B 363 -43.84 38.21 5.21
N PHE C 55 69.01 24.51 -4.64
CA PHE C 55 69.91 25.56 -5.21
C PHE C 55 69.55 25.96 -6.65
N LEU C 56 70.18 25.31 -7.62
CA LEU C 56 69.96 25.61 -9.04
C LEU C 56 68.69 25.00 -9.61
N SER C 57 67.64 25.82 -9.74
CA SER C 57 66.35 25.38 -10.27
C SER C 57 66.42 24.73 -11.66
N LEU C 58 65.45 23.87 -11.97
CA LEU C 58 65.42 23.19 -13.26
C LEU C 58 65.02 24.04 -14.46
N ASP C 59 64.46 25.23 -14.20
CA ASP C 59 64.09 26.12 -15.29
C ASP C 59 64.82 27.45 -15.19
N SER C 60 65.85 27.49 -14.35
CA SER C 60 66.65 28.69 -14.20
C SER C 60 67.41 28.89 -15.50
N PRO C 61 67.56 30.14 -15.93
CA PRO C 61 68.28 30.44 -17.17
C PRO C 61 69.67 29.84 -17.13
N THR C 62 70.27 29.85 -15.94
CA THR C 62 71.62 29.34 -15.73
C THR C 62 71.71 27.89 -15.29
N TYR C 63 70.67 27.10 -15.56
CA TYR C 63 70.69 25.69 -15.19
C TYR C 63 71.71 24.95 -16.04
N VAL C 64 72.46 24.05 -15.42
CA VAL C 64 73.47 23.28 -16.13
C VAL C 64 73.25 21.79 -15.93
N LEU C 65 73.35 21.02 -17.01
CA LEU C 65 73.19 19.58 -16.94
C LEU C 65 74.27 19.02 -16.01
N TYR C 66 73.95 17.93 -15.32
CA TYR C 66 74.89 17.30 -14.41
C TYR C 66 76.13 16.79 -15.14
N ARG C 67 75.97 16.45 -16.42
CA ARG C 67 77.08 15.96 -17.23
C ARG C 67 78.12 17.08 -17.41
N ASP C 68 77.68 18.33 -17.26
CA ASP C 68 78.56 19.48 -17.42
C ASP C 68 78.94 20.16 -16.10
N ARG C 69 78.67 19.52 -14.98
CA ARG C 69 79.02 20.12 -13.68
C ARG C 69 80.33 19.51 -13.19
N ALA C 70 81.25 20.39 -12.78
CA ALA C 70 82.54 19.97 -12.28
C ALA C 70 82.44 19.06 -11.04
N GLU C 71 81.55 19.40 -10.12
CA GLU C 71 81.37 18.60 -8.90
C GLU C 71 80.91 17.18 -9.18
N TRP C 72 80.52 16.89 -10.42
CA TRP C 72 80.04 15.56 -10.77
C TRP C 72 80.91 14.86 -11.80
N ALA C 73 82.10 15.39 -12.02
CA ALA C 73 83.01 14.81 -13.01
C ALA C 73 83.50 13.41 -12.62
N ASP C 74 83.64 13.16 -11.32
CA ASP C 74 84.12 11.87 -10.85
C ASP C 74 83.13 10.73 -11.05
N ILE C 75 81.84 11.08 -11.11
CA ILE C 75 80.77 10.09 -11.27
C ILE C 75 80.47 9.69 -12.70
N ASP C 76 80.31 8.38 -12.90
CA ASP C 76 79.98 7.83 -14.20
C ASP C 76 78.46 7.61 -14.25
N PRO C 77 77.74 8.40 -15.06
CA PRO C 77 76.29 8.26 -15.16
C PRO C 77 75.85 6.85 -15.56
N VAL C 78 74.75 6.39 -14.96
CA VAL C 78 74.21 5.07 -15.26
C VAL C 78 72.91 5.20 -16.05
N PRO C 79 72.89 4.68 -17.28
CA PRO C 79 71.70 4.76 -18.12
C PRO C 79 70.70 3.64 -17.88
N GLN C 80 69.45 3.90 -18.26
CA GLN C 80 68.38 2.94 -18.13
C GLN C 80 68.34 2.16 -19.44
N ASN C 81 68.13 0.85 -19.37
CA ASN C 81 68.07 0.03 -20.58
C ASN C 81 66.93 -0.98 -20.52
N ASP C 82 65.94 -0.78 -21.39
CA ASP C 82 64.77 -1.63 -21.46
C ASP C 82 64.97 -2.86 -22.34
N GLY C 83 66.22 -3.12 -22.75
CA GLY C 83 66.48 -4.26 -23.59
C GLY C 83 66.15 -4.02 -25.06
N PRO C 84 66.21 -5.07 -25.90
CA PRO C 84 65.94 -5.03 -27.35
C PRO C 84 64.59 -4.51 -27.78
N SER C 85 63.52 -4.96 -27.12
CA SER C 85 62.17 -4.54 -27.45
C SER C 85 61.47 -3.94 -26.24
N PRO C 86 61.62 -2.62 -26.02
CA PRO C 86 60.98 -1.97 -24.87
C PRO C 86 59.45 -1.88 -24.97
N VAL C 87 58.79 -2.04 -23.82
CA VAL C 87 57.34 -1.97 -23.73
C VAL C 87 56.94 -0.76 -22.89
N VAL C 88 55.90 -0.04 -23.32
CA VAL C 88 55.43 1.15 -22.62
C VAL C 88 56.63 2.04 -22.30
N GLN C 89 57.42 2.29 -23.33
CA GLN C 89 58.60 3.12 -23.21
C GLN C 89 58.27 4.60 -23.30
N ILE C 90 58.69 5.35 -22.28
CA ILE C 90 58.44 6.78 -22.20
C ILE C 90 59.65 7.54 -22.73
N ILE C 91 59.43 8.51 -23.62
CA ILE C 91 60.55 9.28 -24.15
C ILE C 91 60.89 10.41 -23.17
N TYR C 92 62.19 10.56 -22.90
CA TYR C 92 62.64 11.58 -21.97
C TYR C 92 63.47 12.68 -22.62
N SER C 93 63.31 13.89 -22.13
CA SER C 93 64.06 15.03 -22.64
C SER C 93 65.49 14.87 -22.14
N GLU C 94 66.40 15.63 -22.74
CA GLU C 94 67.81 15.60 -22.38
C GLU C 94 67.95 15.89 -20.89
N LYS C 95 67.27 16.94 -20.44
CA LYS C 95 67.31 17.37 -19.07
C LYS C 95 66.86 16.27 -18.10
N PHE C 96 65.71 15.67 -18.41
CA PHE C 96 65.15 14.60 -17.59
C PHE C 96 66.07 13.39 -17.50
N ARG C 97 66.51 12.90 -18.66
CA ARG C 97 67.39 11.74 -18.69
C ARG C 97 68.71 12.01 -17.98
N ASP C 98 69.19 13.25 -18.08
CA ASP C 98 70.45 13.63 -17.44
C ASP C 98 70.34 13.52 -15.93
N VAL C 99 69.28 14.09 -15.35
CA VAL C 99 69.10 14.02 -13.91
C VAL C 99 69.02 12.58 -13.41
N TYR C 100 68.22 11.75 -14.09
CA TYR C 100 68.08 10.38 -13.66
C TYR C 100 69.26 9.49 -13.96
N ASP C 101 70.07 9.83 -14.96
CA ASP C 101 71.24 9.04 -15.26
C ASP C 101 72.23 9.19 -14.10
N TYR C 102 72.23 10.36 -13.48
CA TYR C 102 73.13 10.58 -12.35
C TYR C 102 72.49 10.08 -11.06
N PHE C 103 71.16 10.10 -11.01
CA PHE C 103 70.49 9.59 -9.83
C PHE C 103 70.79 8.09 -9.73
N ARG C 104 70.73 7.39 -10.86
CA ARG C 104 71.02 5.97 -10.90
C ARG C 104 72.42 5.69 -10.40
N ALA C 105 73.37 6.53 -10.82
CA ALA C 105 74.77 6.40 -10.43
C ALA C 105 74.91 6.51 -8.91
N VAL C 106 74.34 7.58 -8.36
CA VAL C 106 74.38 7.81 -6.93
C VAL C 106 73.71 6.69 -6.14
N LEU C 107 72.57 6.20 -6.62
CA LEU C 107 71.85 5.11 -5.93
C LEU C 107 72.66 3.83 -5.94
N GLN C 108 73.14 3.46 -7.12
CA GLN C 108 73.92 2.26 -7.28
C GLN C 108 75.10 2.18 -6.34
N ARG C 109 75.64 3.33 -5.97
CA ARG C 109 76.80 3.35 -5.08
C ARG C 109 76.41 3.74 -3.67
N ASP C 110 75.12 3.92 -3.44
CA ASP C 110 74.62 4.30 -2.13
C ASP C 110 75.45 5.44 -1.54
N GLU C 111 75.75 6.44 -2.37
CA GLU C 111 76.52 7.59 -1.94
C GLU C 111 75.71 8.51 -1.01
N ARG C 112 76.08 8.55 0.26
CA ARG C 112 75.37 9.40 1.21
C ARG C 112 75.98 10.80 1.25
N SER C 113 75.96 11.50 0.11
CA SER C 113 76.56 12.83 0.04
C SER C 113 75.57 13.98 -0.01
N GLU C 114 76.08 15.19 0.18
CA GLU C 114 75.25 16.38 0.14
C GLU C 114 74.86 16.67 -1.30
N ARG C 115 75.73 16.32 -2.25
CA ARG C 115 75.40 16.56 -3.65
C ARG C 115 74.28 15.62 -4.08
N ALA C 116 74.26 14.41 -3.54
CA ALA C 116 73.22 13.43 -3.86
C ALA C 116 71.90 13.93 -3.30
N PHE C 117 71.95 14.52 -2.11
CA PHE C 117 70.74 15.04 -1.48
C PHE C 117 70.12 16.12 -2.37
N LYS C 118 70.96 17.01 -2.91
CA LYS C 118 70.46 18.07 -3.77
C LYS C 118 69.94 17.50 -5.08
N LEU C 119 70.55 16.39 -5.52
CA LEU C 119 70.12 15.75 -6.75
C LEU C 119 68.70 15.19 -6.60
N THR C 120 68.34 14.72 -5.41
CA THR C 120 67.00 14.17 -5.21
C THR C 120 65.94 15.24 -5.35
N ARG C 121 66.29 16.48 -5.02
CA ARG C 121 65.33 17.57 -5.13
C ARG C 121 64.92 17.73 -6.60
N ASP C 122 65.88 17.57 -7.50
CA ASP C 122 65.60 17.70 -8.93
C ASP C 122 64.84 16.49 -9.43
N ALA C 123 65.22 15.30 -8.97
CA ALA C 123 64.58 14.05 -9.37
C ALA C 123 63.10 14.11 -8.97
N ILE C 124 62.85 14.66 -7.78
CA ILE C 124 61.49 14.77 -7.30
C ILE C 124 60.69 15.78 -8.12
N GLU C 125 61.32 16.87 -8.52
CA GLU C 125 60.62 17.88 -9.30
C GLU C 125 60.23 17.28 -10.65
N LEU C 126 61.06 16.41 -11.18
CA LEU C 126 60.79 15.75 -12.45
C LEU C 126 59.73 14.64 -12.33
N ASN C 127 59.71 13.97 -11.19
CA ASN C 127 58.76 12.89 -10.95
C ASN C 127 58.58 12.59 -9.47
N ALA C 128 57.59 13.23 -8.86
CA ALA C 128 57.30 13.04 -7.45
C ALA C 128 56.69 11.68 -7.11
N ALA C 129 56.38 10.89 -8.13
CA ALA C 129 55.77 9.59 -7.90
C ALA C 129 56.80 8.47 -7.79
N ASN C 130 58.07 8.83 -7.87
CA ASN C 130 59.12 7.81 -7.78
C ASN C 130 59.43 7.52 -6.32
N TYR C 131 58.83 6.47 -5.77
CA TYR C 131 59.02 6.10 -4.37
C TYR C 131 60.48 5.81 -3.98
N THR C 132 61.27 5.27 -4.89
CA THR C 132 62.67 4.98 -4.59
C THR C 132 63.40 6.29 -4.27
N VAL C 133 63.12 7.34 -5.04
CA VAL C 133 63.75 8.63 -4.81
C VAL C 133 63.42 9.13 -3.41
N TRP C 134 62.16 9.03 -3.01
CA TRP C 134 61.78 9.49 -1.68
C TRP C 134 62.43 8.67 -0.57
N HIS C 135 62.61 7.38 -0.83
CA HIS C 135 63.22 6.53 0.17
C HIS C 135 64.68 6.96 0.34
N PHE C 136 65.38 7.10 -0.78
CA PHE C 136 66.76 7.50 -0.74
C PHE C 136 66.90 8.85 -0.05
N ARG C 137 66.00 9.77 -0.36
CA ARG C 137 66.06 11.09 0.26
C ARG C 137 65.94 10.96 1.77
N ARG C 138 65.12 10.02 2.24
CA ARG C 138 64.96 9.82 3.68
C ARG C 138 66.24 9.23 4.27
N VAL C 139 66.89 8.35 3.52
CA VAL C 139 68.14 7.76 3.97
C VAL C 139 69.14 8.90 4.16
N LEU C 140 69.21 9.79 3.17
CA LEU C 140 70.11 10.93 3.21
C LEU C 140 69.76 11.89 4.33
N LEU C 141 68.47 12.12 4.56
CA LEU C 141 68.06 13.02 5.63
C LEU C 141 68.64 12.54 6.96
N ARG C 142 68.74 11.22 7.13
CA ARG C 142 69.27 10.66 8.36
C ARG C 142 70.80 10.71 8.35
N SER C 143 71.41 10.17 7.30
CA SER C 143 72.87 10.15 7.18
C SER C 143 73.50 11.53 7.36
N LEU C 144 72.95 12.55 6.72
CA LEU C 144 73.48 13.90 6.81
C LEU C 144 72.87 14.69 7.96
N GLN C 145 72.03 14.04 8.75
CA GLN C 145 71.39 14.70 9.87
C GLN C 145 70.89 16.10 9.49
N LYS C 146 70.05 16.15 8.47
CA LYS C 146 69.49 17.41 7.98
C LYS C 146 68.41 17.94 8.91
N ASP C 147 68.17 19.25 8.83
CA ASP C 147 67.17 19.89 9.66
C ASP C 147 65.77 19.41 9.22
N LEU C 148 65.11 18.62 10.05
CA LEU C 148 63.81 18.11 9.70
C LEU C 148 62.71 19.17 9.65
N GLN C 149 62.89 20.26 10.36
CA GLN C 149 61.89 21.31 10.36
C GLN C 149 61.87 21.96 8.98
N GLU C 150 63.03 21.96 8.32
CA GLU C 150 63.16 22.53 6.99
C GLU C 150 62.50 21.59 5.98
N GLU C 151 62.69 20.28 6.17
CA GLU C 151 62.09 19.29 5.29
C GLU C 151 60.57 19.36 5.40
N MET C 152 60.05 19.75 6.56
CA MET C 152 58.62 19.88 6.73
C MET C 152 58.09 20.99 5.82
N ASN C 153 58.85 22.07 5.69
CA ASN C 153 58.42 23.17 4.84
C ASN C 153 58.40 22.69 3.40
N TYR C 154 59.41 21.92 3.04
CA TYR C 154 59.55 21.38 1.71
C TYR C 154 58.35 20.49 1.33
N ILE C 155 58.11 19.45 2.13
CA ILE C 155 57.01 18.54 1.86
C ILE C 155 55.68 19.27 1.92
N ILE C 156 55.57 20.30 2.76
CA ILE C 156 54.30 21.03 2.84
C ILE C 156 53.99 21.69 1.49
N ALA C 157 55.01 22.21 0.82
CA ALA C 157 54.82 22.85 -0.47
C ALA C 157 54.51 21.80 -1.54
N ILE C 158 55.27 20.71 -1.54
CA ILE C 158 55.08 19.63 -2.51
C ILE C 158 53.65 19.07 -2.48
N ILE C 159 53.16 18.78 -1.29
CA ILE C 159 51.81 18.25 -1.15
C ILE C 159 50.76 19.21 -1.66
N GLU C 160 50.92 20.50 -1.39
CA GLU C 160 49.95 21.49 -1.86
C GLU C 160 49.83 21.45 -3.38
N GLU C 161 50.94 21.18 -4.05
CA GLU C 161 50.95 21.13 -5.51
C GLU C 161 50.48 19.76 -6.04
N GLN C 162 50.64 18.71 -5.24
CA GLN C 162 50.25 17.37 -5.68
C GLN C 162 49.60 16.62 -4.53
N PRO C 163 48.42 17.09 -4.08
CA PRO C 163 47.68 16.49 -2.98
C PRO C 163 47.14 15.07 -3.18
N LYS C 164 47.23 14.55 -4.39
CA LYS C 164 46.73 13.20 -4.66
C LYS C 164 47.81 12.16 -4.79
N ASN C 165 49.05 12.55 -4.51
CA ASN C 165 50.19 11.65 -4.61
C ASN C 165 50.41 10.82 -3.33
N TYR C 166 50.53 9.51 -3.47
CA TYR C 166 50.73 8.63 -2.32
C TYR C 166 52.08 8.81 -1.62
N GLN C 167 53.14 8.93 -2.41
CA GLN C 167 54.48 9.09 -1.86
C GLN C 167 54.68 10.32 -0.98
N VAL C 168 54.11 11.45 -1.39
CA VAL C 168 54.28 12.66 -0.60
C VAL C 168 53.60 12.61 0.74
N TRP C 169 52.44 11.97 0.82
CA TRP C 169 51.76 11.88 2.11
C TRP C 169 52.48 10.89 3.01
N HIS C 170 53.05 9.85 2.42
CA HIS C 170 53.78 8.87 3.21
C HIS C 170 55.02 9.54 3.79
N HIS C 171 55.69 10.34 2.96
CA HIS C 171 56.90 11.05 3.39
C HIS C 171 56.60 11.95 4.58
N ARG C 172 55.52 12.73 4.47
CA ARG C 172 55.16 13.62 5.56
C ARG C 172 54.88 12.85 6.84
N ARG C 173 54.25 11.70 6.71
CA ARG C 173 53.94 10.91 7.89
C ARG C 173 55.21 10.42 8.57
N VAL C 174 56.18 9.95 7.78
CA VAL C 174 57.43 9.50 8.35
C VAL C 174 58.09 10.65 9.12
N LEU C 175 58.06 11.86 8.55
CA LEU C 175 58.65 13.03 9.19
C LEU C 175 58.00 13.34 10.53
N VAL C 176 56.68 13.35 10.56
CA VAL C 176 55.99 13.63 11.80
C VAL C 176 56.31 12.57 12.84
N GLU C 177 56.50 11.32 12.41
CA GLU C 177 56.85 10.25 13.33
C GLU C 177 58.25 10.54 13.90
N TRP C 178 59.17 10.92 13.02
CA TRP C 178 60.53 11.23 13.44
C TRP C 178 60.57 12.39 14.45
N LEU C 179 59.87 13.47 14.15
CA LEU C 179 59.86 14.63 15.02
C LEU C 179 58.97 14.49 16.23
N LYS C 180 58.05 13.52 16.20
CA LYS C 180 57.10 13.34 17.30
C LYS C 180 56.43 14.68 17.55
N ASP C 181 56.30 15.49 16.50
CA ASP C 181 55.70 16.81 16.59
C ASP C 181 54.48 16.96 15.66
N PRO C 182 53.26 16.95 16.21
CA PRO C 182 52.08 17.09 15.37
C PRO C 182 51.48 18.50 15.39
N SER C 183 52.18 19.44 16.00
CA SER C 183 51.69 20.83 16.13
C SER C 183 51.24 21.53 14.85
N GLN C 184 51.80 21.16 13.71
CA GLN C 184 51.44 21.78 12.44
C GLN C 184 50.35 21.04 11.66
N GLU C 185 50.23 19.74 11.92
CA GLU C 185 49.30 18.87 11.21
C GLU C 185 47.84 19.25 11.02
N LEU C 186 47.10 19.48 12.10
CA LEU C 186 45.69 19.81 11.93
C LEU C 186 45.43 21.04 11.06
N GLU C 187 46.26 22.06 11.18
CA GLU C 187 46.08 23.26 10.38
C GLU C 187 46.46 23.01 8.93
N PHE C 188 47.53 22.25 8.70
CA PHE C 188 47.97 21.96 7.35
C PHE C 188 46.89 21.18 6.60
N ILE C 189 46.36 20.16 7.24
CA ILE C 189 45.33 19.33 6.66
C ILE C 189 44.08 20.16 6.38
N ALA C 190 43.71 21.02 7.32
CA ALA C 190 42.54 21.87 7.12
C ALA C 190 42.70 22.75 5.87
N ASP C 191 43.94 23.14 5.56
CA ASP C 191 44.17 23.95 4.38
C ASP C 191 43.99 23.13 3.11
N ILE C 192 44.47 21.89 3.13
CA ILE C 192 44.32 20.99 1.99
C ILE C 192 42.83 20.68 1.81
N LEU C 193 42.16 20.37 2.92
CA LEU C 193 40.74 20.06 2.86
C LEU C 193 39.95 21.27 2.42
N ASN C 194 40.59 22.42 2.41
CA ASN C 194 39.88 23.62 1.99
C ASN C 194 39.85 23.74 0.48
N GLN C 195 40.80 23.09 -0.18
CA GLN C 195 40.86 23.10 -1.63
C GLN C 195 40.09 21.90 -2.17
N ASP C 196 40.02 20.83 -1.37
CA ASP C 196 39.29 19.60 -1.72
C ASP C 196 38.85 18.91 -0.45
N ALA C 197 37.63 19.20 -0.01
CA ALA C 197 37.08 18.67 1.22
C ALA C 197 36.87 17.16 1.26
N LYS C 198 37.18 16.47 0.16
CA LYS C 198 36.99 15.03 0.12
C LYS C 198 38.25 14.25 -0.21
N ASN C 199 39.39 14.93 -0.18
CA ASN C 199 40.67 14.28 -0.46
C ASN C 199 40.89 13.14 0.53
N TYR C 200 40.88 11.91 0.03
CA TYR C 200 41.03 10.74 0.87
C TYR C 200 42.36 10.73 1.63
N HIS C 201 43.45 11.12 0.97
CA HIS C 201 44.76 11.17 1.61
C HIS C 201 44.77 12.09 2.82
N ALA C 202 44.14 13.25 2.68
CA ALA C 202 44.10 14.23 3.76
C ALA C 202 43.35 13.68 4.97
N TRP C 203 42.16 13.14 4.75
CA TRP C 203 41.39 12.59 5.86
C TRP C 203 42.11 11.42 6.54
N GLN C 204 42.80 10.60 5.75
CA GLN C 204 43.51 9.48 6.30
C GLN C 204 44.63 9.99 7.21
N HIS C 205 45.39 10.96 6.71
CA HIS C 205 46.48 11.53 7.48
C HIS C 205 45.93 12.19 8.75
N ARG C 206 44.80 12.88 8.61
CA ARG C 206 44.20 13.53 9.76
C ARG C 206 43.82 12.53 10.85
N GLN C 207 43.25 11.39 10.45
CA GLN C 207 42.86 10.37 11.44
C GLN C 207 44.10 9.77 12.09
N TRP C 208 45.16 9.58 11.31
CA TRP C 208 46.39 9.02 11.85
C TRP C 208 46.97 9.95 12.91
N VAL C 209 47.10 11.24 12.57
CA VAL C 209 47.63 12.22 13.51
C VAL C 209 46.82 12.29 14.78
N ILE C 210 45.50 12.40 14.64
CA ILE C 210 44.64 12.50 15.81
C ILE C 210 44.75 11.29 16.73
N GLN C 211 44.83 10.10 16.16
CA GLN C 211 44.91 8.89 16.96
C GLN C 211 46.29 8.72 17.58
N GLU C 212 47.33 8.95 16.77
CA GLU C 212 48.71 8.80 17.20
C GLU C 212 49.14 9.76 18.31
N PHE C 213 48.64 10.98 18.27
CA PHE C 213 49.01 11.98 19.27
C PHE C 213 47.85 12.40 20.16
N ARG C 214 46.78 11.62 20.13
CA ARG C 214 45.59 11.88 20.92
C ARG C 214 45.14 13.35 20.88
N LEU C 215 44.76 13.82 19.69
CA LEU C 215 44.31 15.20 19.52
C LEU C 215 42.81 15.24 19.22
N TRP C 216 42.02 14.63 20.09
CA TRP C 216 40.57 14.57 19.90
C TRP C 216 39.79 15.81 20.33
N ASP C 217 40.36 16.57 21.26
CA ASP C 217 39.73 17.76 21.83
C ASP C 217 38.87 18.65 20.95
N ASN C 218 39.36 19.02 19.77
CA ASN C 218 38.59 19.92 18.90
C ASN C 218 38.04 19.35 17.60
N GLU C 219 38.22 18.07 17.35
CA GLU C 219 37.76 17.52 16.09
C GLU C 219 36.24 17.52 15.90
N LEU C 220 35.48 17.23 16.95
CA LEU C 220 34.03 17.23 16.80
C LEU C 220 33.50 18.60 16.42
N GLN C 221 34.21 19.64 16.81
CA GLN C 221 33.82 21.00 16.49
C GLN C 221 34.18 21.29 15.03
N TYR C 222 35.30 20.74 14.59
CA TYR C 222 35.76 20.92 13.22
C TYR C 222 34.75 20.24 12.30
N VAL C 223 34.31 19.05 12.71
CA VAL C 223 33.33 18.29 11.96
C VAL C 223 32.02 19.09 11.84
N ASP C 224 31.57 19.67 12.95
CA ASP C 224 30.35 20.46 12.93
C ASP C 224 30.45 21.64 11.98
N GLN C 225 31.63 22.24 11.92
CA GLN C 225 31.87 23.38 11.05
C GLN C 225 31.77 22.99 9.58
N LEU C 226 32.37 21.85 9.22
CA LEU C 226 32.35 21.39 7.84
C LEU C 226 30.99 20.88 7.39
N LEU C 227 30.21 20.32 8.32
CA LEU C 227 28.89 19.84 7.95
C LEU C 227 27.97 21.02 7.67
N LYS C 228 28.32 22.20 8.18
CA LYS C 228 27.52 23.39 7.92
C LYS C 228 27.87 23.90 6.53
N GLU C 229 29.13 23.74 6.13
CA GLU C 229 29.59 24.19 4.82
C GLU C 229 29.01 23.31 3.71
N ASP C 230 28.90 22.01 3.99
CA ASP C 230 28.38 21.04 3.02
C ASP C 230 27.90 19.79 3.75
N VAL C 231 26.61 19.75 4.07
CA VAL C 231 26.05 18.62 4.80
C VAL C 231 26.08 17.31 3.99
N ARG C 232 26.42 17.39 2.72
CA ARG C 232 26.49 16.21 1.88
C ARG C 232 27.88 15.57 1.79
N ASN C 233 28.87 16.17 2.45
CA ASN C 233 30.22 15.62 2.40
C ASN C 233 30.30 14.33 3.21
N ASN C 234 30.32 13.20 2.51
CA ASN C 234 30.37 11.88 3.16
C ASN C 234 31.62 11.70 4.03
N SER C 235 32.72 12.35 3.66
CA SER C 235 33.96 12.25 4.41
C SER C 235 33.82 12.83 5.80
N VAL C 236 33.06 13.91 5.91
CA VAL C 236 32.85 14.57 7.20
C VAL C 236 31.97 13.74 8.13
N TRP C 237 30.94 13.11 7.58
CA TRP C 237 30.09 12.26 8.40
C TRP C 237 30.92 11.09 8.90
N ASN C 238 31.87 10.63 8.09
CA ASN C 238 32.70 9.52 8.51
C ASN C 238 33.59 9.97 9.67
N GLN C 239 34.11 11.20 9.55
CA GLN C 239 34.98 11.74 10.59
C GLN C 239 34.21 11.87 11.90
N ARG C 240 32.95 12.29 11.82
CA ARG C 240 32.13 12.44 13.00
C ARG C 240 32.04 11.11 13.75
N HIS C 241 31.77 10.04 13.04
CA HIS C 241 31.66 8.72 13.68
C HIS C 241 33.01 8.29 14.24
N PHE C 242 34.07 8.71 13.56
CA PHE C 242 35.43 8.39 13.97
C PHE C 242 35.76 9.03 15.32
N VAL C 243 35.41 10.30 15.47
CA VAL C 243 35.66 11.04 16.69
C VAL C 243 34.85 10.47 17.85
N ILE C 244 33.54 10.42 17.68
CA ILE C 244 32.69 9.91 18.74
C ILE C 244 32.99 8.50 19.19
N SER C 245 33.10 7.56 18.26
CA SER C 245 33.36 6.19 18.67
C SER C 245 34.73 5.99 19.30
N ASN C 246 35.63 6.95 19.13
CA ASN C 246 36.96 6.85 19.72
C ASN C 246 37.11 7.69 20.98
N THR C 247 36.05 8.36 21.40
CA THR C 247 36.10 9.14 22.62
C THR C 247 35.00 8.62 23.55
N THR C 248 33.85 9.26 23.53
CA THR C 248 32.76 8.84 24.41
C THR C 248 32.14 7.49 24.02
N GLY C 249 32.09 7.20 22.73
CA GLY C 249 31.47 5.96 22.28
C GLY C 249 29.99 6.24 22.12
N TYR C 250 29.19 5.25 21.76
CA TYR C 250 27.75 5.48 21.57
C TYR C 250 26.88 4.75 22.60
N SER C 251 27.50 4.01 23.50
CA SER C 251 26.75 3.27 24.52
C SER C 251 26.13 4.20 25.56
N ASP C 252 26.57 5.46 25.61
CA ASP C 252 26.01 6.43 26.54
C ASP C 252 24.73 6.97 25.93
N ARG C 253 23.59 6.53 26.44
CA ARG C 253 22.29 6.96 25.92
C ARG C 253 22.15 8.45 25.70
N ALA C 254 22.87 9.25 26.48
CA ALA C 254 22.78 10.70 26.33
C ALA C 254 23.48 11.11 25.03
N VAL C 255 24.56 10.40 24.70
CA VAL C 255 25.30 10.68 23.47
C VAL C 255 24.50 10.20 22.27
N LEU C 256 24.01 8.96 22.35
CA LEU C 256 23.22 8.39 21.28
C LEU C 256 22.07 9.32 20.92
N GLU C 257 21.36 9.79 21.95
CA GLU C 257 20.23 10.68 21.73
C GLU C 257 20.67 11.99 21.07
N ARG C 258 21.77 12.55 21.54
CA ARG C 258 22.27 13.79 20.97
C ARG C 258 22.56 13.61 19.48
N GLU C 259 23.21 12.49 19.15
CA GLU C 259 23.57 12.18 17.76
C GLU C 259 22.39 11.88 16.86
N VAL C 260 21.45 11.08 17.34
CA VAL C 260 20.26 10.77 16.56
C VAL C 260 19.49 12.05 16.30
N GLN C 261 19.38 12.88 17.33
CA GLN C 261 18.66 14.14 17.23
C GLN C 261 19.34 15.08 16.24
N TYR C 262 20.68 15.11 16.31
CA TYR C 262 21.48 15.96 15.44
C TYR C 262 21.33 15.57 13.98
N THR C 263 21.32 14.28 13.72
CA THR C 263 21.19 13.76 12.37
C THR C 263 19.80 14.05 11.81
N LEU C 264 18.77 13.84 12.61
CA LEU C 264 17.41 14.12 12.16
C LEU C 264 17.28 15.60 11.78
N GLU C 265 17.96 16.47 12.51
CA GLU C 265 17.91 17.90 12.20
C GLU C 265 18.54 18.16 10.84
N MET C 266 19.64 17.47 10.57
CA MET C 266 20.35 17.60 9.30
C MET C 266 19.51 17.02 8.16
N ILE C 267 18.85 15.90 8.43
CA ILE C 267 18.02 15.27 7.43
C ILE C 267 16.86 16.21 7.09
N LYS C 268 16.30 16.86 8.10
CA LYS C 268 15.20 17.80 7.89
C LYS C 268 15.63 18.95 6.97
N LEU C 269 16.88 19.38 7.08
CA LEU C 269 17.39 20.46 6.24
C LEU C 269 17.60 20.04 4.79
N VAL C 270 18.09 18.81 4.59
CA VAL C 270 18.34 18.27 3.25
C VAL C 270 17.98 16.80 3.31
N PRO C 271 16.69 16.48 3.17
CA PRO C 271 16.17 15.10 3.22
C PRO C 271 16.79 14.10 2.25
N HIS C 272 17.25 14.57 1.09
CA HIS C 272 17.87 13.67 0.13
C HIS C 272 19.39 13.69 0.30
N ASN C 273 19.85 12.99 1.33
CA ASN C 273 21.28 12.94 1.65
C ASN C 273 21.62 11.56 2.21
N GLU C 274 22.17 10.70 1.36
CA GLU C 274 22.52 9.35 1.77
C GLU C 274 23.46 9.31 2.99
N SER C 275 24.41 10.24 3.02
CA SER C 275 25.37 10.28 4.11
C SER C 275 24.72 10.41 5.49
N ALA C 276 23.77 11.34 5.61
CA ALA C 276 23.07 11.53 6.89
C ALA C 276 22.30 10.27 7.25
N TRP C 277 21.58 9.71 6.29
CA TRP C 277 20.83 8.50 6.55
C TRP C 277 21.70 7.31 6.91
N ASN C 278 22.87 7.22 6.28
CA ASN C 278 23.76 6.10 6.57
C ASN C 278 24.31 6.19 7.98
N TYR C 279 24.55 7.42 8.43
CA TYR C 279 25.07 7.66 9.77
C TYR C 279 24.00 7.26 10.78
N LEU C 280 22.79 7.77 10.57
CA LEU C 280 21.68 7.44 11.44
C LEU C 280 21.49 5.94 11.58
N LYS C 281 21.47 5.24 10.44
CA LYS C 281 21.30 3.78 10.47
C LYS C 281 22.55 3.13 11.07
N GLY C 282 23.70 3.70 10.75
CA GLY C 282 24.95 3.15 11.24
C GLY C 282 25.06 3.06 12.76
N ILE C 283 24.65 4.13 13.45
CA ILE C 283 24.74 4.13 14.90
C ILE C 283 23.61 3.39 15.61
N LEU C 284 22.61 2.92 14.88
CA LEU C 284 21.51 2.21 15.51
C LEU C 284 21.34 0.75 15.10
N GLN C 285 21.78 0.41 13.89
CA GLN C 285 21.60 -0.95 13.39
C GLN C 285 22.05 -2.09 14.30
N ASP C 286 23.17 -1.93 14.99
CA ASP C 286 23.64 -2.99 15.85
C ASP C 286 22.93 -3.04 17.21
N ARG C 287 22.31 -1.94 17.61
CA ARG C 287 21.59 -1.89 18.87
C ARG C 287 20.22 -2.54 18.62
N GLY C 288 19.79 -2.49 17.36
CA GLY C 288 18.50 -3.06 16.99
C GLY C 288 17.50 -1.97 16.66
N LEU C 289 17.26 -1.74 15.37
CA LEU C 289 16.34 -0.68 14.94
C LEU C 289 14.92 -0.79 15.51
N SER C 290 14.44 -2.00 15.73
CA SER C 290 13.09 -2.18 16.25
C SER C 290 12.93 -1.81 17.73
N ARG C 291 14.02 -1.52 18.41
CA ARG C 291 13.94 -1.17 19.83
C ARG C 291 13.65 0.31 20.07
N TYR C 292 13.43 1.08 19.01
CA TYR C 292 13.18 2.51 19.14
C TYR C 292 11.83 2.97 18.61
N PRO C 293 10.74 2.64 19.33
CA PRO C 293 9.37 3.00 18.95
C PRO C 293 9.12 4.45 18.55
N ASN C 294 9.72 5.41 19.26
CA ASN C 294 9.52 6.80 18.91
C ASN C 294 10.14 7.15 17.57
N LEU C 295 11.23 6.48 17.24
CA LEU C 295 11.91 6.72 15.98
C LEU C 295 10.99 6.32 14.84
N LEU C 296 10.40 5.13 14.94
CA LEU C 296 9.51 4.66 13.89
C LEU C 296 8.40 5.68 13.64
N ASN C 297 7.73 6.11 14.71
CA ASN C 297 6.65 7.09 14.57
C ASN C 297 7.09 8.42 13.98
N GLN C 298 8.22 8.92 14.47
CA GLN C 298 8.73 10.20 13.99
C GLN C 298 9.11 10.15 12.50
N LEU C 299 9.58 9.00 12.03
CA LEU C 299 9.92 8.86 10.62
C LEU C 299 8.66 8.76 9.80
N LEU C 300 7.68 7.99 10.29
CA LEU C 300 6.41 7.85 9.58
C LEU C 300 5.73 9.21 9.42
N ASP C 301 6.05 10.15 10.30
CA ASP C 301 5.45 11.49 10.23
C ASP C 301 6.20 12.41 9.28
N LEU C 302 7.37 11.98 8.85
CA LEU C 302 8.17 12.76 7.91
C LEU C 302 7.81 12.34 6.49
N GLN C 303 7.33 11.10 6.35
CA GLN C 303 6.94 10.55 5.06
C GLN C 303 6.12 11.51 4.21
N PRO C 304 5.13 12.19 4.83
CA PRO C 304 4.29 13.14 4.10
C PRO C 304 5.07 14.19 3.29
N SER C 305 5.94 14.94 3.95
CA SER C 305 6.70 15.98 3.27
C SER C 305 8.15 15.61 2.95
N HIS C 306 8.97 15.45 3.99
CA HIS C 306 10.39 15.12 3.84
C HIS C 306 10.69 13.69 3.38
N SER C 307 9.88 13.14 2.49
CA SER C 307 10.10 11.77 2.01
C SER C 307 11.33 11.69 1.09
N SER C 308 11.81 10.46 0.90
CA SER C 308 12.96 10.19 0.04
C SER C 308 13.16 8.68 0.05
N PRO C 309 13.89 8.15 -0.94
CA PRO C 309 14.10 6.71 -0.97
C PRO C 309 14.85 6.24 0.28
N TYR C 310 15.71 7.12 0.81
CA TYR C 310 16.48 6.78 2.01
C TYR C 310 15.56 6.52 3.20
N LEU C 311 14.53 7.37 3.35
CA LEU C 311 13.58 7.22 4.45
C LEU C 311 12.78 5.92 4.28
N ILE C 312 12.29 5.67 3.08
CA ILE C 312 11.52 4.45 2.84
C ILE C 312 12.35 3.21 3.16
N ALA C 313 13.60 3.23 2.72
CA ALA C 313 14.49 2.10 2.96
C ALA C 313 14.70 1.91 4.46
N PHE C 314 14.82 3.01 5.19
CA PHE C 314 15.02 2.96 6.63
C PHE C 314 13.81 2.27 7.26
N LEU C 315 12.61 2.66 6.83
CA LEU C 315 11.41 2.04 7.37
C LEU C 315 11.41 0.54 7.09
N VAL C 316 11.80 0.14 5.88
CA VAL C 316 11.84 -1.28 5.53
C VAL C 316 12.76 -2.03 6.50
N ASP C 317 13.93 -1.45 6.77
CA ASP C 317 14.90 -2.06 7.67
C ASP C 317 14.35 -2.18 9.09
N ILE C 318 13.59 -1.17 9.54
CA ILE C 318 13.01 -1.22 10.87
C ILE C 318 12.05 -2.41 10.90
N TYR C 319 11.18 -2.50 9.90
CA TYR C 319 10.22 -3.59 9.85
C TYR C 319 10.93 -4.93 9.80
N GLU C 320 12.03 -5.00 9.06
CA GLU C 320 12.74 -6.26 8.98
C GLU C 320 13.31 -6.64 10.34
N ASP C 321 13.82 -5.65 11.07
CA ASP C 321 14.37 -5.95 12.39
C ASP C 321 13.25 -6.46 13.29
N MET C 322 12.04 -5.94 13.10
CA MET C 322 10.91 -6.39 13.89
C MET C 322 10.68 -7.86 13.59
N LEU C 323 10.49 -8.18 12.31
CA LEU C 323 10.28 -9.56 11.86
C LEU C 323 11.39 -10.47 12.38
N GLU C 324 12.58 -9.90 12.50
CA GLU C 324 13.75 -10.61 12.97
C GLU C 324 13.61 -11.01 14.43
N ASN C 325 12.89 -10.21 15.20
CA ASN C 325 12.70 -10.46 16.62
C ASN C 325 11.27 -10.84 16.96
N GLN C 326 10.78 -11.91 16.33
CA GLN C 326 9.43 -12.42 16.53
C GLN C 326 8.46 -11.42 17.17
N CYS C 327 8.15 -10.37 16.42
CA CYS C 327 7.24 -9.33 16.90
C CYS C 327 5.78 -9.79 16.87
N ASP C 328 4.87 -8.90 17.24
CA ASP C 328 3.45 -9.20 17.24
C ASP C 328 2.88 -8.72 15.90
N ASN C 329 2.01 -9.53 15.29
CA ASN C 329 1.41 -9.21 14.00
C ASN C 329 2.43 -9.42 12.89
N LYS C 330 3.23 -10.47 13.02
CA LYS C 330 4.27 -10.76 12.05
C LYS C 330 3.79 -10.61 10.60
N GLU C 331 2.68 -11.24 10.27
CA GLU C 331 2.17 -11.15 8.90
C GLU C 331 1.77 -9.74 8.50
N ASP C 332 1.31 -8.95 9.46
CA ASP C 332 0.90 -7.59 9.17
C ASP C 332 2.10 -6.69 8.92
N ILE C 333 3.17 -6.92 9.69
CA ILE C 333 4.40 -6.14 9.54
C ILE C 333 5.00 -6.45 8.18
N LEU C 334 5.06 -7.73 7.85
CA LEU C 334 5.62 -8.19 6.59
C LEU C 334 4.99 -7.47 5.41
N ASN C 335 3.68 -7.25 5.46
CA ASN C 335 3.02 -6.58 4.37
C ASN C 335 3.33 -5.10 4.30
N LYS C 336 3.62 -4.49 5.44
CA LYS C 336 3.97 -3.07 5.47
C LYS C 336 5.31 -2.92 4.77
N ALA C 337 6.18 -3.90 4.99
CA ALA C 337 7.51 -3.92 4.41
C ALA C 337 7.43 -4.15 2.90
N LEU C 338 6.70 -5.19 2.49
CA LEU C 338 6.53 -5.50 1.07
C LEU C 338 5.93 -4.31 0.33
N GLU C 339 5.00 -3.63 0.99
CA GLU C 339 4.35 -2.48 0.38
C GLU C 339 5.37 -1.38 0.12
N LEU C 340 6.32 -1.23 1.04
CA LEU C 340 7.36 -0.21 0.89
C LEU C 340 8.37 -0.62 -0.17
N CYS C 341 8.70 -1.91 -0.23
CA CYS C 341 9.63 -2.39 -1.23
C CYS C 341 9.09 -2.12 -2.63
N GLU C 342 7.80 -2.37 -2.81
CA GLU C 342 7.16 -2.14 -4.11
C GLU C 342 7.10 -0.65 -4.43
N ILE C 343 6.91 0.18 -3.41
CA ILE C 343 6.86 1.62 -3.60
C ILE C 343 8.23 2.11 -4.06
N LEU C 344 9.28 1.52 -3.51
CA LEU C 344 10.65 1.86 -3.87
C LEU C 344 10.89 1.46 -5.32
N ALA C 345 10.59 0.20 -5.64
CA ALA C 345 10.78 -0.34 -6.98
C ALA C 345 9.97 0.36 -8.06
N LYS C 346 8.70 0.60 -7.78
CA LYS C 346 7.80 1.22 -8.73
C LYS C 346 7.88 2.74 -8.93
N GLU C 347 8.26 3.50 -7.89
CA GLU C 347 8.31 4.95 -8.07
C GLU C 347 9.37 5.79 -7.34
N LYS C 348 9.83 5.34 -6.17
CA LYS C 348 10.81 6.12 -5.42
C LYS C 348 12.30 5.85 -5.71
N ASP C 349 12.65 4.61 -6.01
CA ASP C 349 14.04 4.26 -6.31
C ASP C 349 14.04 3.26 -7.48
N THR C 350 13.44 3.67 -8.59
CA THR C 350 13.29 2.80 -9.76
C THR C 350 14.55 2.19 -10.36
N ILE C 351 15.67 2.90 -10.31
CA ILE C 351 16.90 2.35 -10.88
C ILE C 351 17.28 1.03 -10.21
N ARG C 352 16.78 0.82 -9.00
CA ARG C 352 17.07 -0.39 -8.25
C ARG C 352 15.82 -1.26 -8.12
N LYS C 353 14.88 -1.06 -9.04
CA LYS C 353 13.63 -1.81 -9.05
C LYS C 353 13.81 -3.31 -8.93
N GLU C 354 14.71 -3.89 -9.72
CA GLU C 354 14.91 -5.34 -9.63
C GLU C 354 15.49 -5.72 -8.27
N TYR C 355 16.26 -4.82 -7.68
CA TYR C 355 16.87 -5.08 -6.36
C TYR C 355 15.80 -5.07 -5.25
N TRP C 356 14.96 -4.02 -5.27
CA TRP C 356 13.91 -3.92 -4.26
C TRP C 356 12.93 -5.08 -4.34
N ARG C 357 12.65 -5.55 -5.55
CA ARG C 357 11.75 -6.68 -5.73
C ARG C 357 12.42 -7.94 -5.20
N TYR C 358 13.74 -8.00 -5.35
CA TYR C 358 14.53 -9.13 -4.87
C TYR C 358 14.48 -9.12 -3.34
N ILE C 359 14.55 -7.92 -2.74
CA ILE C 359 14.47 -7.81 -1.29
C ILE C 359 13.10 -8.26 -0.82
N GLY C 360 12.06 -7.82 -1.53
CA GLY C 360 10.71 -8.20 -1.20
C GLY C 360 10.57 -9.72 -1.15
N ARG C 361 10.94 -10.38 -2.25
CA ARG C 361 10.84 -11.83 -2.31
C ARG C 361 11.58 -12.48 -1.16
N SER C 362 12.73 -11.92 -0.78
CA SER C 362 13.52 -12.46 0.30
C SER C 362 12.79 -12.39 1.62
N LEU C 363 12.07 -11.29 1.84
CA LEU C 363 11.32 -11.12 3.08
C LEU C 363 10.17 -12.12 3.12
N GLN C 364 9.50 -12.29 1.98
CA GLN C 364 8.40 -13.24 1.84
C GLN C 364 8.80 -14.64 2.24
N SER C 365 9.79 -15.19 1.53
CA SER C 365 10.26 -16.53 1.79
C SER C 365 10.92 -16.73 3.14
N LYS C 366 11.12 -15.65 3.89
CA LYS C 366 11.76 -15.81 5.18
C LYS C 366 10.80 -15.61 6.35
N HIS C 367 9.66 -14.97 6.09
CA HIS C 367 8.67 -14.72 7.14
C HIS C 367 7.23 -15.02 6.69
N SER C 368 6.87 -16.30 6.63
CA SER C 368 5.51 -16.69 6.20
C SER C 368 5.09 -18.07 6.69
N LEU D 18 25.28 4.90 -27.88
CA LEU D 18 26.26 4.83 -29.01
C LEU D 18 26.85 3.42 -29.13
N ASP D 19 27.74 3.24 -30.10
CA ASP D 19 28.34 1.93 -30.36
C ASP D 19 29.75 1.76 -29.85
N PHE D 20 30.09 0.51 -29.53
CA PHE D 20 31.39 0.16 -29.02
C PHE D 20 32.43 0.06 -30.14
N LEU D 21 33.29 1.06 -30.24
CA LEU D 21 34.33 1.11 -31.28
C LEU D 21 35.48 0.14 -30.99
N ARG D 22 35.21 -1.16 -31.01
CA ARG D 22 36.22 -2.17 -30.73
C ARG D 22 37.58 -2.01 -31.39
N ASP D 23 37.60 -1.85 -32.71
CA ASP D 23 38.88 -1.70 -33.40
C ASP D 23 39.68 -0.51 -32.86
N ARG D 24 39.00 0.61 -32.67
CA ARG D 24 39.65 1.82 -32.18
C ARG D 24 40.31 1.57 -30.80
N HIS D 25 39.70 0.72 -29.99
CA HIS D 25 40.25 0.43 -28.68
C HIS D 25 41.43 -0.51 -28.81
N VAL D 26 41.40 -1.37 -29.81
CA VAL D 26 42.52 -2.28 -30.02
C VAL D 26 43.74 -1.44 -30.36
N ARG D 27 43.56 -0.44 -31.21
CA ARG D 27 44.65 0.43 -31.61
C ARG D 27 45.17 1.19 -30.39
N PHE D 28 44.25 1.73 -29.59
CA PHE D 28 44.61 2.46 -28.39
C PHE D 28 45.52 1.62 -27.50
N PHE D 29 45.15 0.38 -27.23
CA PHE D 29 45.97 -0.49 -26.38
C PHE D 29 47.32 -0.81 -27.01
N GLN D 30 47.35 -0.94 -28.34
CA GLN D 30 48.61 -1.23 -29.04
C GLN D 30 49.57 -0.06 -28.87
N ARG D 31 49.03 1.15 -28.95
CA ARG D 31 49.82 2.36 -28.80
C ARG D 31 50.37 2.49 -27.37
N CYS D 32 49.64 1.94 -26.40
CA CYS D 32 50.08 1.98 -25.02
C CYS D 32 51.33 1.14 -24.81
N LEU D 33 51.42 0.03 -25.54
CA LEU D 33 52.58 -0.85 -25.42
C LEU D 33 53.80 -0.34 -26.16
N GLN D 34 53.61 0.72 -26.94
CA GLN D 34 54.72 1.25 -27.73
C GLN D 34 55.53 2.38 -27.10
N VAL D 35 55.37 3.60 -27.59
CA VAL D 35 56.14 4.71 -27.05
C VAL D 35 55.26 5.86 -26.59
N LEU D 36 55.47 6.32 -25.36
CA LEU D 36 54.69 7.42 -24.79
C LEU D 36 55.50 8.72 -24.72
N PRO D 37 54.81 9.87 -24.84
CA PRO D 37 55.44 11.19 -24.78
C PRO D 37 55.90 11.47 -23.34
N GLU D 38 56.88 12.36 -23.18
CA GLU D 38 57.39 12.66 -21.85
C GLU D 38 56.38 13.09 -20.81
N ARG D 39 55.18 13.52 -21.21
CA ARG D 39 54.22 13.94 -20.21
C ARG D 39 53.74 12.77 -19.36
N TYR D 40 54.11 11.55 -19.74
CA TYR D 40 53.70 10.38 -18.97
C TYR D 40 54.83 9.83 -18.09
N SER D 41 55.84 10.66 -17.86
CA SER D 41 57.00 10.31 -17.07
C SER D 41 56.69 9.82 -15.65
N SER D 42 55.60 10.30 -15.06
CA SER D 42 55.24 9.90 -13.72
C SER D 42 54.75 8.46 -13.64
N LEU D 43 54.63 7.81 -14.78
CA LEU D 43 54.19 6.41 -14.82
C LEU D 43 55.38 5.47 -14.92
N GLU D 44 56.58 6.05 -15.01
CA GLU D 44 57.82 5.29 -15.12
C GLU D 44 57.92 4.09 -14.18
N THR D 45 57.70 4.30 -12.89
CA THR D 45 57.82 3.22 -11.93
C THR D 45 56.68 2.21 -11.94
N SER D 46 55.67 2.46 -12.76
CA SER D 46 54.56 1.51 -12.83
C SER D 46 54.18 1.18 -14.28
N ARG D 47 55.19 1.13 -15.14
CA ARG D 47 54.98 0.81 -16.54
C ARG D 47 54.43 -0.60 -16.69
N LEU D 48 54.79 -1.49 -15.77
CA LEU D 48 54.31 -2.86 -15.84
C LEU D 48 52.79 -2.92 -15.68
N THR D 49 52.19 -2.08 -14.83
CA THR D 49 50.76 -2.11 -14.68
C THR D 49 50.09 -1.46 -15.91
N ILE D 50 50.81 -0.58 -16.59
CA ILE D 50 50.26 0.02 -17.81
C ILE D 50 50.23 -1.09 -18.85
N ALA D 51 51.29 -1.89 -18.87
CA ALA D 51 51.36 -3.02 -19.80
C ALA D 51 50.18 -3.95 -19.52
N PHE D 52 49.89 -4.18 -18.23
CA PHE D 52 48.79 -5.04 -17.83
C PHE D 52 47.44 -4.55 -18.38
N PHE D 53 47.15 -3.26 -18.21
CA PHE D 53 45.90 -2.72 -18.71
C PHE D 53 45.78 -2.96 -20.21
N ALA D 54 46.88 -2.75 -20.93
CA ALA D 54 46.91 -2.92 -22.38
C ALA D 54 46.84 -4.37 -22.80
N LEU D 55 47.63 -5.24 -22.18
CA LEU D 55 47.64 -6.65 -22.51
C LEU D 55 46.34 -7.33 -22.13
N SER D 56 45.90 -7.12 -20.89
CA SER D 56 44.66 -7.72 -20.43
C SER D 56 43.50 -7.12 -21.22
N GLY D 57 43.68 -5.88 -21.66
CA GLY D 57 42.64 -5.23 -22.45
C GLY D 57 42.55 -5.85 -23.82
N LEU D 58 43.70 -6.16 -24.42
CA LEU D 58 43.71 -6.78 -25.74
C LEU D 58 43.17 -8.20 -25.66
N ASP D 59 43.44 -8.85 -24.54
CA ASP D 59 42.98 -10.22 -24.29
C ASP D 59 41.45 -10.18 -24.20
N MET D 60 40.96 -9.19 -23.46
CA MET D 60 39.53 -9.01 -23.27
C MET D 60 38.86 -8.74 -24.60
N LEU D 61 39.59 -8.13 -25.53
CA LEU D 61 39.04 -7.85 -26.87
C LEU D 61 39.47 -8.93 -27.85
N ASP D 62 40.10 -9.98 -27.31
CA ASP D 62 40.58 -11.09 -28.11
C ASP D 62 41.44 -10.63 -29.30
N SER D 63 42.48 -9.83 -29.00
CA SER D 63 43.38 -9.31 -30.02
C SER D 63 44.82 -9.42 -29.58
N LEU D 64 45.15 -10.41 -28.77
CA LEU D 64 46.52 -10.56 -28.32
C LEU D 64 47.46 -10.93 -29.46
N ASP D 65 46.92 -11.21 -30.64
CA ASP D 65 47.80 -11.57 -31.74
C ASP D 65 48.47 -10.37 -32.41
N VAL D 66 48.09 -9.15 -32.01
CA VAL D 66 48.70 -7.95 -32.59
C VAL D 66 49.98 -7.54 -31.86
N VAL D 67 50.47 -8.38 -30.96
CA VAL D 67 51.69 -8.08 -30.21
C VAL D 67 52.58 -9.31 -30.21
N ASN D 68 53.88 -9.10 -30.02
CA ASN D 68 54.83 -10.22 -29.99
C ASN D 68 54.91 -10.73 -28.56
N LYS D 69 54.12 -11.74 -28.26
CA LYS D 69 54.09 -12.29 -26.91
C LYS D 69 55.48 -12.66 -26.39
N ASP D 70 56.33 -13.16 -27.27
CA ASP D 70 57.67 -13.55 -26.85
C ASP D 70 58.54 -12.39 -26.41
N ASP D 71 58.49 -11.29 -27.14
CA ASP D 71 59.28 -10.11 -26.77
C ASP D 71 58.83 -9.59 -25.41
N ILE D 72 57.52 -9.38 -25.28
CA ILE D 72 56.96 -8.87 -24.04
C ILE D 72 57.24 -9.78 -22.84
N ILE D 73 57.21 -11.09 -23.07
CA ILE D 73 57.49 -12.02 -21.99
C ILE D 73 58.93 -11.85 -21.47
N GLU D 74 59.87 -11.60 -22.38
CA GLU D 74 61.26 -11.41 -21.98
C GLU D 74 61.41 -10.10 -21.22
N TRP D 75 60.70 -9.07 -21.68
CA TRP D 75 60.74 -7.78 -21.02
C TRP D 75 60.25 -7.92 -19.58
N ILE D 76 59.13 -8.63 -19.40
CA ILE D 76 58.57 -8.82 -18.07
C ILE D 76 59.56 -9.58 -17.19
N TYR D 77 60.17 -10.62 -17.74
CA TYR D 77 61.12 -11.38 -16.94
C TYR D 77 62.36 -10.58 -16.57
N SER D 78 62.65 -9.53 -17.34
CA SER D 78 63.81 -8.70 -17.04
C SER D 78 63.48 -7.84 -15.84
N LEU D 79 62.21 -7.80 -15.47
CA LEU D 79 61.77 -7.01 -14.32
C LEU D 79 61.73 -7.80 -13.02
N GLN D 80 62.01 -9.10 -13.09
CA GLN D 80 61.98 -9.90 -11.86
C GLN D 80 63.23 -9.73 -11.02
N VAL D 81 63.03 -9.48 -9.73
CA VAL D 81 64.12 -9.33 -8.80
C VAL D 81 64.39 -10.74 -8.27
N LEU D 82 65.45 -11.35 -8.78
CA LEU D 82 65.81 -12.71 -8.38
C LEU D 82 66.75 -12.73 -7.19
N PRO D 83 66.74 -13.83 -6.43
CA PRO D 83 67.64 -13.89 -5.27
C PRO D 83 69.10 -13.98 -5.73
N THR D 84 69.98 -13.36 -4.97
CA THR D 84 71.40 -13.37 -5.27
C THR D 84 72.02 -14.73 -4.95
N GLU D 85 73.24 -14.98 -5.43
CA GLU D 85 73.93 -16.24 -5.19
C GLU D 85 73.80 -16.69 -3.73
N ASP D 86 74.09 -15.78 -2.81
CA ASP D 86 74.02 -16.06 -1.38
C ASP D 86 72.60 -16.02 -0.82
N ARG D 87 71.62 -15.81 -1.70
CA ARG D 87 70.20 -15.74 -1.31
C ARG D 87 69.97 -14.90 -0.06
N SER D 88 70.63 -13.75 0.01
CA SER D 88 70.51 -12.87 1.16
C SER D 88 69.52 -11.73 0.94
N ASN D 89 68.83 -11.75 -0.20
CA ASN D 89 67.86 -10.70 -0.51
C ASN D 89 66.46 -11.26 -0.81
N LEU D 90 66.14 -12.41 -0.21
CA LEU D 90 64.84 -13.04 -0.43
C LEU D 90 63.68 -12.12 -0.07
N ASP D 91 63.81 -11.43 1.06
CA ASP D 91 62.78 -10.51 1.52
C ASP D 91 62.50 -9.37 0.56
N ARG D 92 63.26 -9.30 -0.54
CA ARG D 92 63.07 -8.22 -1.49
C ARG D 92 62.76 -8.69 -2.91
N CYS D 93 62.45 -9.97 -3.06
CA CYS D 93 62.17 -10.48 -4.39
C CYS D 93 60.73 -10.24 -4.84
N GLY D 94 60.53 -10.29 -6.16
CA GLY D 94 59.23 -10.06 -6.74
C GLY D 94 59.50 -9.39 -8.08
N PHE D 95 58.68 -8.43 -8.48
CA PHE D 95 58.91 -7.73 -9.75
C PHE D 95 59.00 -6.22 -9.61
N ARG D 96 59.77 -5.59 -10.50
CA ARG D 96 59.94 -4.14 -10.51
C ARG D 96 58.90 -3.60 -11.48
N GLY D 97 58.57 -2.33 -11.35
CA GLY D 97 57.61 -1.72 -12.24
C GLY D 97 58.24 -1.39 -13.58
N SER D 98 59.56 -1.22 -13.58
CA SER D 98 60.31 -0.90 -14.80
C SER D 98 61.80 -1.00 -14.51
N SER D 99 62.62 -0.57 -15.48
CA SER D 99 64.06 -0.63 -15.32
C SER D 99 64.68 0.70 -14.90
N TYR D 100 63.91 1.55 -14.24
CA TYR D 100 64.43 2.85 -13.84
C TYR D 100 65.68 2.84 -12.94
N LEU D 101 66.01 1.70 -12.35
CA LEU D 101 67.20 1.66 -11.49
C LEU D 101 68.51 1.51 -12.24
N GLY D 102 68.44 1.16 -13.51
CA GLY D 102 69.65 1.01 -14.29
C GLY D 102 70.31 -0.36 -14.23
N ILE D 103 69.61 -1.35 -13.69
CA ILE D 103 70.16 -2.68 -13.63
C ILE D 103 70.21 -3.24 -15.05
N PRO D 104 71.34 -3.83 -15.44
CA PRO D 104 71.51 -4.40 -16.78
C PRO D 104 70.44 -5.42 -17.16
N PHE D 105 69.91 -5.28 -18.38
CA PHE D 105 68.88 -6.17 -18.90
C PHE D 105 69.22 -7.65 -18.73
N ASN D 106 68.35 -8.38 -18.05
CA ASN D 106 68.55 -9.81 -17.80
C ASN D 106 67.19 -10.50 -17.65
N PRO D 107 66.69 -11.12 -18.73
CA PRO D 107 65.40 -11.83 -18.72
C PRO D 107 65.37 -13.06 -17.83
N SER D 108 65.62 -12.86 -16.55
CA SER D 108 65.64 -13.94 -15.57
C SER D 108 66.48 -15.13 -16.02
N LYS D 109 67.65 -14.82 -16.58
CA LYS D 109 68.57 -15.85 -17.05
C LYS D 109 69.57 -16.15 -15.94
N ASN D 110 70.58 -15.28 -15.80
CA ASN D 110 71.60 -15.45 -14.76
C ASN D 110 71.01 -15.10 -13.40
N PRO D 111 71.77 -15.34 -12.30
CA PRO D 111 71.27 -15.03 -10.96
C PRO D 111 71.05 -13.52 -10.77
N GLY D 112 70.83 -13.10 -9.52
CA GLY D 112 70.60 -11.70 -9.27
C GLY D 112 71.83 -10.84 -9.01
N THR D 113 71.84 -9.64 -9.59
CA THR D 113 72.95 -8.72 -9.41
C THR D 113 72.65 -7.77 -8.23
N ALA D 114 73.33 -8.02 -7.10
CA ALA D 114 73.12 -7.22 -5.89
C ALA D 114 73.08 -5.71 -6.13
N HIS D 115 72.10 -5.06 -5.51
CA HIS D 115 71.93 -3.61 -5.62
C HIS D 115 71.28 -3.16 -4.33
N PRO D 116 71.84 -2.14 -3.67
CA PRO D 116 71.37 -1.56 -2.41
C PRO D 116 69.90 -1.20 -2.32
N TYR D 117 69.31 -0.79 -3.43
CA TYR D 117 67.91 -0.37 -3.41
C TYR D 117 66.97 -1.08 -4.38
N ASP D 118 67.41 -2.19 -4.95
CA ASP D 118 66.56 -2.92 -5.88
C ASP D 118 65.70 -3.95 -5.16
N SER D 119 64.39 -3.82 -5.34
CA SER D 119 63.47 -4.76 -4.71
C SER D 119 62.18 -4.73 -5.49
N GLY D 120 61.30 -5.68 -5.22
CA GLY D 120 60.04 -5.73 -5.93
C GLY D 120 58.99 -4.79 -5.35
N HIS D 121 57.88 -4.67 -6.05
CA HIS D 121 56.76 -3.85 -5.62
C HIS D 121 55.54 -4.77 -5.76
N ILE D 122 54.81 -4.94 -4.67
CA ILE D 122 53.66 -5.84 -4.65
C ILE D 122 52.68 -5.71 -5.84
N ALA D 123 52.34 -4.49 -6.23
CA ALA D 123 51.42 -4.30 -7.34
C ALA D 123 52.08 -4.70 -8.66
N MET D 124 53.40 -4.67 -8.71
CA MET D 124 54.13 -5.05 -9.92
C MET D 124 54.28 -6.56 -9.98
N THR D 125 54.50 -7.18 -8.81
CA THR D 125 54.63 -8.62 -8.75
C THR D 125 53.27 -9.18 -9.22
N TYR D 126 52.20 -8.55 -8.77
CA TYR D 126 50.86 -8.96 -9.14
C TYR D 126 50.62 -8.80 -10.65
N THR D 127 50.73 -7.57 -11.17
CA THR D 127 50.49 -7.36 -12.59
C THR D 127 51.50 -8.12 -13.46
N GLY D 128 52.71 -8.31 -12.96
CA GLY D 128 53.71 -9.04 -13.71
C GLY D 128 53.30 -10.48 -13.94
N LEU D 129 53.02 -11.20 -12.84
CA LEU D 129 52.58 -12.60 -12.93
C LEU D 129 51.33 -12.68 -13.79
N SER D 130 50.42 -11.77 -13.54
CA SER D 130 49.17 -11.71 -14.29
C SER D 130 49.45 -11.58 -15.80
N CYS D 131 50.38 -10.71 -16.18
CA CYS D 131 50.71 -10.50 -17.58
C CYS D 131 51.32 -11.75 -18.20
N LEU D 132 52.19 -12.41 -17.46
CA LEU D 132 52.83 -13.62 -17.96
C LEU D 132 51.77 -14.66 -18.30
N ILE D 133 50.80 -14.84 -17.42
CA ILE D 133 49.73 -15.81 -17.65
C ILE D 133 48.91 -15.42 -18.88
N ILE D 134 48.61 -14.14 -19.01
CA ILE D 134 47.85 -13.66 -20.17
C ILE D 134 48.59 -13.94 -21.47
N LEU D 135 49.91 -13.77 -21.44
CA LEU D 135 50.73 -13.98 -22.63
C LEU D 135 51.01 -15.46 -22.94
N GLY D 136 50.56 -16.35 -22.06
CA GLY D 136 50.75 -17.76 -22.32
C GLY D 136 51.95 -18.41 -21.66
N ASP D 137 52.74 -17.64 -20.94
CA ASP D 137 53.91 -18.20 -20.30
C ASP D 137 53.46 -19.19 -19.22
N ASP D 138 54.33 -20.11 -18.84
CA ASP D 138 53.98 -21.10 -17.83
C ASP D 138 54.56 -20.81 -16.44
N LEU D 139 55.18 -19.65 -16.29
CA LEU D 139 55.77 -19.23 -15.02
C LEU D 139 56.92 -20.09 -14.51
N SER D 140 57.53 -20.88 -15.39
CA SER D 140 58.65 -21.73 -14.97
C SER D 140 59.87 -20.90 -14.57
N ARG D 141 60.03 -19.73 -15.18
CA ARG D 141 61.15 -18.87 -14.86
C ARG D 141 60.91 -17.96 -13.65
N VAL D 142 59.75 -18.12 -13.02
CA VAL D 142 59.41 -17.34 -11.84
C VAL D 142 59.92 -18.07 -10.62
N ASP D 143 60.70 -17.39 -9.79
CA ASP D 143 61.19 -18.04 -8.57
C ASP D 143 60.05 -17.90 -7.57
N LYS D 144 59.11 -18.84 -7.66
CA LYS D 144 57.94 -18.81 -6.79
C LYS D 144 58.24 -18.66 -5.31
N GLU D 145 59.18 -19.44 -4.79
CA GLU D 145 59.50 -19.35 -3.36
C GLU D 145 60.06 -17.98 -2.99
N ALA D 146 60.83 -17.38 -3.90
CA ALA D 146 61.39 -16.07 -3.64
C ALA D 146 60.28 -15.04 -3.56
N CYS D 147 59.34 -15.09 -4.52
CA CYS D 147 58.23 -14.15 -4.52
C CYS D 147 57.41 -14.26 -3.25
N LEU D 148 57.11 -15.47 -2.82
CA LEU D 148 56.32 -15.68 -1.62
C LEU D 148 57.06 -15.19 -0.39
N ALA D 149 58.38 -15.33 -0.39
CA ALA D 149 59.19 -14.88 0.74
C ALA D 149 59.10 -13.34 0.77
N GLY D 150 59.18 -12.73 -0.41
CA GLY D 150 59.08 -11.29 -0.51
C GLY D 150 57.71 -10.81 -0.05
N LEU D 151 56.67 -11.57 -0.42
CA LEU D 151 55.30 -11.23 -0.04
C LEU D 151 55.15 -11.24 1.48
N ARG D 152 55.56 -12.34 2.11
CA ARG D 152 55.46 -12.45 3.57
C ARG D 152 56.07 -11.24 4.27
N ALA D 153 57.23 -10.81 3.77
CA ALA D 153 57.93 -9.68 4.37
C ALA D 153 57.14 -8.39 4.33
N LEU D 154 56.22 -8.27 3.38
CA LEU D 154 55.43 -7.05 3.25
C LEU D 154 54.24 -6.93 4.21
N GLN D 155 53.84 -8.04 4.82
CA GLN D 155 52.68 -7.98 5.71
C GLN D 155 52.98 -7.38 7.08
N LEU D 156 52.11 -6.49 7.52
CA LEU D 156 52.26 -5.82 8.81
C LEU D 156 51.53 -6.57 9.91
N GLU D 157 51.74 -6.11 11.15
CA GLU D 157 51.10 -6.74 12.30
C GLU D 157 49.57 -6.75 12.19
N ASP D 158 48.99 -5.66 11.70
CA ASP D 158 47.53 -5.59 11.58
C ASP D 158 46.94 -6.43 10.45
N GLY D 159 47.81 -7.13 9.71
CA GLY D 159 47.33 -7.96 8.64
C GLY D 159 47.36 -7.39 7.24
N SER D 160 47.51 -6.07 7.12
CA SER D 160 47.55 -5.46 5.79
C SER D 160 48.96 -5.57 5.21
N PHE D 161 49.16 -5.03 4.01
CA PHE D 161 50.45 -5.09 3.35
C PHE D 161 51.01 -3.75 2.89
N CYS D 162 52.33 -3.70 2.74
CA CYS D 162 53.05 -2.54 2.22
C CYS D 162 53.36 -2.94 0.79
N ALA D 163 53.79 -1.98 -0.02
CA ALA D 163 54.11 -2.28 -1.41
C ALA D 163 55.56 -2.71 -1.60
N VAL D 164 56.45 -2.16 -0.78
CA VAL D 164 57.88 -2.46 -0.88
C VAL D 164 58.49 -2.66 0.50
N PRO D 165 59.52 -3.53 0.58
CA PRO D 165 60.19 -3.80 1.84
C PRO D 165 60.80 -2.58 2.52
N GLU D 166 61.17 -1.57 1.74
CA GLU D 166 61.74 -0.36 2.33
C GLU D 166 60.69 0.41 3.11
N GLY D 167 59.43 0.06 2.92
CA GLY D 167 58.36 0.74 3.62
C GLY D 167 57.53 1.64 2.71
N SER D 168 56.25 1.76 3.01
CA SER D 168 55.34 2.58 2.23
C SER D 168 54.02 2.63 2.95
N GLU D 169 53.02 3.23 2.31
CA GLU D 169 51.69 3.26 2.90
C GLU D 169 51.17 1.82 2.84
N ASN D 170 50.24 1.47 3.72
CA ASN D 170 49.67 0.13 3.74
C ASN D 170 48.15 0.23 3.75
N ASP D 171 47.49 -0.55 2.91
CA ASP D 171 46.04 -0.52 2.87
C ASP D 171 45.46 -1.69 2.08
N MET D 172 44.14 -1.68 1.94
CA MET D 172 43.40 -2.72 1.26
C MET D 172 43.90 -3.05 -0.15
N ARG D 173 44.33 -2.04 -0.90
CA ARG D 173 44.82 -2.28 -2.26
C ARG D 173 45.88 -3.38 -2.29
N PHE D 174 46.81 -3.32 -1.36
CA PHE D 174 47.89 -4.30 -1.33
C PHE D 174 47.48 -5.65 -0.76
N VAL D 175 46.39 -5.67 0.01
CA VAL D 175 45.87 -6.93 0.54
C VAL D 175 45.36 -7.71 -0.67
N TYR D 176 44.72 -7.00 -1.58
CA TYR D 176 44.19 -7.61 -2.80
C TYR D 176 45.33 -8.14 -3.66
N CYS D 177 46.42 -7.37 -3.77
CA CYS D 177 47.57 -7.78 -4.56
C CYS D 177 48.15 -9.06 -3.99
N ALA D 178 48.32 -9.09 -2.68
CA ALA D 178 48.86 -10.26 -2.00
C ALA D 178 47.96 -11.47 -2.29
N SER D 179 46.65 -11.28 -2.18
CA SER D 179 45.70 -12.35 -2.43
C SER D 179 45.82 -12.89 -3.85
N CYS D 180 45.91 -11.99 -4.84
CA CYS D 180 46.04 -12.40 -6.23
C CYS D 180 47.33 -13.17 -6.48
N ILE D 181 48.41 -12.72 -5.85
CA ILE D 181 49.69 -13.36 -6.02
C ILE D 181 49.62 -14.79 -5.48
N CYS D 182 49.13 -14.94 -4.26
CA CYS D 182 49.01 -16.26 -3.64
C CYS D 182 48.13 -17.15 -4.49
N TYR D 183 47.06 -16.58 -5.04
CA TYR D 183 46.15 -17.34 -5.85
C TYR D 183 46.81 -17.82 -7.13
N MET D 184 47.51 -16.93 -7.81
CA MET D 184 48.18 -17.28 -9.07
C MET D 184 49.31 -18.29 -8.85
N LEU D 185 50.05 -18.13 -7.77
CA LEU D 185 51.14 -19.06 -7.50
C LEU D 185 50.56 -20.29 -6.79
N ASN D 186 49.24 -20.28 -6.66
CA ASN D 186 48.52 -21.37 -6.01
C ASN D 186 49.22 -21.84 -4.73
N ASN D 187 49.57 -20.89 -3.87
CA ASN D 187 50.27 -21.17 -2.63
C ASN D 187 50.03 -20.00 -1.69
N TRP D 188 49.35 -20.24 -0.57
CA TRP D 188 49.06 -19.15 0.36
C TRP D 188 50.05 -18.95 1.49
N SER D 189 51.24 -19.54 1.37
CA SER D 189 52.25 -19.37 2.39
C SER D 189 52.79 -17.93 2.31
N GLY D 190 52.34 -17.22 1.28
CA GLY D 190 52.76 -15.85 1.07
C GLY D 190 52.14 -14.87 2.07
N MET D 191 51.17 -15.31 2.85
CA MET D 191 50.54 -14.43 3.81
C MET D 191 49.97 -15.18 4.99
N ASP D 192 49.72 -14.43 6.07
CA ASP D 192 49.09 -14.98 7.26
C ASP D 192 47.62 -14.63 7.01
N MET D 193 46.92 -15.56 6.37
CA MET D 193 45.52 -15.35 6.02
C MET D 193 44.61 -14.91 7.16
N LYS D 194 44.84 -15.47 8.34
CA LYS D 194 44.01 -15.12 9.50
C LYS D 194 44.11 -13.61 9.79
N LYS D 195 45.31 -13.06 9.73
CA LYS D 195 45.50 -11.64 9.99
C LYS D 195 44.96 -10.76 8.87
N ALA D 196 45.09 -11.21 7.63
CA ALA D 196 44.58 -10.45 6.50
C ALA D 196 43.06 -10.35 6.60
N ILE D 197 42.42 -11.46 6.95
CA ILE D 197 40.97 -11.50 7.09
C ILE D 197 40.54 -10.55 8.20
N SER D 198 41.32 -10.49 9.26
CA SER D 198 41.03 -9.62 10.38
C SER D 198 41.08 -8.16 9.90
N TYR D 199 42.08 -7.83 9.10
CA TYR D 199 42.21 -6.49 8.58
C TYR D 199 40.98 -6.14 7.73
N ILE D 200 40.57 -7.06 6.88
CA ILE D 200 39.41 -6.83 6.03
C ILE D 200 38.14 -6.60 6.87
N ARG D 201 37.92 -7.41 7.90
CA ARG D 201 36.74 -7.22 8.72
C ARG D 201 36.76 -5.86 9.40
N ARG D 202 37.91 -5.51 9.97
CA ARG D 202 38.04 -4.24 10.67
C ARG D 202 37.91 -3.01 9.81
N SER D 203 37.91 -3.18 8.49
CA SER D 203 37.79 -2.06 7.61
C SER D 203 36.32 -1.75 7.29
N MET D 204 35.42 -2.60 7.74
CA MET D 204 34.00 -2.37 7.49
C MET D 204 33.53 -1.13 8.26
N SER D 205 32.95 -0.18 7.54
CA SER D 205 32.46 1.06 8.11
C SER D 205 31.06 0.92 8.71
N TYR D 206 30.63 1.95 9.42
CA TYR D 206 29.31 1.97 10.03
C TYR D 206 28.25 2.00 8.93
N ASP D 207 28.61 2.49 7.74
CA ASP D 207 27.66 2.54 6.65
C ASP D 207 27.68 1.24 5.84
N ASN D 208 28.43 0.27 6.35
CA ASN D 208 28.54 -1.07 5.77
C ASN D 208 29.41 -1.34 4.56
N GLY D 209 30.06 -0.31 4.03
CA GLY D 209 30.96 -0.54 2.92
C GLY D 209 32.31 -0.87 3.52
N LEU D 210 33.31 -1.12 2.69
CA LEU D 210 34.65 -1.40 3.19
C LEU D 210 35.56 -0.21 2.87
N ALA D 211 36.38 0.20 3.83
CA ALA D 211 37.29 1.33 3.63
C ALA D 211 38.71 0.85 3.38
N GLN D 212 39.64 1.79 3.18
CA GLN D 212 41.04 1.42 2.96
C GLN D 212 41.64 0.82 4.23
N GLY D 213 41.07 1.20 5.37
CA GLY D 213 41.52 0.70 6.66
C GLY D 213 40.50 1.08 7.72
N ALA D 214 40.66 0.54 8.92
CA ALA D 214 39.74 0.83 10.01
C ALA D 214 39.48 2.33 10.22
N GLY D 215 38.20 2.69 10.38
CA GLY D 215 37.82 4.06 10.64
C GLY D 215 37.72 4.99 9.45
N LEU D 216 38.36 4.62 8.33
CA LEU D 216 38.32 5.46 7.14
C LEU D 216 36.98 5.35 6.40
N GLU D 217 36.73 6.28 5.49
CA GLU D 217 35.49 6.32 4.70
C GLU D 217 35.44 5.10 3.77
N SER D 218 34.32 4.39 3.75
CA SER D 218 34.20 3.22 2.88
C SER D 218 34.25 3.71 1.43
N HIS D 219 34.84 2.90 0.56
CA HIS D 219 35.03 3.26 -0.83
C HIS D 219 34.80 2.08 -1.78
N GLY D 220 34.32 2.37 -2.99
CA GLY D 220 34.07 1.31 -3.95
C GLY D 220 35.30 0.49 -4.27
N GLY D 221 36.45 1.15 -4.36
CA GLY D 221 37.69 0.47 -4.66
C GLY D 221 38.14 -0.47 -3.57
N SER D 222 38.12 -0.02 -2.32
CA SER D 222 38.56 -0.88 -1.23
C SER D 222 37.55 -1.98 -0.94
N THR D 223 36.27 -1.72 -1.21
CA THR D 223 35.25 -2.73 -1.00
C THR D 223 35.53 -3.87 -1.99
N PHE D 224 35.86 -3.51 -3.23
CA PHE D 224 36.17 -4.54 -4.20
C PHE D 224 37.39 -5.33 -3.72
N CYS D 225 38.43 -4.62 -3.30
CA CYS D 225 39.65 -5.29 -2.85
C CYS D 225 39.39 -6.25 -1.71
N GLY D 226 38.59 -5.82 -0.73
CA GLY D 226 38.29 -6.69 0.39
C GLY D 226 37.46 -7.89 -0.03
N ILE D 227 36.34 -7.65 -0.71
CA ILE D 227 35.48 -8.75 -1.13
C ILE D 227 36.19 -9.71 -2.10
N ALA D 228 36.88 -9.17 -3.10
CA ALA D 228 37.58 -10.03 -4.04
C ALA D 228 38.65 -10.87 -3.35
N SER D 229 39.33 -10.29 -2.36
CA SER D 229 40.37 -11.02 -1.64
C SER D 229 39.74 -12.23 -0.96
N LEU D 230 38.63 -11.99 -0.25
CA LEU D 230 37.94 -13.08 0.45
C LEU D 230 37.46 -14.15 -0.52
N CYS D 231 36.99 -13.74 -1.69
CA CYS D 231 36.55 -14.72 -2.69
C CYS D 231 37.74 -15.54 -3.17
N LEU D 232 38.86 -14.87 -3.44
CA LEU D 232 40.06 -15.57 -3.89
C LEU D 232 40.51 -16.57 -2.83
N MET D 233 40.30 -16.23 -1.56
CA MET D 233 40.69 -17.12 -0.46
C MET D 233 39.61 -18.19 -0.27
N GLY D 234 38.44 -17.95 -0.88
CA GLY D 234 37.33 -18.87 -0.74
C GLY D 234 36.77 -18.82 0.67
N LYS D 235 36.68 -17.63 1.25
CA LYS D 235 36.17 -17.51 2.60
C LYS D 235 35.15 -16.41 2.80
N LEU D 236 34.50 -15.99 1.73
CA LEU D 236 33.51 -14.91 1.82
C LEU D 236 32.44 -15.25 2.86
N GLU D 237 31.77 -16.37 2.63
CA GLU D 237 30.70 -16.87 3.50
C GLU D 237 31.14 -17.07 4.95
N GLU D 238 32.35 -17.55 5.12
CA GLU D 238 32.89 -17.81 6.44
C GLU D 238 33.20 -16.55 7.24
N VAL D 239 33.65 -15.50 6.56
CA VAL D 239 34.02 -14.25 7.22
C VAL D 239 32.85 -13.32 7.52
N PHE D 240 31.91 -13.20 6.60
CA PHE D 240 30.76 -12.33 6.80
C PHE D 240 29.47 -13.12 6.94
N SER D 241 28.64 -12.74 7.90
CA SER D 241 27.36 -13.41 8.12
C SER D 241 26.42 -13.00 6.98
N GLU D 242 25.28 -13.68 6.90
CA GLU D 242 24.31 -13.35 5.87
C GLU D 242 23.81 -11.92 6.05
N LYS D 243 23.57 -11.54 7.30
CA LYS D 243 23.10 -10.19 7.60
C LYS D 243 24.15 -9.17 7.15
N GLU D 244 25.42 -9.47 7.43
CA GLU D 244 26.51 -8.59 7.03
C GLU D 244 26.61 -8.46 5.51
N LEU D 245 26.58 -9.61 4.81
CA LEU D 245 26.65 -9.59 3.37
C LEU D 245 25.48 -8.82 2.78
N ASN D 246 24.32 -8.88 3.43
CA ASN D 246 23.16 -8.15 2.94
C ASN D 246 23.41 -6.65 3.04
N ARG D 247 24.06 -6.23 4.12
CA ARG D 247 24.36 -4.82 4.33
C ARG D 247 25.38 -4.31 3.32
N ILE D 248 26.38 -5.15 3.03
CA ILE D 248 27.40 -4.79 2.07
C ILE D 248 26.77 -4.69 0.67
N LYS D 249 25.88 -5.64 0.35
CA LYS D 249 25.21 -5.62 -0.94
C LYS D 249 24.43 -4.31 -1.09
N ARG D 250 23.74 -3.93 -0.03
CA ARG D 250 22.95 -2.71 -0.02
C ARG D 250 23.85 -1.51 -0.29
N TRP D 251 24.99 -1.46 0.40
CA TRP D 251 25.90 -0.33 0.21
C TRP D 251 26.39 -0.29 -1.23
N CYS D 252 26.78 -1.44 -1.76
CA CYS D 252 27.26 -1.51 -3.13
C CYS D 252 26.22 -1.14 -4.20
N ILE D 253 25.02 -1.71 -4.10
CA ILE D 253 24.05 -1.40 -5.12
C ILE D 253 23.56 0.04 -5.07
N MET D 254 23.77 0.71 -3.94
CA MET D 254 23.38 2.11 -3.80
C MET D 254 24.35 3.02 -4.56
N ARG D 255 25.48 2.46 -5.00
CA ARG D 255 26.48 3.23 -5.73
C ARG D 255 26.07 3.58 -7.17
N GLN D 256 25.07 2.90 -7.71
CA GLN D 256 24.65 3.21 -9.07
C GLN D 256 23.75 4.43 -9.15
N GLN D 257 24.13 5.38 -10.01
CA GLN D 257 23.37 6.62 -10.24
C GLN D 257 22.85 6.54 -11.67
N ASN D 258 23.69 5.98 -12.53
CA ASN D 258 23.46 5.73 -13.97
C ASN D 258 24.69 4.84 -14.18
N GLY D 259 25.84 5.47 -14.01
CA GLY D 259 27.11 4.76 -14.03
C GLY D 259 27.30 4.58 -12.52
N TYR D 260 28.51 4.32 -12.07
CA TYR D 260 28.72 4.15 -10.63
C TYR D 260 29.73 5.14 -10.06
N HIS D 261 29.53 5.55 -8.81
CA HIS D 261 30.48 6.45 -8.16
C HIS D 261 31.21 5.62 -7.11
N GLY D 262 32.31 6.15 -6.57
CA GLY D 262 33.11 5.43 -5.60
C GLY D 262 32.67 5.52 -4.15
N ARG D 263 31.90 6.57 -3.83
CA ARG D 263 31.40 6.77 -2.49
C ARG D 263 30.23 7.72 -2.53
N PRO D 264 29.33 7.64 -1.53
CA PRO D 264 28.15 8.51 -1.46
C PRO D 264 28.45 9.98 -1.76
N ASN D 265 27.55 10.60 -2.52
CA ASN D 265 27.65 12.00 -2.88
C ASN D 265 28.84 12.46 -3.71
N LYS D 266 29.45 11.54 -4.44
CA LYS D 266 30.57 11.87 -5.32
C LYS D 266 30.11 11.56 -6.75
N PRO D 267 30.68 12.25 -7.75
CA PRO D 267 30.27 12.00 -9.14
C PRO D 267 30.68 10.62 -9.67
N VAL D 268 29.89 10.07 -10.58
CA VAL D 268 30.19 8.76 -11.14
C VAL D 268 31.46 8.79 -11.97
N ASP D 269 32.09 7.63 -12.08
CA ASP D 269 33.33 7.47 -12.82
C ASP D 269 33.32 6.07 -13.45
N THR D 270 33.58 6.02 -14.74
CA THR D 270 33.60 4.78 -15.50
C THR D 270 34.24 3.58 -14.81
N CYS D 271 35.42 3.76 -14.21
CA CYS D 271 36.10 2.63 -13.59
C CYS D 271 35.30 1.93 -12.47
N TYR D 272 34.34 2.64 -11.86
CA TYR D 272 33.56 2.00 -10.80
C TYR D 272 32.58 0.99 -11.36
N SER D 273 32.33 1.08 -12.67
CA SER D 273 31.45 0.12 -13.32
C SER D 273 32.09 -1.25 -13.12
N PHE D 274 33.41 -1.28 -12.97
CA PHE D 274 34.06 -2.53 -12.70
C PHE D 274 34.26 -2.76 -11.21
N TRP D 275 34.87 -1.80 -10.50
CA TRP D 275 35.11 -1.95 -9.07
C TRP D 275 33.85 -2.34 -8.32
N VAL D 276 32.79 -1.55 -8.47
CA VAL D 276 31.55 -1.85 -7.78
C VAL D 276 30.77 -2.95 -8.48
N GLY D 277 30.71 -2.88 -9.81
CA GLY D 277 30.01 -3.89 -10.58
C GLY D 277 30.54 -5.28 -10.30
N ALA D 278 31.86 -5.42 -10.28
CA ALA D 278 32.47 -6.72 -10.04
C ALA D 278 32.17 -7.21 -8.63
N THR D 279 32.09 -6.28 -7.67
CA THR D 279 31.79 -6.65 -6.29
C THR D 279 30.38 -7.21 -6.26
N LEU D 280 29.47 -6.52 -6.95
CA LEU D 280 28.08 -6.95 -7.00
C LEU D 280 28.00 -8.33 -7.65
N LYS D 281 28.82 -8.55 -8.68
CA LYS D 281 28.82 -9.84 -9.35
C LYS D 281 29.28 -10.92 -8.38
N LEU D 282 30.32 -10.63 -7.61
CA LEU D 282 30.81 -11.59 -6.63
C LEU D 282 29.78 -11.86 -5.55
N LEU D 283 28.93 -10.87 -5.27
CA LEU D 283 27.89 -11.02 -4.26
C LEU D 283 26.60 -11.53 -4.89
N LYS D 284 26.69 -11.88 -6.17
CA LYS D 284 25.57 -12.43 -6.94
C LYS D 284 24.31 -11.58 -7.10
N ILE D 285 24.45 -10.26 -7.11
CA ILE D 285 23.28 -9.44 -7.30
C ILE D 285 23.50 -8.38 -8.37
N PHE D 286 24.57 -8.53 -9.15
CA PHE D 286 24.83 -7.58 -10.23
C PHE D 286 23.67 -7.66 -11.22
N GLN D 287 23.10 -8.86 -11.33
CA GLN D 287 21.97 -9.13 -12.22
C GLN D 287 20.77 -8.22 -11.91
N TYR D 288 20.69 -7.69 -10.69
CA TYR D 288 19.57 -6.84 -10.32
C TYR D 288 19.80 -5.36 -10.54
N THR D 289 20.94 -5.00 -11.12
CA THR D 289 21.24 -3.59 -11.38
C THR D 289 20.64 -3.19 -12.72
N ASN D 290 20.66 -1.90 -13.03
CA ASN D 290 20.13 -1.44 -14.31
C ASN D 290 21.27 -1.44 -15.34
N PHE D 291 21.24 -2.38 -16.28
CA PHE D 291 22.27 -2.49 -17.31
C PHE D 291 22.33 -1.35 -18.32
N GLU D 292 21.18 -0.95 -18.83
CA GLU D 292 21.12 0.09 -19.84
C GLU D 292 21.74 1.43 -19.42
N LYS D 293 21.40 1.91 -18.24
CA LYS D 293 21.95 3.18 -17.78
C LYS D 293 23.44 3.09 -17.54
N ASN D 294 23.89 1.94 -17.05
CA ASN D 294 25.31 1.74 -16.81
C ASN D 294 26.05 1.75 -18.16
N ARG D 295 25.56 0.94 -19.10
CA ARG D 295 26.15 0.87 -20.42
C ARG D 295 26.16 2.23 -21.11
N ASN D 296 25.04 2.93 -21.04
CA ASN D 296 24.94 4.24 -21.67
C ASN D 296 26.00 5.19 -21.10
N TYR D 297 26.20 5.15 -19.77
CA TYR D 297 27.19 6.02 -19.16
C TYR D 297 28.61 5.70 -19.62
N ILE D 298 28.97 4.40 -19.55
CA ILE D 298 30.30 3.97 -19.95
C ILE D 298 30.61 4.42 -21.37
N LEU D 299 29.69 4.17 -22.30
CA LEU D 299 29.92 4.55 -23.69
C LEU D 299 30.00 6.04 -23.88
N SER D 300 29.39 6.81 -22.99
CA SER D 300 29.44 8.26 -23.10
C SER D 300 30.84 8.79 -22.77
N THR D 301 31.68 7.95 -22.18
CA THR D 301 33.05 8.37 -21.83
C THR D 301 34.04 7.81 -22.83
N GLN D 302 33.51 7.22 -23.89
CA GLN D 302 34.34 6.62 -24.94
C GLN D 302 34.92 7.73 -25.80
N ASP D 303 36.22 7.67 -26.10
CA ASP D 303 36.84 8.68 -26.96
C ASP D 303 36.75 8.12 -28.37
N ARG D 304 35.81 8.64 -29.16
CA ARG D 304 35.59 8.16 -30.51
C ARG D 304 36.72 8.47 -31.49
N LEU D 305 37.59 9.41 -31.12
CA LEU D 305 38.70 9.80 -31.98
C LEU D 305 39.97 8.97 -31.73
N VAL D 306 40.46 8.94 -30.50
CA VAL D 306 41.67 8.20 -30.18
C VAL D 306 41.43 6.81 -29.59
N GLY D 307 40.20 6.54 -29.17
CA GLY D 307 39.90 5.24 -28.58
C GLY D 307 40.04 5.30 -27.07
N GLY D 308 39.83 4.17 -26.40
CA GLY D 308 39.90 4.13 -24.95
C GLY D 308 38.72 4.84 -24.29
N PHE D 309 38.68 4.81 -22.96
CA PHE D 309 37.61 5.46 -22.21
C PHE D 309 38.20 6.42 -21.19
N ALA D 310 37.41 7.39 -20.77
CA ALA D 310 37.82 8.36 -19.78
C ALA D 310 36.96 8.15 -18.54
N LYS D 311 37.24 8.87 -17.47
CA LYS D 311 36.44 8.71 -16.26
C LYS D 311 35.09 9.38 -16.46
N TRP D 312 35.09 10.52 -17.14
CA TRP D 312 33.87 11.26 -17.42
C TRP D 312 33.75 11.57 -18.90
N PRO D 313 32.54 11.90 -19.36
CA PRO D 313 32.40 12.21 -20.79
C PRO D 313 33.16 13.47 -21.16
N ASP D 314 33.69 13.51 -22.38
CA ASP D 314 34.43 14.67 -22.84
C ASP D 314 35.64 14.93 -21.95
N SER D 315 36.28 13.85 -21.52
CA SER D 315 37.45 13.92 -20.65
C SER D 315 38.51 13.11 -21.38
N HIS D 316 39.78 13.31 -21.06
CA HIS D 316 40.84 12.56 -21.74
C HIS D 316 40.93 11.11 -21.31
N PRO D 317 41.04 10.19 -22.28
CA PRO D 317 41.13 8.75 -22.01
C PRO D 317 42.50 8.33 -21.49
N ASP D 318 42.52 7.22 -20.76
CA ASP D 318 43.75 6.67 -20.22
C ASP D 318 43.63 5.15 -20.19
N ALA D 319 44.76 4.47 -20.08
CA ALA D 319 44.76 3.01 -20.06
C ALA D 319 43.91 2.41 -18.96
N LEU D 320 43.95 3.00 -17.77
CA LEU D 320 43.18 2.47 -16.66
C LEU D 320 41.66 2.50 -16.91
N HIS D 321 41.15 3.64 -17.34
CA HIS D 321 39.71 3.72 -17.59
C HIS D 321 39.28 2.98 -18.84
N ALA D 322 40.20 2.82 -19.79
CA ALA D 322 39.89 2.10 -21.00
C ALA D 322 39.70 0.63 -20.61
N TYR D 323 40.61 0.13 -19.79
CA TYR D 323 40.54 -1.26 -19.36
C TYR D 323 39.32 -1.56 -18.48
N PHE D 324 39.11 -0.72 -17.47
CA PHE D 324 37.99 -0.96 -16.58
C PHE D 324 36.63 -0.67 -17.24
N GLY D 325 36.63 0.23 -18.22
CA GLY D 325 35.38 0.51 -18.91
C GLY D 325 35.01 -0.74 -19.69
N ILE D 326 36.02 -1.35 -20.31
CA ILE D 326 35.79 -2.55 -21.08
C ILE D 326 35.38 -3.71 -20.17
N CYS D 327 36.00 -3.83 -19.00
CA CYS D 327 35.63 -4.89 -18.08
C CYS D 327 34.22 -4.60 -17.53
N GLY D 328 33.87 -3.33 -17.39
CA GLY D 328 32.54 -2.99 -16.91
C GLY D 328 31.52 -3.49 -17.91
N LEU D 329 31.78 -3.20 -19.19
CA LEU D 329 30.91 -3.63 -20.28
C LEU D 329 30.84 -5.17 -20.26
N SER D 330 31.97 -5.80 -20.02
CA SER D 330 32.03 -7.25 -19.99
C SER D 330 31.11 -7.86 -18.94
N LEU D 331 31.05 -7.23 -17.78
CA LEU D 331 30.24 -7.70 -16.67
C LEU D 331 28.76 -7.88 -17.09
N MET D 332 28.33 -7.03 -18.02
CA MET D 332 26.96 -7.05 -18.55
C MET D 332 26.86 -7.82 -19.87
N GLU D 333 28.02 -8.19 -20.41
CA GLU D 333 28.17 -8.90 -21.68
C GLU D 333 28.01 -7.92 -22.83
N GLU D 334 29.00 -7.89 -23.72
CA GLU D 334 28.97 -6.98 -24.84
C GLU D 334 29.62 -7.68 -26.01
N SER D 335 29.02 -7.55 -27.19
CA SER D 335 29.57 -8.18 -28.38
C SER D 335 30.98 -7.69 -28.61
N GLY D 336 31.91 -8.62 -28.80
CA GLY D 336 33.29 -8.25 -29.07
C GLY D 336 34.20 -8.23 -27.87
N ILE D 337 33.62 -8.41 -26.67
CA ILE D 337 34.38 -8.39 -25.43
C ILE D 337 34.23 -9.74 -24.75
N CYS D 338 35.31 -10.25 -24.19
CA CYS D 338 35.28 -11.54 -23.52
C CYS D 338 34.73 -11.40 -22.11
N LYS D 339 34.44 -12.54 -21.49
CA LYS D 339 33.91 -12.58 -20.15
C LYS D 339 35.05 -12.40 -19.16
N VAL D 340 34.94 -11.39 -18.32
CA VAL D 340 35.97 -11.13 -17.33
C VAL D 340 35.72 -11.94 -16.06
N HIS D 341 36.79 -12.41 -15.44
CA HIS D 341 36.67 -13.15 -14.19
C HIS D 341 36.68 -12.03 -13.15
N PRO D 342 35.55 -11.77 -12.50
CA PRO D 342 35.41 -10.70 -11.50
C PRO D 342 36.46 -10.61 -10.38
N ALA D 343 36.70 -11.69 -9.66
CA ALA D 343 37.66 -11.62 -8.56
C ALA D 343 39.13 -11.52 -8.97
N LEU D 344 39.53 -12.26 -9.99
CA LEU D 344 40.93 -12.25 -10.41
C LEU D 344 41.28 -11.10 -11.34
N ASN D 345 40.26 -10.49 -11.93
CA ASN D 345 40.46 -9.36 -12.81
C ASN D 345 41.24 -9.69 -14.08
N VAL D 346 40.89 -10.80 -14.71
CA VAL D 346 41.51 -11.24 -15.96
C VAL D 346 40.39 -11.94 -16.72
N SER D 347 40.54 -12.09 -18.03
CA SER D 347 39.52 -12.77 -18.83
C SER D 347 39.40 -14.21 -18.35
N THR D 348 38.21 -14.79 -18.49
CA THR D 348 37.96 -16.19 -18.08
C THR D 348 38.87 -17.13 -18.85
N ARG D 349 39.16 -16.78 -20.11
CA ARG D 349 40.06 -17.56 -20.93
C ARG D 349 41.39 -17.71 -20.18
N THR D 350 41.87 -16.60 -19.64
CA THR D 350 43.12 -16.59 -18.88
C THR D 350 42.96 -17.33 -17.55
N SER D 351 41.82 -17.16 -16.87
CA SER D 351 41.61 -17.84 -15.61
C SER D 351 41.58 -19.35 -15.78
N GLU D 352 41.10 -19.80 -16.93
CA GLU D 352 41.06 -21.24 -17.20
C GLU D 352 42.46 -21.72 -17.59
N ARG D 353 43.19 -20.85 -18.29
CA ARG D 353 44.55 -21.15 -18.70
C ARG D 353 45.33 -21.39 -17.39
N LEU D 354 45.06 -20.54 -16.40
CA LEU D 354 45.71 -20.64 -15.09
C LEU D 354 45.29 -21.88 -14.33
N ARG D 355 44.05 -22.31 -14.55
CA ARG D 355 43.54 -23.50 -13.87
C ARG D 355 44.32 -24.72 -14.37
N ASP D 356 44.64 -24.73 -15.66
CA ASP D 356 45.41 -25.82 -16.25
C ASP D 356 46.79 -25.83 -15.63
N LEU D 357 47.41 -24.65 -15.59
CA LEU D 357 48.74 -24.51 -15.00
C LEU D 357 48.81 -25.07 -13.59
N HIS D 358 47.76 -24.86 -12.81
CA HIS D 358 47.73 -25.36 -11.45
C HIS D 358 47.62 -26.88 -11.40
N GLN D 359 46.88 -27.46 -12.33
CA GLN D 359 46.72 -28.90 -12.38
C GLN D 359 48.05 -29.55 -12.75
N SER D 360 48.74 -28.97 -13.74
CA SER D 360 50.01 -29.53 -14.18
C SER D 360 51.10 -29.42 -13.12
N TRP D 361 50.95 -28.51 -12.16
CA TRP D 361 51.94 -28.38 -11.10
C TRP D 361 51.66 -29.43 -10.04
N LYS D 362 50.38 -29.75 -9.86
CA LYS D 362 49.95 -30.73 -8.87
C LYS D 362 50.49 -32.13 -9.18
N THR D 363 51.04 -32.31 -10.37
CA THR D 363 51.59 -33.61 -10.77
C THR D 363 53.10 -33.52 -11.01
N PHE E 55 38.09 4.20 49.12
CA PHE E 55 37.15 4.65 50.20
C PHE E 55 37.46 4.09 51.58
N LEU E 56 36.92 2.90 51.88
CA LEU E 56 37.11 2.25 53.17
C LEU E 56 38.45 1.51 53.31
N SER E 57 39.40 2.15 53.98
CA SER E 57 40.74 1.60 54.19
C SER E 57 40.78 0.20 54.79
N LEU E 58 41.72 -0.61 54.32
CA LEU E 58 41.86 -1.98 54.81
C LEU E 58 42.27 -2.04 56.28
N ASP E 59 42.79 -0.92 56.79
CA ASP E 59 43.21 -0.88 58.19
C ASP E 59 42.37 0.08 59.02
N SER E 60 41.24 0.50 58.48
CA SER E 60 40.34 1.40 59.19
C SER E 60 39.63 0.63 60.31
N PRO E 61 39.40 1.28 61.46
CA PRO E 61 38.73 0.64 62.61
C PRO E 61 37.37 0.11 62.21
N THR E 62 36.72 0.80 61.28
CA THR E 62 35.40 0.40 60.83
C THR E 62 35.37 -0.44 59.55
N TYR E 63 36.50 -0.96 59.12
CA TYR E 63 36.53 -1.78 57.91
C TYR E 63 35.56 -2.94 58.09
N VAL E 64 34.91 -3.33 57.00
CA VAL E 64 33.96 -4.43 57.04
C VAL E 64 34.25 -5.39 55.90
N LEU E 65 34.28 -6.69 56.20
CA LEU E 65 34.54 -7.67 55.15
C LEU E 65 33.48 -7.52 54.06
N TYR E 66 33.85 -7.87 52.84
CA TYR E 66 32.94 -7.76 51.71
C TYR E 66 31.74 -8.67 51.89
N ARG E 67 31.91 -9.79 52.59
CA ARG E 67 30.80 -10.69 52.79
C ARG E 67 29.76 -10.12 53.74
N ASP E 68 30.09 -9.00 54.38
CA ASP E 68 29.17 -8.35 55.31
C ASP E 68 28.72 -6.99 54.79
N ARG E 69 29.06 -6.66 53.55
CA ARG E 69 28.66 -5.39 52.98
C ARG E 69 27.37 -5.59 52.20
N ALA E 70 26.40 -4.69 52.41
CA ALA E 70 25.12 -4.76 51.73
C ALA E 70 25.28 -4.64 50.23
N GLU E 71 26.10 -3.67 49.79
CA GLU E 71 26.33 -3.44 48.37
C GLU E 71 26.85 -4.68 47.63
N TRP E 72 27.26 -5.71 48.37
CA TRP E 72 27.78 -6.92 47.74
C TRP E 72 26.96 -8.17 48.01
N ALA E 73 25.79 -8.01 48.61
CA ALA E 73 24.95 -9.15 48.94
C ALA E 73 24.52 -9.98 47.73
N ASP E 74 24.39 -9.35 46.56
CA ASP E 74 23.97 -10.04 45.35
C ASP E 74 25.02 -10.98 44.76
N ILE E 75 26.29 -10.70 45.06
CA ILE E 75 27.41 -11.50 44.55
C ILE E 75 27.76 -12.73 45.36
N ASP E 76 27.97 -13.85 44.68
CA ASP E 76 28.36 -15.09 45.35
C ASP E 76 29.88 -15.19 45.22
N PRO E 77 30.61 -14.99 46.33
CA PRO E 77 32.07 -15.08 46.27
C PRO E 77 32.58 -16.40 45.67
N VAL E 78 33.73 -16.33 45.01
CA VAL E 78 34.33 -17.50 44.39
C VAL E 78 35.63 -17.86 45.08
N PRO E 79 35.67 -19.02 45.72
CA PRO E 79 36.88 -19.46 46.42
C PRO E 79 37.93 -20.09 45.51
N GLN E 80 39.17 -20.06 45.96
CA GLN E 80 40.28 -20.65 45.24
C GLN E 80 40.37 -22.08 45.72
N ASN E 81 40.70 -23.01 44.82
CA ASN E 81 40.80 -24.41 45.22
C ASN E 81 41.97 -25.14 44.55
N ASP E 82 42.99 -25.46 45.34
CA ASP E 82 44.18 -26.13 44.84
C ASP E 82 44.02 -27.66 44.81
N GLY E 83 42.79 -28.14 44.92
CA GLY E 83 42.56 -29.58 44.87
C GLY E 83 42.99 -30.36 46.11
N PRO E 84 42.85 -31.69 46.07
CA PRO E 84 43.21 -32.61 47.16
C PRO E 84 44.56 -32.42 47.84
N SER E 85 45.63 -32.30 47.05
CA SER E 85 46.96 -32.12 47.61
C SER E 85 47.60 -30.84 47.08
N PRO E 86 47.39 -29.70 47.76
CA PRO E 86 47.97 -28.45 47.28
C PRO E 86 49.49 -28.38 47.43
N VAL E 87 50.13 -27.66 46.52
CA VAL E 87 51.58 -27.50 46.54
C VAL E 87 51.90 -26.03 46.69
N VAL E 88 52.95 -25.72 47.45
CA VAL E 88 53.36 -24.35 47.71
C VAL E 88 52.13 -23.51 48.04
N GLN E 89 51.37 -23.98 49.02
CA GLN E 89 50.16 -23.28 49.44
C GLN E 89 50.44 -22.17 50.45
N ILE E 90 49.88 -20.99 50.18
CA ILE E 90 50.05 -19.84 51.05
C ILE E 90 48.80 -19.66 51.91
N ILE E 91 48.98 -19.47 53.21
CA ILE E 91 47.84 -19.28 54.10
C ILE E 91 47.43 -17.82 54.09
N TYR E 92 46.12 -17.59 53.94
CA TYR E 92 45.60 -16.24 53.88
C TYR E 92 44.74 -15.87 55.07
N SER E 93 44.82 -14.61 55.48
CA SER E 93 44.03 -14.11 56.59
C SER E 93 42.61 -13.97 56.11
N GLU E 94 41.67 -13.83 57.03
CA GLU E 94 40.28 -13.67 56.70
C GLU E 94 40.09 -12.50 55.73
N LYS E 95 40.72 -11.38 56.08
CA LYS E 95 40.62 -10.17 55.30
C LYS E 95 41.11 -10.35 53.87
N PHE E 96 42.28 -10.95 53.73
CA PHE E 96 42.88 -11.20 52.44
C PHE E 96 42.04 -12.12 51.56
N ARG E 97 41.63 -13.26 52.12
CA ARG E 97 40.81 -14.21 51.37
C ARG E 97 39.46 -13.62 51.00
N ASP E 98 38.93 -12.75 51.85
CA ASP E 98 37.64 -12.14 51.60
C ASP E 98 37.71 -11.21 50.38
N VAL E 99 38.74 -10.37 50.33
CA VAL E 99 38.88 -9.46 49.19
C VAL E 99 39.01 -10.24 47.88
N TYR E 100 39.87 -11.25 47.88
CA TYR E 100 40.08 -12.04 46.66
C TYR E 100 38.95 -12.97 46.29
N ASP E 101 38.14 -13.38 47.27
CA ASP E 101 37.02 -14.26 46.96
C ASP E 101 35.99 -13.44 46.16
N TYR E 102 35.94 -12.14 46.44
CA TYR E 102 35.01 -11.28 45.72
C TYR E 102 35.64 -10.81 44.43
N PHE E 103 36.96 -10.70 44.41
CA PHE E 103 37.64 -10.29 43.19
C PHE E 103 37.41 -11.38 42.14
N ARG E 104 37.53 -12.64 42.56
CA ARG E 104 37.31 -13.75 41.65
C ARG E 104 35.91 -13.72 41.07
N ALA E 105 34.94 -13.38 41.92
CA ALA E 105 33.55 -13.31 41.51
C ALA E 105 33.38 -12.25 40.44
N VAL E 106 33.90 -11.05 40.71
CA VAL E 106 33.80 -9.96 39.76
C VAL E 106 34.49 -10.27 38.44
N LEU E 107 35.67 -10.89 38.50
CA LEU E 107 36.42 -11.25 37.30
C LEU E 107 35.66 -12.26 36.47
N GLN E 108 35.25 -13.34 37.13
CA GLN E 108 34.53 -14.41 36.46
C GLN E 108 33.34 -13.92 35.66
N ARG E 109 32.72 -12.82 36.10
CA ARG E 109 31.56 -12.27 35.42
C ARG E 109 31.91 -11.04 34.61
N ASP E 110 33.19 -10.70 34.58
CA ASP E 110 33.63 -9.55 33.81
C ASP E 110 32.73 -8.35 34.09
N GLU E 111 32.42 -8.13 35.36
CA GLU E 111 31.58 -7.01 35.76
C GLU E 111 32.31 -5.68 35.67
N ARG E 112 31.93 -4.84 34.72
CA ARG E 112 32.57 -3.54 34.55
C ARG E 112 31.88 -2.48 35.42
N SER E 113 31.90 -2.67 36.73
CA SER E 113 31.24 -1.73 37.63
C SER E 113 32.18 -0.85 38.44
N GLU E 114 31.59 0.17 39.04
CA GLU E 114 32.35 1.10 39.88
C GLU E 114 32.78 0.39 41.17
N ARG E 115 31.94 -0.52 41.66
CA ARG E 115 32.27 -1.23 42.88
C ARG E 115 33.44 -2.17 42.63
N ALA E 116 33.52 -2.72 41.41
CA ALA E 116 34.61 -3.63 41.05
C ALA E 116 35.90 -2.81 40.98
N PHE E 117 35.79 -1.59 40.45
CA PHE E 117 36.95 -0.73 40.34
C PHE E 117 37.55 -0.47 41.73
N LYS E 118 36.70 -0.17 42.70
CA LYS E 118 37.16 0.10 44.05
C LYS E 118 37.72 -1.17 44.68
N LEU E 119 37.16 -2.32 44.30
CA LEU E 119 37.65 -3.58 44.82
C LEU E 119 39.10 -3.83 44.37
N THR E 120 39.45 -3.42 43.15
CA THR E 120 40.81 -3.64 42.67
C THR E 120 41.83 -2.86 43.48
N ARG E 121 41.40 -1.73 44.03
CA ARG E 121 42.31 -0.91 44.83
C ARG E 121 42.75 -1.72 46.05
N ASP E 122 41.81 -2.46 46.63
CA ASP E 122 42.10 -3.28 47.80
C ASP E 122 42.96 -4.48 47.41
N ALA E 123 42.60 -5.13 46.29
CA ALA E 123 43.33 -6.29 45.81
C ALA E 123 44.78 -5.91 45.54
N ILE E 124 44.99 -4.72 45.03
CA ILE E 124 46.33 -4.25 44.75
C ILE E 124 47.09 -3.96 46.03
N GLU E 125 46.40 -3.42 47.04
CA GLU E 125 47.07 -3.13 48.29
C GLU E 125 47.52 -4.44 48.94
N LEU E 126 46.71 -5.48 48.78
CA LEU E 126 47.05 -6.79 49.34
C LEU E 126 48.16 -7.48 48.55
N ASN E 127 48.20 -7.26 47.24
CA ASN E 127 49.20 -7.88 46.38
C ASN E 127 49.39 -7.16 45.06
N ALA E 128 50.33 -6.23 45.01
CA ALA E 128 50.61 -5.46 43.82
C ALA E 128 51.29 -6.26 42.70
N ALA E 129 51.64 -7.51 42.98
CA ALA E 129 52.30 -8.33 41.98
C ALA E 129 51.34 -9.16 41.17
N ASN E 130 50.03 -9.02 41.42
CA ASN E 130 49.04 -9.78 40.68
C ASN E 130 48.71 -9.06 39.36
N TYR E 131 49.35 -9.49 38.28
CA TYR E 131 49.15 -8.86 36.97
C TYR E 131 47.71 -8.88 36.46
N THR E 132 46.96 -9.93 36.80
CA THR E 132 45.57 -10.01 36.35
C THR E 132 44.76 -8.86 36.94
N VAL E 133 45.03 -8.53 38.20
CA VAL E 133 44.32 -7.43 38.86
C VAL E 133 44.61 -6.12 38.12
N TRP E 134 45.86 -5.88 37.77
CA TRP E 134 46.19 -4.66 37.05
C TRP E 134 45.54 -4.62 35.68
N HIS E 135 45.46 -5.77 35.02
CA HIS E 135 44.87 -5.81 33.71
C HIS E 135 43.39 -5.43 33.83
N PHE E 136 42.71 -6.09 34.77
CA PHE E 136 41.30 -5.83 34.98
C PHE E 136 41.06 -4.36 35.33
N ARG E 137 41.95 -3.81 36.15
CA ARG E 137 41.81 -2.42 36.53
C ARG E 137 41.90 -1.52 35.28
N ARG E 138 42.76 -1.90 34.35
CA ARG E 138 42.91 -1.12 33.11
C ARG E 138 41.64 -1.25 32.25
N VAL E 139 41.06 -2.44 32.23
CA VAL E 139 39.83 -2.67 31.49
C VAL E 139 38.77 -1.72 32.08
N LEU E 140 38.68 -1.68 33.40
CA LEU E 140 37.72 -0.83 34.09
C LEU E 140 38.01 0.64 33.86
N LEU E 141 39.28 1.02 33.86
CA LEU E 141 39.62 2.43 33.63
C LEU E 141 39.02 2.89 32.30
N ARG E 142 39.01 1.99 31.31
CA ARG E 142 38.48 2.31 30.00
C ARG E 142 36.95 2.28 30.03
N SER E 143 36.38 1.16 30.47
CA SER E 143 34.94 1.01 30.54
C SER E 143 34.23 2.15 31.26
N LEU E 144 34.75 2.54 32.43
CA LEU E 144 34.13 3.61 33.20
C LEU E 144 34.69 4.97 32.84
N GLN E 145 35.56 5.02 31.84
CA GLN E 145 36.16 6.28 31.42
C GLN E 145 36.57 7.12 32.61
N LYS E 146 37.44 6.55 33.46
CA LYS E 146 37.93 7.22 34.65
C LYS E 146 38.96 8.29 34.30
N ASP E 147 39.14 9.25 35.20
CA ASP E 147 40.11 10.32 34.98
C ASP E 147 41.51 9.73 35.06
N LEU E 148 42.21 9.71 33.93
CA LEU E 148 43.56 9.14 33.89
C LEU E 148 44.59 9.97 34.62
N GLN E 149 44.32 11.26 34.78
CA GLN E 149 45.28 12.11 35.47
C GLN E 149 45.30 11.72 36.94
N GLU E 150 44.16 11.22 37.43
CA GLU E 150 44.04 10.79 38.81
C GLU E 150 44.76 9.46 38.98
N GLU E 151 44.63 8.58 37.99
CA GLU E 151 45.28 7.29 38.04
C GLU E 151 46.79 7.49 38.03
N MET E 152 47.26 8.55 37.39
CA MET E 152 48.69 8.84 37.38
C MET E 152 49.18 9.13 38.79
N ASN E 153 48.38 9.84 39.58
CA ASN E 153 48.77 10.15 40.95
C ASN E 153 48.83 8.86 41.75
N TYR E 154 47.86 7.98 41.50
CA TYR E 154 47.78 6.70 42.17
C TYR E 154 49.03 5.84 41.91
N ILE E 155 49.31 5.58 40.64
CA ILE E 155 50.45 4.76 40.27
C ILE E 155 51.76 5.40 40.71
N ILE E 156 51.80 6.73 40.76
CA ILE E 156 53.02 7.40 41.18
C ILE E 156 53.34 7.05 42.63
N ALA E 157 52.30 6.98 43.46
CA ALA E 157 52.49 6.64 44.87
C ALA E 157 52.86 5.16 45.01
N ILE E 158 52.14 4.30 44.29
CA ILE E 158 52.41 2.86 44.34
C ILE E 158 53.85 2.52 43.98
N ILE E 159 54.35 3.09 42.89
CA ILE E 159 55.72 2.83 42.46
C ILE E 159 56.75 3.30 43.50
N GLU E 160 56.50 4.44 44.12
CA GLU E 160 57.43 4.95 45.12
C GLU E 160 57.59 3.95 46.27
N GLU E 161 56.49 3.26 46.62
CA GLU E 161 56.50 2.27 47.68
C GLU E 161 57.05 0.92 47.22
N GLN E 162 56.92 0.60 45.93
CA GLN E 162 57.39 -0.69 45.39
C GLN E 162 58.07 -0.47 44.04
N PRO E 163 59.21 0.23 44.04
CA PRO E 163 59.96 0.52 42.82
C PRO E 163 60.56 -0.65 42.06
N LYS E 164 60.53 -1.85 42.64
CA LYS E 164 61.11 -3.01 41.98
C LYS E 164 60.07 -3.96 41.37
N ASN E 165 58.80 -3.56 41.43
CA ASN E 165 57.70 -4.36 40.90
C ASN E 165 57.50 -4.15 39.39
N TYR E 166 57.45 -5.25 38.64
CA TYR E 166 57.27 -5.17 37.18
C TYR E 166 55.90 -4.66 36.74
N GLN E 167 54.86 -5.13 37.40
CA GLN E 167 53.50 -4.72 37.06
C GLN E 167 53.22 -3.24 37.19
N VAL E 168 53.78 -2.60 38.22
CA VAL E 168 53.50 -1.19 38.42
C VAL E 168 54.16 -0.31 37.37
N TRP E 169 55.36 -0.68 36.92
CA TRP E 169 56.00 0.11 35.89
C TRP E 169 55.31 -0.09 34.55
N HIS E 170 54.81 -1.30 34.32
CA HIS E 170 54.12 -1.59 33.08
C HIS E 170 52.82 -0.78 33.03
N HIS E 171 52.14 -0.72 34.17
CA HIS E 171 50.90 0.03 34.27
C HIS E 171 51.13 1.50 33.96
N ARG E 172 52.17 2.08 34.53
CA ARG E 172 52.45 3.48 34.28
C ARG E 172 52.75 3.73 32.81
N ARG E 173 53.47 2.81 32.18
CA ARG E 173 53.80 2.99 30.77
C ARG E 173 52.53 2.98 29.92
N VAL E 174 51.60 2.08 30.21
CA VAL E 174 50.36 2.03 29.46
C VAL E 174 49.63 3.36 29.62
N LEU E 175 49.61 3.91 30.83
CA LEU E 175 48.93 5.19 31.08
C LEU E 175 49.55 6.31 30.26
N VAL E 176 50.88 6.41 30.28
CA VAL E 176 51.54 7.46 29.52
C VAL E 176 51.24 7.30 28.03
N GLU E 177 51.13 6.07 27.56
CA GLU E 177 50.81 5.83 26.16
C GLU E 177 49.39 6.33 25.89
N TRP E 178 48.48 6.03 26.79
CA TRP E 178 47.09 6.48 26.65
C TRP E 178 46.97 7.99 26.62
N LEU E 179 47.63 8.66 27.55
CA LEU E 179 47.57 10.11 27.65
C LEU E 179 48.44 10.83 26.64
N LYS E 180 49.42 10.11 26.08
CA LYS E 180 50.35 10.72 25.13
C LYS E 180 50.94 11.95 25.79
N ASP E 181 51.07 11.89 27.11
CA ASP E 181 51.59 13.00 27.91
C ASP E 181 52.81 12.58 28.75
N PRO E 182 54.02 12.97 28.32
CA PRO E 182 55.23 12.60 29.07
C PRO E 182 55.74 13.72 29.99
N SER E 183 54.98 14.80 30.12
CA SER E 183 55.39 15.95 30.93
C SER E 183 55.82 15.69 32.38
N GLN E 184 55.30 14.63 33.01
CA GLN E 184 55.66 14.32 34.39
C GLN E 184 56.80 13.31 34.51
N GLU E 185 56.99 12.50 33.48
CA GLU E 185 57.98 11.43 33.47
C GLU E 185 59.41 11.66 33.89
N LEU E 186 60.13 12.55 33.22
CA LEU E 186 61.52 12.76 33.59
C LEU E 186 61.73 13.15 35.06
N GLU E 187 60.83 13.97 35.61
CA GLU E 187 60.96 14.38 36.99
C GLU E 187 60.64 13.23 37.94
N PHE E 188 59.60 12.47 37.60
CA PHE E 188 59.21 11.34 38.44
C PHE E 188 60.34 10.31 38.51
N ILE E 189 60.91 9.99 37.37
CA ILE E 189 61.99 9.02 37.32
C ILE E 189 63.20 9.52 38.09
N ALA E 190 63.52 10.82 37.95
CA ALA E 190 64.65 11.39 38.65
C ALA E 190 64.47 11.24 40.17
N ASP E 191 63.22 11.28 40.64
CA ASP E 191 62.95 11.12 42.06
C ASP E 191 63.22 9.69 42.51
N ILE E 192 62.80 8.72 41.69
CA ILE E 192 63.01 7.32 41.99
C ILE E 192 64.51 7.04 41.94
N LEU E 193 65.18 7.56 40.92
CA LEU E 193 66.61 7.35 40.78
C LEU E 193 67.36 8.03 41.92
N ASN E 194 66.66 8.87 42.65
CA ASN E 194 67.30 9.56 43.75
C ASN E 194 67.36 8.67 44.97
N GLN E 195 66.43 7.70 45.05
CA GLN E 195 66.41 6.76 46.16
C GLN E 195 67.27 5.54 45.81
N ASP E 196 67.38 5.26 44.51
CA ASP E 196 68.15 4.11 44.01
C ASP E 196 68.61 4.43 42.58
N ALA E 197 69.79 5.00 42.47
CA ALA E 197 70.35 5.41 41.19
C ALA E 197 70.63 4.29 40.21
N LYS E 198 70.38 3.04 40.60
CA LYS E 198 70.65 1.93 39.69
C LYS E 198 69.43 1.07 39.40
N ASN E 199 68.26 1.53 39.81
CA ASN E 199 67.01 0.82 39.58
C ASN E 199 66.84 0.56 38.08
N TYR E 200 66.94 -0.71 37.69
CA TYR E 200 66.82 -1.06 36.28
C TYR E 200 65.48 -0.63 35.67
N HIS E 201 64.38 -0.82 36.40
CA HIS E 201 63.05 -0.44 35.91
C HIS E 201 62.98 1.05 35.57
N ALA E 202 63.53 1.87 36.45
CA ALA E 202 63.52 3.31 36.27
C ALA E 202 64.29 3.73 35.01
N TRP E 203 65.49 3.19 34.82
CA TRP E 203 66.28 3.54 33.64
C TRP E 203 65.59 3.07 32.37
N GLN E 204 64.98 1.90 32.43
CA GLN E 204 64.30 1.36 31.28
C GLN E 204 63.13 2.28 30.90
N HIS E 205 62.35 2.68 31.90
CA HIS E 205 61.21 3.55 31.66
C HIS E 205 61.70 4.90 31.11
N ARG E 206 62.81 5.38 31.65
CA ARG E 206 63.35 6.65 31.22
C ARG E 206 63.76 6.59 29.75
N GLN E 207 64.44 5.52 29.33
CA GLN E 207 64.84 5.41 27.93
C GLN E 207 63.61 5.29 27.03
N TRP E 208 62.56 4.61 27.50
CA TRP E 208 61.35 4.48 26.70
C TRP E 208 60.70 5.83 26.49
N VAL E 209 60.51 6.59 27.57
CA VAL E 209 59.92 7.90 27.47
C VAL E 209 60.71 8.81 26.54
N ILE E 210 62.02 8.90 26.75
CA ILE E 210 62.85 9.75 25.93
C ILE E 210 62.78 9.41 24.45
N GLN E 211 62.78 8.13 24.12
CA GLN E 211 62.73 7.73 22.73
C GLN E 211 61.35 7.92 22.13
N GLU E 212 60.32 7.53 22.88
CA GLU E 212 58.95 7.62 22.41
C GLU E 212 58.45 9.05 22.16
N PHE E 213 58.87 9.99 22.99
CA PHE E 213 58.43 11.37 22.83
C PHE E 213 59.56 12.32 22.45
N ARG E 214 60.67 11.74 22.02
CA ARG E 214 61.86 12.50 21.62
C ARG E 214 62.22 13.63 22.59
N LEU E 215 62.60 13.24 23.81
CA LEU E 215 62.99 14.19 24.84
C LEU E 215 64.49 14.11 25.11
N TRP E 216 65.29 14.25 24.06
CA TRP E 216 66.74 14.16 24.19
C TRP E 216 67.46 15.42 24.69
N ASP E 217 66.84 16.56 24.46
CA ASP E 217 67.40 17.87 24.82
C ASP E 217 68.22 18.04 26.10
N ASN E 218 67.74 17.52 27.23
CA ASN E 218 68.46 17.69 28.49
C ASN E 218 69.07 16.45 29.12
N GLU E 219 68.95 15.29 28.49
CA GLU E 219 69.48 14.07 29.10
C GLU E 219 71.00 14.03 29.27
N LEU E 220 71.75 14.52 28.29
CA LEU E 220 73.20 14.51 28.43
C LEU E 220 73.67 15.34 29.62
N GLN E 221 72.90 16.36 29.95
CA GLN E 221 73.24 17.20 31.08
C GLN E 221 72.90 16.46 32.38
N TYR E 222 71.80 15.70 32.36
CA TYR E 222 71.37 14.92 33.52
C TYR E 222 72.42 13.86 33.79
N VAL E 223 72.92 13.26 32.73
CA VAL E 223 73.94 12.23 32.82
C VAL E 223 75.20 12.82 33.45
N ASP E 224 75.60 14.01 33.00
CA ASP E 224 76.79 14.66 33.54
C ASP E 224 76.64 14.95 35.02
N GLN E 225 75.43 15.30 35.42
CA GLN E 225 75.14 15.60 36.82
C GLN E 225 75.30 14.36 37.69
N LEU E 226 74.75 13.23 37.23
CA LEU E 226 74.84 12.00 37.99
C LEU E 226 76.23 11.39 38.01
N LEU E 227 77.01 11.61 36.96
CA LEU E 227 78.36 11.07 36.96
C LEU E 227 79.23 11.82 37.97
N LYS E 228 78.82 13.04 38.31
CA LYS E 228 79.55 13.82 39.30
C LYS E 228 79.20 13.28 40.68
N GLU E 229 77.95 12.87 40.87
CA GLU E 229 77.50 12.32 42.13
C GLU E 229 78.13 10.95 42.43
N ASP E 230 78.32 10.15 41.39
CA ASP E 230 78.90 8.82 41.52
C ASP E 230 79.43 8.35 40.16
N VAL E 231 80.71 8.60 39.91
CA VAL E 231 81.32 8.23 38.65
C VAL E 231 81.36 6.71 38.41
N ARG E 232 81.04 5.93 39.44
CA ARG E 232 81.05 4.48 39.31
C ARG E 232 79.70 3.87 38.94
N ASN E 233 78.66 4.70 38.79
CA ASN E 233 77.34 4.18 38.44
C ASN E 233 77.32 3.72 36.98
N ASN E 234 77.33 2.40 36.79
CA ASN E 234 77.34 1.81 35.46
C ASN E 234 76.10 2.17 34.64
N SER E 235 74.97 2.37 35.33
CA SER E 235 73.73 2.72 34.66
C SER E 235 73.83 4.07 33.98
N VAL E 236 74.53 5.02 34.60
CA VAL E 236 74.68 6.36 34.06
C VAL E 236 75.60 6.36 32.84
N TRP E 237 76.65 5.56 32.87
CA TRP E 237 77.53 5.50 31.71
C TRP E 237 76.76 4.88 30.54
N ASN E 238 75.85 3.97 30.85
CA ASN E 238 75.06 3.36 29.79
C ASN E 238 74.14 4.42 29.20
N GLN E 239 73.54 5.23 30.07
CA GLN E 239 72.64 6.28 29.61
C GLN E 239 73.38 7.26 28.69
N ARG E 240 74.60 7.61 29.08
CA ARG E 240 75.40 8.52 28.27
C ARG E 240 75.55 8.00 26.85
N HIS E 241 75.90 6.73 26.71
CA HIS E 241 76.05 6.14 25.37
C HIS E 241 74.71 6.09 24.64
N PHE E 242 73.64 5.93 25.41
CA PHE E 242 72.30 5.88 24.86
C PHE E 242 71.93 7.23 24.24
N VAL E 243 72.21 8.32 24.96
CA VAL E 243 71.90 9.65 24.48
C VAL E 243 72.70 10.00 23.25
N ILE E 244 74.02 9.92 23.36
CA ILE E 244 74.86 10.26 22.24
C ILE E 244 74.63 9.44 20.98
N SER E 245 74.59 8.13 21.08
CA SER E 245 74.40 7.33 19.88
C SER E 245 73.02 7.51 19.24
N ASN E 246 72.09 8.11 19.97
CA ASN E 246 70.76 8.34 19.44
C ASN E 246 70.53 9.79 19.02
N THR E 247 71.56 10.62 19.15
CA THR E 247 71.44 12.01 18.74
C THR E 247 72.54 12.25 17.71
N THR E 248 73.66 12.81 18.14
CA THR E 248 74.76 13.10 17.22
C THR E 248 75.45 11.86 16.67
N GLY E 249 75.55 10.81 17.47
CA GLY E 249 76.23 9.62 17.02
C GLY E 249 77.70 9.81 17.36
N TYR E 250 78.57 8.86 17.01
CA TYR E 250 79.98 9.00 17.33
C TYR E 250 80.87 9.16 16.10
N SER E 251 80.28 9.09 14.92
CA SER E 251 81.05 9.23 13.68
C SER E 251 81.61 10.64 13.49
N ASP E 252 81.10 11.60 14.24
CA ASP E 252 81.60 12.96 14.16
C ASP E 252 82.87 13.05 15.01
N ARG E 253 84.02 13.11 14.35
CA ARG E 253 85.31 13.17 15.03
C ARG E 253 85.36 14.16 16.19
N ALA E 254 84.62 15.25 16.09
CA ALA E 254 84.61 16.25 17.15
C ALA E 254 83.91 15.69 18.39
N VAL E 255 82.88 14.87 18.17
CA VAL E 255 82.15 14.27 19.27
C VAL E 255 82.99 13.15 19.90
N LEU E 256 83.55 12.30 19.05
CA LEU E 256 84.37 11.20 19.51
C LEU E 256 85.49 11.74 20.41
N GLU E 257 86.15 12.79 19.94
CA GLU E 257 87.25 13.38 20.69
C GLU E 257 86.75 13.93 22.03
N ARG E 258 85.62 14.61 22.01
CA ARG E 258 85.08 15.16 23.25
C ARG E 258 84.82 14.04 24.25
N GLU E 259 84.23 12.95 23.78
CA GLU E 259 83.89 11.81 24.63
C GLU E 259 85.12 11.05 25.15
N VAL E 260 86.07 10.78 24.26
CA VAL E 260 87.27 10.09 24.70
C VAL E 260 87.99 10.95 25.73
N GLN E 261 88.04 12.25 25.48
CA GLN E 261 88.71 13.18 26.40
C GLN E 261 88.00 13.24 27.74
N TYR E 262 86.66 13.23 27.69
CA TYR E 262 85.84 13.30 28.89
C TYR E 262 86.04 12.07 29.76
N THR E 263 86.12 10.90 29.12
CA THR E 263 86.29 9.65 29.82
C THR E 263 87.67 9.57 30.47
N LEU E 264 88.71 9.97 29.73
CA LEU E 264 90.05 9.95 30.28
C LEU E 264 90.11 10.83 31.53
N GLU E 265 89.37 11.93 31.52
CA GLU E 265 89.38 12.82 32.69
C GLU E 265 88.73 12.12 33.87
N MET E 266 87.69 11.34 33.59
CA MET E 266 86.99 10.63 34.64
C MET E 266 87.85 9.49 35.15
N ILE E 267 88.59 8.86 34.24
CA ILE E 267 89.46 7.77 34.61
C ILE E 267 90.57 8.31 35.50
N LYS E 268 91.10 9.48 35.16
CA LYS E 268 92.17 10.09 35.98
C LYS E 268 91.68 10.37 37.40
N LEU E 269 90.40 10.70 37.57
CA LEU E 269 89.86 10.97 38.89
C LEU E 269 89.69 9.71 39.73
N VAL E 270 89.29 8.62 39.09
CA VAL E 270 89.08 7.34 39.75
C VAL E 270 89.50 6.27 38.75
N PRO E 271 90.81 5.99 38.68
CA PRO E 271 91.39 5.00 37.77
C PRO E 271 90.83 3.59 37.83
N HIS E 272 90.35 3.18 39.01
CA HIS E 272 89.81 1.83 39.16
C HIS E 272 88.30 1.88 39.01
N ASN E 273 87.84 2.02 37.77
CA ASN E 273 86.41 2.09 37.47
C ASN E 273 86.14 1.40 36.15
N GLU E 274 85.62 0.17 36.22
CA GLU E 274 85.33 -0.62 35.03
C GLU E 274 84.39 0.08 34.06
N SER E 275 83.39 0.77 34.61
CA SER E 275 82.42 1.47 33.78
C SER E 275 83.05 2.48 32.82
N ALA E 276 83.94 3.32 33.33
CA ALA E 276 84.60 4.31 32.49
C ALA E 276 85.44 3.62 31.43
N TRP E 277 86.18 2.59 31.81
CA TRP E 277 87.01 1.89 30.85
C TRP E 277 86.17 1.17 29.79
N ASN E 278 85.03 0.65 30.19
CA ASN E 278 84.18 -0.06 29.25
C ASN E 278 83.58 0.88 28.22
N TYR E 279 83.29 2.10 28.66
CA TYR E 279 82.74 3.13 27.79
C TYR E 279 83.81 3.51 26.78
N LEU E 280 85.00 3.83 27.28
CA LEU E 280 86.11 4.20 26.43
C LEU E 280 86.35 3.14 25.35
N LYS E 281 86.44 1.88 25.76
CA LYS E 281 86.67 0.80 24.79
C LYS E 281 85.45 0.63 23.90
N GLY E 282 84.28 0.81 24.49
CA GLY E 282 83.05 0.66 23.73
C GLY E 282 82.93 1.57 22.53
N ILE E 283 83.27 2.84 22.70
CA ILE E 283 83.17 3.79 21.60
C ILE E 283 84.32 3.76 20.60
N LEU E 284 85.34 2.94 20.87
CA LEU E 284 86.48 2.86 19.96
C LEU E 284 86.73 1.49 19.33
N GLN E 285 86.32 0.42 20.02
CA GLN E 285 86.57 -0.93 19.54
C GLN E 285 86.17 -1.22 18.09
N ASP E 286 85.03 -0.70 17.66
CA ASP E 286 84.59 -0.98 16.30
C ASP E 286 85.28 -0.12 15.24
N ARG E 287 85.82 1.02 15.65
CA ARG E 287 86.54 1.89 14.72
C ARG E 287 87.93 1.28 14.51
N GLY E 288 88.41 0.55 15.51
CA GLY E 288 89.73 -0.06 15.45
C GLY E 288 90.66 0.61 16.44
N LEU E 289 90.91 -0.03 17.57
CA LEU E 289 91.77 0.54 18.60
C LEU E 289 93.18 0.91 18.10
N SER E 290 93.71 0.15 17.16
CA SER E 290 95.05 0.41 16.65
C SER E 290 95.16 1.67 15.77
N ARG E 291 94.04 2.31 15.48
CA ARG E 291 94.04 3.52 14.64
C ARG E 291 94.18 4.83 15.41
N TYR E 292 94.45 4.75 16.71
CA TYR E 292 94.59 5.94 17.54
C TYR E 292 95.92 5.95 18.27
N PRO E 293 97.02 6.18 17.53
CA PRO E 293 98.39 6.22 18.08
C PRO E 293 98.63 7.05 19.34
N ASN E 294 97.99 8.21 19.45
CA ASN E 294 98.22 9.03 20.64
C ASN E 294 97.58 8.40 21.87
N LEU E 295 96.54 7.59 21.64
CA LEU E 295 95.85 6.93 22.75
C LEU E 295 96.79 5.93 23.41
N LEU E 296 97.46 5.12 22.60
CA LEU E 296 98.39 4.14 23.11
C LEU E 296 99.44 4.77 24.01
N ASN E 297 100.08 5.83 23.53
CA ASN E 297 101.12 6.51 24.31
C ASN E 297 100.58 7.23 25.52
N GLN E 298 99.40 7.83 25.41
CA GLN E 298 98.83 8.53 26.56
C GLN E 298 98.48 7.56 27.67
N LEU E 299 98.11 6.34 27.31
CA LEU E 299 97.77 5.32 28.29
C LEU E 299 99.05 4.78 28.93
N LEU E 300 100.06 4.49 28.11
CA LEU E 300 101.34 4.00 28.60
C LEU E 300 101.92 4.97 29.63
N ASP E 301 101.56 6.25 29.51
CA ASP E 301 102.05 7.28 30.41
C ASP E 301 101.28 7.34 31.72
N LEU E 302 100.13 6.67 31.76
CA LEU E 302 99.31 6.63 32.96
C LEU E 302 99.72 5.43 33.81
N GLN E 303 100.27 4.41 33.15
CA GLN E 303 100.70 3.18 33.83
C GLN E 303 101.51 3.45 35.09
N PRO E 304 102.44 4.42 35.05
CA PRO E 304 103.26 4.73 36.22
C PRO E 304 102.47 4.92 37.52
N SER E 305 101.49 5.82 37.49
CA SER E 305 100.68 6.10 38.68
C SER E 305 99.25 5.58 38.64
N HIS E 306 98.46 6.08 37.70
CA HIS E 306 97.06 5.66 37.55
C HIS E 306 96.85 4.27 36.98
N SER E 307 97.69 3.31 37.35
CA SER E 307 97.53 1.95 36.82
C SER E 307 96.33 1.23 37.43
N SER E 308 95.93 0.15 36.76
CA SER E 308 94.81 -0.67 37.19
C SER E 308 94.70 -1.82 36.20
N PRO E 309 94.04 -2.92 36.61
CA PRO E 309 93.90 -4.06 35.71
C PRO E 309 93.17 -3.67 34.41
N TYR E 310 92.25 -2.72 34.52
CA TYR E 310 91.48 -2.25 33.37
C TYR E 310 92.38 -1.63 32.30
N LEU E 311 93.34 -0.81 32.75
CA LEU E 311 94.28 -0.16 31.85
C LEU E 311 95.15 -1.21 31.16
N ILE E 312 95.69 -2.15 31.94
CA ILE E 312 96.54 -3.19 31.36
C ILE E 312 95.77 -3.96 30.30
N ALA E 313 94.52 -4.30 30.62
CA ALA E 313 93.69 -5.04 29.70
C ALA E 313 93.47 -4.23 28.42
N PHE E 314 93.22 -2.93 28.60
CA PHE E 314 93.01 -2.05 27.46
C PHE E 314 94.23 -2.09 26.53
N LEU E 315 95.42 -2.02 27.12
CA LEU E 315 96.66 -2.07 26.36
C LEU E 315 96.76 -3.38 25.59
N VAL E 316 96.40 -4.49 26.24
CA VAL E 316 96.47 -5.78 25.59
C VAL E 316 95.58 -5.75 24.35
N ASP E 317 94.38 -5.19 24.50
CA ASP E 317 93.43 -5.10 23.39
C ASP E 317 93.96 -4.24 22.24
N ILE E 318 94.61 -3.14 22.58
CA ILE E 318 95.20 -2.27 21.56
C ILE E 318 96.23 -3.09 20.79
N TYR E 319 97.10 -3.77 21.53
CA TYR E 319 98.13 -4.60 20.91
C TYR E 319 97.50 -5.66 20.05
N GLU E 320 96.42 -6.26 20.52
CA GLU E 320 95.79 -7.30 19.72
C GLU E 320 95.22 -6.74 18.44
N ASP E 321 94.64 -5.53 18.49
CA ASP E 321 94.09 -4.95 17.27
C ASP E 321 95.22 -4.69 16.27
N MET E 322 96.39 -4.31 16.77
CA MET E 322 97.53 -4.08 15.90
C MET E 322 97.87 -5.38 15.19
N LEU E 323 98.08 -6.44 15.96
CA LEU E 323 98.41 -7.74 15.39
C LEU E 323 97.38 -8.15 14.36
N GLU E 324 96.11 -7.83 14.64
CA GLU E 324 95.02 -8.18 13.75
C GLU E 324 95.19 -7.47 12.42
N ASN E 325 95.74 -6.26 12.46
CA ASN E 325 95.94 -5.44 11.27
C ASN E 325 97.36 -5.48 10.74
N GLN E 326 97.90 -6.69 10.57
CA GLN E 326 99.25 -6.89 10.05
C GLN E 326 100.17 -5.69 10.24
N CYS E 327 100.38 -5.29 11.49
CA CYS E 327 101.23 -4.14 11.79
C CYS E 327 102.71 -4.45 11.64
N ASP E 328 103.55 -3.45 11.92
CA ASP E 328 105.00 -3.60 11.83
C ASP E 328 105.55 -4.12 13.16
N ASN E 329 106.48 -5.07 13.10
CA ASN E 329 107.08 -5.67 14.28
C ASN E 329 106.10 -6.62 14.93
N LYS E 330 105.35 -7.34 14.12
CA LYS E 330 104.35 -8.28 14.60
C LYS E 330 104.85 -9.08 15.82
N GLU E 331 106.00 -9.73 15.68
CA GLU E 331 106.56 -10.53 16.76
C GLU E 331 106.94 -9.71 17.99
N ASP E 332 107.28 -8.45 17.81
CA ASP E 332 107.66 -7.62 18.93
C ASP E 332 106.43 -7.15 19.70
N ILE E 333 105.36 -6.87 18.96
CA ILE E 333 104.11 -6.43 19.56
C ILE E 333 103.51 -7.58 20.36
N LEU E 334 103.53 -8.77 19.76
CA LEU E 334 103.01 -9.97 20.41
C LEU E 334 103.61 -10.15 21.80
N ASN E 335 104.92 -9.94 21.89
CA ASN E 335 105.63 -10.07 23.15
C ASN E 335 105.22 -9.04 24.17
N LYS E 336 104.88 -7.85 23.71
CA LYS E 336 104.45 -6.80 24.63
C LYS E 336 103.11 -7.20 25.23
N ALA E 337 102.27 -7.82 24.41
CA ALA E 337 100.95 -8.28 24.86
C ALA E 337 101.09 -9.41 25.86
N LEU E 338 101.82 -10.46 25.46
CA LEU E 338 102.04 -11.62 26.32
C LEU E 338 102.60 -11.17 27.66
N GLU E 339 103.52 -10.22 27.64
CA GLU E 339 104.12 -9.71 28.86
C GLU E 339 103.03 -9.12 29.77
N LEU E 340 102.08 -8.41 29.15
CA LEU E 340 100.99 -7.79 29.90
C LEU E 340 99.99 -8.82 30.40
N CYS E 341 99.77 -9.87 29.61
CA CYS E 341 98.86 -10.93 30.02
C CYS E 341 99.40 -11.57 31.28
N GLU E 342 100.70 -11.85 31.29
CA GLU E 342 101.34 -12.47 32.45
C GLU E 342 101.32 -11.56 33.68
N ILE E 343 101.43 -10.26 33.46
CA ILE E 343 101.40 -9.30 34.56
C ILE E 343 100.00 -9.31 35.18
N LEU E 344 99.00 -9.46 34.34
CA LEU E 344 97.61 -9.50 34.78
C LEU E 344 97.36 -10.78 35.58
N ALA E 345 97.88 -11.89 35.07
CA ALA E 345 97.72 -13.19 35.70
C ALA E 345 98.45 -13.32 37.02
N LYS E 346 99.71 -12.89 37.03
CA LYS E 346 100.54 -13.00 38.23
C LYS E 346 100.38 -11.96 39.33
N GLU E 347 99.97 -10.74 39.00
CA GLU E 347 99.86 -9.75 40.06
C GLU E 347 98.75 -8.70 39.99
N LYS E 348 98.32 -8.33 38.79
CA LYS E 348 97.29 -7.30 38.68
C LYS E 348 95.82 -7.72 38.71
N ASP E 349 95.52 -8.90 38.18
CA ASP E 349 94.15 -9.41 38.13
C ASP E 349 94.20 -10.92 38.37
N THR E 350 94.84 -11.31 39.46
CA THR E 350 95.01 -12.73 39.79
C THR E 350 93.78 -13.62 39.81
N ILE E 351 92.63 -13.06 40.17
CA ILE E 351 91.41 -13.87 40.21
C ILE E 351 91.07 -14.44 38.84
N ARG E 352 91.59 -13.81 37.79
CA ARG E 352 91.37 -14.27 36.42
C ARG E 352 92.66 -14.85 35.85
N LYS E 353 93.55 -15.28 36.75
CA LYS E 353 94.84 -15.89 36.41
C LYS E 353 94.76 -16.86 35.23
N GLU E 354 93.89 -17.85 35.33
CA GLU E 354 93.78 -18.84 34.26
C GLU E 354 93.21 -18.28 32.96
N TYR E 355 92.39 -17.23 33.06
CA TYR E 355 91.80 -16.63 31.88
C TYR E 355 92.85 -15.84 31.10
N TRP E 356 93.64 -15.04 31.81
CA TRP E 356 94.66 -14.26 31.15
C TRP E 356 95.70 -15.17 30.52
N ARG E 357 96.03 -16.28 31.18
CA ARG E 357 97.00 -17.23 30.62
C ARG E 357 96.41 -17.82 29.35
N TYR E 358 95.10 -18.07 29.37
CA TYR E 358 94.39 -18.61 28.23
C TYR E 358 94.40 -17.59 27.10
N ILE E 359 94.22 -16.31 27.44
CA ILE E 359 94.25 -15.25 26.44
C ILE E 359 95.65 -15.21 25.83
N GLY E 360 96.65 -15.31 26.70
CA GLY E 360 98.02 -15.32 26.22
C GLY E 360 98.26 -16.43 25.22
N ARG E 361 97.91 -17.67 25.58
CA ARG E 361 98.12 -18.80 24.69
C ARG E 361 97.42 -18.54 23.36
N SER E 362 96.22 -17.98 23.42
CA SER E 362 95.45 -17.70 22.21
C SER E 362 96.18 -16.74 21.28
N LEU E 363 96.75 -15.69 21.84
CA LEU E 363 97.48 -14.71 21.04
C LEU E 363 98.66 -15.36 20.34
N GLN E 364 99.40 -16.21 21.05
CA GLN E 364 100.54 -16.85 20.44
C GLN E 364 100.19 -17.81 19.31
N SER E 365 99.27 -18.72 19.57
CA SER E 365 98.89 -19.66 18.54
C SER E 365 98.22 -18.98 17.35
N LYS E 366 97.96 -17.68 17.46
CA LYS E 366 97.31 -16.96 16.37
C LYS E 366 98.24 -16.00 15.64
N HIS E 367 99.36 -15.64 16.26
CA HIS E 367 100.30 -14.72 15.65
C HIS E 367 101.78 -15.15 15.78
N SER E 368 102.16 -16.22 15.10
CA SER E 368 103.54 -16.71 15.15
C SER E 368 103.93 -17.52 13.92
N LEU F 18 83.08 -23.43 54.15
CA LEU F 18 83.07 -24.63 55.04
C LEU F 18 82.54 -25.86 54.30
N ASP F 19 81.43 -26.40 54.79
CA ASP F 19 80.82 -27.56 54.18
C ASP F 19 79.44 -27.25 53.61
N PHE F 20 78.94 -28.18 52.81
CA PHE F 20 77.66 -28.07 52.16
C PHE F 20 76.61 -28.86 52.97
N LEU F 21 75.70 -28.15 53.60
CA LEU F 21 74.66 -28.75 54.42
C LEU F 21 73.54 -29.39 53.60
N ARG F 22 73.89 -30.39 52.80
CA ARG F 22 72.92 -31.05 51.94
C ARG F 22 71.57 -31.42 52.55
N ASP F 23 71.57 -32.13 53.67
CA ASP F 23 70.32 -32.52 54.31
C ASP F 23 69.43 -31.33 54.69
N ARG F 24 70.06 -30.27 55.18
CA ARG F 24 69.32 -29.08 55.56
C ARG F 24 68.63 -28.48 54.33
N HIS F 25 69.35 -28.44 53.20
CA HIS F 25 68.78 -27.90 51.98
C HIS F 25 67.65 -28.78 51.46
N VAL F 26 67.73 -30.09 51.70
CA VAL F 26 66.66 -30.97 51.25
C VAL F 26 65.40 -30.64 52.03
N ARG F 27 65.55 -30.45 53.34
CA ARG F 27 64.40 -30.11 54.16
C ARG F 27 63.86 -28.74 53.78
N PHE F 28 64.76 -27.81 53.50
CA PHE F 28 64.36 -26.46 53.10
C PHE F 28 63.42 -26.53 51.89
N PHE F 29 63.82 -27.28 50.86
CA PHE F 29 63.00 -27.40 49.66
C PHE F 29 61.69 -28.12 49.97
N GLN F 30 61.71 -29.07 50.89
CA GLN F 30 60.48 -29.79 51.23
C GLN F 30 59.48 -28.81 51.81
N ARG F 31 59.95 -27.95 52.71
CA ARG F 31 59.07 -26.98 53.32
C ARG F 31 58.49 -26.04 52.28
N CYS F 32 59.26 -25.75 51.23
CA CYS F 32 58.80 -24.89 50.15
C CYS F 32 57.60 -25.47 49.43
N LEU F 33 57.56 -26.79 49.28
CA LEU F 33 56.45 -27.44 48.61
C LEU F 33 55.22 -27.59 49.51
N GLN F 34 55.38 -27.27 50.79
CA GLN F 34 54.28 -27.42 51.74
C GLN F 34 53.41 -26.19 51.96
N VAL F 35 53.54 -25.54 53.11
CA VAL F 35 52.70 -24.39 53.38
C VAL F 35 53.54 -23.18 53.74
N LEU F 36 53.19 -22.03 53.19
CA LEU F 36 53.92 -20.79 53.46
C LEU F 36 53.08 -19.79 54.22
N PRO F 37 53.72 -18.94 55.05
CA PRO F 37 53.05 -17.92 55.85
C PRO F 37 52.50 -16.85 54.91
N GLU F 38 51.47 -16.11 55.38
CA GLU F 38 50.87 -15.09 54.54
C GLU F 38 51.83 -13.99 54.07
N ARG F 39 53.03 -13.96 54.65
CA ARG F 39 53.98 -12.93 54.25
C ARG F 39 54.52 -13.19 52.84
N TYR F 40 54.19 -14.35 52.29
CA TYR F 40 54.65 -14.70 50.94
C TYR F 40 53.52 -14.60 49.91
N SER F 41 52.46 -13.88 50.28
CA SER F 41 51.30 -13.68 49.42
C SER F 41 51.61 -13.14 48.04
N SER F 42 52.66 -12.33 47.92
CA SER F 42 53.00 -11.76 46.62
C SER F 42 53.54 -12.81 45.64
N LEU F 43 53.69 -14.05 46.10
CA LEU F 43 54.19 -15.11 45.24
C LEU F 43 53.03 -15.94 44.69
N GLU F 44 51.81 -15.60 45.08
CA GLU F 44 50.63 -16.34 44.65
C GLU F 44 50.58 -16.65 43.15
N THR F 45 50.72 -15.63 42.31
CA THR F 45 50.64 -15.85 40.86
C THR F 45 51.83 -16.57 40.23
N SER F 46 52.84 -16.90 41.01
CA SER F 46 53.98 -17.62 40.47
C SER F 46 54.41 -18.75 41.39
N ARG F 47 53.42 -19.42 41.97
CA ARG F 47 53.67 -20.53 42.87
C ARG F 47 54.31 -21.67 42.08
N LEU F 48 53.95 -21.77 40.80
CA LEU F 48 54.50 -22.82 39.96
C LEU F 48 56.01 -22.71 39.82
N THR F 49 56.54 -21.49 39.74
CA THR F 49 57.98 -21.37 39.63
C THR F 49 58.65 -21.65 40.97
N ILE F 50 57.91 -21.45 42.05
CA ILE F 50 58.46 -21.76 43.38
C ILE F 50 58.57 -23.27 43.44
N ALA F 51 57.55 -23.95 42.93
CA ALA F 51 57.54 -25.41 42.92
C ALA F 51 58.75 -25.87 42.09
N PHE F 52 58.98 -25.20 40.97
CA PHE F 52 60.11 -25.52 40.10
C PHE F 52 61.43 -25.43 40.87
N PHE F 53 61.65 -24.31 41.56
CA PHE F 53 62.87 -24.13 42.31
C PHE F 53 63.07 -25.25 43.31
N ALA F 54 61.99 -25.64 43.98
CA ALA F 54 62.06 -26.70 44.98
C ALA F 54 62.23 -28.09 44.34
N LEU F 55 61.40 -28.41 43.36
CA LEU F 55 61.50 -29.71 42.69
C LEU F 55 62.83 -29.88 41.96
N SER F 56 63.21 -28.89 41.16
CA SER F 56 64.47 -28.99 40.44
C SER F 56 65.61 -28.98 41.45
N GLY F 57 65.39 -28.32 42.57
CA GLY F 57 66.40 -28.27 43.61
C GLY F 57 66.56 -29.65 44.22
N LEU F 58 65.44 -30.34 44.49
CA LEU F 58 65.48 -31.68 45.07
C LEU F 58 66.08 -32.66 44.05
N ASP F 59 65.72 -32.49 42.79
CA ASP F 59 66.25 -33.33 41.73
C ASP F 59 67.76 -33.15 41.71
N MET F 60 68.21 -31.90 41.72
CA MET F 60 69.62 -31.58 41.71
C MET F 60 70.37 -32.22 42.88
N LEU F 61 69.67 -32.44 43.99
CA LEU F 61 70.26 -33.04 45.18
C LEU F 61 69.96 -34.54 45.22
N ASP F 62 69.29 -35.02 44.19
CA ASP F 62 68.94 -36.43 44.09
C ASP F 62 68.05 -36.86 45.26
N SER F 63 67.00 -36.10 45.53
CA SER F 63 66.08 -36.41 46.63
C SER F 63 64.63 -36.28 46.24
N LEU F 64 64.30 -36.53 44.98
CA LEU F 64 62.92 -36.42 44.53
C LEU F 64 62.00 -37.46 45.17
N ASP F 65 62.59 -38.44 45.85
CA ASP F 65 61.79 -39.48 46.49
C ASP F 65 61.03 -38.97 47.73
N VAL F 66 61.48 -37.86 48.29
CA VAL F 66 60.80 -37.32 49.47
C VAL F 66 59.49 -36.61 49.15
N VAL F 67 59.03 -36.69 47.91
CA VAL F 67 57.78 -36.03 47.55
C VAL F 67 56.92 -37.01 46.77
N ASN F 68 55.62 -36.74 46.70
CA ASN F 68 54.71 -37.61 45.98
C ASN F 68 54.55 -37.09 44.56
N LYS F 69 55.39 -37.60 43.67
CA LYS F 69 55.37 -37.16 42.27
C LYS F 69 53.99 -37.16 41.66
N ASP F 70 53.21 -38.20 41.93
CA ASP F 70 51.87 -38.29 41.36
C ASP F 70 50.93 -37.17 41.77
N ASP F 71 50.96 -36.79 43.04
CA ASP F 71 50.10 -35.71 43.50
C ASP F 71 50.49 -34.42 42.82
N ILE F 72 51.79 -34.10 42.87
CA ILE F 72 52.30 -32.89 42.27
C ILE F 72 52.02 -32.81 40.77
N ILE F 73 52.13 -33.94 40.08
CA ILE F 73 51.87 -33.94 38.64
C ILE F 73 50.41 -33.55 38.36
N GLU F 74 49.50 -34.01 39.20
CA GLU F 74 48.07 -33.68 39.02
C GLU F 74 47.85 -32.20 39.28
N TRP F 75 48.53 -31.68 40.30
CA TRP F 75 48.40 -30.27 40.64
C TRP F 75 48.86 -29.43 39.45
N ILE F 76 50.02 -29.76 38.89
CA ILE F 76 50.55 -29.04 37.75
C ILE F 76 49.57 -29.10 36.57
N TYR F 77 49.01 -30.27 36.29
CA TYR F 77 48.08 -30.38 35.19
C TYR F 77 46.78 -29.60 35.43
N SER F 78 46.48 -29.30 36.69
CA SER F 78 45.28 -28.54 36.99
C SER F 78 45.52 -27.09 36.63
N LEU F 79 46.79 -26.76 36.38
CA LEU F 79 47.18 -25.40 36.02
C LEU F 79 47.22 -25.14 34.53
N GLN F 80 46.99 -26.18 33.72
CA GLN F 80 47.02 -26.01 32.28
C GLN F 80 45.74 -25.38 31.73
N VAL F 81 45.92 -24.35 30.92
CA VAL F 81 44.80 -23.67 30.29
C VAL F 81 44.59 -24.42 28.98
N LEU F 82 43.57 -25.26 28.95
CA LEU F 82 43.26 -26.05 27.77
C LEU F 82 42.29 -25.34 26.84
N PRO F 83 42.32 -25.68 25.55
CA PRO F 83 41.41 -25.02 24.61
C PRO F 83 39.97 -25.46 24.89
N THR F 84 39.04 -24.53 24.70
CA THR F 84 37.63 -24.83 24.92
C THR F 84 37.08 -25.68 23.77
N GLU F 85 35.87 -26.21 23.96
CA GLU F 85 35.22 -27.06 22.96
C GLU F 85 35.35 -26.45 21.55
N ASP F 86 34.99 -25.17 21.43
CA ASP F 86 35.04 -24.46 20.15
C ASP F 86 36.45 -23.99 19.77
N ARG F 87 37.44 -24.36 20.58
CA ARG F 87 38.84 -23.98 20.35
C ARG F 87 38.99 -22.52 19.95
N SER F 88 38.29 -21.63 20.65
CA SER F 88 38.34 -20.21 20.37
C SER F 88 39.29 -19.45 21.29
N ASN F 89 40.03 -20.17 22.13
CA ASN F 89 40.95 -19.55 23.07
C ASN F 89 42.36 -20.10 22.95
N LEU F 90 42.73 -20.54 21.74
CA LEU F 90 44.06 -21.10 21.51
C LEU F 90 45.17 -20.12 21.84
N ASP F 91 44.97 -18.86 21.45
CA ASP F 91 45.96 -17.81 21.69
C ASP F 91 46.22 -17.57 23.17
N ARG F 92 45.48 -18.25 24.04
CA ARG F 92 45.64 -18.05 25.47
C ARG F 92 46.00 -19.32 26.25
N CYS F 93 46.37 -20.38 25.54
CA CYS F 93 46.71 -21.62 26.21
C CYS F 93 48.14 -21.67 26.72
N GLY F 94 48.37 -22.53 27.70
CA GLY F 94 49.67 -22.68 28.33
C GLY F 94 49.39 -23.03 29.78
N PHE F 95 50.21 -22.54 30.71
CA PHE F 95 49.97 -22.85 32.11
C PHE F 95 49.81 -21.60 32.98
N ARG F 96 49.04 -21.74 34.06
CA ARG F 96 48.80 -20.66 35.01
C ARG F 96 49.83 -20.83 36.12
N GLY F 97 50.11 -19.75 36.85
CA GLY F 97 51.06 -19.83 37.94
C GLY F 97 50.44 -20.49 39.17
N SER F 98 49.12 -20.40 39.28
CA SER F 98 48.39 -21.00 40.40
C SER F 98 46.91 -20.96 40.10
N SER F 99 46.09 -21.29 41.09
CA SER F 99 44.65 -21.31 40.92
C SER F 99 43.96 -20.06 41.44
N TYR F 100 44.68 -18.95 41.51
CA TYR F 100 44.10 -17.72 42.03
C TYR F 100 42.84 -17.21 41.33
N LEU F 101 42.52 -17.72 40.14
CA LEU F 101 41.33 -17.24 39.45
C LEU F 101 40.04 -17.90 39.91
N GLY F 102 40.17 -19.00 40.63
CA GLY F 102 38.98 -19.67 41.12
C GLY F 102 38.37 -20.69 40.18
N ILE F 103 39.11 -21.08 39.16
CA ILE F 103 38.61 -22.08 38.22
C ILE F 103 38.62 -23.42 38.93
N PRO F 104 37.52 -24.17 38.84
CA PRO F 104 37.40 -25.49 39.48
C PRO F 104 38.51 -26.46 39.11
N PHE F 105 39.08 -27.11 40.14
CA PHE F 105 40.17 -28.07 39.98
C PHE F 105 39.87 -29.09 38.88
N ASN F 106 40.77 -29.18 37.92
CA ASN F 106 40.63 -30.11 36.79
C ASN F 106 42.00 -30.47 36.24
N PRO F 107 42.56 -31.61 36.66
CA PRO F 107 43.88 -32.07 36.20
C PRO F 107 43.93 -32.44 34.72
N SER F 108 43.64 -31.46 33.87
CA SER F 108 43.65 -31.64 32.42
C SER F 108 42.87 -32.88 31.99
N LYS F 109 41.70 -33.07 32.61
CA LYS F 109 40.84 -34.20 32.28
C LYS F 109 39.82 -33.75 31.23
N ASN F 110 38.76 -33.07 31.67
CA ASN F 110 37.73 -32.56 30.77
C ASN F 110 38.28 -31.38 29.95
N PRO F 111 37.51 -30.89 28.98
CA PRO F 111 37.97 -29.75 28.16
C PRO F 111 38.11 -28.47 29.01
N GLY F 112 38.28 -27.35 28.33
CA GLY F 112 38.45 -26.09 29.05
C GLY F 112 37.17 -25.34 29.39
N THR F 113 37.11 -24.80 30.61
CA THR F 113 35.95 -24.03 31.07
C THR F 113 36.20 -22.54 30.78
N ALA F 114 35.52 -22.02 29.77
CA ALA F 114 35.65 -20.63 29.36
C ALA F 114 35.63 -19.64 30.52
N HIS F 115 36.56 -18.69 30.48
CA HIS F 115 36.69 -17.67 31.51
C HIS F 115 37.29 -16.44 30.83
N PRO F 116 36.65 -15.28 30.98
CA PRO F 116 37.07 -13.99 30.41
C PRO F 116 38.53 -13.59 30.58
N TYR F 117 39.14 -13.97 31.71
CA TYR F 117 40.51 -13.57 31.96
C TYR F 117 41.49 -14.69 32.27
N ASP F 118 41.12 -15.93 31.96
CA ASP F 118 42.02 -17.06 32.21
C ASP F 118 42.91 -17.32 31.01
N SER F 119 44.21 -17.28 31.23
CA SER F 119 45.17 -17.53 30.17
C SER F 119 46.48 -17.97 30.80
N GLY F 120 47.40 -18.46 29.98
CA GLY F 120 48.66 -18.90 30.53
C GLY F 120 49.64 -17.76 30.69
N HIS F 121 50.78 -18.07 31.30
CA HIS F 121 51.85 -17.10 31.52
C HIS F 121 53.11 -17.82 31.05
N ILE F 122 53.83 -17.21 30.11
CA ILE F 122 55.01 -17.82 29.53
C ILE F 122 56.01 -18.44 30.52
N ALA F 123 56.30 -17.76 31.62
CA ALA F 123 57.24 -18.30 32.60
C ALA F 123 56.64 -19.50 33.33
N MET F 124 55.31 -19.57 33.38
CA MET F 124 54.64 -20.68 34.06
C MET F 124 54.55 -21.86 33.12
N THR F 125 54.32 -21.59 31.83
CA THR F 125 54.26 -22.66 30.85
C THR F 125 55.64 -23.32 30.85
N TYR F 126 56.68 -22.49 30.94
CA TYR F 126 58.05 -22.98 30.97
C TYR F 126 58.33 -23.82 32.21
N THR F 127 58.16 -23.24 33.40
CA THR F 127 58.41 -23.98 34.62
C THR F 127 57.47 -25.16 34.78
N GLY F 128 56.25 -25.03 34.26
CA GLY F 128 55.30 -26.13 34.34
C GLY F 128 55.81 -27.35 33.58
N LEU F 129 56.09 -27.18 32.28
CA LEU F 129 56.58 -28.28 31.45
C LEU F 129 57.85 -28.84 32.08
N SER F 130 58.71 -27.93 32.51
CA SER F 130 59.97 -28.31 33.10
C SER F 130 59.74 -29.20 34.34
N CYS F 131 58.76 -28.84 35.17
CA CYS F 131 58.46 -29.62 36.38
C CYS F 131 57.94 -31.00 36.02
N LEU F 132 57.04 -31.06 35.04
CA LEU F 132 56.49 -32.33 34.60
C LEU F 132 57.60 -33.29 34.20
N ILE F 133 58.57 -32.80 33.43
CA ILE F 133 59.67 -33.63 32.99
C ILE F 133 60.51 -34.11 34.17
N ILE F 134 60.76 -33.20 35.12
CA ILE F 134 61.54 -33.56 36.30
C ILE F 134 60.84 -34.65 37.10
N LEU F 135 59.51 -34.55 37.19
CA LEU F 135 58.73 -35.52 37.94
C LEU F 135 58.53 -36.86 37.24
N GLY F 136 58.99 -36.96 35.99
CA GLY F 136 58.87 -38.21 35.26
C GLY F 136 57.67 -38.35 34.34
N ASP F 137 56.84 -37.32 34.26
CA ASP F 137 55.68 -37.37 33.40
C ASP F 137 56.12 -37.39 31.94
N ASP F 138 55.29 -37.92 31.04
CA ASP F 138 55.66 -37.98 29.64
C ASP F 138 55.04 -36.90 28.77
N LEU F 139 54.37 -35.94 29.39
CA LEU F 139 53.73 -34.83 28.70
C LEU F 139 52.60 -35.21 27.73
N SER F 140 52.05 -36.40 27.89
CA SER F 140 50.97 -36.83 27.00
C SER F 140 49.70 -36.02 27.23
N ARG F 141 49.51 -35.51 28.45
CA ARG F 141 48.33 -34.72 28.76
C ARG F 141 48.52 -33.24 28.42
N VAL F 142 49.66 -32.90 27.85
CA VAL F 142 49.94 -31.52 27.46
C VAL F 142 49.44 -31.31 26.04
N ASP F 143 48.59 -30.30 25.84
CA ASP F 143 48.10 -30.01 24.51
C ASP F 143 49.21 -29.20 23.83
N LYS F 144 50.20 -29.91 23.31
CA LYS F 144 51.35 -29.28 22.67
C LYS F 144 51.02 -28.23 21.63
N GLU F 145 50.09 -28.51 20.74
CA GLU F 145 49.74 -27.54 19.70
C GLU F 145 49.11 -26.29 20.29
N ALA F 146 48.36 -26.44 21.37
CA ALA F 146 47.72 -25.30 22.02
C ALA F 146 48.78 -24.41 22.65
N CYS F 147 49.74 -25.02 23.36
CA CYS F 147 50.80 -24.26 23.99
C CYS F 147 51.61 -23.48 22.96
N LEU F 148 51.95 -24.13 21.85
CA LEU F 148 52.72 -23.48 20.79
C LEU F 148 51.93 -22.34 20.17
N ALA F 149 50.62 -22.51 20.06
CA ALA F 149 49.76 -21.47 19.50
C ALA F 149 49.79 -20.28 20.47
N GLY F 150 49.71 -20.59 21.76
CA GLY F 150 49.75 -19.55 22.77
C GLY F 150 51.08 -18.83 22.74
N LEU F 151 52.17 -19.59 22.58
CA LEU F 151 53.50 -19.00 22.52
C LEU F 151 53.61 -18.03 21.36
N ARG F 152 53.24 -18.46 20.16
CA ARG F 152 53.32 -17.59 18.97
C ARG F 152 52.62 -16.26 19.19
N ALA F 153 51.48 -16.30 19.87
CA ALA F 153 50.71 -15.11 20.12
C ALA F 153 51.44 -14.10 21.01
N LEU F 154 52.39 -14.58 21.81
CA LEU F 154 53.13 -13.72 22.71
C LEU F 154 54.30 -12.95 22.08
N GLN F 155 54.75 -13.37 20.89
CA GLN F 155 55.88 -12.71 20.26
C GLN F 155 55.52 -11.38 19.62
N LEU F 156 56.34 -10.35 19.87
CA LEU F 156 56.11 -9.02 19.33
C LEU F 156 56.84 -8.82 18.01
N GLU F 157 56.58 -7.70 17.35
CA GLU F 157 57.21 -7.41 16.07
C GLU F 157 58.74 -7.40 16.16
N ASP F 158 59.28 -6.87 17.27
CA ASP F 158 60.73 -6.80 17.43
C ASP F 158 61.39 -8.14 17.73
N GLY F 159 60.58 -9.19 17.85
CA GLY F 159 61.14 -10.50 18.12
C GLY F 159 61.10 -10.97 19.55
N SER F 160 60.91 -10.05 20.51
CA SER F 160 60.85 -10.45 21.91
C SER F 160 59.45 -10.98 22.27
N PHE F 161 59.26 -11.37 23.52
CA PHE F 161 57.98 -11.93 23.96
C PHE F 161 57.39 -11.23 25.18
N CYS F 162 56.07 -11.35 25.30
CA CYS F 162 55.32 -10.84 26.42
C CYS F 162 55.07 -12.08 27.27
N ALA F 163 54.61 -11.91 28.49
CA ALA F 163 54.34 -13.05 29.36
C ALA F 163 52.91 -13.58 29.22
N VAL F 164 51.98 -12.67 28.96
CA VAL F 164 50.57 -13.02 28.83
C VAL F 164 49.92 -12.33 27.63
N PRO F 165 48.94 -12.98 26.99
CA PRO F 165 48.26 -12.39 25.84
C PRO F 165 47.58 -11.04 26.09
N GLU F 166 47.18 -10.79 27.34
CA GLU F 166 46.53 -9.52 27.67
C GLU F 166 47.53 -8.38 27.58
N GLY F 167 48.81 -8.72 27.53
CA GLY F 167 49.84 -7.69 27.45
C GLY F 167 50.64 -7.57 28.74
N SER F 168 51.91 -7.21 28.60
CA SER F 168 52.81 -7.06 29.75
C SER F 168 54.12 -6.50 29.24
N GLU F 169 55.10 -6.41 30.12
CA GLU F 169 56.41 -5.93 29.71
C GLU F 169 56.98 -7.03 28.83
N ASN F 170 57.92 -6.68 27.96
CA ASN F 170 58.54 -7.67 27.08
C ASN F 170 60.05 -7.51 27.14
N ASP F 171 60.77 -8.61 27.30
CA ASP F 171 62.21 -8.56 27.36
C ASP F 171 62.87 -9.92 27.20
N MET F 172 64.19 -9.92 27.33
CA MET F 172 64.99 -11.12 27.18
C MET F 172 64.53 -12.32 28.03
N ARG F 173 64.06 -12.06 29.25
CA ARG F 173 63.62 -13.14 30.13
C ARG F 173 62.61 -14.06 29.42
N PHE F 174 61.66 -13.46 28.74
CA PHE F 174 60.63 -14.22 28.06
C PHE F 174 61.09 -14.85 26.75
N VAL F 175 62.16 -14.32 26.17
CA VAL F 175 62.72 -14.91 24.96
C VAL F 175 63.29 -16.25 25.38
N TYR F 176 63.92 -16.27 26.55
CA TYR F 176 64.50 -17.50 27.08
C TYR F 176 63.40 -18.53 27.38
N CYS F 177 62.29 -18.06 27.95
CA CYS F 177 61.18 -18.95 28.28
C CYS F 177 60.65 -19.59 27.00
N ALA F 178 60.45 -18.77 25.98
CA ALA F 178 59.95 -19.24 24.69
C ALA F 178 60.90 -20.30 24.13
N SER F 179 62.20 -20.01 24.20
CA SER F 179 63.20 -20.95 23.69
C SER F 179 63.13 -22.28 24.43
N CYS F 180 63.02 -22.24 25.76
CA CYS F 180 62.94 -23.46 26.55
C CYS F 180 61.69 -24.27 26.22
N ILE F 181 60.57 -23.58 26.05
CA ILE F 181 59.32 -24.26 25.73
C ILE F 181 59.45 -24.99 24.39
N CYS F 182 59.88 -24.27 23.36
CA CYS F 182 60.07 -24.87 22.04
C CYS F 182 61.01 -26.07 22.12
N TYR F 183 62.07 -25.93 22.90
CA TYR F 183 63.04 -27.00 23.03
C TYR F 183 62.42 -28.22 23.69
N MET F 184 61.70 -28.01 24.80
CA MET F 184 61.09 -29.13 25.52
C MET F 184 60.00 -29.80 24.70
N LEU F 185 59.20 -29.02 23.98
CA LEU F 185 58.15 -29.60 23.16
C LEU F 185 58.78 -30.04 21.82
N ASN F 186 60.09 -29.89 21.73
CA ASN F 186 60.84 -30.27 20.53
C ASN F 186 60.13 -29.83 19.25
N ASN F 187 59.71 -28.57 19.22
CA ASN F 187 59.00 -28.00 18.09
C ASN F 187 59.17 -26.48 18.13
N TRP F 188 59.84 -25.91 17.14
CA TRP F 188 60.07 -24.47 17.14
C TRP F 188 59.03 -23.64 16.40
N SER F 189 57.87 -24.23 16.13
CA SER F 189 56.83 -23.48 15.43
C SER F 189 56.24 -22.47 16.41
N GLY F 190 56.69 -22.56 17.66
CA GLY F 190 56.23 -21.67 18.70
C GLY F 190 56.76 -20.25 18.57
N MET F 191 57.74 -20.04 17.71
CA MET F 191 58.30 -18.71 17.55
C MET F 191 58.88 -18.48 16.17
N ASP F 192 59.08 -17.20 15.84
CA ASP F 192 59.70 -16.80 14.59
C ASP F 192 61.16 -16.63 15.01
N MET F 193 61.91 -17.72 14.93
CA MET F 193 63.31 -17.73 15.33
C MET F 193 64.16 -16.60 14.76
N LYS F 194 63.95 -16.28 13.49
CA LYS F 194 64.73 -15.22 12.87
C LYS F 194 64.56 -13.90 13.61
N LYS F 195 63.32 -13.57 13.98
CA LYS F 195 63.06 -12.33 14.70
C LYS F 195 63.60 -12.37 16.14
N ALA F 196 63.50 -13.52 16.78
CA ALA F 196 64.01 -13.65 18.15
C ALA F 196 65.52 -13.42 18.13
N ILE F 197 66.20 -14.03 17.17
CA ILE F 197 67.65 -13.90 17.04
C ILE F 197 68.02 -12.43 16.83
N SER F 198 67.20 -11.74 16.04
CA SER F 198 67.45 -10.33 15.77
C SER F 198 67.36 -9.54 17.08
N TYR F 199 66.37 -9.88 17.91
CA TYR F 199 66.19 -9.18 19.18
C TYR F 199 67.40 -9.40 20.07
N ILE F 200 67.89 -10.63 20.11
CA ILE F 200 69.04 -10.97 20.92
C ILE F 200 70.28 -10.21 20.46
N ARG F 201 70.49 -10.12 19.15
CA ARG F 201 71.66 -9.39 18.65
C ARG F 201 71.56 -7.92 19.02
N ARG F 202 70.40 -7.34 18.80
CA ARG F 202 70.20 -5.92 19.07
C ARG F 202 70.31 -5.55 20.55
N SER F 203 70.35 -6.54 21.42
CA SER F 203 70.44 -6.24 22.84
C SER F 203 71.88 -6.14 23.31
N MET F 204 72.82 -6.47 22.42
CA MET F 204 74.23 -6.38 22.79
C MET F 204 74.63 -4.93 23.01
N SER F 205 75.20 -4.66 24.17
CA SER F 205 75.62 -3.31 24.54
C SER F 205 77.00 -2.96 24.01
N TYR F 206 77.37 -1.69 24.15
CA TYR F 206 78.65 -1.21 23.70
C TYR F 206 79.74 -1.84 24.56
N ASP F 207 79.39 -2.26 25.78
CA ASP F 207 80.38 -2.89 26.66
C ASP F 207 80.44 -4.41 26.42
N ASN F 208 79.69 -4.85 25.40
CA ASN F 208 79.67 -6.25 24.98
C ASN F 208 78.82 -7.27 25.74
N GLY F 209 78.14 -6.86 26.78
CA GLY F 209 77.28 -7.79 27.50
C GLY F 209 75.93 -7.70 26.80
N LEU F 210 74.96 -8.49 27.24
CA LEU F 210 73.62 -8.42 26.66
C LEU F 210 72.69 -7.78 27.67
N ALA F 211 71.79 -6.92 27.19
CA ALA F 211 70.86 -6.23 28.08
C ALA F 211 69.46 -6.82 27.93
N GLN F 212 68.50 -6.29 28.68
CA GLN F 212 67.11 -6.77 28.59
C GLN F 212 66.54 -6.43 27.21
N GLY F 213 67.05 -5.37 26.62
CA GLY F 213 66.60 -4.94 25.31
C GLY F 213 67.58 -3.92 24.78
N ALA F 214 67.43 -3.54 23.51
CA ALA F 214 68.31 -2.58 22.87
C ALA F 214 68.49 -1.28 23.66
N GLY F 215 69.75 -0.85 23.81
CA GLY F 215 70.04 0.38 24.52
C GLY F 215 70.13 0.32 26.03
N LEU F 216 69.55 -0.71 26.62
CA LEU F 216 69.59 -0.87 28.07
C LEU F 216 70.95 -1.35 28.58
N GLU F 217 71.17 -1.22 29.88
CA GLU F 217 72.42 -1.65 30.51
C GLU F 217 72.55 -3.17 30.44
N SER F 218 73.70 -3.67 30.00
CA SER F 218 73.89 -5.11 29.91
C SER F 218 73.83 -5.69 31.32
N HIS F 219 73.31 -6.90 31.45
CA HIS F 219 73.13 -7.54 32.74
C HIS F 219 73.43 -9.04 32.69
N GLY F 220 73.93 -9.59 33.80
CA GLY F 220 74.25 -11.00 33.85
C GLY F 220 73.05 -11.88 33.56
N GLY F 221 71.87 -11.50 34.05
CA GLY F 221 70.68 -12.28 33.82
C GLY F 221 70.24 -12.32 32.36
N SER F 222 70.22 -11.17 31.71
CA SER F 222 69.80 -11.13 30.32
C SER F 222 70.86 -11.72 29.39
N THR F 223 72.13 -11.63 29.78
CA THR F 223 73.18 -12.21 28.97
C THR F 223 72.99 -13.73 28.98
N PHE F 224 72.65 -14.28 30.15
CA PHE F 224 72.40 -15.71 30.22
C PHE F 224 71.20 -16.06 29.33
N CYS F 225 70.11 -15.31 29.47
CA CYS F 225 68.92 -15.57 28.68
C CYS F 225 69.19 -15.54 27.18
N GLY F 226 69.97 -14.56 26.74
CA GLY F 226 70.29 -14.46 25.33
C GLY F 226 71.17 -15.60 24.86
N ILE F 227 72.30 -15.81 25.53
CA ILE F 227 73.22 -16.87 25.15
C ILE F 227 72.59 -18.27 25.25
N ALA F 228 71.85 -18.53 26.32
CA ALA F 228 71.22 -19.83 26.50
C ALA F 228 70.16 -20.05 25.42
N SER F 229 69.44 -19.00 25.05
CA SER F 229 68.44 -19.14 24.01
C SER F 229 69.10 -19.57 22.71
N LEU F 230 70.19 -18.90 22.33
CA LEU F 230 70.90 -19.24 21.11
C LEU F 230 71.43 -20.67 21.16
N CYS F 231 71.93 -21.11 22.32
CA CYS F 231 72.43 -22.47 22.43
C CYS F 231 71.29 -23.46 22.26
N LEU F 232 70.15 -23.17 22.89
CA LEU F 232 69.00 -24.05 22.76
C LEU F 232 68.57 -24.14 21.29
N MET F 233 68.72 -23.05 20.56
CA MET F 233 68.36 -23.03 19.14
C MET F 233 69.48 -23.66 18.32
N GLY F 234 70.63 -23.84 18.95
CA GLY F 234 71.79 -24.41 18.26
C GLY F 234 72.30 -23.42 17.23
N LYS F 235 72.36 -22.14 17.58
CA LYS F 235 72.81 -21.13 16.63
C LYS F 235 73.78 -20.11 17.20
N LEU F 236 74.44 -20.46 18.30
CA LEU F 236 75.38 -19.54 18.93
C LEU F 236 76.44 -19.09 17.93
N GLU F 237 77.18 -20.06 17.39
CA GLU F 237 78.25 -19.82 16.42
C GLU F 237 77.79 -19.04 15.19
N GLU F 238 76.58 -19.34 14.72
CA GLU F 238 76.03 -18.70 13.54
C GLU F 238 75.65 -17.24 13.77
N VAL F 239 75.18 -16.92 14.96
CA VAL F 239 74.74 -15.55 15.25
C VAL F 239 75.86 -14.59 15.65
N PHE F 240 76.82 -15.05 16.43
CA PHE F 240 77.92 -14.20 16.86
C PHE F 240 79.24 -14.65 16.26
N SER F 241 80.03 -13.69 15.80
CA SER F 241 81.33 -14.00 15.21
C SER F 241 82.28 -14.37 16.34
N GLU F 242 83.43 -14.92 15.98
CA GLU F 242 84.42 -15.29 16.98
C GLU F 242 84.85 -14.06 17.77
N LYS F 243 85.01 -12.94 17.08
CA LYS F 243 85.42 -11.72 17.75
C LYS F 243 84.34 -11.27 18.74
N GLU F 244 83.08 -11.39 18.32
CA GLU F 244 81.97 -11.01 19.18
C GLU F 244 81.90 -11.91 20.41
N LEU F 245 82.01 -13.22 20.20
CA LEU F 245 81.98 -14.17 21.31
C LEU F 245 83.12 -13.91 22.28
N ASN F 246 84.27 -13.49 21.76
CA ASN F 246 85.41 -13.20 22.61
C ASN F 246 85.09 -11.99 23.49
N ARG F 247 84.40 -11.00 22.93
CA ARG F 247 84.04 -9.81 23.68
C ARG F 247 83.03 -10.14 24.76
N ILE F 248 82.06 -10.99 24.42
CA ILE F 248 81.04 -11.41 25.38
C ILE F 248 81.72 -12.19 26.51
N LYS F 249 82.62 -13.10 26.15
CA LYS F 249 83.33 -13.88 27.16
C LYS F 249 84.06 -12.96 28.12
N ARG F 250 84.71 -11.93 27.57
CA ARG F 250 85.44 -10.97 28.39
C ARG F 250 84.50 -10.27 29.35
N TRP F 251 83.33 -9.86 28.86
CA TRP F 251 82.37 -9.16 29.73
C TRP F 251 81.90 -10.07 30.85
N CYS F 252 81.62 -11.33 30.51
CA CYS F 252 81.15 -12.30 31.49
C CYS F 252 82.18 -12.65 32.55
N ILE F 253 83.39 -12.97 32.13
CA ILE F 253 84.39 -13.35 33.12
C ILE F 253 84.80 -12.20 34.02
N MET F 254 84.55 -10.97 33.57
CA MET F 254 84.89 -9.80 34.39
C MET F 254 83.89 -9.63 35.53
N ARG F 255 82.80 -10.40 35.51
CA ARG F 255 81.78 -10.31 36.56
C ARG F 255 82.21 -10.97 37.88
N GLN F 256 83.25 -11.79 37.85
CA GLN F 256 83.67 -12.42 39.08
C GLN F 256 84.54 -11.50 39.96
N GLN F 257 84.13 -11.36 41.21
CA GLN F 257 84.85 -10.54 42.19
C GLN F 257 85.38 -11.51 43.25
N ASN F 258 84.59 -12.53 43.53
CA ASN F 258 84.87 -13.65 44.46
C ASN F 258 83.67 -14.50 44.05
N GLY F 259 82.49 -13.99 44.33
CA GLY F 259 81.26 -14.61 43.86
C GLY F 259 81.05 -13.78 42.59
N TYR F 260 79.84 -13.71 42.06
CA TYR F 260 79.62 -12.92 40.86
C TYR F 260 78.56 -11.83 41.05
N HIS F 261 78.73 -10.71 40.36
CA HIS F 261 77.71 -9.65 40.43
C HIS F 261 76.99 -9.65 39.08
N GLY F 262 75.84 -8.97 39.01
CA GLY F 262 75.08 -8.93 37.78
C GLY F 262 75.49 -7.88 36.75
N ARG F 263 76.17 -6.84 37.21
CA ARG F 263 76.64 -5.77 36.32
C ARG F 263 77.76 -5.02 36.99
N PRO F 264 78.64 -4.39 36.19
CA PRO F 264 79.77 -3.63 36.71
C PRO F 264 79.44 -2.72 37.89
N ASN F 265 80.32 -2.70 38.88
CA ASN F 265 80.18 -1.87 40.07
C ASN F 265 78.99 -2.12 40.97
N LYS F 266 78.43 -3.34 40.92
CA LYS F 266 77.32 -3.70 41.80
C LYS F 266 77.82 -4.83 42.69
N PRO F 267 77.23 -5.00 43.89
CA PRO F 267 77.68 -6.07 44.79
C PRO F 267 77.35 -7.48 44.29
N VAL F 268 78.19 -8.45 44.64
CA VAL F 268 77.97 -9.83 44.20
C VAL F 268 76.71 -10.39 44.83
N ASP F 269 76.13 -11.39 44.17
CA ASP F 269 74.91 -12.03 44.60
C ASP F 269 75.00 -13.51 44.18
N THR F 270 74.77 -14.40 45.13
CA THR F 270 74.83 -15.84 44.90
C THR F 270 74.23 -16.33 43.58
N CYS F 271 73.04 -15.85 43.23
CA CYS F 271 72.38 -16.33 42.01
C CYS F 271 73.18 -16.10 40.73
N TYR F 272 74.08 -15.12 40.72
CA TYR F 272 74.87 -14.89 39.52
C TYR F 272 75.90 -15.98 39.29
N SER F 273 76.18 -16.76 40.35
CA SER F 273 77.12 -17.87 40.25
C SER F 273 76.54 -18.80 39.21
N PHE F 274 75.21 -18.78 39.05
CA PHE F 274 74.62 -19.60 38.02
C PHE F 274 74.40 -18.79 36.73
N TRP F 275 73.73 -17.65 36.82
CA TRP F 275 73.46 -16.85 35.62
C TRP F 275 74.72 -16.60 34.81
N VAL F 276 75.74 -16.04 35.44
CA VAL F 276 76.97 -15.75 34.74
C VAL F 276 77.81 -17.02 34.56
N GLY F 277 77.91 -17.82 35.61
CA GLY F 277 78.68 -19.05 35.55
C GLY F 277 78.19 -19.97 34.44
N ALA F 278 76.87 -20.12 34.33
CA ALA F 278 76.32 -20.97 33.29
C ALA F 278 76.61 -20.40 31.91
N THR F 279 76.64 -19.08 31.79
CA THR F 279 76.93 -18.44 30.50
C THR F 279 78.36 -18.78 30.13
N LEU F 280 79.26 -18.66 31.11
CA LEU F 280 80.67 -18.96 30.88
C LEU F 280 80.84 -20.42 30.48
N LYS F 281 80.03 -21.30 31.07
CA LYS F 281 80.08 -22.72 30.76
C LYS F 281 79.66 -22.92 29.32
N LEU F 282 78.59 -22.26 28.90
CA LEU F 282 78.12 -22.39 27.53
C LEU F 282 79.14 -21.83 26.54
N LEU F 283 79.93 -20.85 26.97
CA LEU F 283 80.95 -20.25 26.12
C LEU F 283 82.28 -20.99 26.28
N LYS F 284 82.24 -22.10 27.01
CA LYS F 284 83.41 -22.95 27.25
C LYS F 284 84.62 -22.33 27.93
N ILE F 285 84.42 -21.38 28.84
CA ILE F 285 85.56 -20.81 29.53
C ILE F 285 85.32 -20.75 31.02
N PHE F 286 84.27 -21.40 31.51
CA PHE F 286 84.01 -21.39 32.95
C PHE F 286 85.20 -22.04 33.66
N GLN F 287 85.84 -22.97 32.97
CA GLN F 287 87.00 -23.70 33.48
C GLN F 287 88.15 -22.77 33.83
N TYR F 288 88.14 -21.55 33.29
CA TYR F 288 89.23 -20.62 33.56
C TYR F 288 88.93 -19.63 34.67
N THR F 289 87.79 -19.79 35.33
CA THR F 289 87.43 -18.91 36.43
C THR F 289 88.05 -19.45 37.71
N ASN F 290 87.94 -18.69 38.79
CA ASN F 290 88.49 -19.11 40.07
C ASN F 290 87.39 -19.84 40.85
N PHE F 291 87.52 -21.17 40.95
CA PHE F 291 86.51 -21.97 41.65
C PHE F 291 86.41 -21.76 43.14
N GLU F 292 87.55 -21.75 43.82
CA GLU F 292 87.55 -21.62 45.26
C GLU F 292 86.89 -20.37 45.81
N LYS F 293 87.20 -19.21 45.23
CA LYS F 293 86.59 -17.98 45.73
C LYS F 293 85.09 -17.96 45.47
N ASN F 294 84.68 -18.53 44.34
CA ASN F 294 83.27 -18.59 43.98
C ASN F 294 82.57 -19.52 44.98
N ARG F 295 83.14 -20.71 45.18
CA ARG F 295 82.56 -21.67 46.13
C ARG F 295 82.50 -21.10 47.54
N ASN F 296 83.57 -20.45 47.98
CA ASN F 296 83.57 -19.89 49.31
C ASN F 296 82.50 -18.83 49.48
N TYR F 297 82.28 -18.01 48.45
CA TYR F 297 81.26 -16.98 48.55
C TYR F 297 79.88 -17.61 48.66
N ILE F 298 79.57 -18.53 47.76
CA ILE F 298 78.27 -19.19 47.77
C ILE F 298 77.97 -19.80 49.14
N LEU F 299 78.92 -20.56 49.68
CA LEU F 299 78.71 -21.19 50.96
C LEU F 299 78.55 -20.17 52.09
N SER F 300 79.15 -18.99 51.94
CA SER F 300 79.04 -17.97 52.97
C SER F 300 77.61 -17.41 53.06
N THR F 301 76.78 -17.68 52.06
CA THR F 301 75.40 -17.19 52.07
C THR F 301 74.45 -18.32 52.45
N GLN F 302 75.02 -19.43 52.88
CA GLN F 302 74.25 -20.58 53.29
C GLN F 302 73.61 -20.32 54.65
N ASP F 303 72.33 -20.64 54.81
CA ASP F 303 71.70 -20.45 56.11
C ASP F 303 71.83 -21.79 56.83
N ARG F 304 72.76 -21.86 57.77
CA ARG F 304 73.05 -23.09 58.51
C ARG F 304 71.95 -23.55 59.45
N LEU F 305 71.00 -22.66 59.71
CA LEU F 305 69.91 -22.99 60.62
C LEU F 305 68.68 -23.51 59.88
N VAL F 306 68.16 -22.75 58.92
CA VAL F 306 66.96 -23.16 58.19
C VAL F 306 67.26 -23.82 56.84
N GLY F 307 68.49 -23.69 56.36
CA GLY F 307 68.85 -24.27 55.08
C GLY F 307 68.67 -23.26 53.96
N GLY F 308 68.92 -23.66 52.72
CA GLY F 308 68.78 -22.73 51.61
C GLY F 308 69.90 -21.72 51.58
N PHE F 309 69.92 -20.88 50.54
CA PHE F 309 70.95 -19.86 50.39
C PHE F 309 70.30 -18.50 50.24
N ALA F 310 71.06 -17.45 50.56
CA ALA F 310 70.56 -16.08 50.44
C ALA F 310 71.43 -15.39 49.38
N LYS F 311 71.07 -14.18 49.01
CA LYS F 311 71.85 -13.47 48.00
C LYS F 311 73.18 -13.04 48.61
N TRP F 312 73.14 -12.62 49.87
CA TRP F 312 74.35 -12.17 50.56
C TRP F 312 74.49 -12.91 51.88
N PRO F 313 75.69 -12.91 52.47
CA PRO F 313 75.84 -13.60 53.75
C PRO F 313 75.03 -12.90 54.85
N ASP F 314 74.51 -13.68 55.79
CA ASP F 314 73.73 -13.15 56.90
C ASP F 314 72.48 -12.44 56.38
N SER F 315 71.91 -13.00 55.31
CA SER F 315 70.72 -12.45 54.70
C SER F 315 69.70 -13.58 54.73
N HIS F 316 68.41 -13.27 54.60
CA HIS F 316 67.40 -14.34 54.63
C HIS F 316 67.39 -15.17 53.36
N PRO F 317 67.32 -16.49 53.50
CA PRO F 317 67.29 -17.41 52.35
C PRO F 317 65.93 -17.46 51.66
N ASP F 318 65.93 -17.81 50.39
CA ASP F 318 64.71 -17.95 49.61
C ASP F 318 64.91 -19.08 48.60
N ALA F 319 63.80 -19.60 48.06
CA ALA F 319 63.86 -20.69 47.11
C ALA F 319 64.72 -20.38 45.89
N LEU F 320 64.62 -19.17 45.36
CA LEU F 320 65.40 -18.79 44.19
C LEU F 320 66.90 -18.86 44.42
N HIS F 321 67.38 -18.25 45.49
CA HIS F 321 68.81 -18.29 45.74
C HIS F 321 69.30 -19.65 46.21
N ALA F 322 68.41 -20.41 46.83
CA ALA F 322 68.77 -21.75 47.27
C ALA F 322 69.02 -22.60 46.02
N TYR F 323 68.12 -22.50 45.05
CA TYR F 323 68.24 -23.26 43.83
C TYR F 323 69.45 -22.86 42.98
N PHE F 324 69.61 -21.56 42.75
CA PHE F 324 70.72 -21.10 41.95
C PHE F 324 72.07 -21.23 42.65
N GLY F 325 72.06 -21.19 43.98
CA GLY F 325 73.31 -21.36 44.71
C GLY F 325 73.76 -22.81 44.48
N ILE F 326 72.79 -23.72 44.54
CA ILE F 326 73.07 -25.12 44.34
C ILE F 326 73.52 -25.38 42.90
N CYS F 327 72.86 -24.73 41.93
CA CYS F 327 73.27 -24.89 40.55
C CYS F 327 74.65 -24.29 40.32
N GLY F 328 74.95 -23.20 41.03
CA GLY F 328 76.25 -22.57 40.90
C GLY F 328 77.32 -23.54 41.38
N LEU F 329 77.04 -24.18 42.52
CA LEU F 329 77.95 -25.16 43.09
C LEU F 329 78.12 -26.33 42.11
N SER F 330 77.01 -26.72 41.48
CA SER F 330 76.99 -27.81 40.52
C SER F 330 77.92 -27.59 39.34
N LEU F 331 77.94 -26.36 38.84
CA LEU F 331 78.79 -26.00 37.72
C LEU F 331 80.23 -26.43 38.00
N MET F 332 80.62 -26.46 39.28
CA MET F 332 81.97 -26.84 39.67
C MET F 332 82.05 -28.29 40.15
N GLU F 333 80.98 -29.02 39.93
CA GLU F 333 80.86 -30.42 40.30
C GLU F 333 81.02 -30.71 41.80
N GLU F 334 80.19 -30.02 42.58
CA GLU F 334 80.12 -30.16 44.03
C GLU F 334 79.79 -31.61 44.41
N SER F 335 80.52 -32.16 45.36
CA SER F 335 80.26 -33.53 45.80
C SER F 335 78.87 -33.61 46.40
N GLY F 336 77.99 -34.38 45.75
CA GLY F 336 76.64 -34.52 46.27
C GLY F 336 75.57 -33.83 45.42
N ILE F 337 75.98 -32.99 44.48
CA ILE F 337 75.01 -32.29 43.63
C ILE F 337 75.14 -32.75 42.18
N CYS F 338 74.01 -33.05 41.56
CA CYS F 338 73.99 -33.47 40.16
C CYS F 338 74.58 -32.36 39.29
N LYS F 339 74.94 -32.71 38.06
CA LYS F 339 75.49 -31.73 37.13
C LYS F 339 74.31 -31.05 36.44
N VAL F 340 74.26 -29.73 36.49
CA VAL F 340 73.17 -29.00 35.87
C VAL F 340 73.40 -28.80 34.37
N HIS F 341 72.33 -28.82 33.60
CA HIS F 341 72.43 -28.57 32.19
C HIS F 341 72.34 -27.04 32.12
N PRO F 342 73.46 -26.38 31.80
CA PRO F 342 73.60 -24.92 31.70
C PRO F 342 72.61 -24.13 30.86
N ALA F 343 72.08 -24.71 29.80
CA ALA F 343 71.14 -23.95 28.98
C ALA F 343 69.71 -24.25 29.29
N LEU F 344 69.42 -25.49 29.61
CA LEU F 344 68.06 -25.92 29.89
C LEU F 344 67.68 -25.67 31.34
N ASN F 345 68.68 -25.49 32.20
CA ASN F 345 68.42 -25.20 33.60
C ASN F 345 67.70 -26.32 34.37
N VAL F 346 68.19 -27.55 34.20
CA VAL F 346 67.66 -28.73 34.88
C VAL F 346 68.86 -29.64 35.01
N SER F 347 68.74 -30.72 35.78
CA SER F 347 69.88 -31.64 35.92
C SER F 347 70.06 -32.30 34.56
N THR F 348 71.30 -32.67 34.24
CA THR F 348 71.56 -33.32 32.96
C THR F 348 70.80 -34.65 32.96
N ARG F 349 70.65 -35.23 34.15
CA ARG F 349 69.90 -36.47 34.31
C ARG F 349 68.50 -36.25 33.72
N THR F 350 67.92 -35.09 34.00
CA THR F 350 66.60 -34.75 33.49
C THR F 350 66.63 -34.42 32.01
N SER F 351 67.70 -33.77 31.55
CA SER F 351 67.78 -33.42 30.13
C SER F 351 67.90 -34.69 29.29
N GLU F 352 68.50 -35.73 29.86
CA GLU F 352 68.64 -37.00 29.15
C GLU F 352 67.28 -37.70 29.12
N ARG F 353 66.60 -37.66 30.25
CA ARG F 353 65.28 -38.26 30.37
C ARG F 353 64.41 -37.56 29.31
N LEU F 354 64.67 -36.27 29.09
CA LEU F 354 63.93 -35.50 28.09
C LEU F 354 64.33 -35.92 26.68
N ARG F 355 65.61 -36.22 26.49
CA ARG F 355 66.10 -36.65 25.19
C ARG F 355 65.38 -37.94 24.78
N ASP F 356 65.06 -38.77 25.76
CA ASP F 356 64.36 -40.02 25.51
C ASP F 356 62.91 -39.78 25.11
N LEU F 357 62.23 -38.88 25.81
CA LEU F 357 60.86 -38.56 25.46
C LEU F 357 60.76 -38.10 24.03
N HIS F 358 61.78 -37.38 23.58
CA HIS F 358 61.79 -36.87 22.21
C HIS F 358 61.93 -38.01 21.20
N GLN F 359 62.91 -38.88 21.43
CA GLN F 359 63.14 -40.01 20.54
C GLN F 359 61.87 -40.85 20.45
N SER F 360 61.23 -41.08 21.61
CA SER F 360 60.01 -41.87 21.64
C SER F 360 58.85 -41.24 20.87
N TRP F 361 58.72 -39.92 20.90
CA TRP F 361 57.64 -39.29 20.17
C TRP F 361 57.85 -39.49 18.67
N LYS F 362 59.11 -39.58 18.26
CA LYS F 362 59.43 -39.79 16.85
C LYS F 362 59.21 -41.27 16.52
N THR F 363 58.03 -41.57 15.96
CA THR F 363 57.69 -42.95 15.60
C THR F 363 56.71 -43.00 14.42
N PHE G 55 -86.83 -15.70 -13.73
CA PHE G 55 -87.95 -16.65 -13.43
C PHE G 55 -89.29 -16.23 -14.03
N LEU G 56 -90.07 -15.48 -13.26
CA LEU G 56 -91.38 -15.03 -13.69
C LEU G 56 -91.32 -13.83 -14.63
N SER G 57 -91.54 -14.09 -15.92
CA SER G 57 -91.52 -13.06 -16.95
C SER G 57 -92.58 -11.97 -16.75
N LEU G 58 -92.29 -10.77 -17.24
CA LEU G 58 -93.20 -9.63 -17.11
C LEU G 58 -94.50 -9.70 -17.91
N ASP G 59 -94.56 -10.61 -18.87
CA ASP G 59 -95.76 -10.78 -19.66
C ASP G 59 -96.31 -12.19 -19.54
N SER G 60 -95.86 -12.91 -18.51
CA SER G 60 -96.34 -14.25 -18.25
C SER G 60 -97.77 -14.14 -17.73
N PRO G 61 -98.64 -15.08 -18.14
CA PRO G 61 -100.03 -15.07 -17.69
C PRO G 61 -100.07 -15.04 -16.16
N THR G 62 -99.10 -15.72 -15.55
CA THR G 62 -99.03 -15.83 -14.09
C THR G 62 -98.13 -14.81 -13.40
N TYR G 63 -97.86 -13.69 -14.05
CA TYR G 63 -97.03 -12.65 -13.44
C TYR G 63 -97.79 -12.02 -12.26
N VAL G 64 -97.06 -11.75 -11.18
CA VAL G 64 -97.69 -11.15 -10.01
C VAL G 64 -96.93 -9.92 -9.57
N LEU G 65 -97.64 -8.83 -9.30
CA LEU G 65 -96.97 -7.62 -8.85
C LEU G 65 -96.17 -7.92 -7.60
N TYR G 66 -95.14 -7.12 -7.36
CA TYR G 66 -94.29 -7.32 -6.20
C TYR G 66 -95.06 -7.01 -4.92
N ARG G 67 -96.04 -6.12 -5.00
CA ARG G 67 -96.84 -5.77 -3.84
C ARG G 67 -97.69 -6.96 -3.37
N ASP G 68 -97.87 -7.95 -4.24
CA ASP G 68 -98.66 -9.13 -3.92
C ASP G 68 -97.81 -10.38 -3.73
N ARG G 69 -96.50 -10.22 -3.63
CA ARG G 69 -95.62 -11.36 -3.46
C ARG G 69 -95.25 -11.51 -1.99
N ALA G 70 -95.39 -12.73 -1.48
CA ALA G 70 -95.09 -13.02 -0.09
C ALA G 70 -93.63 -12.75 0.28
N GLU G 71 -92.71 -13.10 -0.64
CA GLU G 71 -91.28 -12.92 -0.39
C GLU G 71 -90.91 -11.45 -0.25
N TRP G 72 -91.82 -10.55 -0.63
CA TRP G 72 -91.54 -9.13 -0.55
C TRP G 72 -92.40 -8.38 0.46
N ALA G 73 -93.11 -9.12 1.29
CA ALA G 73 -93.99 -8.52 2.29
C ALA G 73 -93.28 -7.66 3.32
N ASP G 74 -92.05 -8.02 3.68
CA ASP G 74 -91.29 -7.27 4.69
C ASP G 74 -90.75 -5.93 4.18
N ILE G 75 -90.72 -5.75 2.87
CA ILE G 75 -90.20 -4.53 2.26
C ILE G 75 -91.27 -3.47 2.01
N ASP G 76 -90.94 -2.22 2.35
CA ASP G 76 -91.83 -1.10 2.13
C ASP G 76 -91.42 -0.39 0.85
N PRO G 77 -92.26 -0.49 -0.20
CA PRO G 77 -91.94 0.15 -1.48
C PRO G 77 -91.70 1.63 -1.33
N VAL G 78 -90.74 2.14 -2.09
CA VAL G 78 -90.42 3.57 -2.06
C VAL G 78 -90.89 4.18 -3.38
N PRO G 79 -91.77 5.20 -3.29
CA PRO G 79 -92.30 5.88 -4.46
C PRO G 79 -91.47 7.04 -4.95
N GLN G 80 -91.61 7.36 -6.23
CA GLN G 80 -90.91 8.49 -6.84
C GLN G 80 -91.77 9.73 -6.68
N ASN G 81 -91.16 10.84 -6.25
CA ASN G 81 -91.92 12.08 -6.07
C ASN G 81 -91.23 13.28 -6.72
N ASP G 82 -91.82 13.78 -7.81
CA ASP G 82 -91.27 14.91 -8.53
C ASP G 82 -91.69 16.26 -7.97
N GLY G 83 -92.25 16.26 -6.76
CA GLY G 83 -92.68 17.51 -6.15
C GLY G 83 -94.00 18.04 -6.67
N PRO G 84 -94.40 19.25 -6.24
CA PRO G 84 -95.65 19.91 -6.63
C PRO G 84 -95.88 20.12 -8.13
N SER G 85 -94.85 20.60 -8.84
CA SER G 85 -94.95 20.85 -10.26
C SER G 85 -93.92 20.02 -11.03
N PRO G 86 -94.29 18.80 -11.43
CA PRO G 86 -93.40 17.89 -12.17
C PRO G 86 -93.14 18.31 -13.63
N VAL G 87 -91.88 18.22 -14.04
CA VAL G 87 -91.47 18.58 -15.39
C VAL G 87 -91.10 17.32 -16.18
N VAL G 88 -91.49 17.29 -17.45
CA VAL G 88 -91.22 16.15 -18.32
C VAL G 88 -91.54 14.87 -17.56
N GLN G 89 -92.76 14.82 -17.05
CA GLN G 89 -93.24 13.68 -16.28
C GLN G 89 -93.76 12.58 -17.21
N ILE G 90 -93.31 11.37 -16.96
CA ILE G 90 -93.70 10.22 -17.76
C ILE G 90 -94.73 9.41 -16.97
N ILE G 91 -95.84 9.03 -17.61
CA ILE G 91 -96.86 8.25 -16.92
C ILE G 91 -96.48 6.78 -16.97
N TYR G 92 -96.56 6.11 -15.82
CA TYR G 92 -96.20 4.72 -15.72
C TYR G 92 -97.37 3.80 -15.42
N SER G 93 -97.33 2.60 -16.01
CA SER G 93 -98.37 1.62 -15.80
C SER G 93 -98.20 1.07 -14.39
N GLU G 94 -99.22 0.40 -13.90
CA GLU G 94 -99.19 -0.20 -12.57
C GLU G 94 -97.98 -1.11 -12.43
N LYS G 95 -97.81 -1.98 -13.43
CA LYS G 95 -96.73 -2.93 -13.46
C LYS G 95 -95.36 -2.26 -13.37
N PHE G 96 -95.16 -1.24 -14.20
CA PHE G 96 -93.91 -0.50 -14.26
C PHE G 96 -93.60 0.20 -12.94
N ARG G 97 -94.56 0.96 -12.43
CA ARG G 97 -94.36 1.68 -11.17
C ARG G 97 -94.12 0.73 -10.01
N ASP G 98 -94.76 -0.44 -10.07
CA ASP G 98 -94.62 -1.44 -9.01
C ASP G 98 -93.19 -1.95 -8.94
N VAL G 99 -92.63 -2.34 -10.09
CA VAL G 99 -91.26 -2.84 -10.12
C VAL G 99 -90.27 -1.81 -9.61
N TYR G 100 -90.39 -0.57 -10.07
CA TYR G 100 -89.48 0.47 -9.64
C TYR G 100 -89.68 0.97 -8.23
N ASP G 101 -90.90 0.85 -7.70
CA ASP G 101 -91.16 1.28 -6.32
C ASP G 101 -90.39 0.34 -5.39
N TYR G 102 -90.26 -0.91 -5.80
CA TYR G 102 -89.53 -1.86 -4.97
C TYR G 102 -88.05 -1.77 -5.26
N PHE G 103 -87.69 -1.38 -6.48
CA PHE G 103 -86.29 -1.23 -6.82
C PHE G 103 -85.72 -0.09 -5.96
N ARG G 104 -86.49 0.99 -5.83
CA ARG G 104 -86.04 2.12 -5.01
C ARG G 104 -85.82 1.68 -3.58
N ALA G 105 -86.72 0.84 -3.09
CA ALA G 105 -86.64 0.36 -1.72
C ALA G 105 -85.36 -0.44 -1.51
N VAL G 106 -85.11 -1.38 -2.40
CA VAL G 106 -83.91 -2.20 -2.33
C VAL G 106 -82.63 -1.37 -2.46
N LEU G 107 -82.63 -0.38 -3.36
CA LEU G 107 -81.46 0.48 -3.55
C LEU G 107 -81.19 1.29 -2.29
N GLN G 108 -82.22 1.98 -1.83
CA GLN G 108 -82.11 2.82 -0.65
C GLN G 108 -81.49 2.11 0.54
N ARG G 109 -81.70 0.80 0.62
CA ARG G 109 -81.17 0.04 1.74
C ARG G 109 -79.95 -0.78 1.34
N ASP G 110 -79.52 -0.61 0.09
CA ASP G 110 -78.35 -1.32 -0.41
C ASP G 110 -78.43 -2.80 -0.04
N GLU G 111 -79.59 -3.39 -0.23
CA GLU G 111 -79.80 -4.80 0.09
C GLU G 111 -79.13 -5.71 -0.93
N ARG G 112 -78.07 -6.40 -0.51
CA ARG G 112 -77.35 -7.30 -1.41
C ARG G 112 -77.98 -8.69 -1.37
N SER G 113 -79.24 -8.80 -1.76
CA SER G 113 -79.92 -10.09 -1.73
C SER G 113 -80.16 -10.72 -3.09
N GLU G 114 -80.53 -12.00 -3.07
CA GLU G 114 -80.83 -12.74 -4.29
C GLU G 114 -82.15 -12.25 -4.87
N ARG G 115 -83.06 -11.81 -4.02
CA ARG G 115 -84.34 -11.33 -4.52
C ARG G 115 -84.14 -10.00 -5.23
N ALA G 116 -83.21 -9.19 -4.73
CA ALA G 116 -82.91 -7.89 -5.33
C ALA G 116 -82.29 -8.13 -6.71
N PHE G 117 -81.44 -9.14 -6.80
CA PHE G 117 -80.79 -9.48 -8.06
C PHE G 117 -81.84 -9.83 -9.11
N LYS G 118 -82.84 -10.60 -8.73
CA LYS G 118 -83.89 -10.98 -9.67
C LYS G 118 -84.75 -9.77 -10.02
N LEU G 119 -84.86 -8.84 -9.08
CA LEU G 119 -85.64 -7.63 -9.30
C LEU G 119 -84.99 -6.78 -10.39
N THR G 120 -83.66 -6.74 -10.43
CA THR G 120 -82.98 -5.94 -11.45
C THR G 120 -83.25 -6.47 -12.84
N ARG G 121 -83.47 -7.76 -12.97
CA ARG G 121 -83.74 -8.31 -14.30
C ARG G 121 -85.03 -7.71 -14.85
N ASP G 122 -86.00 -7.48 -13.97
CA ASP G 122 -87.27 -6.91 -14.39
C ASP G 122 -87.14 -5.41 -14.64
N ALA G 123 -86.36 -4.74 -13.79
CA ALA G 123 -86.15 -3.31 -13.93
C ALA G 123 -85.47 -3.05 -15.28
N ILE G 124 -84.55 -3.92 -15.66
CA ILE G 124 -83.84 -3.80 -16.91
C ILE G 124 -84.76 -4.07 -18.10
N GLU G 125 -85.67 -5.03 -17.96
CA GLU G 125 -86.58 -5.33 -19.06
C GLU G 125 -87.49 -4.12 -19.29
N LEU G 126 -87.85 -3.43 -18.21
CA LEU G 126 -88.69 -2.26 -18.32
C LEU G 126 -87.93 -1.04 -18.86
N ASN G 127 -86.65 -0.93 -18.53
CA ASN G 127 -85.84 0.19 -18.99
C ASN G 127 -84.33 -0.11 -18.92
N ALA G 128 -83.79 -0.60 -20.03
CA ALA G 128 -82.37 -0.94 -20.11
C ALA G 128 -81.45 0.27 -20.13
N ALA G 129 -82.00 1.48 -20.15
CA ALA G 129 -81.18 2.67 -20.19
C ALA G 129 -80.94 3.24 -18.81
N ASN G 130 -81.42 2.56 -17.78
CA ASN G 130 -81.21 3.05 -16.42
C ASN G 130 -79.84 2.58 -15.92
N TYR G 131 -78.84 3.45 -16.02
CA TYR G 131 -77.49 3.09 -15.60
C TYR G 131 -77.36 2.70 -14.13
N THR G 132 -78.18 3.30 -13.27
CA THR G 132 -78.12 2.95 -11.85
C THR G 132 -78.47 1.48 -11.64
N VAL G 133 -79.48 1.01 -12.37
CA VAL G 133 -79.87 -0.38 -12.27
C VAL G 133 -78.71 -1.28 -12.64
N TRP G 134 -78.04 -0.99 -13.76
CA TRP G 134 -76.90 -1.82 -14.18
C TRP G 134 -75.76 -1.78 -13.16
N HIS G 135 -75.55 -0.63 -12.54
CA HIS G 135 -74.49 -0.53 -11.57
C HIS G 135 -74.82 -1.44 -10.39
N PHE G 136 -76.04 -1.31 -9.88
CA PHE G 136 -76.46 -2.11 -8.75
C PHE G 136 -76.37 -3.59 -9.10
N ARG G 137 -76.79 -3.95 -10.30
CA ARG G 137 -76.72 -5.33 -10.70
C ARG G 137 -75.28 -5.82 -10.64
N ARG G 138 -74.33 -4.96 -11.01
CA ARG G 138 -72.92 -5.36 -10.97
C ARG G 138 -72.45 -5.51 -9.52
N VAL G 139 -72.97 -4.65 -8.64
CA VAL G 139 -72.63 -4.74 -7.23
C VAL G 139 -73.10 -6.10 -6.73
N LEU G 140 -74.32 -6.46 -7.11
CA LEU G 140 -74.90 -7.74 -6.71
C LEU G 140 -74.14 -8.92 -7.31
N LEU G 141 -73.73 -8.80 -8.56
CA LEU G 141 -72.99 -9.87 -9.20
C LEU G 141 -71.76 -10.22 -8.37
N ARG G 142 -71.13 -9.20 -7.78
CA ARG G 142 -69.95 -9.40 -6.96
C ARG G 142 -70.33 -9.94 -5.57
N SER G 143 -71.22 -9.24 -4.87
CA SER G 143 -71.66 -9.64 -3.53
C SER G 143 -72.13 -11.09 -3.48
N LEU G 144 -72.96 -11.49 -4.43
CA LEU G 144 -73.49 -12.86 -4.44
C LEU G 144 -72.59 -13.81 -5.23
N GLN G 145 -71.45 -13.33 -5.69
CA GLN G 145 -70.52 -14.17 -6.46
C GLN G 145 -71.26 -15.02 -7.48
N LYS G 146 -72.02 -14.37 -8.35
CA LYS G 146 -72.79 -15.06 -9.38
C LYS G 146 -71.91 -15.56 -10.51
N ASP G 147 -72.40 -16.56 -11.23
CA ASP G 147 -71.65 -17.13 -12.35
C ASP G 147 -71.58 -16.09 -13.48
N LEU G 148 -70.39 -15.56 -13.72
CA LEU G 148 -70.21 -14.54 -14.76
C LEU G 148 -70.39 -15.06 -16.17
N GLN G 149 -70.18 -16.35 -16.37
CA GLN G 149 -70.33 -16.91 -17.69
C GLN G 149 -71.82 -16.89 -18.05
N GLU G 150 -72.66 -16.97 -17.03
CA GLU G 150 -74.10 -16.93 -17.24
C GLU G 150 -74.53 -15.51 -17.57
N GLU G 151 -73.92 -14.54 -16.88
CA GLU G 151 -74.22 -13.13 -17.11
C GLU G 151 -73.81 -12.76 -18.54
N MET G 152 -72.79 -13.42 -19.07
CA MET G 152 -72.35 -13.15 -20.43
C MET G 152 -73.44 -13.54 -21.42
N ASN G 153 -74.13 -14.65 -21.15
CA ASN G 153 -75.20 -15.10 -22.03
C ASN G 153 -76.34 -14.08 -21.97
N TYR G 154 -76.58 -13.57 -20.76
CA TYR G 154 -77.63 -12.60 -20.54
C TYR G 154 -77.38 -11.32 -21.33
N ILE G 155 -76.25 -10.67 -21.08
CA ILE G 155 -75.90 -9.44 -21.77
C ILE G 155 -75.80 -9.64 -23.27
N ILE G 156 -75.41 -10.84 -23.71
CA ILE G 156 -75.31 -11.10 -25.14
C ILE G 156 -76.70 -11.00 -25.79
N ALA G 157 -77.73 -11.47 -25.09
CA ALA G 157 -79.07 -11.41 -25.63
C ALA G 157 -79.60 -9.98 -25.57
N ILE G 158 -79.35 -9.28 -24.46
CA ILE G 158 -79.80 -7.91 -24.30
C ILE G 158 -79.26 -6.99 -25.40
N ILE G 159 -77.95 -7.09 -25.65
CA ILE G 159 -77.34 -6.26 -26.67
C ILE G 159 -77.91 -6.53 -28.05
N GLU G 160 -78.15 -7.80 -28.38
CA GLU G 160 -78.72 -8.11 -29.69
C GLU G 160 -80.06 -7.41 -29.90
N GLU G 161 -80.82 -7.25 -28.82
CA GLU G 161 -82.12 -6.59 -28.89
C GLU G 161 -82.02 -5.07 -28.84
N GLN G 162 -80.96 -4.56 -28.21
CA GLN G 162 -80.77 -3.11 -28.09
C GLN G 162 -79.31 -2.73 -28.34
N PRO G 163 -78.82 -2.96 -29.57
CA PRO G 163 -77.44 -2.67 -29.93
C PRO G 163 -76.97 -1.22 -29.91
N LYS G 164 -77.89 -0.27 -29.71
CA LYS G 164 -77.52 1.15 -29.68
C LYS G 164 -77.50 1.73 -28.28
N ASN G 165 -77.69 0.88 -27.27
CA ASN G 165 -77.72 1.32 -25.88
C ASN G 165 -76.30 1.40 -25.27
N TYR G 166 -75.97 2.53 -24.67
CA TYR G 166 -74.66 2.72 -24.06
C TYR G 166 -74.40 1.84 -22.84
N GLN G 167 -75.40 1.73 -21.96
CA GLN G 167 -75.26 0.93 -20.75
C GLN G 167 -74.98 -0.54 -20.97
N VAL G 168 -75.61 -1.14 -21.98
CA VAL G 168 -75.39 -2.56 -22.21
C VAL G 168 -73.98 -2.86 -22.73
N TRP G 169 -73.41 -1.97 -23.54
CA TRP G 169 -72.06 -2.21 -24.04
C TRP G 169 -71.06 -1.99 -22.92
N HIS G 170 -71.35 -1.04 -22.03
CA HIS G 170 -70.47 -0.77 -20.91
C HIS G 170 -70.46 -1.98 -19.98
N HIS G 171 -71.63 -2.53 -19.75
CA HIS G 171 -71.78 -3.68 -18.88
C HIS G 171 -70.97 -4.85 -19.41
N ARG G 172 -71.08 -5.13 -20.70
CA ARG G 172 -70.36 -6.24 -21.29
C ARG G 172 -68.85 -6.03 -21.15
N ARG G 173 -68.40 -4.80 -21.32
CA ARG G 173 -66.97 -4.53 -21.20
C ARG G 173 -66.47 -4.79 -19.79
N VAL G 174 -67.25 -4.38 -18.78
CA VAL G 174 -66.84 -4.64 -17.42
C VAL G 174 -66.73 -6.14 -17.19
N LEU G 175 -67.66 -6.92 -17.74
CA LEU G 175 -67.64 -8.36 -17.58
C LEU G 175 -66.40 -8.97 -18.18
N VAL G 176 -66.08 -8.60 -19.41
CA VAL G 176 -64.90 -9.14 -20.07
C VAL G 176 -63.66 -8.77 -19.27
N GLU G 177 -63.63 -7.59 -18.66
CA GLU G 177 -62.50 -7.18 -17.85
C GLU G 177 -62.40 -8.09 -16.64
N TRP G 178 -63.54 -8.38 -16.01
CA TRP G 178 -63.58 -9.25 -14.84
C TRP G 178 -63.12 -10.66 -15.15
N LEU G 179 -63.61 -11.23 -16.24
CA LEU G 179 -63.24 -12.59 -16.62
C LEU G 179 -61.89 -12.68 -17.30
N LYS G 180 -61.37 -11.55 -17.79
CA LYS G 180 -60.10 -11.53 -18.51
C LYS G 180 -60.19 -12.59 -19.60
N ASP G 181 -61.40 -12.77 -20.14
CA ASP G 181 -61.65 -13.75 -21.19
C ASP G 181 -62.29 -13.11 -22.42
N PRO G 182 -61.50 -12.93 -23.49
CA PRO G 182 -62.04 -12.31 -24.70
C PRO G 182 -62.41 -13.32 -25.79
N SER G 183 -62.34 -14.62 -25.47
CA SER G 183 -62.63 -15.67 -26.42
C SER G 183 -63.94 -15.60 -27.22
N GLN G 184 -64.97 -14.98 -26.65
CA GLN G 184 -66.26 -14.87 -27.34
C GLN G 184 -66.44 -13.55 -28.11
N GLU G 185 -65.70 -12.53 -27.70
CA GLU G 185 -65.81 -11.19 -28.27
C GLU G 185 -65.81 -10.97 -29.78
N LEU G 186 -64.75 -11.37 -30.46
CA LEU G 186 -64.70 -11.14 -31.91
C LEU G 186 -65.87 -11.74 -32.68
N GLU G 187 -66.31 -12.92 -32.28
CA GLU G 187 -67.42 -13.56 -32.97
C GLU G 187 -68.74 -12.85 -32.65
N PHE G 188 -68.92 -12.46 -31.38
CA PHE G 188 -70.13 -11.77 -30.98
C PHE G 188 -70.27 -10.45 -31.74
N ILE G 189 -69.20 -9.68 -31.76
CA ILE G 189 -69.21 -8.39 -32.44
C ILE G 189 -69.47 -8.58 -33.93
N ALA G 190 -68.87 -9.60 -34.53
CA ALA G 190 -69.07 -9.87 -35.95
C ALA G 190 -70.55 -10.11 -36.25
N ASP G 191 -71.26 -10.71 -35.29
CA ASP G 191 -72.68 -10.99 -35.46
C ASP G 191 -73.48 -9.69 -35.41
N ILE G 192 -73.13 -8.80 -34.48
CA ILE G 192 -73.80 -7.52 -34.37
C ILE G 192 -73.51 -6.70 -35.64
N LEU G 193 -72.25 -6.69 -36.06
CA LEU G 193 -71.87 -5.95 -37.24
C LEU G 193 -72.53 -6.54 -38.48
N ASN G 194 -73.09 -7.72 -38.34
CA ASN G 194 -73.74 -8.36 -39.47
C ASN G 194 -75.14 -7.80 -39.65
N GLN G 195 -75.72 -7.28 -38.57
CA GLN G 195 -77.05 -6.69 -38.65
C GLN G 195 -76.92 -5.19 -38.93
N ASP G 196 -75.80 -4.60 -38.51
CA ASP G 196 -75.52 -3.18 -38.72
C ASP G 196 -74.00 -2.98 -38.78
N ALA G 197 -73.46 -3.02 -39.99
CA ALA G 197 -72.02 -2.90 -40.20
C ALA G 197 -71.39 -1.56 -39.81
N LYS G 198 -72.20 -0.62 -39.35
CA LYS G 198 -71.66 0.68 -38.98
C LYS G 198 -71.95 1.06 -37.54
N ASN G 199 -72.42 0.10 -36.75
CA ASN G 199 -72.74 0.36 -35.35
C ASN G 199 -71.48 0.84 -34.62
N TYR G 200 -71.49 2.11 -34.22
CA TYR G 200 -70.35 2.70 -33.55
C TYR G 200 -69.96 1.96 -32.26
N HIS G 201 -70.96 1.56 -31.47
CA HIS G 201 -70.68 0.84 -30.23
C HIS G 201 -69.92 -0.45 -30.47
N ALA G 202 -70.33 -1.18 -31.51
CA ALA G 202 -69.70 -2.44 -31.85
C ALA G 202 -68.23 -2.27 -32.23
N TRP G 203 -67.94 -1.31 -33.11
CA TRP G 203 -66.58 -1.08 -33.53
C TRP G 203 -65.71 -0.60 -32.37
N GLN G 204 -66.31 0.19 -31.49
CA GLN G 204 -65.57 0.68 -30.35
C GLN G 204 -65.19 -0.49 -29.45
N HIS G 205 -66.15 -1.36 -29.20
CA HIS G 205 -65.91 -2.51 -28.34
C HIS G 205 -64.86 -3.41 -28.99
N ARG G 206 -64.96 -3.60 -30.30
CA ARG G 206 -64.03 -4.44 -31.01
C ARG G 206 -62.59 -3.91 -30.88
N GLN G 207 -62.40 -2.59 -31.02
CA GLN G 207 -61.06 -2.03 -30.91
C GLN G 207 -60.53 -2.18 -29.48
N TRP G 208 -61.42 -2.04 -28.50
CA TRP G 208 -61.01 -2.18 -27.11
C TRP G 208 -60.54 -3.61 -26.84
N VAL G 209 -61.33 -4.59 -27.27
CA VAL G 209 -60.96 -5.98 -27.05
C VAL G 209 -59.63 -6.30 -27.72
N ILE G 210 -59.51 -5.98 -29.01
CA ILE G 210 -58.28 -6.25 -29.75
C ILE G 210 -57.04 -5.63 -29.10
N GLN G 211 -57.15 -4.39 -28.65
CA GLN G 211 -56.03 -3.72 -28.03
C GLN G 211 -55.71 -4.27 -26.64
N GLU G 212 -56.75 -4.46 -25.83
CA GLU G 212 -56.61 -4.96 -24.46
C GLU G 212 -56.06 -6.38 -24.34
N PHE G 213 -56.40 -7.26 -25.28
CA PHE G 213 -55.94 -8.64 -25.23
C PHE G 213 -55.03 -8.98 -26.39
N ARG G 214 -54.55 -7.96 -27.10
CA ARG G 214 -53.65 -8.14 -28.23
C ARG G 214 -54.13 -9.22 -29.21
N LEU G 215 -55.29 -9.01 -29.83
CA LEU G 215 -55.84 -9.96 -30.79
C LEU G 215 -55.79 -9.39 -32.21
N TRP G 216 -54.59 -9.00 -32.64
CA TRP G 216 -54.42 -8.42 -33.97
C TRP G 216 -54.32 -9.39 -35.12
N ASP G 217 -53.87 -10.61 -34.82
CA ASP G 217 -53.66 -11.64 -35.84
C ASP G 217 -54.60 -11.77 -37.02
N ASN G 218 -55.90 -11.72 -36.80
CA ASN G 218 -56.82 -11.89 -37.93
C ASN G 218 -57.69 -10.72 -38.31
N GLU G 219 -57.48 -9.57 -37.69
CA GLU G 219 -58.31 -8.42 -37.98
C GLU G 219 -58.15 -7.85 -39.39
N LEU G 220 -56.93 -7.80 -39.90
CA LEU G 220 -56.73 -7.27 -41.25
C LEU G 220 -57.46 -8.11 -42.29
N GLN G 221 -57.62 -9.39 -42.01
CA GLN G 221 -58.31 -10.27 -42.93
C GLN G 221 -59.80 -10.03 -42.82
N TYR G 222 -60.25 -9.72 -41.61
CA TYR G 222 -61.66 -9.45 -41.36
C TYR G 222 -62.02 -8.16 -42.11
N VAL G 223 -61.14 -7.18 -42.02
CA VAL G 223 -61.32 -5.90 -42.69
C VAL G 223 -61.42 -6.12 -44.20
N ASP G 224 -60.52 -6.93 -44.75
CA ASP G 224 -60.53 -7.23 -46.18
C ASP G 224 -61.86 -7.85 -46.60
N GLN G 225 -62.40 -8.72 -45.75
CA GLN G 225 -63.66 -9.39 -46.04
C GLN G 225 -64.82 -8.41 -46.10
N LEU G 226 -64.88 -7.49 -45.13
CA LEU G 226 -65.94 -6.51 -45.08
C LEU G 226 -65.86 -5.45 -46.18
N LEU G 227 -64.64 -5.12 -46.61
CA LEU G 227 -64.48 -4.14 -47.68
C LEU G 227 -64.97 -4.71 -49.00
N LYS G 228 -65.00 -6.04 -49.10
CA LYS G 228 -65.50 -6.69 -50.31
C LYS G 228 -67.04 -6.63 -50.28
N GLU G 229 -67.61 -6.77 -49.09
CA GLU G 229 -69.06 -6.72 -48.93
C GLU G 229 -69.62 -5.32 -49.20
N ASP G 230 -68.87 -4.29 -48.79
CA ASP G 230 -69.29 -2.90 -48.98
C ASP G 230 -68.06 -1.99 -48.89
N VAL G 231 -67.46 -1.70 -50.03
CA VAL G 231 -66.26 -0.86 -50.06
C VAL G 231 -66.51 0.58 -49.58
N ARG G 232 -67.78 0.94 -49.42
CA ARG G 232 -68.12 2.28 -48.95
C ARG G 232 -68.29 2.39 -47.44
N ASN G 233 -68.11 1.30 -46.70
CA ASN G 233 -68.26 1.36 -45.25
C ASN G 233 -67.08 2.11 -44.62
N ASN G 234 -67.32 3.34 -44.21
CA ASN G 234 -66.28 4.17 -43.62
C ASN G 234 -65.69 3.57 -42.35
N SER G 235 -66.52 2.82 -41.61
CA SER G 235 -66.08 2.20 -40.37
C SER G 235 -64.99 1.15 -40.61
N VAL G 236 -65.13 0.42 -41.71
CA VAL G 236 -64.16 -0.62 -42.06
C VAL G 236 -62.82 -0.02 -42.49
N TRP G 237 -62.86 1.09 -43.22
CA TRP G 237 -61.62 1.73 -43.63
C TRP G 237 -60.91 2.23 -42.37
N ASN G 238 -61.69 2.70 -41.39
CA ASN G 238 -61.09 3.18 -40.15
C ASN G 238 -60.42 2.02 -39.44
N GLN G 239 -61.08 0.88 -39.44
CA GLN G 239 -60.55 -0.31 -38.79
C GLN G 239 -59.23 -0.71 -39.43
N ARG G 240 -59.19 -0.65 -40.76
CA ARG G 240 -57.98 -1.01 -41.48
C ARG G 240 -56.80 -0.16 -41.00
N HIS G 241 -57.00 1.14 -40.89
CA HIS G 241 -55.93 2.01 -40.43
C HIS G 241 -55.56 1.72 -38.97
N PHE G 242 -56.56 1.29 -38.20
CA PHE G 242 -56.38 0.96 -36.80
C PHE G 242 -55.48 -0.26 -36.64
N VAL G 243 -55.74 -1.29 -37.43
CA VAL G 243 -54.95 -2.50 -37.38
C VAL G 243 -53.51 -2.24 -37.81
N ILE G 244 -53.34 -1.72 -39.02
CA ILE G 244 -52.00 -1.46 -39.54
C ILE G 244 -51.15 -0.54 -38.69
N SER G 245 -51.68 0.62 -38.30
CA SER G 245 -50.86 1.52 -37.51
C SER G 245 -50.53 0.99 -36.12
N ASN G 246 -51.23 -0.06 -35.69
CA ASN G 246 -50.96 -0.63 -34.38
C ASN G 246 -50.15 -1.92 -34.46
N THR G 247 -49.81 -2.35 -35.67
CA THR G 247 -49.00 -3.53 -35.83
C THR G 247 -47.72 -3.13 -36.55
N THR G 248 -47.67 -3.33 -37.87
CA THR G 248 -46.50 -2.97 -38.65
C THR G 248 -46.21 -1.47 -38.71
N GLY G 249 -47.26 -0.66 -38.76
CA GLY G 249 -47.07 0.77 -38.88
C GLY G 249 -46.98 1.07 -40.38
N TYR G 250 -46.80 2.33 -40.76
CA TYR G 250 -46.70 2.65 -42.19
C TYR G 250 -45.32 3.12 -42.64
N SER G 251 -44.38 3.20 -41.71
CA SER G 251 -43.02 3.63 -42.04
C SER G 251 -42.27 2.60 -42.88
N ASP G 252 -42.80 1.37 -42.95
CA ASP G 252 -42.18 0.33 -43.76
C ASP G 252 -42.64 0.54 -45.20
N ARG G 253 -41.74 1.04 -46.04
CA ARG G 253 -42.08 1.31 -47.44
C ARG G 253 -42.81 0.19 -48.16
N ALA G 254 -42.54 -1.05 -47.77
CA ALA G 254 -43.20 -2.17 -48.40
C ALA G 254 -44.67 -2.20 -48.00
N VAL G 255 -44.95 -1.79 -46.77
CA VAL G 255 -46.33 -1.75 -46.28
C VAL G 255 -47.06 -0.58 -46.92
N LEU G 256 -46.41 0.58 -46.92
CA LEU G 256 -47.00 1.77 -47.50
C LEU G 256 -47.39 1.51 -48.95
N GLU G 257 -46.48 0.88 -49.69
CA GLU G 257 -46.74 0.58 -51.09
C GLU G 257 -47.92 -0.36 -51.25
N ARG G 258 -47.96 -1.40 -50.42
CA ARG G 258 -49.06 -2.36 -50.48
C ARG G 258 -50.40 -1.67 -50.24
N GLU G 259 -50.43 -0.80 -49.23
CA GLU G 259 -51.65 -0.08 -48.88
C GLU G 259 -52.08 0.94 -49.94
N VAL G 260 -51.14 1.73 -50.44
CA VAL G 260 -51.48 2.71 -51.47
C VAL G 260 -52.00 1.97 -52.70
N GLN G 261 -51.34 0.87 -53.04
CA GLN G 261 -51.73 0.08 -54.20
C GLN G 261 -53.13 -0.50 -53.99
N TYR G 262 -53.37 -1.02 -52.79
CA TYR G 262 -54.65 -1.63 -52.44
C TYR G 262 -55.80 -0.62 -52.55
N THR G 263 -55.55 0.59 -52.06
CA THR G 263 -56.55 1.64 -52.10
C THR G 263 -56.86 2.07 -53.53
N LEU G 264 -55.82 2.26 -54.35
CA LEU G 264 -56.03 2.64 -55.74
C LEU G 264 -56.87 1.59 -56.46
N GLU G 265 -56.69 0.32 -56.10
CA GLU G 265 -57.47 -0.74 -56.72
C GLU G 265 -58.93 -0.60 -56.33
N MET G 266 -59.18 -0.22 -55.08
CA MET G 266 -60.54 -0.05 -54.58
C MET G 266 -61.15 1.19 -55.20
N ILE G 267 -60.34 2.22 -55.38
CA ILE G 267 -60.83 3.45 -55.96
C ILE G 267 -61.22 3.19 -57.42
N LYS G 268 -60.44 2.36 -58.12
CA LYS G 268 -60.74 2.05 -59.51
C LYS G 268 -62.08 1.32 -59.61
N LEU G 269 -62.41 0.50 -58.63
CA LEU G 269 -63.68 -0.24 -58.65
C LEU G 269 -64.88 0.66 -58.39
N VAL G 270 -64.73 1.63 -57.49
CA VAL G 270 -65.79 2.57 -57.14
C VAL G 270 -65.13 3.91 -56.89
N PRO G 271 -64.83 4.65 -57.97
CA PRO G 271 -64.19 5.97 -57.93
C PRO G 271 -64.83 7.03 -57.04
N HIS G 272 -66.15 6.96 -56.88
CA HIS G 272 -66.83 7.95 -56.04
C HIS G 272 -67.02 7.37 -54.64
N ASN G 273 -65.94 7.38 -53.86
CA ASN G 273 -65.97 6.84 -52.50
C ASN G 273 -65.03 7.66 -51.61
N GLU G 274 -65.60 8.58 -50.84
CA GLU G 274 -64.82 9.43 -49.97
C GLU G 274 -63.92 8.64 -49.00
N SER G 275 -64.43 7.53 -48.48
CA SER G 275 -63.68 6.72 -47.54
C SER G 275 -62.34 6.25 -48.09
N ALA G 276 -62.34 5.70 -49.30
CA ALA G 276 -61.09 5.23 -49.90
C ALA G 276 -60.13 6.41 -50.10
N TRP G 277 -60.65 7.51 -50.61
CA TRP G 277 -59.80 8.68 -50.83
C TRP G 277 -59.25 9.25 -49.54
N ASN G 278 -60.06 9.23 -48.48
CA ASN G 278 -59.60 9.77 -47.21
C ASN G 278 -58.49 8.90 -46.64
N TYR G 279 -58.59 7.59 -46.86
CA TYR G 279 -57.58 6.66 -46.37
C TYR G 279 -56.26 6.93 -47.12
N LEU G 280 -56.35 6.96 -48.45
CA LEU G 280 -55.17 7.22 -49.28
C LEU G 280 -54.49 8.51 -48.86
N LYS G 281 -55.26 9.59 -48.69
CA LYS G 281 -54.67 10.85 -48.28
C LYS G 281 -54.16 10.74 -46.85
N GLY G 282 -54.93 10.05 -46.01
CA GLY G 282 -54.56 9.91 -44.63
C GLY G 282 -53.19 9.29 -44.38
N ILE G 283 -52.86 8.24 -45.13
CA ILE G 283 -51.59 7.58 -44.93
C ILE G 283 -50.40 8.25 -45.62
N LEU G 284 -50.65 9.30 -46.40
CA LEU G 284 -49.57 9.98 -47.10
C LEU G 284 -49.38 11.44 -46.71
N GLN G 285 -50.45 12.11 -46.28
CA GLN G 285 -50.38 13.53 -45.96
C GLN G 285 -49.24 13.96 -45.03
N ASP G 286 -48.93 13.17 -44.02
CA ASP G 286 -47.87 13.55 -43.10
C ASP G 286 -46.47 13.25 -43.63
N ARG G 287 -46.37 12.35 -44.60
CA ARG G 287 -45.07 12.05 -45.19
C ARG G 287 -44.75 13.15 -46.20
N GLY G 288 -45.81 13.78 -46.73
CA GLY G 288 -45.65 14.84 -47.71
C GLY G 288 -46.13 14.35 -49.07
N LEU G 289 -47.31 14.78 -49.50
CA LEU G 289 -47.85 14.33 -50.78
C LEU G 289 -46.96 14.63 -51.99
N SER G 290 -46.23 15.74 -51.95
CA SER G 290 -45.38 16.09 -53.07
C SER G 290 -44.13 15.19 -53.23
N ARG G 291 -43.88 14.32 -52.26
CA ARG G 291 -42.72 13.42 -52.31
C ARG G 291 -42.97 12.15 -53.13
N TYR G 292 -44.15 12.01 -53.71
CA TYR G 292 -44.50 10.82 -54.48
C TYR G 292 -44.82 11.11 -55.94
N PRO G 293 -43.79 11.46 -56.74
CA PRO G 293 -43.91 11.78 -58.17
C PRO G 293 -44.74 10.83 -59.04
N ASN G 294 -44.63 9.53 -58.80
CA ASN G 294 -45.39 8.57 -59.59
C ASN G 294 -46.87 8.61 -59.26
N LEU G 295 -47.18 9.03 -58.04
CA LEU G 295 -48.58 9.10 -57.63
C LEU G 295 -49.28 10.21 -58.41
N LEU G 296 -48.64 11.37 -58.48
CA LEU G 296 -49.20 12.51 -59.20
C LEU G 296 -49.55 12.10 -60.62
N ASN G 297 -48.60 11.48 -61.31
CA ASN G 297 -48.81 11.05 -62.69
C ASN G 297 -49.94 10.05 -62.80
N GLN G 298 -49.94 9.05 -61.93
CA GLN G 298 -50.99 8.05 -61.97
C GLN G 298 -52.37 8.64 -61.77
N LEU G 299 -52.47 9.64 -60.90
CA LEU G 299 -53.75 10.28 -60.65
C LEU G 299 -54.19 11.12 -61.85
N LEU G 300 -53.24 11.83 -62.46
CA LEU G 300 -53.56 12.65 -63.62
C LEU G 300 -54.06 11.75 -64.74
N ASP G 301 -53.58 10.51 -64.75
CA ASP G 301 -53.99 9.54 -65.76
C ASP G 301 -55.36 8.95 -65.50
N LEU G 302 -55.90 9.19 -64.32
CA LEU G 302 -57.23 8.69 -63.98
C LEU G 302 -58.28 9.76 -64.26
N GLN G 303 -57.85 11.02 -64.20
CA GLN G 303 -58.74 12.17 -64.44
C GLN G 303 -59.66 11.96 -65.65
N PRO G 304 -59.10 11.48 -66.78
CA PRO G 304 -59.90 11.25 -67.99
C PRO G 304 -61.20 10.48 -67.75
N SER G 305 -61.10 9.28 -67.18
CA SER G 305 -62.29 8.47 -66.93
C SER G 305 -62.75 8.43 -65.46
N HIS G 306 -61.94 7.82 -64.60
CA HIS G 306 -62.26 7.69 -63.17
C HIS G 306 -62.23 8.99 -62.36
N SER G 307 -62.65 10.10 -62.96
CA SER G 307 -62.64 11.38 -62.24
C SER G 307 -63.72 11.43 -61.15
N SER G 308 -63.57 12.40 -60.25
CA SER G 308 -64.49 12.63 -59.15
C SER G 308 -63.95 13.82 -58.41
N PRO G 309 -64.79 14.46 -57.60
CA PRO G 309 -64.32 15.64 -56.85
C PRO G 309 -63.20 15.28 -55.87
N TYR G 310 -63.22 14.04 -55.38
CA TYR G 310 -62.21 13.57 -54.43
C TYR G 310 -60.82 13.57 -55.08
N LEU G 311 -60.76 13.10 -56.33
CA LEU G 311 -59.50 13.05 -57.06
C LEU G 311 -58.98 14.47 -57.31
N ILE G 312 -59.84 15.37 -57.80
CA ILE G 312 -59.44 16.75 -58.06
C ILE G 312 -58.91 17.37 -56.78
N ALA G 313 -59.61 17.13 -55.67
CA ALA G 313 -59.20 17.68 -54.39
C ALA G 313 -57.83 17.12 -53.99
N PHE G 314 -57.60 15.85 -54.32
CA PHE G 314 -56.33 15.23 -53.99
C PHE G 314 -55.23 15.98 -54.73
N LEU G 315 -55.44 16.21 -56.03
CA LEU G 315 -54.48 16.92 -56.86
C LEU G 315 -54.19 18.30 -56.27
N VAL G 316 -55.24 19.02 -55.89
CA VAL G 316 -55.03 20.34 -55.29
C VAL G 316 -54.11 20.22 -54.09
N ASP G 317 -54.38 19.22 -53.24
CA ASP G 317 -53.58 18.99 -52.04
C ASP G 317 -52.12 18.65 -52.34
N ILE G 318 -51.90 17.93 -53.45
CA ILE G 318 -50.54 17.59 -53.84
C ILE G 318 -49.84 18.88 -54.25
N TYR G 319 -50.49 19.66 -55.12
CA TYR G 319 -49.90 20.92 -55.57
C TYR G 319 -49.63 21.84 -54.39
N GLU G 320 -50.55 21.86 -53.41
CA GLU G 320 -50.35 22.72 -52.26
C GLU G 320 -49.12 22.27 -51.47
N ASP G 321 -48.90 20.96 -51.39
CA ASP G 321 -47.75 20.46 -50.66
C ASP G 321 -46.47 20.86 -51.39
N MET G 322 -46.53 20.91 -52.71
CA MET G 322 -45.39 21.31 -53.52
C MET G 322 -45.06 22.77 -53.21
N LEU G 323 -46.06 23.65 -53.31
CA LEU G 323 -45.88 25.07 -53.02
C LEU G 323 -45.33 25.24 -51.61
N GLU G 324 -45.73 24.34 -50.72
CA GLU G 324 -45.29 24.37 -49.33
C GLU G 324 -43.80 24.10 -49.22
N ASN G 325 -43.28 23.32 -50.16
CA ASN G 325 -41.86 22.95 -50.16
C ASN G 325 -41.09 23.61 -51.30
N GLN G 326 -41.10 24.94 -51.32
CA GLN G 326 -40.41 25.74 -52.33
C GLN G 326 -40.01 24.94 -53.58
N CYS G 327 -41.00 24.46 -54.32
CA CYS G 327 -40.72 23.67 -55.53
C CYS G 327 -40.27 24.54 -56.69
N ASP G 328 -40.06 23.91 -57.84
CA ASP G 328 -39.65 24.62 -59.04
C ASP G 328 -40.91 24.96 -59.82
N ASN G 329 -40.94 26.19 -60.36
CA ASN G 329 -42.09 26.68 -61.12
C ASN G 329 -43.23 26.99 -60.17
N LYS G 330 -42.92 27.59 -59.02
CA LYS G 330 -43.91 27.92 -58.01
C LYS G 330 -45.15 28.55 -58.63
N GLU G 331 -44.95 29.63 -59.39
CA GLU G 331 -46.05 30.33 -60.04
C GLU G 331 -46.86 29.44 -60.98
N ASP G 332 -46.20 28.52 -61.68
CA ASP G 332 -46.92 27.64 -62.60
C ASP G 332 -47.73 26.59 -61.86
N ILE G 333 -47.20 26.12 -60.74
CA ILE G 333 -47.88 25.12 -59.94
C ILE G 333 -49.14 25.78 -59.36
N LEU G 334 -48.95 26.96 -58.78
CA LEU G 334 -50.05 27.70 -58.19
C LEU G 334 -51.23 27.85 -59.13
N ASN G 335 -50.96 28.00 -60.42
CA ASN G 335 -52.03 28.14 -61.39
C ASN G 335 -52.72 26.82 -61.66
N LYS G 336 -51.97 25.73 -61.56
CA LYS G 336 -52.56 24.41 -61.80
C LYS G 336 -53.57 24.15 -60.69
N ALA G 337 -53.19 24.55 -59.48
CA ALA G 337 -54.04 24.39 -58.30
C ALA G 337 -55.29 25.25 -58.43
N LEU G 338 -55.09 26.56 -58.62
CA LEU G 338 -56.18 27.50 -58.78
C LEU G 338 -57.13 27.03 -59.86
N GLU G 339 -56.58 26.52 -60.95
CA GLU G 339 -57.41 26.03 -62.04
C GLU G 339 -58.34 24.93 -61.52
N LEU G 340 -57.78 24.04 -60.69
CA LEU G 340 -58.56 22.93 -60.14
C LEU G 340 -59.61 23.41 -59.13
N CYS G 341 -59.24 24.34 -58.26
CA CYS G 341 -60.19 24.90 -57.30
C CYS G 341 -61.41 25.44 -58.05
N GLU G 342 -61.17 26.11 -59.17
CA GLU G 342 -62.26 26.69 -59.94
C GLU G 342 -63.08 25.60 -60.63
N ILE G 343 -62.44 24.51 -61.02
CA ILE G 343 -63.18 23.42 -61.65
C ILE G 343 -64.08 22.80 -60.59
N LEU G 344 -63.58 22.73 -59.37
CA LEU G 344 -64.35 22.18 -58.26
C LEU G 344 -65.55 23.07 -57.99
N ALA G 345 -65.30 24.36 -57.82
CA ALA G 345 -66.34 25.35 -57.54
C ALA G 345 -67.40 25.50 -58.63
N LYS G 346 -66.95 25.50 -59.89
CA LYS G 346 -67.87 25.68 -61.02
C LYS G 346 -68.63 24.46 -61.53
N GLU G 347 -68.09 23.26 -61.36
CA GLU G 347 -68.81 22.09 -61.89
C GLU G 347 -68.64 20.72 -61.25
N LYS G 348 -67.57 20.52 -60.48
CA LYS G 348 -67.33 19.21 -59.87
C LYS G 348 -67.86 19.03 -58.46
N ASP G 349 -67.78 20.08 -57.65
CA ASP G 349 -68.23 20.06 -56.26
C ASP G 349 -68.92 21.40 -55.96
N THR G 350 -69.89 21.75 -56.79
CA THR G 350 -70.59 23.03 -56.67
C THR G 350 -71.18 23.39 -55.31
N ILE G 351 -71.70 22.41 -54.56
CA ILE G 351 -72.27 22.70 -53.26
C ILE G 351 -71.25 23.37 -52.34
N ARG G 352 -69.97 23.16 -52.62
CA ARG G 352 -68.91 23.76 -51.82
C ARG G 352 -68.21 24.90 -52.56
N LYS G 353 -68.90 25.40 -53.59
CA LYS G 353 -68.37 26.49 -54.41
C LYS G 353 -67.71 27.61 -53.63
N GLU G 354 -68.40 28.17 -52.63
CA GLU G 354 -67.80 29.24 -51.87
C GLU G 354 -66.57 28.79 -51.10
N TYR G 355 -66.53 27.51 -50.70
CA TYR G 355 -65.39 26.97 -49.96
C TYR G 355 -64.16 26.84 -50.85
N TRP G 356 -64.35 26.26 -52.05
CA TRP G 356 -63.27 26.09 -52.99
C TRP G 356 -62.67 27.43 -53.44
N ARG G 357 -63.53 28.43 -53.65
CA ARG G 357 -63.05 29.74 -54.05
C ARG G 357 -62.32 30.36 -52.87
N TYR G 358 -62.75 30.00 -51.68
CA TYR G 358 -62.10 30.48 -50.46
C TYR G 358 -60.69 29.86 -50.39
N ILE G 359 -60.58 28.60 -50.82
CA ILE G 359 -59.30 27.90 -50.82
C ILE G 359 -58.39 28.56 -51.87
N GLY G 360 -58.96 28.79 -53.05
CA GLY G 360 -58.20 29.44 -54.11
C GLY G 360 -57.61 30.75 -53.62
N ARG G 361 -58.45 31.62 -53.06
CA ARG G 361 -57.97 32.89 -52.55
C ARG G 361 -56.84 32.68 -51.55
N SER G 362 -56.96 31.67 -50.71
CA SER G 362 -55.96 31.39 -49.70
C SER G 362 -54.62 31.01 -50.32
N LEU G 363 -54.68 30.24 -51.41
CA LEU G 363 -53.46 29.83 -52.07
C LEU G 363 -52.75 31.02 -52.72
N GLN G 364 -53.50 31.87 -53.41
CA GLN G 364 -52.93 33.04 -54.06
C GLN G 364 -52.24 33.95 -53.05
N SER G 365 -52.94 34.31 -51.99
CA SER G 365 -52.35 35.20 -50.99
C SER G 365 -51.20 34.57 -50.21
N LYS G 366 -50.98 33.27 -50.40
CA LYS G 366 -49.92 32.60 -49.68
C LYS G 366 -48.71 32.32 -50.56
N HIS G 367 -48.92 32.26 -51.88
CA HIS G 367 -47.83 31.98 -52.80
C HIS G 367 -47.79 32.89 -54.03
N SER G 368 -47.26 34.11 -53.87
CA SER G 368 -47.16 35.05 -54.99
C SER G 368 -46.14 36.16 -54.74
N LEU H 18 -92.65 24.88 -48.25
CA LEU H 18 -92.60 24.49 -46.82
C LEU H 18 -91.81 25.55 -46.05
N ASP H 19 -92.42 26.11 -45.00
CA ASP H 19 -91.77 27.16 -44.20
C ASP H 19 -91.66 26.83 -42.71
N PHE H 20 -91.18 27.79 -41.92
CA PHE H 20 -90.98 27.60 -40.49
C PHE H 20 -92.20 27.84 -39.61
N LEU H 21 -92.83 26.75 -39.17
CA LEU H 21 -94.02 26.79 -38.32
C LEU H 21 -93.67 27.11 -36.86
N ARG H 22 -93.14 28.31 -36.62
CA ARG H 22 -92.74 28.72 -35.28
C ARG H 22 -93.72 28.43 -34.13
N ASP H 23 -94.98 28.82 -34.29
CA ASP H 23 -95.96 28.59 -33.23
C ASP H 23 -96.08 27.12 -32.86
N ARG H 24 -96.25 26.26 -33.87
CA ARG H 24 -96.37 24.83 -33.65
C ARG H 24 -95.20 24.27 -32.84
N HIS H 25 -93.99 24.76 -33.10
CA HIS H 25 -92.82 24.30 -32.38
C HIS H 25 -92.85 24.78 -30.93
N VAL H 26 -93.41 25.97 -30.71
CA VAL H 26 -93.50 26.49 -29.35
C VAL H 26 -94.41 25.57 -28.54
N ARG H 27 -95.51 25.15 -29.15
CA ARG H 27 -96.45 24.26 -28.48
C ARG H 27 -95.76 22.91 -28.24
N PHE H 28 -95.08 22.41 -29.27
CA PHE H 28 -94.37 21.14 -29.17
C PHE H 28 -93.45 21.13 -27.94
N PHE H 29 -92.68 22.19 -27.75
CA PHE H 29 -91.79 22.25 -26.60
C PHE H 29 -92.55 22.32 -25.28
N GLN H 30 -93.70 22.99 -25.28
CA GLN H 30 -94.52 23.11 -24.06
C GLN H 30 -94.99 21.72 -23.64
N ARG H 31 -95.43 20.93 -24.61
CA ARG H 31 -95.90 19.59 -24.36
C ARG H 31 -94.79 18.73 -23.77
N CYS H 32 -93.56 18.97 -24.20
CA CYS H 32 -92.41 18.22 -23.71
C CYS H 32 -92.20 18.47 -22.22
N LEU H 33 -92.49 19.68 -21.75
CA LEU H 33 -92.30 19.99 -20.33
C LEU H 33 -93.45 19.51 -19.46
N GLN H 34 -94.52 19.01 -20.09
CA GLN H 34 -95.68 18.58 -19.33
C GLN H 34 -95.74 17.10 -18.97
N VAL H 35 -96.54 16.32 -19.69
CA VAL H 35 -96.65 14.90 -19.38
C VAL H 35 -96.47 14.02 -20.62
N LEU H 36 -95.62 13.01 -20.49
CA LEU H 36 -95.32 12.09 -21.59
C LEU H 36 -95.88 10.69 -21.36
N PRO H 37 -96.29 10.01 -22.45
CA PRO H 37 -96.83 8.65 -22.36
C PRO H 37 -95.75 7.69 -21.87
N GLU H 38 -96.15 6.53 -21.36
CA GLU H 38 -95.19 5.56 -20.84
C GLU H 38 -94.21 5.06 -21.91
N ARG H 39 -94.50 5.34 -23.18
CA ARG H 39 -93.61 4.89 -24.25
C ARG H 39 -92.26 5.59 -24.15
N TYR H 40 -92.19 6.66 -23.38
CA TYR H 40 -90.94 7.40 -23.22
C TYR H 40 -90.26 7.15 -21.88
N SER H 41 -90.53 5.97 -21.31
CA SER H 41 -89.98 5.58 -20.02
C SER H 41 -88.45 5.51 -20.01
N SER H 42 -87.86 5.14 -21.14
CA SER H 42 -86.41 5.02 -21.22
C SER H 42 -85.69 6.36 -21.12
N LEU H 43 -86.44 7.45 -21.01
CA LEU H 43 -85.85 8.78 -20.89
C LEU H 43 -85.85 9.25 -19.45
N GLU H 44 -86.41 8.42 -18.57
CA GLU H 44 -86.51 8.75 -17.15
C GLU H 44 -85.26 9.31 -16.50
N THR H 45 -84.12 8.66 -16.69
CA THR H 45 -82.88 9.12 -16.06
C THR H 45 -82.24 10.33 -16.73
N SER H 46 -82.83 10.80 -17.81
CA SER H 46 -82.31 11.97 -18.50
C SER H 46 -83.44 12.94 -18.84
N ARG H 47 -84.38 13.12 -17.90
CA ARG H 47 -85.50 14.04 -18.10
C ARG H 47 -85.00 15.48 -18.08
N LEU H 48 -83.93 15.72 -17.33
CA LEU H 48 -83.37 17.05 -17.22
C LEU H 48 -82.86 17.54 -18.59
N THR H 49 -82.29 16.65 -19.40
CA THR H 49 -81.80 17.09 -20.70
C THR H 49 -82.98 17.29 -21.64
N ILE H 50 -84.10 16.61 -21.38
CA ILE H 50 -85.28 16.80 -22.21
C ILE H 50 -85.80 18.20 -21.89
N ALA H 51 -85.74 18.55 -20.61
CA ALA H 51 -86.18 19.86 -20.17
C ALA H 51 -85.32 20.91 -20.86
N PHE H 52 -84.01 20.64 -20.92
CA PHE H 52 -83.05 21.54 -21.57
C PHE H 52 -83.43 21.77 -23.03
N PHE H 53 -83.70 20.72 -23.77
CA PHE H 53 -84.07 20.86 -25.18
C PHE H 53 -85.31 21.73 -25.32
N ALA H 54 -86.28 21.54 -24.43
CA ALA H 54 -87.53 22.28 -24.47
C ALA H 54 -87.37 23.74 -24.02
N LEU H 55 -86.70 23.94 -22.90
CA LEU H 55 -86.48 25.29 -22.38
C LEU H 55 -85.57 26.10 -23.29
N SER H 56 -84.41 25.55 -23.63
CA SER H 56 -83.46 26.24 -24.50
C SER H 56 -84.10 26.42 -25.87
N GLY H 57 -84.97 25.49 -26.25
CA GLY H 57 -85.65 25.60 -27.52
C GLY H 57 -86.63 26.75 -27.47
N LEU H 58 -87.32 26.89 -26.34
CA LEU H 58 -88.28 27.98 -26.19
C LEU H 58 -87.55 29.30 -26.13
N ASP H 59 -86.40 29.31 -25.46
CA ASP H 59 -85.59 30.52 -25.35
C ASP H 59 -85.14 30.95 -26.75
N MET H 60 -84.69 29.98 -27.53
CA MET H 60 -84.24 30.22 -28.89
C MET H 60 -85.38 30.81 -29.72
N LEU H 61 -86.62 30.46 -29.38
CA LEU H 61 -87.78 30.99 -30.10
C LEU H 61 -88.36 32.19 -29.35
N ASP H 62 -87.68 32.58 -28.28
CA ASP H 62 -88.10 33.71 -27.44
C ASP H 62 -89.54 33.54 -26.95
N SER H 63 -89.79 32.44 -26.24
CA SER H 63 -91.13 32.14 -25.74
C SER H 63 -91.08 31.55 -24.33
N LEU H 64 -90.06 31.92 -23.55
CA LEU H 64 -89.92 31.43 -22.19
C LEU H 64 -91.03 31.94 -21.26
N ASP H 65 -91.88 32.82 -21.78
CA ASP H 65 -92.97 33.36 -20.99
C ASP H 65 -94.08 32.34 -20.80
N VAL H 66 -94.18 31.39 -21.74
CA VAL H 66 -95.23 30.36 -21.67
C VAL H 66 -94.98 29.28 -20.62
N VAL H 67 -94.00 29.49 -19.74
CA VAL H 67 -93.69 28.52 -18.70
C VAL H 67 -93.45 29.23 -17.38
N ASN H 68 -93.68 28.51 -16.28
CA ASN H 68 -93.46 29.09 -14.97
C ASN H 68 -92.02 28.92 -14.55
N LYS H 69 -91.19 29.89 -14.89
CA LYS H 69 -89.77 29.84 -14.57
C LYS H 69 -89.50 29.45 -13.12
N ASP H 70 -90.27 30.01 -12.19
CA ASP H 70 -90.07 29.74 -10.77
C ASP H 70 -90.30 28.28 -10.38
N ASP H 71 -91.34 27.67 -10.94
CA ASP H 71 -91.63 26.27 -10.62
C ASP H 71 -90.50 25.38 -11.14
N ILE H 72 -90.15 25.58 -12.41
CA ILE H 72 -89.11 24.80 -13.04
C ILE H 72 -87.76 24.96 -12.35
N ILE H 73 -87.47 26.16 -11.86
CA ILE H 73 -86.20 26.39 -11.17
C ILE H 73 -86.12 25.55 -9.89
N GLU H 74 -87.25 25.43 -9.19
CA GLU H 74 -87.30 24.65 -7.96
C GLU H 74 -87.13 23.17 -8.26
N TRP H 75 -87.75 22.73 -9.36
CA TRP H 75 -87.65 21.34 -9.78
C TRP H 75 -86.20 21.00 -10.07
N ILE H 76 -85.53 21.87 -10.81
CA ILE H 76 -84.13 21.66 -11.14
C ILE H 76 -83.29 21.59 -9.88
N TYR H 77 -83.52 22.51 -8.94
CA TYR H 77 -82.75 22.50 -7.71
C TYR H 77 -83.01 21.27 -6.86
N SER H 78 -84.14 20.61 -7.07
CA SER H 78 -84.45 19.42 -6.30
C SER H 78 -83.59 18.27 -6.85
N LEU H 79 -82.99 18.49 -8.01
CA LEU H 79 -82.16 17.47 -8.65
C LEU H 79 -80.68 17.59 -8.27
N GLN H 80 -80.33 18.63 -7.52
CA GLN H 80 -78.93 18.79 -7.14
C GLN H 80 -78.51 17.88 -6.00
N VAL H 81 -77.40 17.18 -6.20
CA VAL H 81 -76.85 16.31 -5.19
C VAL H 81 -75.92 17.17 -4.35
N LEU H 82 -76.40 17.57 -3.18
CA LEU H 82 -75.62 18.40 -2.28
C LEU H 82 -74.76 17.60 -1.33
N PRO H 83 -73.67 18.19 -0.84
CA PRO H 83 -72.81 17.46 0.09
C PRO H 83 -73.51 17.26 1.42
N THR H 84 -73.25 16.12 2.05
CA THR H 84 -73.86 15.79 3.34
C THR H 84 -73.20 16.61 4.45
N GLU H 85 -73.82 16.61 5.63
CA GLU H 85 -73.30 17.36 6.77
C GLU H 85 -71.79 17.14 6.94
N ASP H 86 -71.37 15.88 6.92
CA ASP H 86 -69.96 15.55 7.07
C ASP H 86 -69.14 15.72 5.79
N ARG H 87 -69.77 16.24 4.74
CA ARG H 87 -69.14 16.48 3.45
C ARG H 87 -68.27 15.31 3.00
N SER H 88 -68.79 14.09 3.15
CA SER H 88 -68.06 12.89 2.78
C SER H 88 -68.47 12.35 1.40
N ASN H 89 -69.30 13.09 0.69
CA ASN H 89 -69.76 12.66 -0.62
C ASN H 89 -69.50 13.71 -1.69
N LEU H 90 -68.46 14.51 -1.50
CA LEU H 90 -68.13 15.57 -2.46
C LEU H 90 -67.88 15.01 -3.87
N ASP H 91 -67.17 13.89 -3.93
CA ASP H 91 -66.84 13.26 -5.21
C ASP H 91 -68.07 12.81 -5.99
N ARG H 92 -69.26 12.97 -5.40
CA ARG H 92 -70.49 12.55 -6.06
C ARG H 92 -71.51 13.64 -6.27
N CYS H 93 -71.11 14.89 -6.05
CA CYS H 93 -72.04 15.99 -6.21
C CYS H 93 -72.21 16.46 -7.65
N GLY H 94 -73.33 17.12 -7.91
CA GLY H 94 -73.64 17.61 -9.24
C GLY H 94 -75.15 17.52 -9.34
N PHE H 95 -75.69 17.16 -10.51
CA PHE H 95 -77.14 17.05 -10.65
C PHE H 95 -77.59 15.68 -11.14
N ARG H 96 -78.81 15.29 -10.75
CA ARG H 96 -79.39 14.02 -11.16
C ARG H 96 -80.23 14.31 -12.39
N GLY H 97 -80.52 13.27 -13.18
CA GLY H 97 -81.32 13.44 -14.38
C GLY H 97 -82.79 13.55 -14.05
N SER H 98 -83.16 13.00 -12.90
CA SER H 98 -84.55 13.01 -12.42
C SER H 98 -84.59 12.50 -10.99
N SER H 99 -85.79 12.26 -10.48
CA SER H 99 -85.98 11.79 -9.11
C SER H 99 -86.24 10.29 -9.03
N TYR H 100 -85.80 9.52 -10.03
CA TYR H 100 -86.03 8.09 -10.03
C TYR H 100 -85.50 7.31 -8.82
N LEU H 101 -84.62 7.92 -8.03
CA LEU H 101 -84.10 7.20 -6.87
C LEU H 101 -85.02 7.21 -5.66
N GLY H 102 -86.01 8.09 -5.68
CA GLY H 102 -86.94 8.16 -4.57
C GLY H 102 -86.54 9.06 -3.42
N ILE H 103 -85.51 9.89 -3.63
CA ILE H 103 -85.09 10.81 -2.59
C ILE H 103 -86.17 11.88 -2.43
N PRO H 104 -86.56 12.17 -1.19
CA PRO H 104 -87.59 13.19 -0.90
C PRO H 104 -87.31 14.56 -1.49
N PHE H 105 -88.32 15.13 -2.15
CA PHE H 105 -88.22 16.44 -2.79
C PHE H 105 -87.60 17.50 -1.87
N ASN H 106 -86.52 18.11 -2.36
CA ASN H 106 -85.82 19.15 -1.60
C ASN H 106 -85.11 20.10 -2.56
N PRO H 107 -85.72 21.25 -2.85
CA PRO H 107 -85.16 22.25 -3.76
C PRO H 107 -83.88 22.93 -3.23
N SER H 108 -82.86 22.12 -2.99
CA SER H 108 -81.58 22.60 -2.47
C SER H 108 -81.75 23.51 -1.27
N LYS H 109 -82.63 23.11 -0.36
CA LYS H 109 -82.88 23.88 0.85
C LYS H 109 -82.00 23.32 1.97
N ASN H 110 -82.43 22.22 2.57
CA ASN H 110 -81.66 21.59 3.65
C ASN H 110 -80.43 20.88 3.07
N PRO H 111 -79.53 20.38 3.94
CA PRO H 111 -78.34 19.69 3.45
C PRO H 111 -78.67 18.41 2.67
N GLY H 112 -77.67 17.59 2.40
CA GLY H 112 -77.91 16.37 1.64
C GLY H 112 -78.27 15.15 2.46
N THR H 113 -79.23 14.38 1.96
CA THR H 113 -79.68 13.16 2.63
C THR H 113 -78.91 11.97 2.07
N ALA H 114 -77.95 11.46 2.86
CA ALA H 114 -77.11 10.34 2.46
C ALA H 114 -77.88 9.18 1.81
N HIS H 115 -77.33 8.67 0.71
CA HIS H 115 -77.93 7.57 -0.01
C HIS H 115 -76.80 6.83 -0.72
N PRO H 116 -76.72 5.51 -0.53
CA PRO H 116 -75.70 4.63 -1.11
C PRO H 116 -75.41 4.77 -2.60
N TYR H 117 -76.43 5.09 -3.38
CA TYR H 117 -76.26 5.19 -4.83
C TYR H 117 -76.66 6.49 -5.48
N ASP H 118 -76.83 7.54 -4.69
CA ASP H 118 -77.19 8.83 -5.25
C ASP H 118 -75.96 9.67 -5.58
N SER H 119 -75.87 10.08 -6.83
CA SER H 119 -74.75 10.90 -7.29
C SER H 119 -75.18 11.63 -8.54
N GLY H 120 -74.37 12.60 -8.94
CA GLY H 120 -74.70 13.36 -10.14
C GLY H 120 -74.29 12.66 -11.42
N HIS H 121 -74.70 13.23 -12.54
CA HIS H 121 -74.37 12.70 -13.85
C HIS H 121 -73.88 13.92 -14.63
N ILE H 122 -72.65 13.84 -15.14
CA ILE H 122 -72.05 14.95 -15.86
C ILE H 122 -72.93 15.67 -16.90
N ALA H 123 -73.67 14.92 -17.71
CA ALA H 123 -74.53 15.54 -18.71
C ALA H 123 -75.72 16.24 -18.04
N MET H 124 -76.06 15.81 -16.84
CA MET H 124 -77.19 16.41 -16.12
C MET H 124 -76.70 17.65 -15.39
N THR H 125 -75.49 17.60 -14.86
CA THR H 125 -74.92 18.75 -14.17
C THR H 125 -74.81 19.86 -15.23
N TYR H 126 -74.41 19.47 -16.44
CA TYR H 126 -74.29 20.42 -17.54
C TYR H 126 -75.64 21.01 -17.94
N THR H 127 -76.59 20.18 -18.35
CA THR H 127 -77.89 20.69 -18.75
C THR H 127 -78.63 21.38 -17.60
N GLY H 128 -78.36 20.93 -16.37
CA GLY H 128 -78.99 21.54 -15.21
C GLY H 128 -78.57 22.99 -15.05
N LEU H 129 -77.26 23.21 -14.93
CA LEU H 129 -76.72 24.56 -14.80
C LEU H 129 -77.19 25.41 -15.98
N SER H 130 -77.10 24.81 -17.16
CA SER H 130 -77.51 25.50 -18.37
C SER H 130 -78.97 25.95 -18.29
N CYS H 131 -79.84 25.06 -17.80
CA CYS H 131 -81.27 25.40 -17.67
C CYS H 131 -81.50 26.53 -16.67
N LEU H 132 -80.79 26.47 -15.54
CA LEU H 132 -80.92 27.50 -14.52
C LEU H 132 -80.60 28.88 -15.11
N ILE H 133 -79.53 28.96 -15.89
CA ILE H 133 -79.12 30.22 -16.50
C ILE H 133 -80.18 30.70 -17.50
N ILE H 134 -80.71 29.78 -18.29
CA ILE H 134 -81.74 30.13 -19.26
C ILE H 134 -82.98 30.68 -18.56
N LEU H 135 -83.33 30.10 -17.42
CA LEU H 135 -84.50 30.52 -16.67
C LEU H 135 -84.30 31.81 -15.87
N GLY H 136 -83.08 32.33 -15.86
CA GLY H 136 -82.81 33.57 -15.15
C GLY H 136 -82.26 33.43 -13.75
N ASP H 137 -82.10 32.21 -13.27
CA ASP H 137 -81.57 32.02 -11.93
C ASP H 137 -80.13 32.52 -11.88
N ASP H 138 -79.65 32.87 -10.69
CA ASP H 138 -78.29 33.38 -10.54
C ASP H 138 -77.28 32.36 -10.02
N LEU H 139 -77.71 31.10 -9.89
CA LEU H 139 -76.86 30.02 -9.43
C LEU H 139 -76.33 30.15 -8.01
N SER H 140 -76.98 30.98 -7.20
CA SER H 140 -76.54 31.16 -5.82
C SER H 140 -76.78 29.91 -4.98
N ARG H 141 -77.79 29.13 -5.35
CA ARG H 141 -78.10 27.90 -4.61
C ARG H 141 -77.29 26.70 -5.10
N VAL H 142 -76.41 26.93 -6.06
CA VAL H 142 -75.56 25.86 -6.59
C VAL H 142 -74.29 25.80 -5.77
N ASP H 143 -73.97 24.61 -5.23
CA ASP H 143 -72.75 24.46 -4.44
C ASP H 143 -71.63 24.29 -5.47
N LYS H 144 -71.16 25.41 -6.00
CA LYS H 144 -70.12 25.42 -7.01
C LYS H 144 -68.91 24.54 -6.68
N GLU H 145 -68.37 24.69 -5.48
CA GLU H 145 -67.21 23.89 -5.10
C GLU H 145 -67.50 22.39 -5.12
N ALA H 146 -68.71 22.02 -4.72
CA ALA H 146 -69.08 20.62 -4.70
C ALA H 146 -69.16 20.08 -6.12
N CYS H 147 -69.77 20.83 -7.01
CA CYS H 147 -69.88 20.41 -8.40
C CYS H 147 -68.51 20.19 -9.02
N LEU H 148 -67.61 21.15 -8.82
CA LEU H 148 -66.26 21.06 -9.36
C LEU H 148 -65.51 19.86 -8.79
N ALA H 149 -65.74 19.58 -7.51
CA ALA H 149 -65.09 18.44 -6.87
C ALA H 149 -65.60 17.17 -7.54
N GLY H 150 -66.91 17.16 -7.81
CA GLY H 150 -67.51 16.01 -8.45
C GLY H 150 -66.96 15.84 -9.86
N LEU H 151 -66.79 16.97 -10.54
CA LEU H 151 -66.26 16.96 -11.90
C LEU H 151 -64.86 16.36 -11.93
N ARG H 152 -63.97 16.88 -11.08
CA ARG H 152 -62.60 16.37 -11.03
C ARG H 152 -62.55 14.87 -10.87
N ALA H 153 -63.44 14.34 -10.03
CA ALA H 153 -63.49 12.91 -9.77
C ALA H 153 -63.82 12.09 -11.01
N LEU H 154 -64.48 12.71 -11.98
CA LEU H 154 -64.88 12.02 -13.19
C LEU H 154 -63.79 11.89 -14.28
N GLN H 155 -62.73 12.68 -14.18
CA GLN H 155 -61.69 12.64 -15.19
C GLN H 155 -60.75 11.45 -15.04
N LEU H 156 -60.50 10.77 -16.17
CA LEU H 156 -59.62 9.60 -16.18
C LEU H 156 -58.19 9.98 -16.48
N GLU H 157 -57.29 9.00 -16.38
CA GLU H 157 -55.89 9.25 -16.64
C GLU H 157 -55.63 9.81 -18.04
N ASP H 158 -56.34 9.28 -19.04
CA ASP H 158 -56.16 9.72 -20.41
C ASP H 158 -56.72 11.11 -20.70
N GLY H 159 -57.30 11.75 -19.68
CA GLY H 159 -57.84 13.08 -19.88
C GLY H 159 -59.32 13.18 -20.19
N SER H 160 -59.97 12.08 -20.58
CA SER H 160 -61.40 12.11 -20.87
C SER H 160 -62.21 12.01 -19.56
N PHE H 161 -63.53 12.00 -19.68
CA PHE H 161 -64.40 11.92 -18.51
C PHE H 161 -65.45 10.82 -18.55
N CYS H 162 -65.87 10.40 -17.36
CA CYS H 162 -66.95 9.42 -17.18
C CYS H 162 -68.16 10.27 -16.87
N ALA H 163 -69.35 9.68 -16.93
CA ALA H 163 -70.56 10.42 -16.62
C ALA H 163 -70.91 10.38 -15.13
N VAL H 164 -70.60 9.27 -14.46
CA VAL H 164 -70.90 9.11 -13.03
C VAL H 164 -69.73 8.48 -12.29
N PRO H 165 -69.56 8.86 -11.01
CA PRO H 165 -68.47 8.33 -10.19
C PRO H 165 -68.45 6.80 -10.05
N GLU H 166 -69.61 6.16 -10.19
CA GLU H 166 -69.67 4.70 -10.08
C GLU H 166 -69.00 4.05 -11.29
N GLY H 167 -68.77 4.84 -12.33
CA GLY H 167 -68.14 4.31 -13.53
C GLY H 167 -69.10 4.22 -14.69
N SER H 168 -68.58 4.40 -15.90
CA SER H 168 -69.39 4.35 -17.11
C SER H 168 -68.45 4.44 -18.29
N GLU H 169 -69.02 4.54 -19.48
CA GLU H 169 -68.19 4.68 -20.68
C GLU H 169 -67.59 6.09 -20.59
N ASN H 170 -66.46 6.30 -21.25
CA ASN H 170 -65.82 7.62 -21.24
C ASN H 170 -65.49 8.01 -22.67
N ASP H 171 -65.82 9.25 -23.03
CA ASP H 171 -65.54 9.72 -24.38
C ASP H 171 -65.67 11.22 -24.52
N MET H 172 -65.51 11.69 -25.76
CA MET H 172 -65.56 13.10 -26.08
C MET H 172 -66.81 13.82 -25.58
N ARG H 173 -67.96 13.16 -25.63
CA ARG H 173 -69.20 13.78 -25.18
C ARG H 173 -69.08 14.39 -23.79
N PHE H 174 -68.46 13.64 -22.88
CA PHE H 174 -68.31 14.10 -21.51
C PHE H 174 -67.20 15.12 -21.33
N VAL H 175 -66.25 15.17 -22.27
CA VAL H 175 -65.18 16.15 -22.21
C VAL H 175 -65.87 17.50 -22.47
N TYR H 176 -66.81 17.49 -23.41
CA TYR H 176 -67.56 18.70 -23.73
C TYR H 176 -68.40 19.17 -22.54
N CYS H 177 -69.03 18.21 -21.85
CA CYS H 177 -69.85 18.53 -20.68
C CYS H 177 -68.99 19.17 -19.61
N ALA H 178 -67.83 18.57 -19.35
CA ALA H 178 -66.92 19.09 -18.35
C ALA H 178 -66.52 20.52 -18.71
N SER H 179 -66.21 20.73 -20.00
CA SER H 179 -65.81 22.05 -20.46
C SER H 179 -66.91 23.07 -20.23
N CYS H 180 -68.14 22.72 -20.59
CA CYS H 180 -69.28 23.63 -20.40
C CYS H 180 -69.50 23.97 -18.94
N ILE H 181 -69.36 22.97 -18.07
CA ILE H 181 -69.56 23.17 -16.65
C ILE H 181 -68.52 24.17 -16.13
N CYS H 182 -67.24 23.91 -16.42
CA CYS H 182 -66.18 24.79 -15.97
C CYS H 182 -66.39 26.20 -16.49
N TYR H 183 -66.87 26.30 -17.72
CA TYR H 183 -67.12 27.59 -18.33
C TYR H 183 -68.25 28.35 -17.62
N MET H 184 -69.36 27.66 -17.39
CA MET H 184 -70.50 28.29 -16.73
C MET H 184 -70.21 28.67 -15.29
N LEU H 185 -69.47 27.82 -14.59
CA LEU H 185 -69.12 28.13 -13.20
C LEU H 185 -67.90 29.04 -13.21
N ASN H 186 -67.47 29.42 -14.40
CA ASN H 186 -66.32 30.28 -14.58
C ASN H 186 -65.15 29.89 -13.67
N ASN H 187 -64.84 28.60 -13.64
CA ASN H 187 -63.76 28.07 -12.82
C ASN H 187 -63.29 26.75 -13.44
N TRP H 188 -62.04 26.70 -13.88
CA TRP H 188 -61.54 25.48 -14.52
C TRP H 188 -60.82 24.52 -13.60
N SER H 189 -61.01 24.67 -12.29
CA SER H 189 -60.36 23.76 -11.35
C SER H 189 -61.09 22.42 -11.42
N GLY H 190 -62.20 22.40 -12.18
CA GLY H 190 -62.95 21.19 -12.34
C GLY H 190 -62.29 20.14 -13.21
N MET H 191 -61.21 20.51 -13.89
CA MET H 191 -60.52 19.55 -14.75
C MET H 191 -59.05 19.87 -14.92
N ASP H 192 -58.31 18.85 -15.34
CA ASP H 192 -56.88 18.98 -15.63
C ASP H 192 -56.89 19.27 -17.13
N MET H 193 -56.97 20.56 -17.45
CA MET H 193 -57.04 21.01 -18.84
C MET H 193 -55.96 20.44 -19.76
N LYS H 194 -54.74 20.31 -19.26
CA LYS H 194 -53.67 19.79 -20.08
C LYS H 194 -53.99 18.37 -20.56
N LYS H 195 -54.50 17.54 -19.65
CA LYS H 195 -54.84 16.16 -20.03
C LYS H 195 -56.05 16.09 -20.94
N ALA H 196 -57.02 16.97 -20.73
CA ALA H 196 -58.21 16.98 -21.57
C ALA H 196 -57.81 17.33 -23.00
N ILE H 197 -56.94 18.34 -23.13
CA ILE H 197 -56.47 18.77 -24.43
C ILE H 197 -55.72 17.63 -25.13
N SER H 198 -54.97 16.89 -24.35
CA SER H 198 -54.23 15.75 -24.89
C SER H 198 -55.19 14.71 -25.44
N TYR H 199 -56.29 14.48 -24.73
CA TYR H 199 -57.29 13.52 -25.17
C TYR H 199 -57.92 13.99 -26.48
N ILE H 200 -58.21 15.28 -26.57
CA ILE H 200 -58.81 15.82 -27.79
C ILE H 200 -57.86 15.68 -28.99
N ARG H 201 -56.58 15.98 -28.79
CA ARG H 201 -55.62 15.85 -29.88
C ARG H 201 -55.55 14.41 -30.34
N ARG H 202 -55.41 13.49 -29.39
CA ARG H 202 -55.28 12.07 -29.70
C ARG H 202 -56.49 11.46 -30.39
N SER H 203 -57.61 12.18 -30.40
CA SER H 203 -58.80 11.64 -31.02
C SER H 203 -58.86 11.98 -32.52
N MET H 204 -57.94 12.83 -32.99
CA MET H 204 -57.94 13.19 -34.40
C MET H 204 -57.59 11.98 -35.26
N SER H 205 -58.45 11.69 -36.22
CA SER H 205 -58.28 10.54 -37.10
C SER H 205 -57.37 10.85 -38.29
N TYR H 206 -57.01 9.81 -39.04
CA TYR H 206 -56.16 9.95 -40.21
C TYR H 206 -56.93 10.75 -41.28
N ASP H 207 -58.27 10.73 -41.22
CA ASP H 207 -59.04 11.47 -42.20
C ASP H 207 -59.26 12.93 -41.74
N ASN H 208 -58.64 13.27 -40.60
CA ASN H 208 -58.69 14.61 -40.04
C ASN H 208 -59.89 15.07 -39.22
N GLY H 209 -60.88 14.20 -39.06
CA GLY H 209 -62.01 14.56 -38.22
C GLY H 209 -61.67 14.14 -36.80
N LEU H 210 -62.55 14.41 -35.85
CA LEU H 210 -62.32 14.01 -34.47
C LEU H 210 -63.25 12.84 -34.15
N ALA H 211 -62.74 11.82 -33.45
CA ALA H 211 -63.55 10.66 -33.09
C ALA H 211 -63.90 10.71 -31.61
N GLN H 212 -64.62 9.70 -31.15
CA GLN H 212 -65.01 9.65 -29.74
C GLN H 212 -63.78 9.44 -28.86
N GLY H 213 -62.76 8.81 -29.44
CA GLY H 213 -61.52 8.53 -28.74
C GLY H 213 -60.50 8.08 -29.76
N ALA H 214 -59.24 7.96 -29.34
CA ALA H 214 -58.16 7.55 -30.22
C ALA H 214 -58.45 6.27 -31.02
N GLY H 215 -58.15 6.32 -32.31
CA GLY H 215 -58.36 5.17 -33.18
C GLY H 215 -59.76 4.93 -33.72
N LEU H 216 -60.76 5.54 -33.09
CA LEU H 216 -62.13 5.37 -33.52
C LEU H 216 -62.46 6.21 -34.76
N GLU H 217 -63.56 5.87 -35.43
CA GLU H 217 -64.01 6.58 -36.62
C GLU H 217 -64.38 8.01 -36.27
N SER H 218 -63.88 8.99 -37.02
CA SER H 218 -64.20 10.37 -36.72
C SER H 218 -65.70 10.57 -36.95
N HIS H 219 -66.30 11.47 -36.18
CA HIS H 219 -67.73 11.70 -36.24
C HIS H 219 -68.09 13.18 -36.06
N GLY H 220 -69.17 13.60 -36.71
CA GLY H 220 -69.61 14.99 -36.58
C GLY H 220 -69.87 15.42 -35.15
N GLY H 221 -70.46 14.52 -34.35
CA GLY H 221 -70.74 14.84 -32.98
C GLY H 221 -69.52 15.02 -32.10
N SER H 222 -68.56 14.11 -32.20
CA SER H 222 -67.35 14.21 -31.39
C SER H 222 -66.45 15.34 -31.88
N THR H 223 -66.50 15.64 -33.18
CA THR H 223 -65.70 16.73 -33.71
C THR H 223 -66.22 18.03 -33.09
N PHE H 224 -67.55 18.17 -33.01
CA PHE H 224 -68.12 19.34 -32.39
C PHE H 224 -67.68 19.40 -30.92
N CYS H 225 -67.80 18.29 -30.21
CA CYS H 225 -67.43 18.27 -28.80
C CYS H 225 -66.00 18.66 -28.56
N GLY H 226 -65.09 18.15 -29.40
CA GLY H 226 -63.68 18.49 -29.24
C GLY H 226 -63.40 19.95 -29.57
N ILE H 227 -63.85 20.39 -30.74
CA ILE H 227 -63.63 21.77 -31.15
C ILE H 227 -64.28 22.77 -30.19
N ALA H 228 -65.54 22.53 -29.82
CA ALA H 228 -66.25 23.42 -28.90
C ALA H 228 -65.54 23.47 -27.55
N SER H 229 -65.03 22.34 -27.09
CA SER H 229 -64.35 22.33 -25.80
C SER H 229 -63.12 23.23 -25.86
N LEU H 230 -62.35 23.12 -26.93
CA LEU H 230 -61.16 23.94 -27.08
C LEU H 230 -61.53 25.43 -27.15
N CYS H 231 -62.62 25.75 -27.84
CA CYS H 231 -63.05 27.14 -27.94
C CYS H 231 -63.45 27.66 -26.55
N LEU H 232 -64.18 26.85 -25.80
CA LEU H 232 -64.61 27.22 -24.46
C LEU H 232 -63.39 27.46 -23.58
N MET H 233 -62.32 26.70 -23.81
CA MET H 233 -61.09 26.86 -23.03
C MET H 233 -60.26 28.01 -23.61
N GLY H 234 -60.66 28.49 -24.79
CA GLY H 234 -59.94 29.55 -25.46
C GLY H 234 -58.55 29.10 -25.89
N LYS H 235 -58.46 27.86 -26.41
CA LYS H 235 -57.16 27.33 -26.82
C LYS H 235 -57.18 26.63 -28.17
N LEU H 236 -58.14 26.97 -29.02
CA LEU H 236 -58.24 26.34 -30.33
C LEU H 236 -56.94 26.52 -31.11
N GLU H 237 -56.55 27.78 -31.30
CA GLU H 237 -55.35 28.18 -32.05
C GLU H 237 -54.08 27.58 -31.47
N GLU H 238 -54.02 27.50 -30.14
CA GLU H 238 -52.86 26.99 -29.44
C GLU H 238 -52.68 25.48 -29.59
N VAL H 239 -53.79 24.75 -29.64
CA VAL H 239 -53.75 23.29 -29.74
C VAL H 239 -53.55 22.75 -31.16
N PHE H 240 -54.23 23.36 -32.13
CA PHE H 240 -54.11 22.91 -33.51
C PHE H 240 -53.39 23.95 -34.38
N SER H 241 -52.46 23.47 -35.21
CA SER H 241 -51.74 24.34 -36.12
C SER H 241 -52.68 24.79 -37.23
N GLU H 242 -52.26 25.78 -38.00
CA GLU H 242 -53.08 26.27 -39.09
C GLU H 242 -53.32 25.15 -40.09
N LYS H 243 -52.28 24.35 -40.36
CA LYS H 243 -52.40 23.24 -41.31
C LYS H 243 -53.44 22.24 -40.79
N GLU H 244 -53.37 21.95 -39.49
CA GLU H 244 -54.30 21.03 -38.87
C GLU H 244 -55.73 21.56 -38.92
N LEU H 245 -55.92 22.83 -38.56
CA LEU H 245 -57.25 23.43 -38.61
C LEU H 245 -57.80 23.41 -40.04
N ASN H 246 -56.92 23.54 -41.03
CA ASN H 246 -57.38 23.52 -42.42
C ASN H 246 -57.90 22.14 -42.77
N ARG H 247 -57.23 21.11 -42.25
CA ARG H 247 -57.64 19.74 -42.51
C ARG H 247 -58.99 19.43 -41.84
N ILE H 248 -59.15 19.90 -40.61
CA ILE H 248 -60.38 19.69 -39.89
C ILE H 248 -61.51 20.41 -40.63
N LYS H 249 -61.27 21.65 -41.04
CA LYS H 249 -62.28 22.40 -41.78
C LYS H 249 -62.71 21.63 -43.02
N ARG H 250 -61.73 21.06 -43.73
CA ARG H 250 -62.04 20.31 -44.93
C ARG H 250 -62.92 19.12 -44.59
N TRP H 251 -62.58 18.40 -43.51
CA TRP H 251 -63.38 17.25 -43.12
C TRP H 251 -64.81 17.66 -42.81
N CYS H 252 -64.95 18.74 -42.03
CA CYS H 252 -66.27 19.22 -41.65
C CYS H 252 -67.13 19.68 -42.83
N ILE H 253 -66.57 20.55 -43.68
CA ILE H 253 -67.36 21.04 -44.80
C ILE H 253 -67.73 19.96 -45.81
N MET H 254 -67.01 18.84 -45.78
CA MET H 254 -67.31 17.74 -46.69
C MET H 254 -68.54 16.96 -46.20
N ARG H 255 -69.00 17.27 -44.99
CA ARG H 255 -70.18 16.59 -44.42
C ARG H 255 -71.50 17.04 -45.04
N GLN H 256 -71.52 18.19 -45.72
CA GLN H 256 -72.76 18.65 -46.32
C GLN H 256 -73.08 17.96 -47.64
N GLN H 257 -74.29 17.40 -47.73
CA GLN H 257 -74.78 16.71 -48.93
C GLN H 257 -75.93 17.56 -49.49
N ASN H 258 -76.67 18.15 -48.55
CA ASN H 258 -77.81 19.05 -48.75
C ASN H 258 -77.95 19.47 -47.29
N GLY H 259 -78.29 18.49 -46.46
CA GLY H 259 -78.33 18.70 -45.03
C GLY H 259 -76.95 18.15 -44.68
N TYR H 260 -76.72 17.76 -43.43
CA TYR H 260 -75.42 17.22 -43.07
C TYR H 260 -75.50 15.80 -42.49
N HIS H 261 -74.50 14.98 -42.77
CA HIS H 261 -74.46 13.64 -42.19
C HIS H 261 -73.38 13.65 -41.11
N GLY H 262 -73.35 12.61 -40.27
CA GLY H 262 -72.38 12.56 -39.18
C GLY H 262 -71.01 12.00 -39.53
N ARG H 263 -70.95 11.23 -40.61
CA ARG H 263 -69.70 10.63 -41.06
C ARG H 263 -69.84 10.21 -42.50
N PRO H 264 -68.70 10.14 -43.23
CA PRO H 264 -68.68 9.75 -44.64
C PRO H 264 -69.57 8.57 -44.97
N ASN H 265 -70.26 8.66 -46.09
CA ASN H 265 -71.13 7.60 -46.57
C ASN H 265 -72.32 7.19 -45.71
N LYS H 266 -72.78 8.09 -44.85
CA LYS H 266 -73.96 7.84 -44.01
C LYS H 266 -75.03 8.86 -44.42
N PRO H 267 -76.31 8.53 -44.25
CA PRO H 267 -77.38 9.47 -44.62
C PRO H 267 -77.43 10.72 -43.74
N VAL H 268 -77.87 11.84 -44.32
CA VAL H 268 -77.94 13.09 -43.56
C VAL H 268 -78.99 13.00 -42.47
N ASP H 269 -78.81 13.84 -41.45
CA ASP H 269 -79.69 13.88 -40.30
C ASP H 269 -79.73 15.33 -39.81
N THR H 270 -80.94 15.84 -39.65
CA THR H 270 -81.15 17.20 -39.20
C THR H 270 -80.23 17.69 -38.09
N CYS H 271 -80.03 16.90 -37.04
CA CYS H 271 -79.20 17.37 -35.93
C CYS H 271 -77.77 17.74 -36.30
N TYR H 272 -77.26 17.20 -37.41
CA TYR H 272 -75.89 17.53 -37.81
C TYR H 272 -75.79 18.95 -38.34
N SER H 273 -76.94 19.52 -38.70
CA SER H 273 -76.98 20.89 -39.19
C SER H 273 -76.46 21.75 -38.06
N PHE H 274 -76.58 21.26 -36.82
CA PHE H 274 -76.03 22.01 -35.71
C PHE H 274 -74.64 21.50 -35.33
N TRP H 275 -74.51 20.18 -35.10
CA TRP H 275 -73.23 19.60 -34.71
C TRP H 275 -72.10 20.02 -35.66
N VAL H 276 -72.30 19.77 -36.95
CA VAL H 276 -71.29 20.12 -37.93
C VAL H 276 -71.32 21.62 -38.23
N GLY H 277 -72.53 22.14 -38.47
CA GLY H 277 -72.68 23.55 -38.77
C GLY H 277 -72.05 24.43 -37.70
N ALA H 278 -72.28 24.11 -36.44
CA ALA H 278 -71.71 24.90 -35.35
C ALA H 278 -70.19 24.80 -35.32
N THR H 279 -69.66 23.64 -35.74
CA THR H 279 -68.22 23.44 -35.75
C THR H 279 -67.66 24.37 -36.83
N LEU H 280 -68.31 24.37 -37.99
CA LEU H 280 -67.89 25.22 -39.09
C LEU H 280 -67.94 26.69 -38.66
N LYS H 281 -68.97 27.05 -37.90
CA LYS H 281 -69.09 28.42 -37.43
C LYS H 281 -67.92 28.74 -36.51
N LEU H 282 -67.56 27.82 -35.63
CA LEU H 282 -66.45 28.06 -34.73
C LEU H 282 -65.13 28.16 -35.49
N LEU H 283 -65.07 27.50 -36.64
CA LEU H 283 -63.86 27.51 -37.46
C LEU H 283 -63.92 28.64 -38.48
N LYS H 284 -64.96 29.48 -38.34
CA LYS H 284 -65.18 30.64 -39.20
C LYS H 284 -65.37 30.40 -40.69
N ILE H 285 -65.90 29.24 -41.08
CA ILE H 285 -66.12 29.00 -42.50
C ILE H 285 -67.53 28.50 -42.79
N PHE H 286 -68.42 28.65 -41.81
CA PHE H 286 -69.80 28.21 -42.02
C PHE H 286 -70.39 29.07 -43.13
N GLN H 287 -69.91 30.31 -43.20
CA GLN H 287 -70.35 31.28 -44.20
C GLN H 287 -70.13 30.79 -45.63
N TYR H 288 -69.24 29.82 -45.82
CA TYR H 288 -68.96 29.32 -47.16
C TYR H 288 -69.75 28.07 -47.54
N THR H 289 -70.66 27.65 -46.66
CA THR H 289 -71.48 26.48 -46.96
C THR H 289 -72.70 26.92 -47.76
N ASN H 290 -73.46 25.96 -48.27
CA ASN H 290 -74.67 26.26 -49.03
C ASN H 290 -75.86 26.36 -48.07
N PHE H 291 -76.33 27.58 -47.81
CA PHE H 291 -77.46 27.80 -46.89
C PHE H 291 -78.80 27.25 -47.34
N GLU H 292 -79.16 27.52 -48.59
CA GLU H 292 -80.44 27.08 -49.12
C GLU H 292 -80.71 25.58 -49.04
N LYS H 293 -79.78 24.77 -49.48
CA LYS H 293 -79.98 23.33 -49.44
C LYS H 293 -80.05 22.79 -48.00
N ASN H 294 -79.30 23.41 -47.10
CA ASN H 294 -79.31 23.00 -45.71
C ASN H 294 -80.68 23.37 -45.14
N ARG H 295 -81.10 24.61 -45.34
CA ARG H 295 -82.40 25.08 -44.86
C ARG H 295 -83.54 24.25 -45.43
N ASN H 296 -83.48 23.97 -46.72
CA ASN H 296 -84.51 23.17 -47.35
C ASN H 296 -84.61 21.78 -46.71
N TYR H 297 -83.47 21.16 -46.44
CA TYR H 297 -83.48 19.83 -45.83
C TYR H 297 -84.07 19.86 -44.42
N ILE H 298 -83.58 20.77 -43.58
CA ILE H 298 -84.08 20.88 -42.22
C ILE H 298 -85.61 21.02 -42.20
N LEU H 299 -86.13 21.95 -43.00
CA LEU H 299 -87.57 22.16 -43.05
C LEU H 299 -88.33 20.95 -43.58
N SER H 300 -87.68 20.12 -44.38
CA SER H 300 -88.34 18.94 -44.92
C SER H 300 -88.56 17.88 -43.84
N THR H 301 -87.93 18.05 -42.68
CA THR H 301 -88.08 17.10 -41.58
C THR H 301 -88.99 17.67 -40.51
N GLN H 302 -89.60 18.80 -40.83
CA GLN H 302 -90.51 19.48 -39.92
C GLN H 302 -91.83 18.72 -39.89
N ASP H 303 -92.38 18.50 -38.69
CA ASP H 303 -93.65 17.82 -38.57
C ASP H 303 -94.71 18.92 -38.52
N ARG H 304 -95.38 19.12 -39.66
CA ARG H 304 -96.39 20.17 -39.78
C ARG H 304 -97.65 19.97 -38.94
N LEU H 305 -97.85 18.75 -38.46
CA LEU H 305 -99.02 18.43 -37.66
C LEU H 305 -98.78 18.62 -36.16
N VAL H 306 -97.76 17.95 -35.61
CA VAL H 306 -97.48 18.03 -34.18
C VAL H 306 -96.38 19.03 -33.82
N GLY H 307 -95.62 19.48 -34.82
CA GLY H 307 -94.53 20.42 -34.54
C GLY H 307 -93.23 19.67 -34.33
N GLY H 308 -92.16 20.41 -34.06
CA GLY H 308 -90.87 19.78 -33.86
C GLY H 308 -90.26 19.28 -35.15
N PHE H 309 -89.04 18.76 -35.08
CA PHE H 309 -88.37 18.22 -36.26
C PHE H 309 -87.94 16.78 -36.01
N ALA H 310 -87.76 16.04 -37.11
CA ALA H 310 -87.32 14.66 -37.04
C ALA H 310 -85.92 14.59 -37.65
N LYS H 311 -85.29 13.43 -37.61
CA LYS H 311 -83.96 13.31 -38.18
C LYS H 311 -84.08 13.28 -39.70
N TRP H 312 -85.11 12.60 -40.20
CA TRP H 312 -85.35 12.50 -41.62
C TRP H 312 -86.78 12.93 -41.95
N PRO H 313 -87.05 13.26 -43.23
CA PRO H 313 -88.42 13.67 -43.57
C PRO H 313 -89.38 12.49 -43.41
N ASP H 314 -90.62 12.79 -43.03
CA ASP H 314 -91.65 11.78 -42.83
C ASP H 314 -91.22 10.79 -41.75
N SER H 315 -90.57 11.31 -40.72
CA SER H 315 -90.10 10.51 -39.61
C SER H 315 -90.69 11.15 -38.36
N HIS H 316 -90.76 10.42 -37.25
CA HIS H 316 -91.34 10.99 -36.04
C HIS H 316 -90.42 12.00 -35.36
N PRO H 317 -90.99 13.15 -34.97
CA PRO H 317 -90.22 14.21 -34.31
C PRO H 317 -89.90 13.91 -32.84
N ASP H 318 -88.84 14.53 -32.35
CA ASP H 318 -88.44 14.36 -30.95
C ASP H 318 -87.81 15.66 -30.48
N ALA H 319 -87.73 15.83 -29.16
CA ALA H 319 -87.17 17.04 -28.58
C ALA H 319 -85.75 17.36 -29.04
N LEU H 320 -84.90 16.34 -29.16
CA LEU H 320 -83.53 16.55 -29.58
C LEU H 320 -83.42 17.11 -30.99
N HIS H 321 -84.12 16.51 -31.95
CA HIS H 321 -84.05 17.01 -33.31
C HIS H 321 -84.80 18.32 -33.51
N ALA H 322 -85.80 18.56 -32.67
CA ALA H 322 -86.55 19.80 -32.76
C ALA H 322 -85.61 20.92 -32.34
N TYR H 323 -84.90 20.71 -31.24
CA TYR H 323 -83.98 21.71 -30.74
C TYR H 323 -82.80 21.96 -31.67
N PHE H 324 -82.16 20.90 -32.13
CA PHE H 324 -81.01 21.08 -33.01
C PHE H 324 -81.40 21.55 -34.41
N GLY H 325 -82.61 21.22 -34.84
CA GLY H 325 -83.04 21.70 -36.15
C GLY H 325 -83.20 23.21 -36.05
N ILE H 326 -83.74 23.66 -34.93
CA ILE H 326 -83.94 25.09 -34.71
C ILE H 326 -82.60 25.78 -34.58
N CYS H 327 -81.65 25.17 -33.87
CA CYS H 327 -80.34 25.76 -33.73
C CYS H 327 -79.62 25.79 -35.09
N GLY H 328 -79.90 24.77 -35.91
CA GLY H 328 -79.29 24.71 -37.22
C GLY H 328 -79.78 25.89 -38.05
N LEU H 329 -81.08 26.12 -38.00
CA LEU H 329 -81.70 27.22 -38.72
C LEU H 329 -81.09 28.52 -38.20
N SER H 330 -80.91 28.60 -36.89
CA SER H 330 -80.34 29.79 -36.26
C SER H 330 -78.95 30.17 -36.79
N LEU H 331 -78.11 29.18 -37.10
CA LEU H 331 -76.76 29.45 -37.62
C LEU H 331 -76.78 30.28 -38.90
N MET H 332 -77.84 30.08 -39.69
CA MET H 332 -78.02 30.80 -40.96
C MET H 332 -78.91 32.03 -40.76
N GLU H 333 -79.36 32.20 -39.51
CA GLU H 333 -80.24 33.31 -39.12
C GLU H 333 -81.55 33.13 -39.86
N GLU H 334 -82.56 32.67 -39.13
CA GLU H 334 -83.87 32.44 -39.69
C GLU H 334 -84.89 33.37 -39.05
N SER H 335 -85.92 33.69 -39.82
CA SER H 335 -86.98 34.57 -39.35
C SER H 335 -87.51 34.18 -37.97
N GLY H 336 -87.22 35.04 -36.99
CA GLY H 336 -87.68 34.81 -35.63
C GLY H 336 -87.01 33.72 -34.80
N ILE H 337 -85.69 33.65 -34.86
CA ILE H 337 -84.96 32.66 -34.08
C ILE H 337 -83.72 33.32 -33.50
N CYS H 338 -83.70 33.49 -32.19
CA CYS H 338 -82.56 34.12 -31.54
C CYS H 338 -81.24 33.50 -32.03
N LYS H 339 -80.17 34.29 -31.99
CA LYS H 339 -78.87 33.82 -32.42
C LYS H 339 -78.31 32.87 -31.37
N VAL H 340 -77.74 31.76 -31.81
CA VAL H 340 -77.17 30.78 -30.90
C VAL H 340 -75.68 30.98 -30.71
N HIS H 341 -75.20 30.72 -29.50
CA HIS H 341 -73.79 30.82 -29.17
C HIS H 341 -73.27 29.41 -29.42
N PRO H 342 -72.74 29.16 -30.64
CA PRO H 342 -72.20 27.88 -31.10
C PRO H 342 -71.43 26.98 -30.12
N ALA H 343 -70.50 27.53 -29.36
CA ALA H 343 -69.74 26.70 -28.45
C ALA H 343 -70.43 26.33 -27.14
N LEU H 344 -71.29 27.21 -26.64
CA LEU H 344 -71.98 26.96 -25.37
C LEU H 344 -73.33 26.27 -25.56
N ASN H 345 -73.80 26.25 -26.80
CA ASN H 345 -75.06 25.60 -27.12
C ASN H 345 -76.26 26.20 -26.38
N VAL H 346 -76.32 27.53 -26.36
CA VAL H 346 -77.41 28.26 -25.72
C VAL H 346 -77.57 29.58 -26.47
N SER H 347 -78.73 30.21 -26.32
CA SER H 347 -78.98 31.49 -27.00
C SER H 347 -77.95 32.52 -26.55
N THR H 348 -77.60 33.44 -27.44
CA THR H 348 -76.64 34.48 -27.10
C THR H 348 -77.17 35.29 -25.94
N ARG H 349 -78.49 35.45 -25.89
CA ARG H 349 -79.13 36.17 -24.80
C ARG H 349 -78.67 35.54 -23.48
N THR H 350 -78.72 34.21 -23.44
CA THR H 350 -78.31 33.46 -22.25
C THR H 350 -76.83 33.65 -21.98
N SER H 351 -76.01 33.55 -23.03
CA SER H 351 -74.58 33.73 -22.85
C SER H 351 -74.34 35.15 -22.34
N GLU H 352 -75.23 36.07 -22.74
CA GLU H 352 -75.13 37.46 -22.30
C GLU H 352 -75.25 37.49 -20.78
N ARG H 353 -76.35 36.93 -20.29
CA ARG H 353 -76.62 36.88 -18.86
C ARG H 353 -75.48 36.20 -18.11
N LEU H 354 -74.95 35.11 -18.67
CA LEU H 354 -73.85 34.42 -18.03
C LEU H 354 -72.66 35.36 -17.94
N ARG H 355 -72.56 36.26 -18.92
CA ARG H 355 -71.47 37.24 -18.94
C ARG H 355 -71.64 38.18 -17.75
N ASP H 356 -72.81 38.80 -17.67
CA ASP H 356 -73.12 39.72 -16.59
C ASP H 356 -72.90 39.00 -15.27
N LEU H 357 -73.46 37.79 -15.21
CA LEU H 357 -73.39 36.94 -14.03
C LEU H 357 -71.95 36.71 -13.57
N HIS H 358 -71.05 36.46 -14.51
CA HIS H 358 -69.65 36.23 -14.18
C HIS H 358 -68.99 37.48 -13.64
N GLN H 359 -69.23 38.61 -14.30
CA GLN H 359 -68.65 39.89 -13.87
C GLN H 359 -69.08 40.24 -12.44
N SER H 360 -70.33 39.93 -12.11
CA SER H 360 -70.85 40.22 -10.78
C SER H 360 -70.26 39.33 -9.68
N TRP H 361 -69.78 38.14 -10.05
CA TRP H 361 -69.18 37.25 -9.06
C TRP H 361 -67.84 37.82 -8.61
N LYS H 362 -67.37 38.85 -9.30
CA LYS H 362 -66.11 39.50 -8.96
C LYS H 362 -66.38 40.78 -8.18
N THR H 363 -66.45 40.68 -6.86
CA THR H 363 -66.71 41.82 -6.00
C THR H 363 -65.80 41.81 -4.77
N PHE I 55 17.13 10.63 33.18
CA PHE I 55 18.03 10.28 32.05
C PHE I 55 17.30 10.22 30.69
N LEU I 56 16.87 9.03 30.28
CA LEU I 56 16.20 8.85 29.01
C LEU I 56 14.74 9.30 29.00
N SER I 57 14.49 10.46 28.40
CA SER I 57 13.14 11.02 28.32
C SER I 57 12.13 10.10 27.64
N LEU I 58 10.88 10.15 28.10
CA LEU I 58 9.82 9.31 27.54
C LEU I 58 9.44 9.69 26.11
N ASP I 59 9.77 10.92 25.70
CA ASP I 59 9.45 11.33 24.34
C ASP I 59 10.72 11.49 23.48
N SER I 60 11.84 10.98 23.98
CA SER I 60 13.10 11.05 23.24
C SER I 60 13.03 10.11 22.03
N PRO I 61 13.68 10.49 20.91
CA PRO I 61 13.69 9.65 19.71
C PRO I 61 14.34 8.29 19.98
N THR I 62 15.27 8.27 20.91
CA THR I 62 15.96 7.02 21.27
C THR I 62 15.39 6.35 22.52
N TYR I 63 14.16 6.67 22.87
CA TYR I 63 13.56 6.04 24.04
C TYR I 63 13.39 4.55 23.78
N VAL I 64 13.62 3.74 24.80
CA VAL I 64 13.50 2.30 24.67
C VAL I 64 12.63 1.72 25.77
N LEU I 65 11.62 0.93 25.39
CA LEU I 65 10.76 0.31 26.39
C LEU I 65 11.62 -0.43 27.40
N TYR I 66 11.12 -0.56 28.63
CA TYR I 66 11.85 -1.26 29.67
C TYR I 66 11.98 -2.74 29.34
N ARG I 67 11.04 -3.27 28.57
CA ARG I 67 11.11 -4.70 28.21
C ARG I 67 12.26 -4.97 27.24
N ASP I 68 12.81 -3.93 26.63
CA ASP I 68 13.92 -4.09 25.69
C ASP I 68 15.22 -3.52 26.22
N ARG I 69 15.28 -3.26 27.52
CA ARG I 69 16.49 -2.72 28.12
C ARG I 69 17.29 -3.83 28.78
N ALA I 70 18.58 -3.84 28.49
CA ALA I 70 19.46 -4.87 29.04
C ALA I 70 19.47 -4.86 30.56
N GLU I 71 19.60 -3.66 31.16
CA GLU I 71 19.65 -3.55 32.62
C GLU I 71 18.40 -4.04 33.33
N TRP I 72 17.34 -4.33 32.60
CA TRP I 72 16.12 -4.80 33.23
C TRP I 72 15.79 -6.22 32.84
N ALA I 73 16.70 -6.85 32.11
CA ALA I 73 16.50 -8.23 31.64
C ALA I 73 16.19 -9.23 32.74
N ASP I 74 16.79 -9.05 33.91
CA ASP I 74 16.58 -9.97 35.03
C ASP I 74 15.21 -9.88 35.69
N ILE I 75 14.48 -8.79 35.45
CA ILE I 75 13.17 -8.59 36.07
C ILE I 75 12.01 -9.09 35.23
N ASP I 76 11.08 -9.78 35.88
CA ASP I 76 9.88 -10.29 35.22
C ASP I 76 8.75 -9.28 35.48
N PRO I 77 8.34 -8.53 34.44
CA PRO I 77 7.29 -7.54 34.60
C PRO I 77 6.00 -8.13 35.19
N VAL I 78 5.34 -7.35 36.03
CA VAL I 78 4.10 -7.77 36.66
C VAL I 78 2.95 -6.96 36.07
N PRO I 79 1.99 -7.64 35.46
CA PRO I 79 0.84 -6.98 34.84
C PRO I 79 -0.31 -6.73 35.81
N GLN I 80 -1.16 -5.78 35.46
CA GLN I 80 -2.33 -5.42 36.24
C GLN I 80 -3.49 -6.25 35.72
N ASN I 81 -4.28 -6.84 36.60
CA ASN I 81 -5.42 -7.64 36.17
C ASN I 81 -6.69 -7.30 36.92
N ASP I 82 -7.66 -6.75 36.20
CA ASP I 82 -8.94 -6.36 36.78
C ASP I 82 -9.95 -7.49 36.81
N GLY I 83 -9.50 -8.71 36.50
CA GLY I 83 -10.39 -9.85 36.51
C GLY I 83 -11.25 -10.01 35.27
N PRO I 84 -12.26 -10.89 35.33
CA PRO I 84 -13.17 -11.18 34.23
C PRO I 84 -13.96 -9.98 33.72
N SER I 85 -14.59 -9.24 34.63
CA SER I 85 -15.40 -8.08 34.25
C SER I 85 -14.85 -6.79 34.87
N PRO I 86 -13.93 -6.11 34.17
CA PRO I 86 -13.35 -4.87 34.68
C PRO I 86 -14.32 -3.68 34.66
N VAL I 87 -14.26 -2.85 35.70
CA VAL I 87 -15.11 -1.68 35.83
C VAL I 87 -14.25 -0.42 35.77
N VAL I 88 -14.77 0.62 35.12
CA VAL I 88 -14.05 1.88 34.97
C VAL I 88 -12.61 1.60 34.56
N GLN I 89 -12.46 0.77 33.54
CA GLN I 89 -11.15 0.40 33.05
C GLN I 89 -10.56 1.47 32.12
N ILE I 90 -9.31 1.82 32.39
CA ILE I 90 -8.62 2.82 31.59
C ILE I 90 -7.68 2.12 30.62
N ILE I 91 -7.73 2.50 29.35
CA ILE I 91 -6.85 1.88 28.36
C ILE I 91 -5.50 2.56 28.37
N TYR I 92 -4.45 1.76 28.41
CA TYR I 92 -3.10 2.29 28.47
C TYR I 92 -2.28 2.01 27.22
N SER I 93 -1.44 2.97 26.85
CA SER I 93 -0.58 2.83 25.70
C SER I 93 0.52 1.84 26.05
N GLU I 94 1.22 1.34 25.03
CA GLU I 94 2.29 0.39 25.23
C GLU I 94 3.31 0.96 26.22
N LYS I 95 3.71 2.21 25.97
CA LYS I 95 4.69 2.89 26.80
C LYS I 95 4.28 2.98 28.26
N PHE I 96 3.04 3.41 28.49
CA PHE I 96 2.50 3.57 29.83
C PHE I 96 2.45 2.24 30.58
N ARG I 97 1.86 1.23 29.95
CA ARG I 97 1.74 -0.09 30.56
C ARG I 97 3.11 -0.70 30.83
N ASP I 98 4.06 -0.40 29.96
CA ASP I 98 5.41 -0.95 30.09
C ASP I 98 6.07 -0.41 31.36
N VAL I 99 6.01 0.91 31.56
CA VAL I 99 6.61 1.52 32.73
C VAL I 99 6.01 0.96 34.03
N TYR I 100 4.68 0.91 34.08
CA TYR I 100 4.03 0.43 35.27
C TYR I 100 4.11 -1.07 35.49
N ASP I 101 4.31 -1.85 34.44
CA ASP I 101 4.45 -3.29 34.60
C ASP I 101 5.77 -3.55 35.32
N TYR I 102 6.76 -2.71 35.08
CA TYR I 102 8.04 -2.87 35.75
C TYR I 102 8.00 -2.22 37.14
N PHE I 103 7.19 -1.17 37.27
CA PHE I 103 7.07 -0.50 38.55
C PHE I 103 6.48 -1.53 39.53
N ARG I 104 5.45 -2.24 39.08
CA ARG I 104 4.82 -3.25 39.93
C ARG I 104 5.82 -4.31 40.36
N ALA I 105 6.69 -4.70 39.45
CA ALA I 105 7.71 -5.70 39.72
C ALA I 105 8.64 -5.21 40.82
N VAL I 106 9.16 -4.00 40.63
CA VAL I 106 10.07 -3.42 41.61
C VAL I 106 9.41 -3.23 42.98
N LEU I 107 8.15 -2.82 43.00
CA LEU I 107 7.42 -2.62 44.26
C LEU I 107 7.22 -3.94 44.98
N GLN I 108 6.69 -4.92 44.25
CA GLN I 108 6.42 -6.24 44.79
C GLN I 108 7.63 -6.85 45.49
N ARG I 109 8.82 -6.48 45.03
CA ARG I 109 10.03 -7.03 45.61
C ARG I 109 10.74 -6.02 46.50
N ASP I 110 10.14 -4.86 46.67
CA ASP I 110 10.70 -3.82 47.51
C ASP I 110 12.19 -3.65 47.20
N GLU I 111 12.51 -3.58 45.92
CA GLU I 111 13.89 -3.40 45.47
C GLU I 111 14.37 -1.97 45.69
N ARG I 112 15.28 -1.77 46.63
CA ARG I 112 15.80 -0.44 46.90
C ARG I 112 17.00 -0.16 46.02
N SER I 113 16.80 -0.14 44.71
CA SER I 113 17.91 0.10 43.78
C SER I 113 17.90 1.46 43.10
N GLU I 114 19.02 1.78 42.48
CA GLU I 114 19.15 3.04 41.77
C GLU I 114 18.31 2.99 40.49
N ARG I 115 18.18 1.81 39.90
CA ARG I 115 17.38 1.71 38.69
C ARG I 115 15.90 1.89 39.02
N ALA I 116 15.48 1.44 40.20
CA ALA I 116 14.10 1.60 40.63
C ALA I 116 13.82 3.08 40.85
N PHE I 117 14.80 3.78 41.43
CA PHE I 117 14.65 5.20 41.68
C PHE I 117 14.41 5.95 40.37
N LYS I 118 15.17 5.61 39.33
CA LYS I 118 15.00 6.26 38.04
C LYS I 118 13.66 5.87 37.43
N LEU I 119 13.20 4.66 37.74
CA LEU I 119 11.93 4.20 37.21
C LEU I 119 10.77 5.05 37.76
N THR I 120 10.88 5.46 39.03
CA THR I 120 9.82 6.25 39.64
C THR I 120 9.67 7.61 38.95
N ARG I 121 10.77 8.14 38.44
CA ARG I 121 10.72 9.42 37.75
C ARG I 121 9.79 9.30 36.54
N ASP I 122 9.86 8.17 35.83
CA ASP I 122 9.01 7.94 34.66
C ASP I 122 7.56 7.68 35.07
N ALA I 123 7.39 6.90 36.14
CA ALA I 123 6.05 6.59 36.63
C ALA I 123 5.34 7.88 37.04
N ILE I 124 6.10 8.79 37.64
CA ILE I 124 5.54 10.06 38.07
C ILE I 124 5.21 10.94 36.88
N GLU I 125 6.03 10.91 35.84
CA GLU I 125 5.73 11.71 34.67
C GLU I 125 4.44 11.21 34.02
N LEU I 126 4.21 9.91 34.07
CA LEU I 126 3.01 9.33 33.49
C LEU I 126 1.77 9.58 34.36
N ASN I 127 1.95 9.63 35.68
CA ASN I 127 0.85 9.85 36.59
C ASN I 127 1.32 10.34 37.95
N ALA I 128 1.35 11.66 38.13
CA ALA I 128 1.79 12.27 39.38
C ALA I 128 0.80 12.11 40.53
N ALA I 129 -0.37 11.57 40.24
CA ALA I 129 -1.38 11.39 41.28
C ALA I 129 -1.31 10.03 41.95
N ASN I 130 -0.32 9.23 41.59
CA ASN I 130 -0.18 7.91 42.19
C ASN I 130 0.61 8.02 43.49
N TYR I 131 -0.10 8.12 44.62
CA TYR I 131 0.56 8.25 45.92
C TYR I 131 1.53 7.12 46.29
N THR I 132 1.26 5.90 45.84
CA THR I 132 2.17 4.79 46.13
C THR I 132 3.53 5.04 45.51
N VAL I 133 3.55 5.58 44.29
CA VAL I 133 4.81 5.87 43.61
C VAL I 133 5.61 6.89 44.44
N TRP I 134 4.95 7.95 44.90
CA TRP I 134 5.65 8.96 45.70
C TRP I 134 6.18 8.38 47.02
N HIS I 135 5.40 7.49 47.63
CA HIS I 135 5.84 6.88 48.87
C HIS I 135 7.11 6.07 48.62
N PHE I 136 7.05 5.22 47.60
CA PHE I 136 8.19 4.39 47.26
C PHE I 136 9.40 5.26 46.95
N ARG I 137 9.18 6.34 46.21
CA ARG I 137 10.29 7.21 45.89
C ARG I 137 10.92 7.77 47.17
N ARG I 138 10.10 8.05 48.19
CA ARG I 138 10.63 8.57 49.45
C ARG I 138 11.44 7.48 50.15
N VAL I 139 10.94 6.25 50.08
CA VAL I 139 11.65 5.11 50.68
C VAL I 139 13.03 5.02 50.05
N LEU I 140 13.07 5.13 48.71
CA LEU I 140 14.32 5.08 47.97
C LEU I 140 15.22 6.27 48.28
N LEU I 141 14.64 7.45 48.42
CA LEU I 141 15.44 8.63 48.73
C LEU I 141 16.24 8.39 50.01
N ARG I 142 15.63 7.69 50.96
CA ARG I 142 16.30 7.39 52.21
C ARG I 142 17.30 6.25 52.04
N SER I 143 16.84 5.12 51.53
CA SER I 143 17.71 3.95 51.31
C SER I 143 18.99 4.28 50.56
N LEU I 144 18.87 5.03 49.47
CA LEU I 144 20.03 5.38 48.67
C LEU I 144 20.69 6.68 49.12
N GLN I 145 20.20 7.24 50.23
CA GLN I 145 20.74 8.50 50.75
C GLN I 145 21.00 9.50 49.63
N LYS I 146 19.97 9.79 48.84
CA LYS I 146 20.07 10.74 47.74
C LYS I 146 20.17 12.18 48.22
N ASP I 147 20.70 13.05 47.37
CA ASP I 147 20.85 14.47 47.70
C ASP I 147 19.46 15.10 47.75
N LEU I 148 19.01 15.46 48.95
CA LEU I 148 17.70 16.07 49.11
C LEU I 148 17.57 17.46 48.51
N GLN I 149 18.68 18.16 48.38
CA GLN I 149 18.65 19.50 47.79
C GLN I 149 18.27 19.37 46.32
N GLU I 150 18.68 18.25 45.72
CA GLU I 150 18.38 18.02 44.32
C GLU I 150 16.91 17.65 44.16
N GLU I 151 16.38 16.87 45.12
CA GLU I 151 14.99 16.46 45.09
C GLU I 151 14.09 17.71 45.24
N MET I 152 14.59 18.71 45.95
CA MET I 152 13.83 19.95 46.12
C MET I 152 13.67 20.64 44.76
N ASN I 153 14.72 20.61 43.94
CA ASN I 153 14.63 21.23 42.63
C ASN I 153 13.59 20.48 41.80
N TYR I 154 13.63 19.15 41.93
CA TYR I 154 12.71 18.28 41.21
C TYR I 154 11.25 18.57 41.55
N ILE I 155 10.91 18.49 42.83
CA ILE I 155 9.55 18.73 43.28
C ILE I 155 9.13 20.18 42.99
N ILE I 156 10.08 21.10 42.97
CA ILE I 156 9.73 22.48 42.69
C ILE I 156 9.19 22.61 41.26
N ALA I 157 9.81 21.88 40.33
CA ALA I 157 9.37 21.93 38.94
C ALA I 157 8.04 21.22 38.77
N ILE I 158 7.90 20.06 39.41
CA ILE I 158 6.68 19.28 39.33
C ILE I 158 5.46 20.09 39.81
N ILE I 159 5.58 20.72 40.97
CA ILE I 159 4.48 21.50 41.53
C ILE I 159 4.10 22.66 40.62
N GLU I 160 5.07 23.31 40.01
CA GLU I 160 4.76 24.42 39.13
C GLU I 160 3.90 23.97 37.95
N GLU I 161 4.08 22.73 37.52
CA GLU I 161 3.31 22.18 36.40
C GLU I 161 1.96 21.62 36.86
N GLN I 162 1.90 21.18 38.11
CA GLN I 162 0.67 20.60 38.67
C GLN I 162 0.41 21.10 40.08
N PRO I 163 0.17 22.41 40.23
CA PRO I 163 -0.08 23.03 41.51
C PRO I 163 -1.33 22.61 42.29
N LYS I 164 -2.23 21.87 41.65
CA LYS I 164 -3.45 21.42 42.32
C LYS I 164 -3.40 19.96 42.79
N ASN I 165 -2.26 19.32 42.64
CA ASN I 165 -2.08 17.92 43.02
C ASN I 165 -1.74 17.76 44.52
N TYR I 166 -2.49 16.91 45.21
CA TYR I 166 -2.26 16.68 46.64
C TYR I 166 -0.94 15.99 46.96
N GLN I 167 -0.60 14.96 46.19
CA GLN I 167 0.63 14.21 46.42
C GLN I 167 1.91 15.04 46.31
N VAL I 168 1.98 15.97 45.37
CA VAL I 168 3.20 16.76 45.21
C VAL I 168 3.42 17.72 46.37
N TRP I 169 2.36 18.31 46.90
CA TRP I 169 2.53 19.22 48.02
C TRP I 169 2.89 18.43 49.29
N HIS I 170 2.35 17.23 49.41
CA HIS I 170 2.67 16.41 50.56
C HIS I 170 4.15 16.02 50.52
N HIS I 171 4.63 15.66 49.32
CA HIS I 171 6.02 15.27 49.12
C HIS I 171 6.94 16.41 49.51
N ARG I 172 6.64 17.62 49.05
CA ARG I 172 7.47 18.76 49.37
C ARG I 172 7.52 18.99 50.87
N ARG I 173 6.39 18.83 51.54
CA ARG I 173 6.38 19.05 52.98
C ARG I 173 7.28 18.04 53.71
N VAL I 174 7.21 16.79 53.29
CA VAL I 174 8.05 15.79 53.92
C VAL I 174 9.53 16.18 53.74
N LEU I 175 9.89 16.65 52.55
CA LEU I 175 11.26 17.05 52.28
C LEU I 175 11.73 18.17 53.19
N VAL I 176 10.92 19.22 53.31
CA VAL I 176 11.27 20.34 54.15
C VAL I 176 11.42 19.85 55.60
N GLU I 177 10.57 18.91 56.02
CA GLU I 177 10.69 18.38 57.37
C GLU I 177 12.02 17.65 57.51
N TRP I 178 12.39 16.85 56.52
CA TRP I 178 13.66 16.13 56.56
C TRP I 178 14.87 17.05 56.60
N LEU I 179 14.87 18.08 55.76
CA LEU I 179 15.97 19.02 55.72
C LEU I 179 15.96 20.04 56.85
N LYS I 180 14.81 20.21 57.50
CA LYS I 180 14.69 21.22 58.56
C LYS I 180 15.15 22.54 57.97
N ASP I 181 14.91 22.73 56.66
CA ASP I 181 15.33 23.94 55.96
C ASP I 181 14.17 24.62 55.24
N PRO I 182 13.65 25.72 55.79
CA PRO I 182 12.54 26.42 55.16
C PRO I 182 12.96 27.64 54.34
N SER I 183 14.27 27.84 54.18
CA SER I 183 14.79 29.01 53.47
C SER I 183 14.25 29.28 52.06
N GLN I 184 13.80 28.24 51.35
CA GLN I 184 13.27 28.41 50.00
C GLN I 184 11.74 28.58 49.94
N GLU I 185 11.06 28.07 50.95
CA GLU I 185 9.60 28.07 51.02
C GLU I 185 8.79 29.31 50.74
N LEU I 186 9.00 30.38 51.49
CA LEU I 186 8.20 31.58 51.27
C LEU I 186 8.28 32.15 49.87
N GLU I 187 9.46 32.08 49.26
CA GLU I 187 9.64 32.61 47.92
C GLU I 187 8.98 31.68 46.89
N PHE I 188 9.14 30.38 47.09
CA PHE I 188 8.54 29.42 46.18
C PHE I 188 7.02 29.55 46.17
N ILE I 189 6.43 29.62 47.36
CA ILE I 189 4.98 29.76 47.49
C ILE I 189 4.51 31.06 46.86
N ALA I 190 5.26 32.13 47.06
CA ALA I 190 4.89 33.42 46.50
C ALA I 190 4.84 33.32 44.97
N ASP I 191 5.69 32.49 44.38
CA ASP I 191 5.71 32.32 42.93
C ASP I 191 4.45 31.58 42.46
N ILE I 192 4.06 30.55 43.20
CA ILE I 192 2.87 29.78 42.88
C ILE I 192 1.65 30.68 43.06
N LEU I 193 1.63 31.44 44.15
CA LEU I 193 0.51 32.34 44.42
C LEU I 193 0.44 33.45 43.40
N ASN I 194 1.53 33.61 42.64
CA ASN I 194 1.56 34.63 41.61
C ASN I 194 0.81 34.17 40.37
N GLN I 195 0.69 32.86 40.19
CA GLN I 195 -0.02 32.33 39.03
C GLN I 195 -1.48 32.07 39.42
N ASP I 196 -1.70 31.81 40.71
CA ASP I 196 -3.04 31.56 41.26
C ASP I 196 -3.06 31.97 42.73
N ALA I 197 -3.45 33.22 42.97
CA ALA I 197 -3.49 33.78 44.31
C ALA I 197 -4.45 33.11 45.28
N LYS I 198 -5.24 32.15 44.81
CA LYS I 198 -6.20 31.49 45.70
C LYS I 198 -5.99 29.99 45.85
N ASN I 199 -4.85 29.50 45.36
CA ASN I 199 -4.52 28.08 45.44
C ASN I 199 -4.53 27.64 46.91
N TYR I 200 -5.52 26.82 47.27
CA TYR I 200 -5.64 26.35 48.64
C TYR I 200 -4.41 25.58 49.12
N HIS I 201 -3.84 24.74 48.27
CA HIS I 201 -2.65 23.97 48.64
C HIS I 201 -1.50 24.90 49.03
N ALA I 202 -1.28 25.95 48.23
CA ALA I 202 -0.20 26.89 48.49
C ALA I 202 -0.37 27.61 49.84
N TRP I 203 -1.58 28.13 50.10
CA TRP I 203 -1.80 28.81 51.37
C TRP I 203 -1.64 27.88 52.55
N GLN I 204 -2.09 26.64 52.39
CA GLN I 204 -1.97 25.67 53.46
C GLN I 204 -0.49 25.38 53.74
N HIS I 205 0.29 25.20 52.69
CA HIS I 205 1.70 24.93 52.85
C HIS I 205 2.38 26.15 53.48
N ARG I 206 1.98 27.34 53.07
CA ARG I 206 2.56 28.57 53.60
C ARG I 206 2.29 28.70 55.11
N GLN I 207 1.07 28.39 55.54
CA GLN I 207 0.78 28.47 56.97
C GLN I 207 1.55 27.42 57.74
N TRP I 208 1.74 26.25 57.15
CA TRP I 208 2.49 25.19 57.83
C TRP I 208 3.93 25.63 58.01
N VAL I 209 4.55 26.11 56.94
CA VAL I 209 5.94 26.55 57.03
C VAL I 209 6.11 27.64 58.09
N ILE I 210 5.30 28.68 57.99
CA ILE I 210 5.40 29.79 58.93
C ILE I 210 5.25 29.36 60.40
N GLN I 211 4.30 28.49 60.67
CA GLN I 211 4.08 28.04 62.03
C GLN I 211 5.18 27.10 62.50
N GLU I 212 5.55 26.13 61.66
CA GLU I 212 6.57 25.15 62.00
C GLU I 212 7.96 25.73 62.24
N PHE I 213 8.34 26.73 61.46
CA PHE I 213 9.66 27.34 61.60
C PHE I 213 9.62 28.77 62.12
N ARG I 214 8.46 29.16 62.67
CA ARG I 214 8.28 30.49 63.23
C ARG I 214 8.80 31.62 62.32
N LEU I 215 8.21 31.74 61.13
CA LEU I 215 8.63 32.77 60.17
C LEU I 215 7.55 33.86 60.05
N TRP I 216 7.16 34.42 61.19
CA TRP I 216 6.10 35.43 61.21
C TRP I 216 6.52 36.85 60.82
N ASP I 217 7.79 37.16 61.02
CA ASP I 217 8.32 38.49 60.75
C ASP I 217 7.84 39.32 59.58
N ASN I 218 7.73 38.72 58.40
CA ASN I 218 7.32 39.49 57.23
C ASN I 218 5.98 39.14 56.60
N GLU I 219 5.23 38.24 57.20
CA GLU I 219 3.96 37.84 56.60
C GLU I 219 2.89 38.92 56.57
N LEU I 220 2.79 39.73 57.62
CA LEU I 220 1.78 40.79 57.62
C LEU I 220 2.03 41.80 56.51
N GLN I 221 3.28 41.96 56.13
CA GLN I 221 3.64 42.88 55.08
C GLN I 221 3.28 42.26 53.73
N TYR I 222 3.46 40.95 53.63
CA TYR I 222 3.14 40.21 52.42
C TYR I 222 1.62 40.30 52.20
N VAL I 223 0.88 40.13 53.28
CA VAL I 223 -0.58 40.21 53.25
C VAL I 223 -1.02 41.58 52.76
N ASP I 224 -0.39 42.63 53.29
CA ASP I 224 -0.74 43.99 52.90
C ASP I 224 -0.48 44.22 51.42
N GLN I 225 0.58 43.62 50.91
CA GLN I 225 0.94 43.76 49.51
C GLN I 225 -0.11 43.12 48.61
N LEU I 226 -0.56 41.92 48.97
CA LEU I 226 -1.56 41.20 48.19
C LEU I 226 -2.94 41.82 48.27
N LEU I 227 -3.28 42.43 49.39
CA LEU I 227 -4.59 43.06 49.52
C LEU I 227 -4.66 44.30 48.62
N LYS I 228 -3.51 44.85 48.27
CA LYS I 228 -3.47 46.01 47.39
C LYS I 228 -3.69 45.51 45.96
N GLU I 229 -3.14 44.33 45.66
CA GLU I 229 -3.30 43.74 44.32
C GLU I 229 -4.74 43.31 44.05
N ASP I 230 -5.41 42.80 45.08
CA ASP I 230 -6.79 42.34 44.95
C ASP I 230 -7.44 42.28 46.33
N VAL I 231 -8.10 43.37 46.71
CA VAL I 231 -8.74 43.43 48.02
C VAL I 231 -9.87 42.42 48.19
N ARG I 232 -10.27 41.77 47.11
CA ARG I 232 -11.35 40.78 47.18
C ARG I 232 -10.86 39.34 47.41
N ASN I 233 -9.55 39.13 47.49
CA ASN I 233 -9.01 37.79 47.69
C ASN I 233 -9.27 37.29 49.12
N ASN I 234 -10.26 36.42 49.27
CA ASN I 234 -10.64 35.90 50.58
C ASN I 234 -9.52 35.15 51.29
N SER I 235 -8.63 34.55 50.50
CA SER I 235 -7.51 33.80 51.05
C SER I 235 -6.54 34.71 51.79
N VAL I 236 -6.36 35.93 51.27
CA VAL I 236 -5.44 36.88 51.86
C VAL I 236 -6.01 37.46 53.16
N TRP I 237 -7.31 37.68 53.22
CA TRP I 237 -7.91 38.17 54.45
C TRP I 237 -7.78 37.08 55.51
N ASN I 238 -7.86 35.82 55.09
CA ASN I 238 -7.73 34.72 56.04
C ASN I 238 -6.32 34.71 56.58
N GLN I 239 -5.35 34.95 55.70
CA GLN I 239 -3.95 34.96 56.10
C GLN I 239 -3.70 36.06 57.10
N ARG I 240 -4.28 37.23 56.85
CA ARG I 240 -4.13 38.36 57.77
C ARG I 240 -4.56 37.97 59.19
N HIS I 241 -5.73 37.36 59.32
CA HIS I 241 -6.18 36.95 60.64
C HIS I 241 -5.29 35.88 61.23
N PHE I 242 -4.70 35.05 60.37
CA PHE I 242 -3.82 33.98 60.79
C PHE I 242 -2.56 34.57 61.41
N VAL I 243 -1.96 35.55 60.74
CA VAL I 243 -0.75 36.18 61.22
C VAL I 243 -0.96 36.89 62.55
N ILE I 244 -1.91 37.81 62.57
CA ILE I 244 -2.22 38.56 63.76
C ILE I 244 -2.61 37.73 64.97
N SER I 245 -3.55 36.81 64.81
CA SER I 245 -3.97 36.03 65.98
C SER I 245 -2.85 35.12 66.49
N ASN I 246 -1.83 34.89 65.69
CA ASN I 246 -0.73 34.04 66.10
C ASN I 246 0.49 34.81 66.56
N THR I 247 0.41 36.13 66.51
CA THR I 247 1.54 36.93 66.98
C THR I 247 1.03 37.80 68.13
N THR I 248 0.65 39.04 67.81
CA THR I 248 0.14 39.94 68.84
C THR I 248 -1.21 39.56 69.41
N GLY I 249 -2.09 39.00 68.59
CA GLY I 249 -3.41 38.65 69.07
C GLY I 249 -4.28 39.89 68.90
N TYR I 250 -5.56 39.79 69.26
CA TYR I 250 -6.45 40.94 69.10
C TYR I 250 -6.87 41.58 70.42
N SER I 251 -6.47 40.99 71.55
CA SER I 251 -6.84 41.52 72.86
C SER I 251 -6.18 42.87 73.15
N ASP I 252 -5.16 43.22 72.36
CA ASP I 252 -4.51 44.51 72.55
C ASP I 252 -5.35 45.57 71.84
N ARG I 253 -6.05 46.39 72.61
CA ARG I 253 -6.90 47.43 72.06
C ARG I 253 -6.26 48.27 70.95
N ALA I 254 -4.95 48.46 71.03
CA ALA I 254 -4.28 49.24 70.00
C ALA I 254 -4.27 48.46 68.69
N VAL I 255 -4.14 47.14 68.78
CA VAL I 255 -4.12 46.30 67.58
C VAL I 255 -5.53 46.23 67.01
N LEU I 256 -6.51 45.96 67.87
CA LEU I 256 -7.89 45.86 67.46
C LEU I 256 -8.31 47.13 66.71
N GLU I 257 -7.96 48.27 67.27
CA GLU I 257 -8.31 49.52 66.63
C GLU I 257 -7.63 49.67 65.27
N ARG I 258 -6.35 49.32 65.19
CA ARG I 258 -5.63 49.44 63.93
C ARG I 258 -6.31 48.57 62.87
N GLU I 259 -6.67 47.35 63.27
CA GLU I 259 -7.32 46.42 62.35
C GLU I 259 -8.71 46.86 61.91
N VAL I 260 -9.54 47.27 62.86
CA VAL I 260 -10.88 47.72 62.53
C VAL I 260 -10.79 48.94 61.62
N GLN I 261 -9.85 49.81 61.90
CA GLN I 261 -9.67 51.01 61.09
C GLN I 261 -9.22 50.64 59.68
N TYR I 262 -8.29 49.69 59.60
CA TYR I 262 -7.75 49.24 58.32
C TYR I 262 -8.84 48.64 57.44
N THR I 263 -9.69 47.84 58.05
CA THR I 263 -10.77 47.18 57.34
C THR I 263 -11.80 48.19 56.83
N LEU I 264 -12.15 49.16 57.66
CA LEU I 264 -13.11 50.17 57.24
C LEU I 264 -12.55 50.95 56.05
N GLU I 265 -11.24 51.16 56.02
CA GLU I 265 -10.65 51.88 54.90
C GLU I 265 -10.76 51.03 53.64
N MET I 266 -10.60 49.71 53.77
CA MET I 266 -10.70 48.80 52.63
C MET I 266 -12.15 48.70 52.18
N ILE I 267 -13.06 48.71 53.13
CA ILE I 267 -14.48 48.65 52.80
C ILE I 267 -14.89 49.93 52.05
N LYS I 268 -14.33 51.07 52.45
CA LYS I 268 -14.65 52.33 51.79
C LYS I 268 -14.19 52.29 50.33
N LEU I 269 -13.07 51.63 50.06
CA LEU I 269 -12.56 51.54 48.69
C LEU I 269 -13.41 50.64 47.80
N VAL I 270 -13.89 49.53 48.37
CA VAL I 270 -14.71 48.58 47.64
C VAL I 270 -15.76 48.06 48.62
N PRO I 271 -16.85 48.83 48.81
CA PRO I 271 -17.93 48.48 49.74
C PRO I 271 -18.60 47.12 49.55
N HIS I 272 -18.63 46.63 48.32
CA HIS I 272 -19.24 45.32 48.09
C HIS I 272 -18.16 44.23 48.09
N ASN I 273 -17.72 43.87 49.28
CA ASN I 273 -16.67 42.86 49.45
C ASN I 273 -16.95 42.05 50.71
N GLU I 274 -17.52 40.87 50.53
CA GLU I 274 -17.85 40.03 51.67
C GLU I 274 -16.64 39.71 52.56
N SER I 275 -15.47 39.52 51.95
CA SER I 275 -14.27 39.19 52.71
C SER I 275 -13.92 40.24 53.76
N ALA I 276 -13.94 41.50 53.38
CA ALA I 276 -13.62 42.58 54.30
C ALA I 276 -14.65 42.61 55.44
N TRP I 277 -15.92 42.50 55.08
CA TRP I 277 -16.97 42.52 56.08
C TRP I 277 -16.90 41.33 57.02
N ASN I 278 -16.52 40.17 56.50
CA ASN I 278 -16.43 38.97 57.33
C ASN I 278 -15.29 39.11 58.33
N TYR I 279 -14.20 39.76 57.91
CA TYR I 279 -13.04 39.97 58.76
C TYR I 279 -13.45 40.91 59.90
N LEU I 280 -14.07 42.03 59.53
CA LEU I 280 -14.51 43.01 60.50
C LEU I 280 -15.41 42.36 61.53
N LYS I 281 -16.40 41.60 61.08
CA LYS I 281 -17.30 40.96 62.02
C LYS I 281 -16.56 39.88 62.80
N GLY I 282 -15.65 39.20 62.11
CA GLY I 282 -14.90 38.14 62.73
C GLY I 282 -14.09 38.54 63.94
N ILE I 283 -13.42 39.68 63.87
CA ILE I 283 -12.60 40.13 64.97
C ILE I 283 -13.38 40.84 66.09
N LEU I 284 -14.67 41.06 65.89
CA LEU I 284 -15.46 41.74 66.91
C LEU I 284 -16.60 40.92 67.50
N GLN I 285 -17.11 39.98 66.72
CA GLN I 285 -18.24 39.19 67.20
C GLN I 285 -18.13 38.55 68.57
N ASP I 286 -16.97 38.04 68.93
CA ASP I 286 -16.81 37.42 70.23
C ASP I 286 -16.63 38.41 71.37
N ARG I 287 -16.19 39.62 71.05
CA ARG I 287 -16.01 40.64 72.07
C ARG I 287 -17.39 41.22 72.38
N GLY I 288 -18.28 41.14 71.41
CA GLY I 288 -19.63 41.67 71.55
C GLY I 288 -19.80 42.90 70.68
N LEU I 289 -20.51 42.77 69.57
CA LEU I 289 -20.72 43.90 68.66
C LEU I 289 -21.41 45.11 69.28
N SER I 290 -22.30 44.89 70.24
CA SER I 290 -23.01 46.00 70.87
C SER I 290 -22.12 46.82 71.81
N ARG I 291 -20.92 46.33 72.10
CA ARG I 291 -20.01 47.05 72.97
C ARG I 291 -19.25 48.15 72.22
N TYR I 292 -19.55 48.31 70.94
CA TYR I 292 -18.86 49.32 70.13
C TYR I 292 -19.77 50.37 69.51
N PRO I 293 -20.33 51.26 70.34
CA PRO I 293 -21.24 52.33 69.92
C PRO I 293 -20.81 53.19 68.73
N ASN I 294 -19.54 53.58 68.66
CA ASN I 294 -19.12 54.40 67.53
C ASN I 294 -19.15 53.63 66.22
N LEU I 295 -19.06 52.31 66.31
CA LEU I 295 -19.09 51.48 65.12
C LEU I 295 -20.49 51.54 64.52
N LEU I 296 -21.49 51.32 65.37
CA LEU I 296 -22.88 51.37 64.94
C LEU I 296 -23.19 52.68 64.24
N ASN I 297 -22.77 53.80 64.83
CA ASN I 297 -23.05 55.09 64.21
C ASN I 297 -22.26 55.26 62.93
N GLN I 298 -20.99 54.90 62.95
CA GLN I 298 -20.16 55.04 61.75
C GLN I 298 -20.72 54.21 60.59
N LEU I 299 -21.37 53.10 60.90
CA LEU I 299 -21.95 52.26 59.84
C LEU I 299 -23.26 52.86 59.33
N LEU I 300 -24.08 53.38 60.24
CA LEU I 300 -25.34 53.99 59.84
C LEU I 300 -25.06 55.21 58.95
N ASP I 301 -23.87 55.80 59.10
CA ASP I 301 -23.50 56.95 58.29
C ASP I 301 -23.03 56.54 56.90
N LEU I 302 -22.72 55.27 56.73
CA LEU I 302 -22.27 54.77 55.43
C LEU I 302 -23.46 54.28 54.61
N GLN I 303 -24.54 53.92 55.30
CA GLN I 303 -25.75 53.43 54.65
C GLN I 303 -26.18 54.29 53.47
N PRO I 304 -26.13 55.62 53.63
CA PRO I 304 -26.52 56.52 52.53
C PRO I 304 -25.86 56.18 51.19
N SER I 305 -24.53 56.20 51.16
CA SER I 305 -23.80 55.92 49.92
C SER I 305 -23.23 54.50 49.82
N HIS I 306 -22.20 54.20 50.61
CA HIS I 306 -21.55 52.88 50.59
C HIS I 306 -22.40 51.72 51.12
N SER I 307 -23.69 51.70 50.79
CA SER I 307 -24.56 50.61 51.25
C SER I 307 -24.28 49.30 50.51
N SER I 308 -24.73 48.19 51.10
CA SER I 308 -24.56 46.87 50.52
C SER I 308 -25.28 45.89 51.44
N PRO I 309 -25.61 44.70 50.93
CA PRO I 309 -26.30 43.75 51.79
C PRO I 309 -25.46 43.32 53.00
N TYR I 310 -24.14 43.43 52.88
CA TYR I 310 -23.24 43.05 53.95
C TYR I 310 -23.36 44.04 55.10
N LEU I 311 -23.49 45.31 54.75
CA LEU I 311 -23.63 46.36 55.76
C LEU I 311 -24.93 46.20 56.51
N ILE I 312 -26.03 46.01 55.79
CA ILE I 312 -27.33 45.87 56.44
C ILE I 312 -27.30 44.67 57.39
N ALA I 313 -26.73 43.56 56.91
CA ALA I 313 -26.64 42.34 57.72
C ALA I 313 -25.81 42.59 58.98
N PHE I 314 -24.78 43.41 58.86
CA PHE I 314 -23.94 43.72 60.01
C PHE I 314 -24.79 44.47 61.05
N LEU I 315 -25.58 45.44 60.59
CA LEU I 315 -26.45 46.20 61.49
C LEU I 315 -27.43 45.26 62.20
N VAL I 316 -28.01 44.32 61.44
CA VAL I 316 -28.94 43.37 62.06
C VAL I 316 -28.25 42.62 63.20
N ASP I 317 -27.03 42.17 62.94
CA ASP I 317 -26.26 41.42 63.93
C ASP I 317 -25.91 42.27 65.16
N ILE I 318 -25.62 43.55 64.95
CA ILE I 318 -25.33 44.44 66.06
C ILE I 318 -26.59 44.53 66.92
N TYR I 319 -27.72 44.82 66.30
CA TYR I 319 -28.98 44.92 67.02
C TYR I 319 -29.28 43.63 67.75
N GLU I 320 -29.02 42.50 67.11
CA GLU I 320 -29.32 41.24 67.79
C GLU I 320 -28.44 41.08 69.02
N ASP I 321 -27.20 41.54 68.95
CA ASP I 321 -26.31 41.44 70.09
C ASP I 321 -26.85 42.30 71.24
N MET I 322 -27.44 43.44 70.89
CA MET I 322 -28.03 44.32 71.90
C MET I 322 -29.15 43.59 72.60
N LEU I 323 -30.10 43.06 71.82
CA LEU I 323 -31.24 42.33 72.36
C LEU I 323 -30.76 41.18 73.24
N GLU I 324 -29.60 40.64 72.87
CA GLU I 324 -29.00 39.53 73.59
C GLU I 324 -28.52 39.97 74.97
N ASN I 325 -28.16 41.23 75.08
CA ASN I 325 -27.66 41.78 76.34
C ASN I 325 -28.64 42.76 77.00
N GLN I 326 -29.88 42.32 77.18
CA GLN I 326 -30.93 43.12 77.79
C GLN I 326 -30.64 44.63 77.75
N CYS I 327 -30.68 45.20 76.55
CA CYS I 327 -30.43 46.63 76.37
C CYS I 327 -31.68 47.43 76.74
N ASP I 328 -31.60 48.74 76.58
CA ASP I 328 -32.74 49.60 76.88
C ASP I 328 -33.54 49.84 75.59
N ASN I 329 -34.86 49.83 75.71
CA ASN I 329 -35.76 50.00 74.56
C ASN I 329 -35.75 48.73 73.73
N LYS I 330 -35.74 47.59 74.42
CA LYS I 330 -35.72 46.29 73.77
C LYS I 330 -36.69 46.22 72.60
N GLU I 331 -37.93 46.62 72.83
CA GLU I 331 -38.94 46.58 71.78
C GLU I 331 -38.61 47.50 70.60
N ASP I 332 -37.98 48.64 70.87
CA ASP I 332 -37.62 49.57 69.80
C ASP I 332 -36.46 49.03 68.95
N ILE I 333 -35.51 48.39 69.61
CA ILE I 333 -34.35 47.82 68.92
C ILE I 333 -34.82 46.68 68.03
N LEU I 334 -35.66 45.81 68.59
CA LEU I 334 -36.20 44.68 67.87
C LEU I 334 -36.83 45.13 66.55
N ASN I 335 -37.53 46.26 66.59
CA ASN I 335 -38.18 46.75 65.39
C ASN I 335 -37.16 47.30 64.39
N LYS I 336 -36.07 47.86 64.89
CA LYS I 336 -35.03 48.40 64.00
C LYS I 336 -34.45 47.22 63.21
N ALA I 337 -34.34 46.09 63.89
CA ALA I 337 -33.81 44.87 63.31
C ALA I 337 -34.78 44.30 62.28
N LEU I 338 -36.01 44.04 62.72
CA LEU I 338 -37.04 43.51 61.83
C LEU I 338 -37.19 44.38 60.59
N GLU I 339 -37.02 45.68 60.76
CA GLU I 339 -37.15 46.59 59.63
C GLU I 339 -36.04 46.35 58.62
N LEU I 340 -34.85 46.04 59.11
CA LEU I 340 -33.71 45.77 58.24
C LEU I 340 -33.87 44.41 57.56
N CYS I 341 -34.32 43.41 58.32
CA CYS I 341 -34.54 42.09 57.76
C CYS I 341 -35.47 42.21 56.56
N GLU I 342 -36.54 42.98 56.72
CA GLU I 342 -37.49 43.13 55.64
C GLU I 342 -36.87 43.91 54.47
N ILE I 343 -35.99 44.86 54.76
CA ILE I 343 -35.33 45.61 53.69
C ILE I 343 -34.44 44.66 52.89
N LEU I 344 -33.80 43.72 53.58
CA LEU I 344 -32.93 42.76 52.92
C LEU I 344 -33.78 41.85 52.02
N ALA I 345 -34.83 41.28 52.60
CA ALA I 345 -35.72 40.37 51.89
C ALA I 345 -36.44 41.00 50.71
N LYS I 346 -36.87 42.25 50.86
CA LYS I 346 -37.60 42.94 49.81
C LYS I 346 -36.77 43.58 48.71
N GLU I 347 -35.55 44.04 49.01
CA GLU I 347 -34.79 44.67 47.94
C GLU I 347 -33.26 44.65 47.97
N LYS I 348 -32.65 44.36 49.12
CA LYS I 348 -31.19 44.38 49.20
C LYS I 348 -30.46 43.04 49.03
N ASP I 349 -31.10 41.95 49.44
CA ASP I 349 -30.53 40.63 49.34
C ASP I 349 -31.68 39.68 49.01
N THR I 350 -32.44 40.03 47.98
CA THR I 350 -33.60 39.25 47.57
C THR I 350 -33.40 37.75 47.41
N ILE I 351 -32.24 37.32 46.92
CA ILE I 351 -32.00 35.90 46.72
C ILE I 351 -32.09 35.13 48.03
N ARG I 352 -32.00 35.84 49.16
CA ARG I 352 -32.08 35.19 50.47
C ARG I 352 -33.34 35.65 51.22
N LYS I 353 -34.30 36.18 50.46
CA LYS I 353 -35.55 36.67 51.03
C LYS I 353 -36.22 35.72 52.02
N GLU I 354 -36.35 34.45 51.67
CA GLU I 354 -36.98 33.53 52.61
C GLU I 354 -36.14 33.36 53.86
N TYR I 355 -34.82 33.47 53.71
CA TYR I 355 -33.91 33.32 54.85
C TYR I 355 -34.04 34.50 55.81
N TRP I 356 -33.99 35.72 55.26
CA TRP I 356 -34.10 36.92 56.07
C TRP I 356 -35.45 37.00 56.80
N ARG I 357 -36.52 36.61 56.12
CA ARG I 357 -37.83 36.63 56.75
C ARG I 357 -37.82 35.60 57.88
N TYR I 358 -37.09 34.52 57.68
CA TYR I 358 -36.96 33.47 58.67
C TYR I 358 -36.18 34.01 59.88
N ILE I 359 -35.20 34.88 59.61
CA ILE I 359 -34.41 35.47 60.69
C ILE I 359 -35.33 36.42 61.45
N GLY I 360 -36.11 37.18 60.67
CA GLY I 360 -37.04 38.13 61.26
C GLY I 360 -37.98 37.43 62.23
N ARG I 361 -38.63 36.36 61.77
CA ARG I 361 -39.55 35.62 62.62
C ARG I 361 -38.86 35.09 63.87
N SER I 362 -37.58 34.73 63.74
CA SER I 362 -36.83 34.19 64.87
C SER I 362 -36.56 35.24 65.94
N LEU I 363 -36.25 36.47 65.50
CA LEU I 363 -35.99 37.56 66.44
C LEU I 363 -37.28 37.87 67.19
N GLN I 364 -38.40 37.92 66.47
CA GLN I 364 -39.70 38.20 67.06
C GLN I 364 -40.03 37.22 68.18
N SER I 365 -40.06 35.94 67.86
CA SER I 365 -40.41 34.94 68.86
C SER I 365 -39.36 34.76 69.94
N LYS I 366 -38.29 35.56 69.90
CA LYS I 366 -37.24 35.45 70.91
C LYS I 366 -37.16 36.70 71.77
N HIS I 367 -37.70 37.80 71.30
CA HIS I 367 -37.65 39.05 72.06
C HIS I 367 -38.96 39.84 72.04
N SER I 368 -39.97 39.35 72.76
CA SER I 368 -41.27 40.03 72.81
C SER I 368 -42.06 39.71 74.08
N LEU J 18 -34.04 25.23 31.76
CA LEU J 18 -34.35 24.14 30.78
C LEU J 18 -34.87 22.86 31.43
N ASP J 19 -34.70 21.75 30.74
CA ASP J 19 -35.19 20.47 31.23
C ASP J 19 -34.09 19.46 31.59
N PHE J 20 -34.43 18.55 32.48
CA PHE J 20 -33.50 17.53 32.97
C PHE J 20 -33.46 16.31 32.04
N LEU J 21 -32.41 16.19 31.25
CA LEU J 21 -32.24 15.09 30.31
C LEU J 21 -31.89 13.78 31.00
N ARG J 22 -32.81 13.26 31.81
CA ARG J 22 -32.58 12.03 32.57
C ARG J 22 -31.97 10.83 31.83
N ASP J 23 -32.53 10.45 30.68
CA ASP J 23 -32.00 9.31 29.96
C ASP J 23 -30.55 9.52 29.53
N ARG J 24 -30.27 10.75 29.12
CA ARG J 24 -28.92 11.11 28.69
C ARG J 24 -27.93 10.87 29.85
N HIS J 25 -28.29 11.33 31.05
CA HIS J 25 -27.42 11.16 32.21
C HIS J 25 -27.25 9.70 32.56
N VAL J 26 -28.26 8.90 32.27
CA VAL J 26 -28.18 7.47 32.55
C VAL J 26 -27.11 6.89 31.63
N ARG J 27 -27.13 7.31 30.37
CA ARG J 27 -26.16 6.82 29.40
C ARG J 27 -24.75 7.29 29.81
N PHE J 28 -24.66 8.54 30.26
CA PHE J 28 -23.39 9.11 30.69
C PHE J 28 -22.76 8.25 31.79
N PHE J 29 -23.53 7.94 32.83
CA PHE J 29 -23.01 7.14 33.92
C PHE J 29 -22.62 5.75 33.44
N GLN J 30 -23.36 5.21 32.48
CA GLN J 30 -23.05 3.88 31.92
C GLN J 30 -21.67 3.93 31.28
N ARG J 31 -21.43 4.98 30.52
CA ARG J 31 -20.15 5.18 29.85
C ARG J 31 -19.02 5.18 30.88
N CYS J 32 -19.26 5.84 32.01
CA CYS J 32 -18.25 5.92 33.07
C CYS J 32 -17.85 4.57 33.61
N LEU J 33 -18.79 3.64 33.69
CA LEU J 33 -18.49 2.31 34.23
C LEU J 33 -17.74 1.40 33.26
N GLN J 34 -17.67 1.81 31.99
CA GLN J 34 -17.04 1.00 30.97
C GLN J 34 -15.55 1.21 30.72
N VAL J 35 -15.20 1.88 29.63
CA VAL J 35 -13.81 2.11 29.31
C VAL J 35 -13.51 3.58 29.09
N LEU J 36 -12.37 4.02 29.62
CA LEU J 36 -11.97 5.41 29.49
C LEU J 36 -10.66 5.58 28.73
N PRO J 37 -10.54 6.68 27.96
CA PRO J 37 -9.33 6.98 27.17
C PRO J 37 -8.15 7.17 28.11
N GLU J 38 -6.93 7.08 27.58
CA GLU J 38 -5.75 7.24 28.41
C GLU J 38 -5.64 8.62 29.04
N ARG J 39 -6.43 9.58 28.57
CA ARG J 39 -6.39 10.94 29.12
C ARG J 39 -6.75 10.91 30.60
N TYR J 40 -7.50 9.90 31.02
CA TYR J 40 -7.94 9.80 32.40
C TYR J 40 -7.08 8.91 33.28
N SER J 41 -5.84 8.69 32.87
CA SER J 41 -4.92 7.84 33.60
C SER J 41 -4.70 8.26 35.07
N SER J 42 -4.79 9.55 35.34
CA SER J 42 -4.57 10.05 36.69
C SER J 42 -5.65 9.62 37.66
N LEU J 43 -6.72 9.01 37.14
CA LEU J 43 -7.82 8.54 37.98
C LEU J 43 -7.64 7.08 38.36
N GLU J 44 -6.55 6.47 37.88
CA GLU J 44 -6.29 5.07 38.15
C GLU J 44 -6.42 4.67 39.63
N THR J 45 -5.71 5.37 40.51
CA THR J 45 -5.76 5.02 41.92
C THR J 45 -7.06 5.34 42.63
N SER J 46 -8.03 5.91 41.92
CA SER J 46 -9.30 6.18 42.55
C SER J 46 -10.48 5.80 41.66
N ARG J 47 -10.31 4.71 40.90
CA ARG J 47 -11.34 4.22 40.01
C ARG J 47 -12.57 3.83 40.81
N LEU J 48 -12.36 3.36 42.03
CA LEU J 48 -13.46 2.97 42.88
C LEU J 48 -14.40 4.15 43.17
N THR J 49 -13.85 5.36 43.35
CA THR J 49 -14.74 6.48 43.63
C THR J 49 -15.44 6.92 42.35
N ILE J 50 -14.85 6.63 41.20
CA ILE J 50 -15.50 6.95 39.92
C ILE J 50 -16.70 6.01 39.81
N ALA J 51 -16.48 4.75 40.18
CA ALA J 51 -17.53 3.75 40.16
C ALA J 51 -18.65 4.24 41.06
N PHE J 52 -18.27 4.75 42.23
CA PHE J 52 -19.25 5.27 43.18
C PHE J 52 -20.12 6.37 42.57
N PHE J 53 -19.50 7.36 41.94
CA PHE J 53 -20.26 8.44 41.34
C PHE J 53 -21.25 7.91 40.31
N ALA J 54 -20.82 6.91 39.55
CA ALA J 54 -21.68 6.36 38.52
C ALA J 54 -22.80 5.47 39.08
N LEU J 55 -22.45 4.55 39.98
CA LEU J 55 -23.43 3.66 40.58
C LEU J 55 -24.43 4.42 41.43
N SER J 56 -23.93 5.28 42.31
CA SER J 56 -24.80 6.06 43.16
C SER J 56 -25.61 6.99 42.25
N GLY J 57 -25.00 7.45 41.17
CA GLY J 57 -25.71 8.31 40.24
C GLY J 57 -26.87 7.57 39.58
N LEU J 58 -26.58 6.34 39.13
CA LEU J 58 -27.60 5.53 38.50
C LEU J 58 -28.70 5.24 39.51
N ASP J 59 -28.29 4.88 40.73
CA ASP J 59 -29.24 4.60 41.80
C ASP J 59 -30.15 5.79 42.03
N MET J 60 -29.55 6.97 42.07
CA MET J 60 -30.29 8.21 42.28
C MET J 60 -31.31 8.42 41.17
N LEU J 61 -31.02 7.87 39.99
CA LEU J 61 -31.92 8.01 38.84
C LEU J 61 -32.74 6.74 38.67
N ASP J 62 -32.58 5.83 39.62
CA ASP J 62 -33.27 4.54 39.62
C ASP J 62 -33.06 3.82 38.28
N SER J 63 -31.80 3.51 37.98
CA SER J 63 -31.46 2.83 36.73
C SER J 63 -30.36 1.82 36.95
N LEU J 64 -30.27 1.27 38.16
CA LEU J 64 -29.24 0.29 38.45
C LEU J 64 -29.39 -0.97 37.61
N ASP J 65 -30.58 -1.18 37.07
CA ASP J 65 -30.85 -2.37 36.26
C ASP J 65 -30.00 -2.42 35.00
N VAL J 66 -29.45 -1.29 34.57
CA VAL J 66 -28.63 -1.26 33.37
C VAL J 66 -27.22 -1.79 33.56
N VAL J 67 -26.91 -2.25 34.77
CA VAL J 67 -25.58 -2.77 35.06
C VAL J 67 -25.67 -4.15 35.69
N ASN J 68 -24.59 -4.92 35.60
CA ASN J 68 -24.57 -6.26 36.17
C ASN J 68 -24.05 -6.19 37.61
N LYS J 69 -24.97 -5.96 38.55
CA LYS J 69 -24.62 -5.85 39.96
C LYS J 69 -23.67 -6.91 40.46
N ASP J 70 -23.95 -8.18 40.15
CA ASP J 70 -23.09 -9.27 40.60
C ASP J 70 -21.65 -9.15 40.15
N ASP J 71 -21.43 -8.75 38.90
CA ASP J 71 -20.07 -8.61 38.39
C ASP J 71 -19.35 -7.51 39.17
N ILE J 72 -20.01 -6.35 39.28
CA ILE J 72 -19.44 -5.20 39.97
C ILE J 72 -19.14 -5.51 41.44
N ILE J 73 -20.03 -6.26 42.10
CA ILE J 73 -19.81 -6.61 43.49
C ILE J 73 -18.52 -7.43 43.65
N GLU J 74 -18.25 -8.32 42.69
CA GLU J 74 -17.04 -9.14 42.77
C GLU J 74 -15.81 -8.29 42.54
N TRP J 75 -15.93 -7.32 41.64
CA TRP J 75 -14.82 -6.42 41.33
C TRP J 75 -14.46 -5.63 42.58
N ILE J 76 -15.48 -5.10 43.25
CA ILE J 76 -15.27 -4.33 44.46
C ILE J 76 -14.59 -5.20 45.52
N TYR J 77 -15.09 -6.42 45.70
CA TYR J 77 -14.48 -7.30 46.69
C TYR J 77 -13.05 -7.68 46.36
N SER J 78 -12.66 -7.57 45.10
CA SER J 78 -11.29 -7.91 44.72
C SER J 78 -10.38 -6.77 45.15
N LEU J 79 -11.00 -5.65 45.54
CA LEU J 79 -10.24 -4.49 45.98
C LEU J 79 -10.03 -4.43 47.49
N GLN J 80 -10.63 -5.36 48.23
CA GLN J 80 -10.47 -5.37 49.68
C GLN J 80 -9.11 -5.92 50.11
N VAL J 81 -8.45 -5.19 50.99
CA VAL J 81 -7.16 -5.62 51.51
C VAL J 81 -7.51 -6.41 52.77
N LEU J 82 -7.43 -7.73 52.66
CA LEU J 82 -7.75 -8.61 53.78
C LEU J 82 -6.53 -8.93 54.63
N PRO J 83 -6.75 -9.24 55.91
CA PRO J 83 -5.62 -9.56 56.78
C PRO J 83 -4.98 -10.89 56.37
N THR J 84 -3.66 -10.96 56.47
CA THR J 84 -2.92 -12.17 56.11
C THR J 84 -3.13 -13.26 57.15
N GLU J 85 -2.71 -14.48 56.82
CA GLU J 85 -2.87 -15.62 57.73
C GLU J 85 -2.44 -15.26 59.15
N ASP J 86 -1.26 -14.66 59.28
CA ASP J 86 -0.74 -14.27 60.60
C ASP J 86 -1.33 -12.95 61.13
N ARG J 87 -2.30 -12.41 60.40
CA ARG J 87 -2.96 -11.15 60.79
C ARG J 87 -1.99 -10.08 61.26
N SER J 88 -0.88 -9.94 60.54
CA SER J 88 0.15 -8.96 60.89
C SER J 88 0.03 -7.66 60.09
N ASN J 89 -1.02 -7.53 59.30
CA ASN J 89 -1.21 -6.33 58.49
C ASN J 89 -2.57 -5.70 58.74
N LEU J 90 -3.10 -5.86 59.95
CA LEU J 90 -4.41 -5.29 60.28
C LEU J 90 -4.45 -3.78 60.10
N ASP J 91 -3.38 -3.11 60.52
CA ASP J 91 -3.30 -1.66 60.40
C ASP J 91 -3.35 -1.16 58.97
N ARG J 92 -3.39 -2.08 58.01
CA ARG J 92 -3.40 -1.69 56.60
C ARG J 92 -4.60 -2.20 55.82
N CYS J 93 -5.60 -2.70 56.51
CA CYS J 93 -6.78 -3.23 55.84
C CYS J 93 -7.81 -2.17 55.47
N GLY J 94 -8.64 -2.50 54.49
CA GLY J 94 -9.66 -1.59 54.00
C GLY J 94 -9.78 -1.90 52.52
N PHE J 95 -9.99 -0.88 51.67
CA PHE J 95 -10.12 -1.12 50.23
C PHE J 95 -9.13 -0.31 49.40
N ARG J 96 -8.75 -0.87 48.26
CA ARG J 96 -7.83 -0.22 47.32
C ARG J 96 -8.68 0.54 46.32
N GLY J 97 -8.10 1.54 45.66
CA GLY J 97 -8.83 2.30 44.67
C GLY J 97 -8.95 1.54 43.35
N SER J 98 -8.02 0.62 43.13
CA SER J 98 -8.00 -0.20 41.93
C SER J 98 -6.94 -1.29 42.08
N SER J 99 -6.68 -2.01 41.00
CA SER J 99 -5.71 -3.09 41.02
C SER J 99 -4.35 -2.69 40.49
N TYR J 100 -4.02 -1.41 40.52
CA TYR J 100 -2.75 -0.94 39.99
C TYR J 100 -1.49 -1.59 40.58
N LEU J 101 -1.61 -2.27 41.71
CA LEU J 101 -0.42 -2.88 42.31
C LEU J 101 -0.05 -4.22 41.70
N GLY J 102 -0.97 -4.81 40.95
CA GLY J 102 -0.66 -6.09 40.32
C GLY J 102 -0.97 -7.31 41.15
N ILE J 103 -1.70 -7.13 42.24
CA ILE J 103 -2.06 -8.27 43.07
C ILE J 103 -3.10 -9.10 42.31
N PRO J 104 -2.91 -10.43 42.26
CA PRO J 104 -3.82 -11.34 41.56
C PRO J 104 -5.28 -11.24 41.99
N PHE J 105 -6.17 -11.16 41.00
CA PHE J 105 -7.61 -11.04 41.23
C PHE J 105 -8.12 -12.04 42.26
N ASN J 106 -8.76 -11.54 43.31
CA ASN J 106 -9.30 -12.38 44.37
C ASN J 106 -10.48 -11.68 45.05
N PRO J 107 -11.72 -12.00 44.64
CA PRO J 107 -12.92 -11.39 45.21
C PRO J 107 -13.18 -11.75 46.67
N SER J 108 -12.23 -11.39 47.53
CA SER J 108 -12.32 -11.65 48.96
C SER J 108 -12.68 -13.10 49.26
N LYS J 109 -12.05 -14.02 48.54
CA LYS J 109 -12.28 -15.45 48.73
C LYS J 109 -11.22 -15.98 49.69
N ASN J 110 -10.02 -16.24 49.16
CA ASN J 110 -8.92 -16.74 49.98
C ASN J 110 -8.38 -15.63 50.89
N PRO J 111 -7.45 -15.95 51.81
CA PRO J 111 -6.90 -14.93 52.71
C PRO J 111 -6.10 -13.88 51.94
N GLY J 112 -5.35 -13.05 52.66
CA GLY J 112 -4.59 -12.00 52.01
C GLY J 112 -3.18 -12.39 51.59
N THR J 113 -2.78 -11.94 50.39
CA THR J 113 -1.46 -12.23 49.85
C THR J 113 -0.52 -11.08 50.23
N ALA J 114 0.36 -11.32 51.19
CA ALA J 114 1.31 -10.32 51.66
C ALA J 114 2.00 -9.54 50.54
N HIS J 115 2.07 -8.23 50.71
CA HIS J 115 2.71 -7.34 49.74
C HIS J 115 3.24 -6.14 50.52
N PRO J 116 4.51 -5.81 50.34
CA PRO J 116 5.21 -4.70 51.01
C PRO J 116 4.50 -3.33 50.99
N TYR J 117 3.78 -3.03 49.92
CA TYR J 117 3.12 -1.74 49.81
C TYR J 117 1.62 -1.75 49.57
N ASP J 118 0.98 -2.89 49.80
CA ASP J 118 -0.46 -2.96 49.59
C ASP J 118 -1.21 -2.60 50.86
N SER J 119 -2.08 -1.61 50.76
CA SER J 119 -2.87 -1.19 51.90
C SER J 119 -4.11 -0.48 51.39
N GLY J 120 -5.06 -0.22 52.28
CA GLY J 120 -6.27 0.45 51.87
C GLY J 120 -6.10 1.96 51.84
N HIS J 121 -7.13 2.64 51.33
CA HIS J 121 -7.13 4.09 51.25
C HIS J 121 -8.50 4.48 51.81
N ILE J 122 -8.49 5.32 52.85
CA ILE J 122 -9.74 5.71 53.51
C ILE J 122 -10.90 6.12 52.60
N ALA J 123 -10.63 6.90 51.56
CA ALA J 123 -11.70 7.32 50.65
C ALA J 123 -12.20 6.14 49.82
N MET J 124 -11.36 5.13 49.64
CA MET J 124 -11.74 3.95 48.86
C MET J 124 -12.52 2.98 49.74
N THR J 125 -12.13 2.89 51.01
CA THR J 125 -12.84 2.03 51.94
C THR J 125 -14.25 2.59 52.04
N TYR J 126 -14.35 3.92 52.09
CA TYR J 126 -15.63 4.58 52.18
C TYR J 126 -16.49 4.34 50.93
N THR J 127 -15.99 4.74 49.77
CA THR J 127 -16.77 4.54 48.55
C THR J 127 -17.01 3.05 48.26
N GLY J 128 -16.07 2.20 48.65
CA GLY J 128 -16.22 0.77 48.45
C GLY J 128 -17.44 0.23 49.20
N LEU J 129 -17.44 0.42 50.51
CA LEU J 129 -18.55 -0.05 51.34
C LEU J 129 -19.85 0.57 50.83
N SER J 130 -19.78 1.86 50.53
CA SER J 130 -20.94 2.57 50.03
C SER J 130 -21.48 1.93 48.74
N CYS J 131 -20.58 1.55 47.83
CA CYS J 131 -20.99 0.92 46.58
C CYS J 131 -21.65 -0.44 46.82
N LEU J 132 -21.06 -1.23 47.71
CA LEU J 132 -21.59 -2.54 48.02
C LEU J 132 -23.03 -2.43 48.51
N ILE J 133 -23.29 -1.46 49.38
CA ILE J 133 -24.63 -1.25 49.91
C ILE J 133 -25.60 -0.86 48.79
N ILE J 134 -25.15 0.02 47.91
CA ILE J 134 -25.98 0.47 46.79
C ILE J 134 -26.33 -0.70 45.88
N LEU J 135 -25.37 -1.59 45.65
CA LEU J 135 -25.58 -2.75 44.79
C LEU J 135 -26.41 -3.87 45.44
N GLY J 136 -26.76 -3.70 46.72
CA GLY J 136 -27.56 -4.71 47.40
C GLY J 136 -26.81 -5.77 48.20
N ASP J 137 -25.48 -5.71 48.20
CA ASP J 137 -24.69 -6.67 48.95
C ASP J 137 -24.97 -6.47 50.44
N ASP J 138 -24.74 -7.52 51.24
CA ASP J 138 -25.00 -7.44 52.69
C ASP J 138 -23.74 -7.25 53.54
N LEU J 139 -22.61 -7.04 52.87
CA LEU J 139 -21.33 -6.81 53.55
C LEU J 139 -20.81 -7.99 54.37
N SER J 140 -21.33 -9.18 54.13
CA SER J 140 -20.88 -10.36 54.87
C SER J 140 -19.42 -10.72 54.56
N ARG J 141 -18.97 -10.38 53.36
CA ARG J 141 -17.61 -10.69 52.96
C ARG J 141 -16.62 -9.60 53.37
N VAL J 142 -17.12 -8.56 54.04
CA VAL J 142 -16.28 -7.47 54.51
C VAL J 142 -15.74 -7.82 55.89
N ASP J 143 -14.42 -7.80 56.04
CA ASP J 143 -13.81 -8.09 57.33
C ASP J 143 -13.95 -6.80 58.14
N LYS J 144 -15.13 -6.60 58.72
CA LYS J 144 -15.41 -5.40 59.49
C LYS J 144 -14.37 -5.02 60.53
N GLU J 145 -13.91 -5.99 61.32
CA GLU J 145 -12.92 -5.68 62.35
C GLU J 145 -11.60 -5.23 61.76
N ALA J 146 -11.24 -5.79 60.62
CA ALA J 146 -10.00 -5.43 59.96
C ALA J 146 -10.09 -3.99 59.46
N CYS J 147 -11.23 -3.64 58.86
CA CYS J 147 -11.43 -2.29 58.35
C CYS J 147 -11.34 -1.27 59.47
N LEU J 148 -12.00 -1.56 60.59
CA LEU J 148 -12.00 -0.65 61.73
C LEU J 148 -10.60 -0.51 62.33
N ALA J 149 -9.83 -1.60 62.30
CA ALA J 149 -8.47 -1.56 62.83
C ALA J 149 -7.65 -0.65 61.92
N GLY J 150 -7.88 -0.77 60.62
CA GLY J 150 -7.17 0.04 59.66
C GLY J 150 -7.53 1.50 59.83
N LEU J 151 -8.82 1.76 60.09
CA LEU J 151 -9.31 3.12 60.29
C LEU J 151 -8.63 3.76 61.48
N ARG J 152 -8.65 3.07 62.63
CA ARG J 152 -8.03 3.60 63.84
C ARG J 152 -6.58 4.00 63.61
N ALA J 153 -5.86 3.20 62.84
CA ALA J 153 -4.45 3.49 62.56
C ALA J 153 -4.25 4.78 61.77
N LEU J 154 -5.28 5.24 61.08
CA LEU J 154 -5.18 6.45 60.29
C LEU J 154 -5.39 7.76 61.06
N GLN J 155 -5.96 7.68 62.26
CA GLN J 155 -6.23 8.89 63.03
C GLN J 155 -4.98 9.47 63.70
N LEU J 156 -4.80 10.78 63.55
CA LEU J 156 -3.64 11.47 64.12
C LEU J 156 -3.94 12.01 65.51
N GLU J 157 -2.90 12.53 66.16
CA GLU J 157 -3.05 13.07 67.51
C GLU J 157 -4.10 14.17 67.56
N ASP J 158 -4.12 15.05 66.55
CA ASP J 158 -5.06 16.16 66.51
C ASP J 158 -6.50 15.75 66.23
N GLY J 159 -6.74 14.46 66.00
CA GLY J 159 -8.09 14.01 65.74
C GLY J 159 -8.46 13.82 64.27
N SER J 160 -7.70 14.39 63.36
CA SER J 160 -7.99 14.21 61.92
C SER J 160 -7.46 12.87 61.42
N PHE J 161 -7.65 12.60 60.14
CA PHE J 161 -7.20 11.33 59.55
C PHE J 161 -6.33 11.47 58.31
N CYS J 162 -5.51 10.45 58.08
CA CYS J 162 -4.68 10.35 56.90
C CYS J 162 -5.45 9.40 55.99
N ALA J 163 -5.07 9.32 54.73
CA ALA J 163 -5.76 8.42 53.80
C ALA J 163 -5.18 7.02 53.80
N VAL J 164 -3.85 6.93 53.98
CA VAL J 164 -3.17 5.64 53.96
C VAL J 164 -2.17 5.53 55.10
N PRO J 165 -1.97 4.31 55.61
CA PRO J 165 -1.02 4.08 56.72
C PRO J 165 0.41 4.53 56.44
N GLU J 166 0.82 4.55 55.18
CA GLU J 166 2.18 4.97 54.85
C GLU J 166 2.35 6.46 55.08
N GLY J 167 1.23 7.17 55.25
CA GLY J 167 1.28 8.59 55.47
C GLY J 167 0.78 9.39 54.27
N SER J 168 0.19 10.55 54.55
CA SER J 168 -0.34 11.42 53.50
C SER J 168 -0.79 12.70 54.16
N GLU J 169 -1.43 13.57 53.38
CA GLU J 169 -1.94 14.81 53.94
C GLU J 169 -3.11 14.40 54.84
N ASN J 170 -3.44 15.23 55.81
CA ASN J 170 -4.55 14.93 56.71
C ASN J 170 -5.46 16.15 56.80
N ASP J 171 -6.77 15.93 56.68
CA ASP J 171 -7.72 17.03 56.76
C ASP J 171 -9.16 16.57 56.93
N MET J 172 -10.06 17.54 56.92
CA MET J 172 -11.48 17.30 57.08
C MET J 172 -12.07 16.23 56.15
N ARG J 173 -11.61 16.19 54.91
CA ARG J 173 -12.13 15.22 53.95
C ARG J 173 -12.11 13.80 54.51
N PHE J 174 -10.98 13.45 55.13
CA PHE J 174 -10.83 12.11 55.66
C PHE J 174 -11.55 11.88 56.97
N VAL J 175 -11.88 12.96 57.69
CA VAL J 175 -12.63 12.85 58.93
C VAL J 175 -14.04 12.40 58.51
N TYR J 176 -14.52 12.96 57.41
CA TYR J 176 -15.84 12.61 56.88
C TYR J 176 -15.85 11.15 56.43
N CYS J 177 -14.77 10.72 55.77
CA CYS J 177 -14.69 9.33 55.31
C CYS J 177 -14.75 8.38 56.50
N ALA J 178 -13.97 8.69 57.54
CA ALA J 178 -13.93 7.88 58.73
C ALA J 178 -15.34 7.80 59.34
N SER J 179 -16.01 8.94 59.42
CA SER J 179 -17.35 8.99 59.99
C SER J 179 -18.31 8.11 59.21
N CYS J 180 -18.26 8.20 57.88
CA CYS J 180 -19.14 7.38 57.03
C CYS J 180 -18.87 5.89 57.20
N ILE J 181 -17.60 5.52 57.30
CA ILE J 181 -17.25 4.12 57.46
C ILE J 181 -17.82 3.59 58.77
N CYS J 182 -17.55 4.29 59.88
CA CYS J 182 -18.06 3.89 61.19
C CYS J 182 -19.58 3.79 61.15
N TYR J 183 -20.21 4.73 60.47
CA TYR J 183 -21.65 4.73 60.39
C TYR J 183 -22.17 3.51 59.63
N MET J 184 -21.58 3.23 58.47
CA MET J 184 -22.02 2.10 57.66
C MET J 184 -21.75 0.77 58.35
N LEU J 185 -20.60 0.64 59.00
CA LEU J 185 -20.29 -0.60 59.69
C LEU J 185 -20.97 -0.58 61.06
N ASN J 186 -21.75 0.48 61.29
CA ASN J 186 -22.47 0.64 62.54
C ASN J 186 -21.62 0.32 63.77
N ASN J 187 -20.41 0.83 63.79
CA ASN J 187 -19.48 0.59 64.90
C ASN J 187 -18.49 1.75 64.92
N TRP J 188 -18.48 2.53 65.99
CA TRP J 188 -17.58 3.68 66.07
C TRP J 188 -16.24 3.42 66.73
N SER J 189 -15.87 2.15 66.87
CA SER J 189 -14.59 1.82 67.48
C SER J 189 -13.50 2.17 66.49
N GLY J 190 -13.92 2.56 65.28
CA GLY J 190 -12.98 2.92 64.25
C GLY J 190 -12.29 4.26 64.47
N MET J 191 -12.79 5.05 65.42
CA MET J 191 -12.18 6.34 65.71
C MET J 191 -12.35 6.80 67.14
N ASP J 192 -11.51 7.75 67.54
CA ASP J 192 -11.59 8.36 68.86
C ASP J 192 -12.46 9.58 68.59
N MET J 193 -13.77 9.39 68.73
CA MET J 193 -14.74 10.43 68.45
C MET J 193 -14.49 11.76 69.14
N LYS J 194 -14.04 11.70 70.40
CA LYS J 194 -13.75 12.92 71.15
C LYS J 194 -12.71 13.76 70.42
N LYS J 195 -11.64 13.11 69.95
CA LYS J 195 -10.59 13.85 69.25
C LYS J 195 -11.05 14.36 67.88
N ALA J 196 -11.86 13.57 67.19
CA ALA J 196 -12.36 13.98 65.88
C ALA J 196 -13.21 15.23 66.05
N ILE J 197 -14.08 15.22 67.04
CA ILE J 197 -14.96 16.36 67.31
C ILE J 197 -14.11 17.60 67.62
N SER J 198 -13.02 17.40 68.34
CA SER J 198 -12.15 18.50 68.68
C SER J 198 -11.55 19.10 67.41
N TYR J 199 -11.14 18.23 66.47
CA TYR J 199 -10.57 18.68 65.22
C TYR J 199 -11.60 19.51 64.45
N ILE J 200 -12.83 19.03 64.42
CA ILE J 200 -13.88 19.74 63.70
C ILE J 200 -14.13 21.13 64.32
N ARG J 201 -14.18 21.21 65.65
CA ARG J 201 -14.39 22.50 66.30
C ARG J 201 -13.25 23.45 65.96
N ARG J 202 -12.02 22.98 66.11
CA ARG J 202 -10.86 23.81 65.84
C ARG J 202 -10.72 24.29 64.42
N SER J 203 -11.50 23.74 63.51
CA SER J 203 -11.40 24.15 62.11
C SER J 203 -12.31 25.33 61.82
N MET J 204 -13.16 25.71 62.77
CA MET J 204 -14.07 26.82 62.54
C MET J 204 -13.27 28.11 62.42
N SER J 205 -13.52 28.83 61.33
CA SER J 205 -12.83 30.08 61.05
C SER J 205 -13.48 31.27 61.74
N TYR J 206 -12.80 32.41 61.71
CA TYR J 206 -13.31 33.63 62.29
C TYR J 206 -14.53 34.08 61.49
N ASP J 207 -14.64 33.64 60.23
CA ASP J 207 -15.81 34.02 59.44
C ASP J 207 -16.96 33.02 59.62
N ASN J 208 -16.75 32.08 60.53
CA ASN J 208 -17.76 31.09 60.90
C ASN J 208 -17.95 29.85 60.03
N GLY J 209 -17.23 29.75 58.92
CA GLY J 209 -17.35 28.55 58.12
C GLY J 209 -16.35 27.54 58.67
N LEU J 210 -16.30 26.34 58.11
CA LEU J 210 -15.33 25.34 58.56
C LEU J 210 -14.25 25.21 57.49
N ALA J 211 -12.99 25.12 57.91
CA ALA J 211 -11.88 24.99 56.96
C ALA J 211 -11.37 23.55 56.95
N GLN J 212 -10.33 23.29 56.15
CA GLN J 212 -9.76 21.95 56.07
C GLN J 212 -9.06 21.61 57.37
N GLY J 213 -8.61 22.66 58.06
CA GLY J 213 -7.94 22.50 59.33
C GLY J 213 -7.83 23.86 60.02
N ALA J 214 -7.43 23.86 61.27
CA ALA J 214 -7.31 25.10 62.03
C ALA J 214 -6.50 26.17 61.30
N GLY J 215 -7.03 27.39 61.31
CA GLY J 215 -6.34 28.51 60.68
C GLY J 215 -6.52 28.68 59.18
N LEU J 216 -6.90 27.62 58.49
CA LEU J 216 -7.08 27.69 57.05
C LEU J 216 -8.38 28.41 56.67
N GLU J 217 -8.50 28.77 55.39
CA GLU J 217 -9.67 29.45 54.87
C GLU J 217 -10.88 28.52 54.89
N SER J 218 -12.00 28.98 55.44
CA SER J 218 -13.19 28.11 55.48
C SER J 218 -13.63 27.83 54.04
N HIS J 219 -14.19 26.64 53.82
CA HIS J 219 -14.58 26.21 52.50
C HIS J 219 -15.88 25.40 52.53
N GLY J 220 -16.66 25.51 51.45
CA GLY J 220 -17.91 24.78 51.37
C GLY J 220 -17.74 23.28 51.52
N GLY J 221 -16.67 22.74 50.93
CA GLY J 221 -16.42 21.31 51.01
C GLY J 221 -16.11 20.83 52.41
N SER J 222 -15.19 21.51 53.09
CA SER J 222 -14.84 21.11 54.45
C SER J 222 -15.97 21.38 55.45
N THR J 223 -16.77 22.41 55.19
CA THR J 223 -17.88 22.70 56.08
C THR J 223 -18.87 21.53 55.99
N PHE J 224 -19.11 21.03 54.78
CA PHE J 224 -19.99 19.90 54.62
C PHE J 224 -19.39 18.70 55.36
N CYS J 225 -18.12 18.44 55.15
CA CYS J 225 -17.47 17.30 55.80
C CYS J 225 -17.58 17.36 57.31
N GLY J 226 -17.37 18.55 57.87
CA GLY J 226 -17.46 18.71 59.31
C GLY J 226 -18.87 18.54 59.83
N ILE J 227 -19.81 19.28 59.24
CA ILE J 227 -21.20 19.19 59.67
C ILE J 227 -21.80 17.80 59.48
N ALA J 228 -21.57 17.20 58.31
CA ALA J 228 -22.08 15.87 58.03
C ALA J 228 -21.50 14.84 59.00
N SER J 229 -20.22 14.98 59.32
CA SER J 229 -19.60 14.06 60.26
C SER J 229 -20.31 14.12 61.60
N LEU J 230 -20.55 15.33 62.10
CA LEU J 230 -21.22 15.50 63.37
C LEU J 230 -22.64 14.92 63.32
N CYS J 231 -23.33 15.11 62.19
CA CYS J 231 -24.68 14.57 62.07
C CYS J 231 -24.63 13.04 62.09
N LEU J 232 -23.67 12.46 61.38
CA LEU J 232 -23.53 11.02 61.36
C LEU J 232 -23.25 10.49 62.77
N MET J 233 -22.53 11.27 63.56
CA MET J 233 -22.21 10.88 64.95
C MET J 233 -23.41 11.20 65.85
N GLY J 234 -24.34 11.99 65.33
CA GLY J 234 -25.50 12.38 66.11
C GLY J 234 -25.11 13.32 67.24
N LYS J 235 -24.21 14.25 66.95
CA LYS J 235 -23.76 15.17 67.98
C LYS J 235 -23.66 16.63 67.53
N LEU J 236 -24.39 16.99 66.49
CA LEU J 236 -24.38 18.35 65.98
C LEU J 236 -24.72 19.34 67.10
N GLU J 237 -25.90 19.16 67.67
CA GLU J 237 -26.43 20.01 68.75
C GLU J 237 -25.52 20.08 69.96
N GLU J 238 -24.91 18.96 70.30
CA GLU J 238 -24.01 18.86 71.43
C GLU J 238 -22.69 19.59 71.23
N VAL J 239 -22.16 19.58 70.02
CA VAL J 239 -20.88 20.21 69.72
C VAL J 239 -20.95 21.71 69.48
N PHE J 240 -21.97 22.17 68.78
CA PHE J 240 -22.10 23.59 68.50
C PHE J 240 -23.31 24.20 69.21
N SER J 241 -23.12 25.37 69.80
CA SER J 241 -24.20 26.06 70.49
C SER J 241 -25.16 26.59 69.46
N GLU J 242 -26.32 27.05 69.90
CA GLU J 242 -27.30 27.60 68.98
C GLU J 242 -26.71 28.84 68.28
N LYS J 243 -26.00 29.66 69.04
CA LYS J 243 -25.40 30.86 68.48
C LYS J 243 -24.39 30.47 67.41
N GLU J 244 -23.61 29.43 67.68
CA GLU J 244 -22.61 28.95 66.74
C GLU J 244 -23.27 28.41 65.47
N LEU J 245 -24.29 27.58 65.64
CA LEU J 245 -25.01 27.03 64.49
C LEU J 245 -25.62 28.14 63.65
N ASN J 246 -26.07 29.21 64.29
CA ASN J 246 -26.65 30.31 63.53
C ASN J 246 -25.59 30.99 62.69
N ARG J 247 -24.38 31.09 63.23
CA ARG J 247 -23.28 31.71 62.50
C ARG J 247 -22.87 30.86 61.30
N ILE J 248 -22.85 29.54 61.49
CA ILE J 248 -22.50 28.61 60.43
C ILE J 248 -23.57 28.68 59.33
N LYS J 249 -24.83 28.70 59.75
CA LYS J 249 -25.93 28.79 58.79
C LYS J 249 -25.78 30.04 57.96
N ARG J 250 -25.44 31.15 58.62
CA ARG J 250 -25.27 32.41 57.91
C ARG J 250 -24.16 32.29 56.88
N TRP J 251 -23.03 31.69 57.27
CA TRP J 251 -21.91 31.54 56.35
C TRP J 251 -22.31 30.69 55.14
N CYS J 252 -22.99 29.57 55.40
CA CYS J 252 -23.43 28.70 54.32
C CYS J 252 -24.43 29.32 53.36
N ILE J 253 -25.50 29.93 53.89
CA ILE J 253 -26.49 30.52 53.00
C ILE J 253 -25.95 31.70 52.20
N MET J 254 -24.85 32.30 52.67
CA MET J 254 -24.26 33.42 51.94
C MET J 254 -23.49 32.92 50.70
N ARG J 255 -23.33 31.60 50.59
CA ARG J 255 -22.61 31.01 49.46
C ARG J 255 -23.41 31.02 48.15
N GLN J 256 -24.73 31.19 48.23
CA GLN J 256 -25.55 31.20 47.01
C GLN J 256 -25.49 32.53 46.27
N GLN J 257 -25.15 32.46 44.99
CA GLN J 257 -25.06 33.64 44.12
C GLN J 257 -26.17 33.50 43.08
N ASN J 258 -26.42 32.25 42.70
CA ASN J 258 -27.46 31.80 41.77
C ASN J 258 -27.26 30.31 42.05
N GLY J 259 -26.08 29.83 41.68
CA GLY J 259 -25.71 28.47 42.01
C GLY J 259 -24.90 28.76 43.28
N TYR J 260 -24.03 27.85 43.69
CA TYR J 260 -23.23 28.09 44.90
C TYR J 260 -21.74 28.08 44.61
N HIS J 261 -20.98 28.91 45.34
CA HIS J 261 -19.52 28.89 45.22
C HIS J 261 -18.97 28.23 46.48
N GLY J 262 -17.69 27.87 46.49
CA GLY J 262 -17.11 27.20 47.63
C GLY J 262 -16.57 28.09 48.74
N ARG J 263 -16.30 29.35 48.39
CA ARG J 263 -15.79 30.31 49.36
C ARG J 263 -16.00 31.70 48.83
N PRO J 264 -16.11 32.69 49.74
CA PRO J 264 -16.33 34.09 49.37
C PRO J 264 -15.49 34.57 48.21
N ASN J 265 -16.12 35.31 47.30
CA ASN J 265 -15.44 35.89 46.14
C ASN J 265 -14.86 34.94 45.10
N LYS J 266 -15.37 33.71 45.06
CA LYS J 266 -14.92 32.74 44.07
C LYS J 266 -16.14 32.42 43.18
N PRO J 267 -15.90 32.01 41.92
CA PRO J 267 -17.03 31.70 41.03
C PRO J 267 -17.82 30.46 41.44
N VAL J 268 -19.12 30.46 41.14
CA VAL J 268 -19.95 29.31 41.49
C VAL J 268 -19.56 28.07 40.71
N ASP J 269 -19.87 26.91 41.28
CA ASP J 269 -19.54 25.63 40.70
C ASP J 269 -20.66 24.66 41.08
N THR J 270 -21.20 23.98 40.08
CA THR J 270 -22.28 23.02 40.26
C THR J 270 -22.18 22.12 41.49
N CYS J 271 -21.01 21.53 41.73
CA CYS J 271 -20.88 20.62 42.86
C CYS J 271 -21.20 21.23 44.23
N TYR J 272 -21.10 22.56 44.35
CA TYR J 272 -21.41 23.18 45.64
C TYR J 272 -22.91 23.17 45.92
N SER J 273 -23.71 22.96 44.87
CA SER J 273 -25.16 22.87 45.03
C SER J 273 -25.41 21.70 45.96
N PHE J 274 -24.49 20.74 46.00
CA PHE J 274 -24.65 19.65 46.94
C PHE J 274 -23.86 19.89 48.23
N TRP J 275 -22.56 20.19 48.12
CA TRP J 275 -21.73 20.42 49.31
C TRP J 275 -22.37 21.44 50.25
N VAL J 276 -22.69 22.61 49.73
CA VAL J 276 -23.29 23.65 50.55
C VAL J 276 -24.76 23.37 50.78
N GLY J 277 -25.47 23.03 49.71
CA GLY J 277 -26.90 22.74 49.81
C GLY J 277 -27.18 21.66 50.83
N ALA J 278 -26.41 20.58 50.80
CA ALA J 278 -26.62 19.49 51.74
C ALA J 278 -26.34 19.94 53.16
N THR J 279 -25.41 20.88 53.33
CA THR J 279 -25.08 21.38 54.66
C THR J 279 -26.28 22.15 55.15
N LEU J 280 -26.82 22.99 54.28
CA LEU J 280 -28.00 23.79 54.64
C LEU J 280 -29.17 22.86 55.00
N LYS J 281 -29.29 21.75 54.28
CA LYS J 281 -30.36 20.79 54.54
C LYS J 281 -30.17 20.20 55.94
N LEU J 282 -28.94 19.85 56.27
CA LEU J 282 -28.67 19.28 57.59
C LEU J 282 -28.91 20.31 58.70
N LEU J 283 -28.75 21.59 58.36
CA LEU J 283 -28.97 22.65 59.33
C LEU J 283 -30.43 23.14 59.27
N LYS J 284 -31.25 22.40 58.51
CA LYS J 284 -32.66 22.68 58.35
C LYS J 284 -33.06 24.04 57.80
N ILE J 285 -32.23 24.65 56.95
CA ILE J 285 -32.61 25.93 56.39
C ILE J 285 -32.46 25.97 54.88
N PHE J 286 -32.28 24.80 54.27
CA PHE J 286 -32.13 24.76 52.82
C PHE J 286 -33.42 25.26 52.20
N GLN J 287 -34.52 25.02 52.92
CA GLN J 287 -35.85 25.43 52.49
C GLN J 287 -35.96 26.94 52.29
N TYR J 288 -35.06 27.71 52.90
CA TYR J 288 -35.12 29.16 52.75
C TYR J 288 -34.24 29.71 51.65
N THR J 289 -33.62 28.82 50.88
CA THR J 289 -32.76 29.27 49.77
C THR J 289 -33.62 29.49 48.53
N ASN J 290 -33.03 30.07 47.50
CA ASN J 290 -33.75 30.32 46.26
C ASN J 290 -33.58 29.10 45.32
N PHE J 291 -34.62 28.26 45.21
CA PHE J 291 -34.57 27.06 44.38
C PHE J 291 -34.41 27.29 42.89
N GLU J 292 -35.22 28.19 42.34
CA GLU J 292 -35.18 28.46 40.90
C GLU J 292 -33.82 28.84 40.36
N LYS J 293 -33.16 29.81 40.99
CA LYS J 293 -31.85 30.24 40.51
C LYS J 293 -30.81 29.11 40.62
N ASN J 294 -30.92 28.31 41.67
CA ASN J 294 -29.99 27.22 41.86
C ASN J 294 -30.23 26.19 40.75
N ARG J 295 -31.49 25.82 40.55
CA ARG J 295 -31.86 24.86 39.51
C ARG J 295 -31.45 25.34 38.13
N ASN J 296 -31.71 26.61 37.85
CA ASN J 296 -31.36 27.15 36.55
C ASN J 296 -29.86 27.06 36.32
N TYR J 297 -29.07 27.36 37.35
CA TYR J 297 -27.62 27.28 37.19
C TYR J 297 -27.14 25.86 36.93
N ILE J 298 -27.57 24.93 37.76
CA ILE J 298 -27.19 23.54 37.61
C ILE J 298 -27.48 23.04 36.18
N LEU J 299 -28.69 23.29 35.71
CA LEU J 299 -29.07 22.85 34.38
C LEU J 299 -28.28 23.54 33.29
N SER J 300 -27.77 24.74 33.56
CA SER J 300 -26.99 25.44 32.56
C SER J 300 -25.63 24.79 32.35
N THR J 301 -25.23 23.89 33.25
CA THR J 301 -23.94 23.22 33.14
C THR J 301 -24.14 21.80 32.63
N GLN J 302 -25.36 21.51 32.20
CA GLN J 302 -25.72 20.19 31.68
C GLN J 302 -25.17 20.03 30.27
N ASP J 303 -24.52 18.91 29.98
CA ASP J 303 -24.03 18.70 28.62
C ASP J 303 -25.13 17.97 27.88
N ARG J 304 -25.83 18.69 27.03
CA ARG J 304 -26.95 18.14 26.29
C ARG J 304 -26.56 17.10 25.23
N LEU J 305 -25.28 17.06 24.88
CA LEU J 305 -24.81 16.13 23.87
C LEU J 305 -24.31 14.81 24.47
N VAL J 306 -23.39 14.89 25.42
CA VAL J 306 -22.84 13.68 26.02
C VAL J 306 -23.48 13.30 27.34
N GLY J 307 -24.24 14.21 27.93
CA GLY J 307 -24.86 13.94 29.22
C GLY J 307 -23.93 14.38 30.35
N GLY J 308 -24.37 14.19 31.59
CA GLY J 308 -23.58 14.59 32.73
C GLY J 308 -23.61 16.11 32.93
N PHE J 309 -22.93 16.59 33.97
CA PHE J 309 -22.85 18.02 34.26
C PHE J 309 -21.39 18.44 34.39
N ALA J 310 -21.14 19.72 34.18
CA ALA J 310 -19.80 20.28 34.30
C ALA J 310 -19.83 21.26 35.48
N LYS J 311 -18.68 21.80 35.86
CA LYS J 311 -18.65 22.74 36.97
C LYS J 311 -19.26 24.06 36.52
N TRP J 312 -18.97 24.46 35.28
CA TRP J 312 -19.48 25.70 34.72
C TRP J 312 -20.16 25.44 33.38
N PRO J 313 -21.00 26.38 32.92
CA PRO J 313 -21.65 26.15 31.64
C PRO J 313 -20.63 26.14 30.50
N ASP J 314 -20.91 25.32 29.48
CA ASP J 314 -20.01 25.22 28.32
C ASP J 314 -18.63 24.75 28.76
N SER J 315 -18.60 23.82 29.70
CA SER J 315 -17.37 23.28 30.22
C SER J 315 -17.52 21.77 30.06
N HIS J 316 -16.43 21.02 30.07
CA HIS J 316 -16.54 19.57 29.90
C HIS J 316 -17.08 18.87 31.13
N PRO J 317 -18.02 17.93 30.95
CA PRO J 317 -18.62 17.19 32.05
C PRO J 317 -17.72 16.09 32.59
N ASP J 318 -17.93 15.73 33.85
CA ASP J 318 -17.17 14.68 34.50
C ASP J 318 -18.08 13.97 35.48
N ALA J 319 -17.70 12.76 35.87
CA ALA J 319 -18.51 11.96 36.79
C ALA J 319 -18.82 12.66 38.10
N LEU J 320 -17.84 13.37 38.66
CA LEU J 320 -18.05 14.07 39.93
C LEU J 320 -19.13 15.15 39.85
N HIS J 321 -19.05 16.01 38.85
CA HIS J 321 -20.04 17.06 38.74
C HIS J 321 -21.40 16.55 38.27
N ALA J 322 -21.40 15.43 37.55
CA ALA J 322 -22.63 14.85 37.08
C ALA J 322 -23.38 14.33 38.30
N TYR J 323 -22.65 13.63 39.17
CA TYR J 323 -23.26 13.08 40.38
C TYR J 323 -23.73 14.16 41.34
N PHE J 324 -22.88 15.14 41.64
CA PHE J 324 -23.26 16.18 42.58
C PHE J 324 -24.30 17.14 42.00
N GLY J 325 -24.33 17.28 40.69
CA GLY J 325 -25.33 18.15 40.09
C GLY J 325 -26.68 17.48 40.28
N ILE J 326 -26.70 16.17 40.11
CA ILE J 326 -27.92 15.42 40.26
C ILE J 326 -28.36 15.42 41.73
N CYS J 327 -27.41 15.26 42.65
CA CYS J 327 -27.75 15.30 44.07
C CYS J 327 -28.23 16.69 44.45
N GLY J 328 -27.66 17.72 43.82
CA GLY J 328 -28.07 19.09 44.10
C GLY J 328 -29.52 19.26 43.70
N LEU J 329 -29.86 18.74 42.52
CA LEU J 329 -31.22 18.80 42.00
C LEU J 329 -32.14 18.03 42.96
N SER J 330 -31.67 16.90 43.44
CA SER J 330 -32.43 16.07 44.36
C SER J 330 -32.84 16.79 45.63
N LEU J 331 -31.96 17.66 46.13
CA LEU J 331 -32.24 18.40 47.36
C LEU J 331 -33.47 19.29 47.21
N MET J 332 -33.74 19.74 46.00
CA MET J 332 -34.89 20.60 45.74
C MET J 332 -36.03 19.74 45.21
N GLU J 333 -35.88 18.42 45.33
CA GLU J 333 -36.88 17.48 44.85
C GLU J 333 -37.23 17.67 43.38
N GLU J 334 -36.31 17.26 42.51
CA GLU J 334 -36.50 17.35 41.09
C GLU J 334 -37.22 16.10 40.67
N SER J 335 -38.21 16.27 39.80
CA SER J 335 -38.99 15.14 39.30
C SER J 335 -38.12 14.09 38.60
N GLY J 336 -38.19 12.84 39.04
CA GLY J 336 -37.42 11.81 38.41
C GLY J 336 -36.13 11.42 39.10
N ILE J 337 -35.79 12.15 40.18
CA ILE J 337 -34.58 11.88 40.94
C ILE J 337 -34.94 11.51 42.37
N CYS J 338 -34.42 10.38 42.85
CA CYS J 338 -34.69 9.94 44.21
C CYS J 338 -34.20 10.97 45.22
N LYS J 339 -34.70 10.87 46.44
CA LYS J 339 -34.32 11.78 47.51
C LYS J 339 -32.96 11.29 48.02
N VAL J 340 -32.05 12.21 48.29
CA VAL J 340 -30.73 11.81 48.78
C VAL J 340 -30.57 12.03 50.28
N HIS J 341 -29.84 11.13 50.91
CA HIS J 341 -29.55 11.23 52.34
C HIS J 341 -28.37 12.22 52.43
N PRO J 342 -28.64 13.49 52.76
CA PRO J 342 -27.60 14.52 52.85
C PRO J 342 -26.32 14.23 53.62
N ALA J 343 -26.38 13.46 54.70
CA ALA J 343 -25.17 13.19 55.45
C ALA J 343 -24.37 12.00 54.96
N LEU J 344 -25.07 10.98 54.46
CA LEU J 344 -24.40 9.77 53.99
C LEU J 344 -24.05 9.84 52.49
N ASN J 345 -24.64 10.81 51.81
CA ASN J 345 -24.37 11.00 50.40
C ASN J 345 -24.76 9.78 49.55
N VAL J 346 -25.97 9.28 49.79
CA VAL J 346 -26.54 8.14 49.06
C VAL J 346 -28.05 8.34 49.04
N SER J 347 -28.75 7.59 48.21
CA SER J 347 -30.21 7.72 48.13
C SER J 347 -30.87 7.20 49.40
N THR J 348 -32.01 7.77 49.76
CA THR J 348 -32.73 7.34 50.96
C THR J 348 -33.01 5.84 50.82
N ARG J 349 -33.29 5.42 49.59
CA ARG J 349 -33.54 4.02 49.32
C ARG J 349 -32.39 3.20 49.87
N THR J 350 -31.18 3.65 49.58
CA THR J 350 -29.98 2.97 50.02
C THR J 350 -29.75 3.13 51.53
N SER J 351 -30.03 4.30 52.07
CA SER J 351 -29.84 4.50 53.51
C SER J 351 -30.79 3.59 54.27
N GLU J 352 -32.01 3.44 53.75
CA GLU J 352 -33.00 2.57 54.37
C GLU J 352 -32.58 1.11 54.26
N ARG J 353 -32.03 0.75 53.10
CA ARG J 353 -31.57 -0.60 52.88
C ARG J 353 -30.44 -0.88 53.87
N LEU J 354 -29.70 0.18 54.23
CA LEU J 354 -28.60 0.07 55.18
C LEU J 354 -29.16 -0.09 56.60
N ARG J 355 -30.28 0.58 56.87
CA ARG J 355 -30.92 0.48 58.17
C ARG J 355 -31.29 -0.99 58.42
N ASP J 356 -31.98 -1.60 57.45
CA ASP J 356 -32.39 -3.00 57.57
C ASP J 356 -31.17 -3.88 57.81
N LEU J 357 -30.11 -3.62 57.05
CA LEU J 357 -28.88 -4.38 57.17
C LEU J 357 -28.32 -4.30 58.59
N HIS J 358 -28.62 -3.22 59.29
CA HIS J 358 -28.15 -3.02 60.66
C HIS J 358 -29.01 -3.83 61.64
N GLN J 359 -30.30 -3.90 61.33
CA GLN J 359 -31.23 -4.65 62.17
C GLN J 359 -30.80 -6.11 62.21
N SER J 360 -30.76 -6.75 61.04
CA SER J 360 -30.36 -8.14 60.94
C SER J 360 -29.02 -8.41 61.62
N TRP J 361 -28.27 -7.34 61.88
CA TRP J 361 -26.98 -7.50 62.55
C TRP J 361 -27.21 -7.54 64.06
N LYS J 362 -28.17 -6.76 64.53
CA LYS J 362 -28.51 -6.68 65.95
C LYS J 362 -29.24 -7.93 66.40
N THR J 363 -28.56 -9.08 66.30
CA THR J 363 -29.13 -10.36 66.70
C THR J 363 -28.02 -11.30 67.14
N PHE K 55 6.80 -51.09 -69.97
CA PHE K 55 6.96 -52.52 -70.41
C PHE K 55 8.16 -53.27 -69.81
N LEU K 56 9.29 -53.20 -70.51
CA LEU K 56 10.51 -53.89 -70.10
C LEU K 56 11.30 -53.18 -69.01
N SER K 57 11.15 -53.69 -67.79
CA SER K 57 11.80 -53.13 -66.62
C SER K 57 13.32 -53.02 -66.72
N LEU K 58 13.88 -51.92 -66.23
CA LEU K 58 15.32 -51.69 -66.26
C LEU K 58 16.10 -52.73 -65.45
N ASP K 59 15.43 -53.36 -64.50
CA ASP K 59 16.07 -54.35 -63.64
C ASP K 59 15.60 -55.76 -63.97
N SER K 60 14.92 -55.91 -65.10
CA SER K 60 14.41 -57.21 -65.53
C SER K 60 15.54 -58.13 -66.01
N PRO K 61 15.43 -59.44 -65.73
CA PRO K 61 16.46 -60.39 -66.15
C PRO K 61 16.66 -60.39 -67.66
N THR K 62 15.58 -60.10 -68.39
CA THR K 62 15.67 -60.08 -69.84
C THR K 62 15.80 -58.69 -70.43
N TYR K 63 16.19 -57.71 -69.61
CA TYR K 63 16.33 -56.36 -70.14
C TYR K 63 17.33 -56.34 -71.29
N VAL K 64 17.08 -55.48 -72.27
CA VAL K 64 17.96 -55.38 -73.42
C VAL K 64 18.26 -53.92 -73.70
N LEU K 65 19.55 -53.60 -73.88
CA LEU K 65 19.93 -52.22 -74.17
C LEU K 65 19.21 -51.77 -75.43
N TYR K 66 18.97 -50.47 -75.53
CA TYR K 66 18.28 -49.94 -76.70
C TYR K 66 19.14 -50.15 -77.94
N ARG K 67 20.45 -50.16 -77.78
CA ARG K 67 21.32 -50.34 -78.93
C ARG K 67 21.18 -51.75 -79.52
N ASP K 68 20.59 -52.67 -78.76
CA ASP K 68 20.39 -54.04 -79.24
C ASP K 68 18.93 -54.36 -79.53
N ARG K 69 18.08 -53.34 -79.54
CA ARG K 69 16.67 -53.59 -79.81
C ARG K 69 16.39 -53.34 -81.27
N ALA K 70 15.70 -54.30 -81.90
CA ALA K 70 15.37 -54.22 -83.32
C ALA K 70 14.50 -53.02 -83.66
N GLU K 71 13.49 -52.74 -82.83
CA GLU K 71 12.61 -51.60 -83.08
C GLU K 71 13.35 -50.25 -83.04
N TRP K 72 14.58 -50.24 -82.54
CA TRP K 72 15.33 -48.99 -82.49
C TRP K 72 16.50 -48.95 -83.47
N ALA K 73 16.65 -50.02 -84.24
CA ALA K 73 17.74 -50.14 -85.22
C ALA K 73 17.88 -48.96 -86.18
N ASP K 74 16.76 -48.32 -86.52
CA ASP K 74 16.77 -47.21 -87.45
C ASP K 74 17.28 -45.89 -86.86
N ILE K 75 17.37 -45.83 -85.53
CA ILE K 75 17.84 -44.61 -84.89
C ILE K 75 19.32 -44.62 -84.53
N ASP K 76 19.99 -43.51 -84.81
CA ASP K 76 21.40 -43.36 -84.49
C ASP K 76 21.49 -42.66 -83.13
N PRO K 77 21.94 -43.37 -82.09
CA PRO K 77 22.04 -42.74 -80.77
C PRO K 77 22.93 -41.49 -80.79
N VAL K 78 22.58 -40.51 -79.96
CA VAL K 78 23.33 -39.27 -79.86
C VAL K 78 24.03 -39.21 -78.50
N PRO K 79 25.37 -39.19 -78.51
CA PRO K 79 26.15 -39.13 -77.26
C PRO K 79 26.28 -37.73 -76.72
N GLN K 80 26.63 -37.65 -75.45
CA GLN K 80 26.84 -36.39 -74.75
C GLN K 80 28.33 -36.10 -74.80
N ASN K 81 28.72 -34.87 -75.12
CA ASN K 81 30.14 -34.53 -75.15
C ASN K 81 30.46 -33.24 -74.39
N ASP K 82 31.22 -33.40 -73.32
CA ASP K 82 31.61 -32.28 -72.47
C ASP K 82 32.87 -31.57 -72.95
N GLY K 83 33.35 -31.94 -74.12
CA GLY K 83 34.55 -31.32 -74.65
C GLY K 83 35.85 -31.87 -74.09
N PRO K 84 36.98 -31.23 -74.42
CA PRO K 84 38.32 -31.63 -73.99
C PRO K 84 38.53 -31.76 -72.48
N SER K 85 38.07 -30.78 -71.71
CA SER K 85 38.24 -30.81 -70.26
C SER K 85 36.90 -30.67 -69.53
N PRO K 86 36.21 -31.81 -69.30
CA PRO K 86 34.92 -31.77 -68.61
C PRO K 86 35.00 -31.36 -67.14
N VAL K 87 33.98 -30.60 -66.71
CA VAL K 87 33.87 -30.10 -65.34
C VAL K 87 32.67 -30.74 -64.64
N VAL K 88 32.86 -31.15 -63.38
CA VAL K 88 31.79 -31.79 -62.60
C VAL K 88 31.15 -32.88 -63.45
N GLN K 89 32.00 -33.73 -64.00
CA GLN K 89 31.52 -34.80 -64.85
C GLN K 89 31.03 -35.98 -64.04
N ILE K 90 29.85 -36.47 -64.39
CA ILE K 90 29.26 -37.60 -63.70
C ILE K 90 29.47 -38.87 -64.53
N ILE K 91 29.97 -39.93 -63.90
CA ILE K 91 30.19 -41.18 -64.63
C ILE K 91 28.89 -41.97 -64.70
N TYR K 92 28.56 -42.44 -65.90
CA TYR K 92 27.34 -43.19 -66.09
C TYR K 92 27.57 -44.64 -66.43
N SER K 93 26.67 -45.49 -65.94
CA SER K 93 26.75 -46.92 -66.21
C SER K 93 26.31 -47.13 -67.65
N GLU K 94 26.62 -48.31 -68.18
CA GLU K 94 26.24 -48.66 -69.56
C GLU K 94 24.74 -48.46 -69.77
N LYS K 95 23.97 -48.99 -68.83
CA LYS K 95 22.53 -48.92 -68.90
C LYS K 95 22.02 -47.47 -68.94
N PHE K 96 22.54 -46.65 -68.04
CA PHE K 96 22.13 -45.25 -67.95
C PHE K 96 22.47 -44.48 -69.22
N ARG K 97 23.71 -44.60 -69.68
CA ARG K 97 24.15 -43.89 -70.87
C ARG K 97 23.39 -44.35 -72.10
N ASP K 98 23.04 -45.63 -72.14
CA ASP K 98 22.31 -46.18 -73.27
C ASP K 98 20.92 -45.56 -73.38
N VAL K 99 20.18 -45.50 -72.26
CA VAL K 99 18.85 -44.90 -72.28
C VAL K 99 18.92 -43.44 -72.72
N TYR K 100 19.85 -42.68 -72.16
CA TYR K 100 19.93 -41.28 -72.52
C TYR K 100 20.50 -41.00 -73.89
N ASP K 101 21.30 -41.92 -74.42
CA ASP K 101 21.86 -41.71 -75.76
C ASP K 101 20.71 -41.81 -76.76
N TYR K 102 19.72 -42.65 -76.46
CA TYR K 102 18.57 -42.78 -77.36
C TYR K 102 17.56 -41.68 -77.07
N PHE K 103 17.49 -41.23 -75.82
CA PHE K 103 16.59 -40.14 -75.49
C PHE K 103 17.03 -38.90 -76.26
N ARG K 104 18.33 -38.65 -76.31
CA ARG K 104 18.85 -37.50 -77.04
C ARG K 104 18.48 -37.59 -78.52
N ALA K 105 18.57 -38.80 -79.07
CA ALA K 105 18.25 -39.04 -80.47
C ALA K 105 16.80 -38.67 -80.73
N VAL K 106 15.90 -39.25 -79.94
CA VAL K 106 14.47 -38.98 -80.07
C VAL K 106 14.13 -37.49 -79.88
N LEU K 107 14.78 -36.83 -78.92
CA LEU K 107 14.52 -35.41 -78.69
C LEU K 107 14.96 -34.56 -79.86
N GLN K 108 16.18 -34.80 -80.31
CA GLN K 108 16.77 -34.05 -81.42
C GLN K 108 15.89 -34.09 -82.66
N ARG K 109 15.15 -35.17 -82.83
CA ARG K 109 14.29 -35.31 -84.00
C ARG K 109 12.84 -35.04 -83.66
N ASP K 110 12.57 -34.67 -82.42
CA ASP K 110 11.22 -34.36 -81.98
C ASP K 110 10.27 -35.46 -82.46
N GLU K 111 10.68 -36.71 -82.28
CA GLU K 111 9.86 -37.83 -82.70
C GLU K 111 8.68 -38.06 -81.75
N ARG K 112 7.48 -37.81 -82.23
CA ARG K 112 6.29 -38.01 -81.41
C ARG K 112 5.76 -39.43 -81.52
N SER K 113 6.55 -40.41 -81.12
CA SER K 113 6.14 -41.80 -81.23
C SER K 113 5.81 -42.49 -79.93
N GLU K 114 5.17 -43.65 -80.03
CA GLU K 114 4.82 -44.45 -78.87
C GLU K 114 6.08 -45.02 -78.24
N ARG K 115 7.09 -45.31 -79.05
CA ARG K 115 8.31 -45.88 -78.51
C ARG K 115 9.07 -44.81 -77.72
N ALA K 116 8.96 -43.56 -78.17
CA ALA K 116 9.62 -42.46 -77.48
C ALA K 116 8.93 -42.25 -76.12
N PHE K 117 7.61 -42.40 -76.11
CA PHE K 117 6.85 -42.24 -74.89
C PHE K 117 7.31 -43.26 -73.85
N LYS K 118 7.48 -44.51 -74.28
CA LYS K 118 7.94 -45.55 -73.35
C LYS K 118 9.38 -45.29 -72.92
N LEU K 119 10.17 -44.68 -73.80
CA LEU K 119 11.54 -44.37 -73.48
C LEU K 119 11.62 -43.33 -72.34
N THR K 120 10.68 -42.39 -72.31
CA THR K 120 10.70 -41.37 -71.26
C THR K 120 10.46 -42.00 -69.89
N ARG K 121 9.69 -43.08 -69.85
CA ARG K 121 9.43 -43.75 -68.58
C ARG K 121 10.74 -44.21 -67.97
N ASP K 122 11.63 -44.73 -68.82
CA ASP K 122 12.94 -45.21 -68.37
C ASP K 122 13.85 -44.05 -67.99
N ALA K 123 13.82 -42.99 -68.80
CA ALA K 123 14.64 -41.83 -68.54
C ALA K 123 14.27 -41.23 -67.19
N ILE K 124 12.97 -41.22 -66.89
CA ILE K 124 12.49 -40.68 -65.64
C ILE K 124 12.89 -41.56 -64.47
N GLU K 125 12.86 -42.88 -64.65
CA GLU K 125 13.25 -43.78 -63.59
C GLU K 125 14.73 -43.57 -63.24
N LEU K 126 15.54 -43.28 -64.26
CA LEU K 126 16.96 -43.03 -64.07
C LEU K 126 17.23 -41.66 -63.46
N ASN K 127 16.41 -40.68 -63.81
CA ASN K 127 16.59 -39.32 -63.29
C ASN K 127 15.32 -38.48 -63.39
N ALA K 128 14.52 -38.50 -62.32
CA ALA K 128 13.27 -37.75 -62.28
C ALA K 128 13.45 -36.24 -62.18
N ALA K 129 14.70 -35.78 -62.05
CA ALA K 129 14.94 -34.36 -61.93
C ALA K 129 15.23 -33.69 -63.26
N ASN K 130 15.17 -34.47 -64.33
CA ASN K 130 15.42 -33.92 -65.66
C ASN K 130 14.15 -33.26 -66.22
N TYR K 131 14.04 -31.96 -66.05
CA TYR K 131 12.85 -31.24 -66.51
C TYR K 131 12.57 -31.38 -68.01
N THR K 132 13.62 -31.49 -68.83
CA THR K 132 13.41 -31.64 -70.28
C THR K 132 12.65 -32.94 -70.58
N VAL K 133 12.99 -34.00 -69.87
CA VAL K 133 12.31 -35.26 -70.07
C VAL K 133 10.83 -35.13 -69.76
N TRP K 134 10.48 -34.45 -68.66
CA TRP K 134 9.08 -34.28 -68.30
C TRP K 134 8.34 -33.41 -69.32
N HIS K 135 9.02 -32.41 -69.84
CA HIS K 135 8.38 -31.56 -70.84
C HIS K 135 8.08 -32.40 -72.08
N PHE K 136 9.07 -33.13 -72.56
CA PHE K 136 8.89 -33.96 -73.74
C PHE K 136 7.77 -34.97 -73.50
N ARG K 137 7.74 -35.56 -72.32
CA ARG K 137 6.69 -36.52 -72.00
C ARG K 137 5.32 -35.86 -72.09
N ARG K 138 5.22 -34.58 -71.72
CA ARG K 138 3.93 -33.90 -71.79
C ARG K 138 3.57 -33.63 -73.26
N VAL K 139 4.58 -33.31 -74.06
CA VAL K 139 4.36 -33.08 -75.48
C VAL K 139 3.77 -34.37 -76.06
N LEU K 140 4.38 -35.49 -75.72
CA LEU K 140 3.93 -36.79 -76.20
C LEU K 140 2.54 -37.13 -75.68
N LEU K 141 2.26 -36.81 -74.43
CA LEU K 141 0.94 -37.11 -73.87
C LEU K 141 -0.13 -36.45 -74.74
N ARG K 142 0.17 -35.27 -75.26
CA ARG K 142 -0.78 -34.57 -76.09
C ARG K 142 -0.81 -35.17 -77.50
N SER K 143 0.36 -35.23 -78.15
CA SER K 143 0.47 -35.79 -79.50
C SER K 143 -0.20 -37.14 -79.65
N LEU K 144 0.05 -38.06 -78.72
CA LEU K 144 -0.52 -39.40 -78.79
C LEU K 144 -1.86 -39.50 -78.11
N GLN K 145 -2.36 -38.37 -77.61
CA GLN K 145 -3.65 -38.36 -76.92
C GLN K 145 -3.77 -39.51 -75.94
N LYS K 146 -2.82 -39.61 -75.02
CA LYS K 146 -2.81 -40.69 -74.02
C LYS K 146 -3.87 -40.48 -72.94
N ASP K 147 -4.25 -41.55 -72.27
CA ASP K 147 -5.24 -41.48 -71.21
C ASP K 147 -4.64 -40.74 -70.01
N LEU K 148 -5.13 -39.53 -69.74
CA LEU K 148 -4.61 -38.74 -68.65
C LEU K 148 -4.92 -39.30 -67.28
N GLN K 149 -5.98 -40.08 -67.18
CA GLN K 149 -6.34 -40.65 -65.89
C GLN K 149 -5.26 -41.66 -65.50
N GLU K 150 -4.66 -42.28 -66.51
CA GLU K 150 -3.62 -43.26 -66.27
C GLU K 150 -2.32 -42.54 -65.85
N GLU K 151 -2.06 -41.40 -66.48
CA GLU K 151 -0.88 -40.62 -66.16
C GLU K 151 -0.99 -40.12 -64.70
N MET K 152 -2.21 -39.86 -64.24
CA MET K 152 -2.41 -39.43 -62.86
C MET K 152 -1.95 -40.54 -61.91
N ASN K 153 -2.24 -41.80 -62.26
CA ASN K 153 -1.82 -42.90 -61.39
C ASN K 153 -0.30 -42.94 -61.37
N TYR K 154 0.30 -42.74 -62.54
CA TYR K 154 1.75 -42.76 -62.68
C TYR K 154 2.42 -41.69 -61.80
N ILE K 155 2.02 -40.43 -62.00
CA ILE K 155 2.61 -39.34 -61.24
C ILE K 155 2.33 -39.47 -59.75
N ILE K 156 1.21 -40.07 -59.40
CA ILE K 156 0.87 -40.24 -58.00
C ILE K 156 1.91 -41.15 -57.33
N ALA K 157 2.34 -42.19 -58.03
CA ALA K 157 3.33 -43.12 -57.48
C ALA K 157 4.71 -42.47 -57.44
N ILE K 158 5.06 -41.74 -58.51
CA ILE K 158 6.35 -41.08 -58.57
C ILE K 158 6.53 -40.08 -57.41
N ILE K 159 5.52 -39.24 -57.18
CA ILE K 159 5.60 -38.25 -56.13
C ILE K 159 5.74 -38.90 -54.75
N GLU K 160 5.04 -40.00 -54.52
CA GLU K 160 5.13 -40.68 -53.24
C GLU K 160 6.56 -41.14 -52.96
N GLU K 161 7.29 -41.49 -54.00
CA GLU K 161 8.68 -41.93 -53.86
C GLU K 161 9.66 -40.77 -53.82
N GLN K 162 9.29 -39.63 -54.40
CA GLN K 162 10.16 -38.46 -54.44
C GLN K 162 9.35 -37.19 -54.20
N PRO K 163 8.80 -37.04 -53.00
CA PRO K 163 7.98 -35.88 -52.61
C PRO K 163 8.65 -34.52 -52.57
N LYS K 164 9.98 -34.48 -52.66
CA LYS K 164 10.71 -33.22 -52.60
C LYS K 164 11.19 -32.73 -53.97
N ASN K 165 10.80 -33.42 -55.03
CA ASN K 165 11.20 -33.09 -56.40
C ASN K 165 10.29 -32.02 -57.02
N TYR K 166 10.88 -30.95 -57.55
CA TYR K 166 10.11 -29.87 -58.16
C TYR K 166 9.39 -30.25 -59.44
N GLN K 167 10.07 -31.01 -60.30
CA GLN K 167 9.50 -31.42 -61.56
C GLN K 167 8.24 -32.28 -61.46
N VAL K 168 8.19 -33.20 -60.49
CA VAL K 168 7.04 -34.07 -60.36
C VAL K 168 5.79 -33.34 -59.89
N TRP K 169 5.96 -32.34 -59.02
CA TRP K 169 4.79 -31.58 -58.55
C TRP K 169 4.29 -30.67 -59.67
N HIS K 170 5.22 -30.16 -60.48
CA HIS K 170 4.83 -29.31 -61.58
C HIS K 170 4.04 -30.13 -62.61
N HIS K 171 4.51 -31.36 -62.85
CA HIS K 171 3.85 -32.25 -63.80
C HIS K 171 2.43 -32.55 -63.37
N ARG K 172 2.26 -32.88 -62.09
CA ARG K 172 0.93 -33.17 -61.58
C ARG K 172 0.02 -31.96 -61.73
N ARG K 173 0.54 -30.77 -61.48
CA ARG K 173 -0.27 -29.57 -61.60
C ARG K 173 -0.76 -29.36 -63.03
N VAL K 174 0.13 -29.55 -64.00
CA VAL K 174 -0.26 -29.41 -65.40
C VAL K 174 -1.38 -30.39 -65.72
N LEU K 175 -1.26 -31.64 -65.24
CA LEU K 175 -2.29 -32.65 -65.47
C LEU K 175 -3.64 -32.24 -64.92
N VAL K 176 -3.66 -31.79 -63.67
CA VAL K 176 -4.91 -31.36 -63.06
C VAL K 176 -5.51 -30.20 -63.84
N GLU K 177 -4.67 -29.29 -64.33
CA GLU K 177 -5.17 -28.18 -65.15
C GLU K 177 -5.80 -28.72 -66.45
N TRP K 178 -5.14 -29.70 -67.08
CA TRP K 178 -5.65 -30.32 -68.30
C TRP K 178 -6.99 -31.00 -68.09
N LEU K 179 -7.09 -31.79 -67.02
CA LEU K 179 -8.30 -32.51 -66.72
C LEU K 179 -9.39 -31.66 -66.07
N LYS K 180 -9.01 -30.51 -65.54
CA LYS K 180 -9.95 -29.65 -64.84
C LYS K 180 -10.67 -30.52 -63.82
N ASP K 181 -9.97 -31.51 -63.28
CA ASP K 181 -10.52 -32.44 -62.29
C ASP K 181 -9.70 -32.47 -60.99
N PRO K 182 -10.21 -31.83 -59.93
CA PRO K 182 -9.46 -31.81 -58.66
C PRO K 182 -9.96 -32.84 -57.64
N SER K 183 -10.86 -33.72 -58.07
CA SER K 183 -11.47 -34.70 -57.18
C SER K 183 -10.53 -35.58 -56.37
N GLN K 184 -9.33 -35.82 -56.88
CA GLN K 184 -8.36 -36.68 -56.20
C GLN K 184 -7.36 -35.91 -55.34
N GLU K 185 -7.17 -34.63 -55.65
CA GLU K 185 -6.18 -33.80 -54.99
C GLU K 185 -6.11 -33.68 -53.48
N LEU K 186 -7.18 -33.27 -52.82
CA LEU K 186 -7.12 -33.11 -51.38
C LEU K 186 -6.75 -34.38 -50.63
N GLU K 187 -7.22 -35.52 -51.10
CA GLU K 187 -6.91 -36.78 -50.43
C GLU K 187 -5.47 -37.20 -50.72
N PHE K 188 -5.01 -36.99 -51.94
CA PHE K 188 -3.65 -37.35 -52.29
C PHE K 188 -2.68 -36.52 -51.44
N ILE K 189 -2.93 -35.22 -51.37
CA ILE K 189 -2.06 -34.34 -50.60
C ILE K 189 -2.08 -34.72 -49.12
N ALA K 190 -3.24 -35.05 -48.60
CA ALA K 190 -3.34 -35.43 -47.20
C ALA K 190 -2.48 -36.66 -46.92
N ASP K 191 -2.35 -37.56 -47.92
CA ASP K 191 -1.52 -38.74 -47.73
C ASP K 191 -0.04 -38.36 -47.66
N ILE K 192 0.38 -37.45 -48.55
CA ILE K 192 1.76 -36.99 -48.57
C ILE K 192 2.06 -36.27 -47.25
N LEU K 193 1.14 -35.39 -46.84
CA LEU K 193 1.30 -34.64 -45.60
C LEU K 193 1.28 -35.57 -44.40
N ASN K 194 0.87 -36.80 -44.62
CA ASN K 194 0.84 -37.74 -43.53
C ASN K 194 2.23 -38.34 -43.30
N GLN K 195 3.06 -38.32 -44.34
CA GLN K 195 4.42 -38.84 -44.21
C GLN K 195 5.36 -37.68 -43.82
N ASP K 196 4.99 -36.46 -44.21
CA ASP K 196 5.76 -35.26 -43.91
C ASP K 196 4.82 -34.05 -43.87
N ALA K 197 4.33 -33.74 -42.68
CA ALA K 197 3.38 -32.67 -42.48
C ALA K 197 3.86 -31.26 -42.79
N LYS K 198 5.13 -31.12 -43.16
CA LYS K 198 5.66 -29.80 -43.46
C LYS K 198 6.23 -29.67 -44.87
N ASN K 199 5.95 -30.66 -45.72
CA ASN K 199 6.43 -30.64 -47.09
C ASN K 199 5.92 -29.39 -47.79
N TYR K 200 6.84 -28.48 -48.10
CA TYR K 200 6.46 -27.24 -48.75
C TYR K 200 5.73 -27.45 -50.09
N HIS K 201 6.21 -28.40 -50.89
CA HIS K 201 5.58 -28.67 -52.19
C HIS K 201 4.11 -29.05 -52.02
N ALA K 202 3.84 -29.92 -51.06
CA ALA K 202 2.49 -30.39 -50.81
C ALA K 202 1.54 -29.26 -50.40
N TRP K 203 1.98 -28.40 -49.47
CA TRP K 203 1.14 -27.29 -49.05
C TRP K 203 0.91 -26.33 -50.20
N GLN K 204 1.94 -26.11 -51.00
CA GLN K 204 1.82 -25.21 -52.13
C GLN K 204 0.79 -25.73 -53.13
N HIS K 205 0.88 -27.03 -53.41
CA HIS K 205 -0.04 -27.65 -54.35
C HIS K 205 -1.45 -27.60 -53.79
N ARG K 206 -1.57 -27.83 -52.48
CA ARG K 206 -2.87 -27.82 -51.82
C ARG K 206 -3.53 -26.45 -51.93
N GLN K 207 -2.77 -25.38 -51.72
CA GLN K 207 -3.34 -24.03 -51.81
C GLN K 207 -3.73 -23.73 -53.25
N TRP K 208 -2.95 -24.21 -54.21
CA TRP K 208 -3.26 -23.98 -55.61
C TRP K 208 -4.59 -24.64 -55.97
N VAL K 209 -4.74 -25.90 -55.59
CA VAL K 209 -5.94 -26.63 -55.89
C VAL K 209 -7.16 -25.97 -55.29
N ILE K 210 -7.09 -25.67 -53.99
CA ILE K 210 -8.19 -25.06 -53.29
C ILE K 210 -8.61 -23.74 -53.91
N GLN K 211 -7.65 -22.91 -54.28
CA GLN K 211 -7.98 -21.62 -54.87
C GLN K 211 -8.50 -21.77 -56.30
N GLU K 212 -7.84 -22.58 -57.10
CA GLU K 212 -8.21 -22.78 -58.49
C GLU K 212 -9.59 -23.39 -58.71
N PHE K 213 -9.98 -24.32 -57.83
CA PHE K 213 -11.27 -24.97 -57.98
C PHE K 213 -12.25 -24.62 -56.86
N ARG K 214 -11.91 -23.59 -56.08
CA ARG K 214 -12.75 -23.14 -54.98
C ARG K 214 -13.21 -24.28 -54.07
N LEU K 215 -12.27 -24.95 -53.42
CA LEU K 215 -12.59 -26.06 -52.52
C LEU K 215 -12.31 -25.66 -51.06
N TRP K 216 -12.90 -24.56 -50.61
CA TRP K 216 -12.70 -24.07 -49.25
C TRP K 216 -13.53 -24.75 -48.17
N ASP K 217 -14.67 -25.28 -48.56
CA ASP K 217 -15.61 -25.93 -47.63
C ASP K 217 -15.10 -26.72 -46.44
N ASN K 218 -14.11 -27.58 -46.63
CA ASN K 218 -13.63 -28.39 -45.52
C ASN K 218 -12.21 -28.15 -45.04
N GLU K 219 -11.53 -27.16 -45.61
CA GLU K 219 -10.15 -26.93 -45.22
C GLU K 219 -9.94 -26.47 -43.77
N LEU K 220 -10.82 -25.61 -43.26
CA LEU K 220 -10.67 -25.15 -41.88
C LEU K 220 -10.78 -26.31 -40.89
N GLN K 221 -11.55 -27.32 -41.25
CA GLN K 221 -11.72 -28.48 -40.40
C GLN K 221 -10.47 -29.35 -40.49
N TYR K 222 -9.86 -29.37 -41.67
CA TYR K 222 -8.64 -30.16 -41.88
C TYR K 222 -7.54 -29.52 -41.04
N VAL K 223 -7.50 -28.19 -41.06
CA VAL K 223 -6.52 -27.43 -40.32
C VAL K 223 -6.68 -27.70 -38.82
N ASP K 224 -7.91 -27.72 -38.34
CA ASP K 224 -8.17 -27.99 -36.92
C ASP K 224 -7.69 -29.37 -36.54
N GLN K 225 -7.87 -30.33 -37.43
CA GLN K 225 -7.44 -31.70 -37.18
C GLN K 225 -5.93 -31.79 -37.04
N LEU K 226 -5.21 -31.13 -37.94
CA LEU K 226 -3.75 -31.17 -37.91
C LEU K 226 -3.14 -30.39 -36.75
N LEU K 227 -3.81 -29.33 -36.30
CA LEU K 227 -3.29 -28.58 -35.18
C LEU K 227 -3.42 -29.39 -33.89
N LYS K 228 -4.32 -30.36 -33.87
CA LYS K 228 -4.49 -31.21 -32.70
C LYS K 228 -3.36 -32.23 -32.72
N GLU K 229 -2.98 -32.69 -33.90
CA GLU K 229 -1.89 -33.66 -34.05
C GLU K 229 -0.53 -33.07 -33.68
N ASP K 230 -0.33 -31.80 -34.02
CA ASP K 230 0.92 -31.10 -33.74
C ASP K 230 0.69 -29.59 -33.78
N VAL K 231 0.43 -29.00 -32.63
CA VAL K 231 0.14 -27.58 -32.57
C VAL K 231 1.34 -26.69 -32.94
N ARG K 232 2.51 -27.30 -33.08
CA ARG K 232 3.71 -26.55 -33.43
C ARG K 232 4.00 -26.53 -34.93
N ASN K 233 3.16 -27.17 -35.74
CA ASN K 233 3.38 -27.19 -37.18
C ASN K 233 3.09 -25.81 -37.79
N ASN K 234 4.14 -25.06 -38.09
CA ASN K 234 3.99 -23.73 -38.65
C ASN K 234 3.23 -23.70 -39.97
N SER K 235 3.32 -24.79 -40.73
CA SER K 235 2.67 -24.89 -42.03
C SER K 235 1.15 -24.88 -41.89
N VAL K 236 0.66 -25.52 -40.82
CA VAL K 236 -0.76 -25.61 -40.56
C VAL K 236 -1.34 -24.27 -40.09
N TRP K 237 -0.58 -23.53 -39.30
CA TRP K 237 -1.04 -22.23 -38.87
C TRP K 237 -1.11 -21.33 -40.10
N ASN K 238 -0.18 -21.52 -41.03
CA ASN K 238 -0.20 -20.70 -42.23
C ASN K 238 -1.45 -21.02 -43.02
N GLN K 239 -1.77 -22.30 -43.11
CA GLN K 239 -2.94 -22.73 -43.87
C GLN K 239 -4.21 -22.13 -43.27
N ARG K 240 -4.28 -22.12 -41.93
CA ARG K 240 -5.44 -21.56 -41.26
C ARG K 240 -5.65 -20.10 -41.70
N HIS K 241 -4.59 -19.31 -41.72
CA HIS K 241 -4.73 -17.92 -42.12
C HIS K 241 -5.12 -17.83 -43.60
N PHE K 242 -4.63 -18.78 -44.37
CA PHE K 242 -4.91 -18.86 -45.80
C PHE K 242 -6.41 -19.08 -46.05
N VAL K 243 -7.00 -20.03 -45.32
CA VAL K 243 -8.41 -20.34 -45.46
C VAL K 243 -9.30 -19.18 -45.04
N ILE K 244 -9.10 -18.71 -43.82
CA ILE K 244 -9.91 -17.62 -43.28
C ILE K 244 -9.81 -16.34 -44.08
N SER K 245 -8.61 -15.89 -44.40
CA SER K 245 -8.53 -14.62 -45.12
C SER K 245 -9.06 -14.71 -46.54
N ASN K 246 -9.26 -15.92 -47.05
CA ASN K 246 -9.77 -16.10 -48.39
C ASN K 246 -11.26 -16.46 -48.41
N THR K 247 -11.87 -16.57 -47.24
CA THR K 247 -13.28 -16.88 -47.18
C THR K 247 -13.97 -15.73 -46.44
N THR K 248 -14.17 -15.87 -45.13
CA THR K 248 -14.83 -14.82 -44.36
C THR K 248 -13.98 -13.55 -44.19
N GLY K 249 -12.67 -13.71 -44.06
CA GLY K 249 -11.83 -12.55 -43.84
C GLY K 249 -11.77 -12.35 -42.33
N TYR K 250 -11.05 -11.33 -41.86
CA TYR K 250 -10.96 -11.11 -40.42
C TYR K 250 -11.68 -9.84 -39.96
N SER K 251 -12.23 -9.08 -40.90
CA SER K 251 -12.92 -7.84 -40.56
C SER K 251 -14.21 -8.08 -39.80
N ASP K 252 -14.70 -9.31 -39.79
CA ASP K 252 -15.91 -9.62 -39.05
C ASP K 252 -15.51 -9.86 -37.60
N ARG K 253 -15.85 -8.92 -36.73
CA ARG K 253 -15.50 -9.01 -35.33
C ARG K 253 -15.80 -10.35 -34.67
N ALA K 254 -16.82 -11.03 -35.16
CA ALA K 254 -17.17 -12.32 -34.58
C ALA K 254 -16.10 -13.33 -34.96
N VAL K 255 -15.56 -13.22 -36.17
CA VAL K 255 -14.53 -14.13 -36.63
C VAL K 255 -13.21 -13.83 -35.90
N LEU K 256 -12.87 -12.54 -35.84
CA LEU K 256 -11.65 -12.12 -35.18
C LEU K 256 -11.63 -12.64 -33.75
N GLU K 257 -12.75 -12.48 -33.06
CA GLU K 257 -12.84 -12.93 -31.68
C GLU K 257 -12.68 -14.44 -31.58
N ARG K 258 -13.33 -15.17 -32.48
CA ARG K 258 -13.23 -16.63 -32.47
C ARG K 258 -11.78 -17.05 -32.64
N GLU K 259 -11.10 -16.42 -33.58
CA GLU K 259 -9.70 -16.73 -33.87
C GLU K 259 -8.75 -16.36 -32.76
N VAL K 260 -8.89 -15.15 -32.21
CA VAL K 260 -8.04 -14.74 -31.10
C VAL K 260 -8.24 -15.68 -29.92
N GLN K 261 -9.49 -16.01 -29.65
CA GLN K 261 -9.81 -16.90 -28.55
C GLN K 261 -9.23 -18.29 -28.77
N TYR K 262 -9.34 -18.77 -30.01
CA TYR K 262 -8.84 -20.09 -30.37
C TYR K 262 -7.32 -20.18 -30.17
N THR K 263 -6.62 -19.13 -30.61
CA THR K 263 -5.17 -19.08 -30.49
C THR K 263 -4.74 -19.03 -29.04
N LEU K 264 -5.39 -18.20 -28.22
CA LEU K 264 -5.04 -18.13 -26.81
C LEU K 264 -5.21 -19.49 -26.14
N GLU K 265 -6.21 -20.27 -26.57
CA GLU K 265 -6.40 -21.58 -25.99
C GLU K 265 -5.26 -22.49 -26.38
N MET K 266 -4.75 -22.33 -27.61
CA MET K 266 -3.65 -23.15 -28.08
C MET K 266 -2.37 -22.73 -27.37
N ILE K 267 -2.23 -21.42 -27.16
CA ILE K 267 -1.06 -20.90 -26.46
C ILE K 267 -1.04 -21.44 -25.02
N LYS K 268 -2.20 -21.48 -24.37
CA LYS K 268 -2.28 -22.00 -23.01
C LYS K 268 -1.84 -23.46 -22.95
N LEU K 269 -2.15 -24.24 -23.98
CA LEU K 269 -1.76 -25.64 -24.00
C LEU K 269 -0.26 -25.83 -24.16
N VAL K 270 0.36 -25.02 -25.02
CA VAL K 270 1.80 -25.08 -25.28
C VAL K 270 2.27 -23.63 -25.44
N PRO K 271 2.53 -22.95 -24.32
CA PRO K 271 2.97 -21.54 -24.32
C PRO K 271 4.23 -21.21 -25.12
N HIS K 272 5.15 -22.16 -25.24
CA HIS K 272 6.36 -21.90 -26.01
C HIS K 272 6.18 -22.38 -27.45
N ASN K 273 5.44 -21.61 -28.23
CA ASN K 273 5.16 -21.96 -29.61
C ASN K 273 5.11 -20.69 -30.46
N GLU K 274 6.21 -20.41 -31.16
CA GLU K 274 6.27 -19.21 -31.98
C GLU K 274 5.13 -19.10 -33.00
N SER K 275 4.75 -20.23 -33.60
CA SER K 275 3.71 -20.24 -34.62
C SER K 275 2.37 -19.66 -34.13
N ALA K 276 1.93 -20.10 -32.96
CA ALA K 276 0.70 -19.59 -32.39
C ALA K 276 0.81 -18.08 -32.13
N TRP K 277 1.92 -17.67 -31.53
CA TRP K 277 2.11 -16.26 -31.24
C TRP K 277 2.20 -15.43 -32.51
N ASN K 278 2.82 -15.96 -33.55
CA ASN K 278 2.92 -15.21 -34.80
C ASN K 278 1.57 -15.01 -35.43
N TYR K 279 0.70 -16.02 -35.30
CA TYR K 279 -0.64 -15.96 -35.86
C TYR K 279 -1.42 -14.89 -35.12
N LEU K 280 -1.39 -14.97 -33.79
CA LEU K 280 -2.10 -14.00 -32.96
C LEU K 280 -1.67 -12.59 -33.32
N LYS K 281 -0.37 -12.35 -33.40
CA LYS K 281 0.10 -11.02 -33.73
C LYS K 281 -0.25 -10.68 -35.18
N GLY K 282 -0.14 -11.67 -36.05
CA GLY K 282 -0.42 -11.45 -37.44
C GLY K 282 -1.82 -10.95 -37.74
N ILE K 283 -2.83 -11.50 -37.07
CA ILE K 283 -4.21 -11.07 -37.31
C ILE K 283 -4.61 -9.79 -36.58
N LEU K 284 -3.74 -9.27 -35.72
CA LEU K 284 -4.06 -8.04 -35.00
C LEU K 284 -3.16 -6.86 -35.30
N GLN K 285 -1.91 -7.12 -35.67
CA GLN K 285 -0.97 -6.04 -35.91
C GLN K 285 -1.43 -4.89 -36.81
N ASP K 286 -2.15 -5.21 -37.87
CA ASP K 286 -2.58 -4.14 -38.76
C ASP K 286 -3.82 -3.40 -38.27
N ARG K 287 -4.58 -4.01 -37.37
CA ARG K 287 -5.75 -3.34 -36.82
C ARG K 287 -5.26 -2.39 -35.74
N GLY K 288 -4.09 -2.70 -35.16
CA GLY K 288 -3.51 -1.88 -34.11
C GLY K 288 -3.58 -2.60 -32.77
N LEU K 289 -2.46 -3.15 -32.32
CA LEU K 289 -2.44 -3.89 -31.07
C LEU K 289 -2.93 -3.11 -29.84
N SER K 290 -2.71 -1.79 -29.83
CA SER K 290 -3.12 -0.98 -28.69
C SER K 290 -4.62 -0.75 -28.61
N ARG K 291 -5.36 -1.15 -29.64
CA ARG K 291 -6.81 -0.99 -29.65
C ARG K 291 -7.56 -2.10 -28.93
N TYR K 292 -6.83 -3.04 -28.35
CA TYR K 292 -7.46 -4.17 -27.65
C TYR K 292 -7.02 -4.24 -26.18
N PRO K 293 -7.58 -3.36 -25.35
CA PRO K 293 -7.28 -3.29 -23.91
C PRO K 293 -7.38 -4.59 -23.12
N ASN K 294 -8.38 -5.42 -23.41
CA ASN K 294 -8.52 -6.66 -22.66
C ASN K 294 -7.43 -7.64 -23.00
N LEU K 295 -6.88 -7.53 -24.21
CA LEU K 295 -5.82 -8.43 -24.65
C LEU K 295 -4.57 -8.16 -23.81
N LEU K 296 -4.25 -6.89 -23.64
CA LEU K 296 -3.11 -6.50 -22.84
C LEU K 296 -3.22 -7.10 -21.44
N ASN K 297 -4.37 -6.91 -20.79
CA ASN K 297 -4.55 -7.44 -19.45
C ASN K 297 -4.56 -8.96 -19.38
N GLN K 298 -5.16 -9.63 -20.35
CA GLN K 298 -5.16 -11.09 -20.32
C GLN K 298 -3.74 -11.63 -20.46
N LEU K 299 -2.91 -10.95 -21.27
CA LEU K 299 -1.54 -11.37 -21.46
C LEU K 299 -0.72 -11.13 -20.19
N LEU K 300 -0.91 -9.97 -19.56
CA LEU K 300 -0.20 -9.67 -18.32
C LEU K 300 -0.56 -10.70 -17.24
N ASP K 301 -1.72 -11.32 -17.38
CA ASP K 301 -2.17 -12.33 -16.42
C ASP K 301 -1.56 -13.71 -16.68
N LEU K 302 -1.06 -13.93 -17.90
CA LEU K 302 -0.44 -15.20 -18.25
C LEU K 302 1.04 -15.16 -17.92
N GLN K 303 1.60 -13.96 -17.85
CA GLN K 303 3.01 -13.78 -17.57
C GLN K 303 3.48 -14.58 -16.36
N PRO K 304 2.68 -14.59 -15.27
CA PRO K 304 3.07 -15.34 -14.07
C PRO K 304 3.44 -16.81 -14.35
N SER K 305 2.54 -17.55 -14.98
CA SER K 305 2.80 -18.96 -15.27
C SER K 305 3.22 -19.23 -16.72
N HIS K 306 2.28 -19.11 -17.66
CA HIS K 306 2.55 -19.36 -19.08
C HIS K 306 3.47 -18.34 -19.76
N SER K 307 4.54 -17.91 -19.08
CA SER K 307 5.45 -16.94 -19.69
C SER K 307 6.32 -17.55 -20.79
N SER K 308 6.93 -16.68 -21.58
CA SER K 308 7.80 -17.10 -22.66
C SER K 308 8.34 -15.85 -23.34
N PRO K 309 9.43 -15.99 -24.10
CA PRO K 309 9.96 -14.79 -24.76
C PRO K 309 8.95 -14.23 -25.76
N TYR K 310 8.14 -15.10 -26.36
CA TYR K 310 7.13 -14.68 -27.32
C TYR K 310 6.10 -13.79 -26.65
N LEU K 311 5.72 -14.12 -25.41
CA LEU K 311 4.74 -13.32 -24.69
C LEU K 311 5.31 -11.94 -24.35
N ILE K 312 6.55 -11.91 -23.86
CA ILE K 312 7.17 -10.64 -23.50
C ILE K 312 7.29 -9.76 -24.73
N ALA K 313 7.70 -10.34 -25.85
CA ALA K 313 7.85 -9.57 -27.08
C ALA K 313 6.51 -9.02 -27.54
N PHE K 314 5.44 -9.79 -27.33
CA PHE K 314 4.13 -9.34 -27.73
C PHE K 314 3.78 -8.08 -26.92
N LEU K 315 4.10 -8.11 -25.62
CA LEU K 315 3.85 -6.96 -24.75
C LEU K 315 4.61 -5.74 -25.25
N VAL K 316 5.88 -5.92 -25.59
CA VAL K 316 6.68 -4.80 -26.10
C VAL K 316 6.02 -4.17 -27.33
N ASP K 317 5.52 -5.02 -28.23
CA ASP K 317 4.88 -4.55 -29.43
C ASP K 317 3.57 -3.81 -29.14
N ILE K 318 2.83 -4.28 -28.14
CA ILE K 318 1.61 -3.59 -27.76
C ILE K 318 2.01 -2.19 -27.29
N TYR K 319 2.99 -2.13 -26.36
CA TYR K 319 3.46 -0.84 -25.85
C TYR K 319 3.97 0.03 -27.00
N GLU K 320 4.73 -0.56 -27.91
CA GLU K 320 5.23 0.25 -29.01
C GLU K 320 4.06 0.82 -29.82
N ASP K 321 3.01 0.02 -30.01
CA ASP K 321 1.88 0.53 -30.75
C ASP K 321 1.20 1.66 -29.98
N MET K 322 1.13 1.56 -28.65
CA MET K 322 0.54 2.64 -27.85
C MET K 322 1.34 3.92 -28.06
N LEU K 323 2.66 3.83 -27.90
CA LEU K 323 3.55 4.97 -28.09
C LEU K 323 3.37 5.58 -29.47
N GLU K 324 3.07 4.72 -30.44
CA GLU K 324 2.88 5.14 -31.82
C GLU K 324 1.64 5.98 -31.98
N ASN K 325 0.63 5.70 -31.17
CA ASN K 325 -0.64 6.41 -31.24
C ASN K 325 -0.81 7.42 -30.11
N GLN K 326 0.21 8.25 -29.89
CA GLN K 326 0.19 9.29 -28.85
C GLN K 326 -0.74 8.93 -27.69
N CYS K 327 -0.37 7.91 -26.93
CA CYS K 327 -1.16 7.46 -25.79
C CYS K 327 -0.97 8.38 -24.58
N ASP K 328 -1.59 8.02 -23.47
CA ASP K 328 -1.47 8.79 -22.24
C ASP K 328 -0.37 8.15 -21.39
N ASN K 329 0.47 8.99 -20.79
CA ASN K 329 1.57 8.54 -19.96
C ASN K 329 2.68 7.98 -20.85
N LYS K 330 2.94 8.69 -21.94
CA LYS K 330 3.95 8.28 -22.89
C LYS K 330 5.23 7.82 -22.23
N GLU K 331 5.82 8.65 -21.37
CA GLU K 331 7.06 8.27 -20.72
C GLU K 331 6.92 7.03 -19.85
N ASP K 332 5.75 6.83 -19.25
CA ASP K 332 5.54 5.66 -18.40
C ASP K 332 5.42 4.37 -19.23
N ILE K 333 4.77 4.47 -20.38
CA ILE K 333 4.60 3.34 -21.28
C ILE K 333 5.98 2.96 -21.82
N LEU K 334 6.74 3.96 -22.24
CA LEU K 334 8.07 3.75 -22.77
C LEU K 334 8.93 2.98 -21.77
N ASN K 335 8.85 3.34 -20.50
CA ASN K 335 9.64 2.66 -19.49
C ASN K 335 9.19 1.23 -19.30
N LYS K 336 7.89 0.95 -19.48
CA LYS K 336 7.41 -0.42 -19.34
C LYS K 336 8.02 -1.25 -20.48
N ALA K 337 8.11 -0.64 -21.64
CA ALA K 337 8.67 -1.29 -22.81
C ALA K 337 10.16 -1.58 -22.62
N LEU K 338 10.90 -0.54 -22.22
CA LEU K 338 12.33 -0.67 -22.00
C LEU K 338 12.63 -1.72 -20.93
N GLU K 339 11.78 -1.77 -19.92
CA GLU K 339 11.95 -2.73 -18.85
C GLU K 339 11.87 -4.15 -19.44
N LEU K 340 10.93 -4.36 -20.36
CA LEU K 340 10.75 -5.67 -20.99
C LEU K 340 11.91 -5.99 -21.92
N CYS K 341 12.41 -4.99 -22.62
CA CYS K 341 13.54 -5.21 -23.50
C CYS K 341 14.73 -5.70 -22.69
N GLU K 342 14.99 -5.06 -21.56
CA GLU K 342 16.11 -5.45 -20.72
C GLU K 342 15.91 -6.84 -20.13
N ILE K 343 14.66 -7.20 -19.85
CA ILE K 343 14.38 -8.54 -19.31
C ILE K 343 14.65 -9.59 -20.40
N LEU K 344 14.23 -9.28 -21.63
CA LEU K 344 14.45 -10.20 -22.75
C LEU K 344 15.95 -10.38 -22.97
N ALA K 345 16.66 -9.27 -23.07
CA ALA K 345 18.10 -9.29 -23.30
C ALA K 345 18.91 -9.97 -22.21
N LYS K 346 18.53 -9.73 -20.97
CA LYS K 346 19.25 -10.25 -19.81
C LYS K 346 18.86 -11.64 -19.33
N GLU K 347 17.62 -12.06 -19.53
CA GLU K 347 17.17 -13.36 -19.03
C GLU K 347 16.30 -14.25 -19.90
N LYS K 348 15.29 -13.66 -20.54
CA LYS K 348 14.32 -14.43 -21.31
C LYS K 348 14.58 -14.85 -22.74
N ASP K 349 15.41 -14.10 -23.45
CA ASP K 349 15.72 -14.40 -24.84
C ASP K 349 17.16 -13.94 -25.05
N THR K 350 18.07 -14.47 -24.26
CA THR K 350 19.47 -14.05 -24.29
C THR K 350 20.21 -14.16 -25.61
N ILE K 351 19.86 -15.16 -26.43
CA ILE K 351 20.54 -15.31 -27.70
C ILE K 351 20.33 -14.08 -28.58
N ARG K 352 19.26 -13.33 -28.34
CA ARG K 352 18.98 -12.10 -29.09
C ARG K 352 19.25 -10.83 -28.26
N LYS K 353 20.09 -11.00 -27.23
CA LYS K 353 20.50 -9.95 -26.32
C LYS K 353 20.85 -8.62 -26.98
N GLU K 354 21.77 -8.64 -27.93
CA GLU K 354 22.16 -7.41 -28.60
C GLU K 354 20.99 -6.83 -29.37
N TYR K 355 20.14 -7.70 -29.93
CA TYR K 355 18.99 -7.22 -30.69
C TYR K 355 17.97 -6.52 -29.80
N TRP K 356 17.66 -7.11 -28.65
CA TRP K 356 16.69 -6.48 -27.77
C TRP K 356 17.22 -5.16 -27.20
N ARG K 357 18.53 -5.07 -27.01
CA ARG K 357 19.15 -3.85 -26.50
C ARG K 357 18.99 -2.79 -27.59
N TYR K 358 19.19 -3.22 -28.82
CA TYR K 358 19.06 -2.36 -29.98
C TYR K 358 17.60 -1.87 -30.12
N ILE K 359 16.63 -2.75 -29.86
CA ILE K 359 15.23 -2.34 -29.94
C ILE K 359 14.98 -1.32 -28.84
N GLY K 360 15.54 -1.57 -27.67
CA GLY K 360 15.41 -0.66 -26.54
C GLY K 360 15.94 0.73 -26.91
N ARG K 361 17.16 0.80 -27.42
CA ARG K 361 17.73 2.09 -27.79
C ARG K 361 16.89 2.76 -28.87
N SER K 362 16.26 1.97 -29.72
CA SER K 362 15.43 2.52 -30.80
C SER K 362 14.18 3.19 -30.28
N LEU K 363 13.56 2.57 -29.27
CA LEU K 363 12.36 3.14 -28.69
C LEU K 363 12.70 4.43 -27.97
N GLN K 364 13.84 4.45 -27.27
CA GLN K 364 14.24 5.65 -26.55
C GLN K 364 14.40 6.84 -27.47
N SER K 365 15.24 6.70 -28.48
CA SER K 365 15.48 7.81 -29.39
C SER K 365 14.27 8.17 -30.21
N LYS K 366 13.21 7.38 -30.09
CA LYS K 366 12.00 7.64 -30.86
C LYS K 366 10.89 8.28 -30.03
N HIS K 367 10.92 8.07 -28.72
CA HIS K 367 9.89 8.62 -27.84
C HIS K 367 10.44 9.20 -26.52
N SER K 368 10.92 10.45 -26.55
CA SER K 368 11.45 11.08 -25.34
C SER K 368 11.47 12.61 -25.43
N LEU L 18 34.94 -25.93 -32.82
CA LEU L 18 36.34 -26.32 -33.15
C LEU L 18 37.03 -25.30 -34.07
N ASP L 19 37.90 -25.79 -34.94
CA ASP L 19 38.61 -24.93 -35.86
C ASP L 19 38.23 -25.17 -37.31
N PHE L 20 38.47 -24.16 -38.14
CA PHE L 20 38.15 -24.20 -39.55
C PHE L 20 39.20 -24.93 -40.36
N LEU L 21 38.83 -26.09 -40.92
CA LEU L 21 39.75 -26.89 -41.72
C LEU L 21 39.88 -26.40 -43.17
N ARG L 22 40.38 -25.18 -43.32
CA ARG L 22 40.54 -24.57 -44.63
C ARG L 22 41.16 -25.44 -45.74
N ASP L 23 42.28 -26.09 -45.45
CA ASP L 23 42.91 -26.92 -46.46
C ASP L 23 42.02 -28.07 -46.93
N ARG L 24 41.32 -28.70 -45.99
CA ARG L 24 40.45 -29.81 -46.35
C ARG L 24 39.28 -29.34 -47.21
N HIS L 25 38.75 -28.15 -46.94
CA HIS L 25 37.64 -27.64 -47.73
C HIS L 25 38.12 -27.33 -49.14
N VAL L 26 39.39 -26.93 -49.26
CA VAL L 26 39.93 -26.65 -50.58
C VAL L 26 39.94 -27.94 -51.38
N ARG L 27 40.38 -29.02 -50.74
CA ARG L 27 40.44 -30.32 -51.40
C ARG L 27 39.03 -30.80 -51.76
N PHE L 28 38.09 -30.60 -50.84
CA PHE L 28 36.71 -30.98 -51.04
C PHE L 28 36.15 -30.31 -52.30
N PHE L 29 36.30 -29.01 -52.41
CA PHE L 29 35.82 -28.27 -53.57
C PHE L 29 36.50 -28.73 -54.86
N GLN L 30 37.80 -28.96 -54.77
CA GLN L 30 38.58 -29.44 -55.91
C GLN L 30 37.99 -30.77 -56.40
N ARG L 31 37.62 -31.60 -55.45
CA ARG L 31 37.03 -32.89 -55.74
C ARG L 31 35.66 -32.75 -56.43
N CYS L 32 34.88 -31.71 -56.08
CA CYS L 32 33.58 -31.49 -56.69
C CYS L 32 33.69 -31.12 -58.17
N LEU L 33 34.77 -30.43 -58.54
CA LEU L 33 34.96 -30.04 -59.94
C LEU L 33 35.42 -31.19 -60.82
N GLN L 34 35.77 -32.31 -60.22
CA GLN L 34 36.28 -33.42 -61.00
C GLN L 34 35.27 -34.45 -61.48
N VAL L 35 35.28 -35.63 -60.86
CA VAL L 35 34.35 -36.66 -61.28
C VAL L 35 33.52 -37.18 -60.13
N LEU L 36 32.23 -37.36 -60.39
CA LEU L 36 31.32 -37.83 -59.36
C LEU L 36 30.76 -39.21 -59.70
N PRO L 37 30.48 -40.02 -58.67
CA PRO L 37 29.93 -41.37 -58.83
C PRO L 37 28.52 -41.27 -59.42
N GLU L 38 27.99 -42.35 -59.98
CA GLU L 38 26.67 -42.30 -60.59
C GLU L 38 25.55 -41.97 -59.62
N ARG L 39 25.78 -42.09 -58.33
CA ARG L 39 24.71 -41.79 -57.38
C ARG L 39 24.32 -40.32 -57.42
N TYR L 40 25.15 -39.49 -58.05
CA TYR L 40 24.88 -38.06 -58.15
C TYR L 40 24.30 -37.70 -59.52
N SER L 41 23.75 -38.70 -60.20
CA SER L 41 23.16 -38.52 -61.53
C SER L 41 22.03 -37.49 -61.62
N SER L 42 21.28 -37.31 -60.54
CA SER L 42 20.19 -36.36 -60.55
C SER L 42 20.67 -34.93 -60.57
N LEU L 43 21.98 -34.73 -60.51
CA LEU L 43 22.55 -33.39 -60.53
C LEU L 43 22.95 -32.98 -61.93
N GLU L 44 22.87 -33.95 -62.86
CA GLU L 44 23.24 -33.73 -64.25
C GLU L 44 22.80 -32.41 -64.84
N THR L 45 21.51 -32.09 -64.77
CA THR L 45 21.02 -30.85 -65.38
C THR L 45 21.37 -29.58 -64.64
N SER L 46 22.11 -29.68 -63.55
CA SER L 46 22.50 -28.47 -62.84
C SER L 46 23.95 -28.54 -62.39
N ARG L 47 24.77 -29.15 -63.25
CA ARG L 47 26.19 -29.29 -62.98
C ARG L 47 26.85 -27.91 -62.90
N LEU L 48 26.31 -26.97 -63.65
CA LEU L 48 26.85 -25.63 -63.66
C LEU L 48 26.72 -24.98 -62.28
N THR L 49 25.63 -25.22 -61.55
CA THR L 49 25.51 -24.61 -60.22
C THR L 49 26.43 -25.33 -59.24
N ILE L 50 26.75 -26.60 -59.51
CA ILE L 50 27.67 -27.33 -58.64
C ILE L 50 29.06 -26.70 -58.87
N ALA L 51 29.37 -26.38 -60.12
CA ALA L 51 30.62 -25.75 -60.46
C ALA L 51 30.71 -24.42 -59.70
N PHE L 52 29.59 -23.69 -59.70
CA PHE L 52 29.52 -22.41 -59.00
C PHE L 52 29.86 -22.55 -57.52
N PHE L 53 29.24 -23.53 -56.85
CA PHE L 53 29.49 -23.72 -55.44
C PHE L 53 30.97 -23.99 -55.19
N ALA L 54 31.56 -24.83 -56.04
CA ALA L 54 32.96 -25.18 -55.90
C ALA L 54 33.91 -24.05 -56.27
N LEU L 55 33.63 -23.33 -57.35
CA LEU L 55 34.49 -22.22 -57.78
C LEU L 55 34.38 -21.02 -56.87
N SER L 56 33.15 -20.61 -56.57
CA SER L 56 32.96 -19.48 -55.69
C SER L 56 33.47 -19.87 -54.30
N GLY L 57 33.39 -21.17 -54.00
CA GLY L 57 33.89 -21.67 -52.73
C GLY L 57 35.40 -21.50 -52.69
N LEU L 58 36.08 -21.96 -53.74
CA LEU L 58 37.54 -21.85 -53.80
C LEU L 58 37.93 -20.38 -53.78
N ASP L 59 37.19 -19.55 -54.50
CA ASP L 59 37.44 -18.12 -54.55
C ASP L 59 37.37 -17.54 -53.15
N MET L 60 36.30 -17.86 -52.45
CA MET L 60 36.07 -17.40 -51.08
C MET L 60 37.25 -17.79 -50.19
N LEU L 61 37.88 -18.93 -50.49
CA LEU L 61 39.04 -19.39 -49.70
C LEU L 61 40.35 -18.98 -50.38
N ASP L 62 40.23 -18.13 -51.39
CA ASP L 62 41.37 -17.63 -52.15
C ASP L 62 42.28 -18.75 -52.64
N SER L 63 41.70 -19.72 -53.34
CA SER L 63 42.44 -20.87 -53.85
C SER L 63 42.07 -21.26 -55.28
N LEU L 64 41.64 -20.29 -56.07
CA LEU L 64 41.29 -20.58 -57.45
C LEU L 64 42.49 -21.08 -58.23
N ASP L 65 43.68 -20.85 -57.68
CA ASP L 65 44.91 -21.29 -58.34
C ASP L 65 44.98 -22.79 -58.57
N VAL L 66 44.27 -23.58 -57.76
CA VAL L 66 44.32 -25.03 -57.93
C VAL L 66 43.51 -25.56 -59.11
N VAL L 67 42.88 -24.68 -59.88
CA VAL L 67 42.12 -25.15 -61.04
C VAL L 67 42.61 -24.45 -62.30
N ASN L 68 42.28 -25.01 -63.44
CA ASN L 68 42.68 -24.43 -64.71
C ASN L 68 41.52 -23.50 -65.13
N LYS L 69 41.65 -22.21 -64.82
CA LYS L 69 40.61 -21.25 -65.17
C LYS L 69 40.23 -21.23 -66.65
N ASP L 70 41.23 -21.19 -67.53
CA ASP L 70 40.97 -21.15 -68.96
C ASP L 70 40.13 -22.32 -69.44
N ASP L 71 40.41 -23.52 -68.93
CA ASP L 71 39.64 -24.70 -69.32
C ASP L 71 38.18 -24.55 -68.90
N ILE L 72 37.98 -24.20 -67.64
CA ILE L 72 36.65 -24.04 -67.10
C ILE L 72 35.86 -22.94 -67.82
N ILE L 73 36.56 -21.87 -68.21
CA ILE L 73 35.88 -20.80 -68.91
C ILE L 73 35.32 -21.30 -70.25
N GLU L 74 36.08 -22.15 -70.93
CA GLU L 74 35.64 -22.68 -72.22
C GLU L 74 34.45 -23.62 -72.02
N TRP L 75 34.51 -24.41 -70.94
CA TRP L 75 33.43 -25.34 -70.64
C TRP L 75 32.14 -24.57 -70.41
N ILE L 76 32.23 -23.49 -69.63
CA ILE L 76 31.06 -22.68 -69.35
C ILE L 76 30.51 -22.08 -70.63
N TYR L 77 31.38 -21.55 -71.49
CA TYR L 77 30.92 -20.97 -72.74
C TYR L 77 30.29 -22.01 -73.70
N SER L 78 30.62 -23.28 -73.50
CA SER L 78 30.05 -24.31 -74.33
C SER L 78 28.62 -24.53 -73.90
N LEU L 79 28.26 -23.98 -72.73
CA LEU L 79 26.92 -24.13 -72.19
C LEU L 79 25.97 -22.99 -72.59
N GLN L 80 26.49 -21.99 -73.27
CA GLN L 80 25.65 -20.87 -73.67
C GLN L 80 24.77 -21.20 -74.89
N VAL L 81 23.49 -20.90 -74.77
CA VAL L 81 22.56 -21.11 -75.87
C VAL L 81 22.59 -19.81 -76.64
N LEU L 82 23.26 -19.83 -77.79
CA LEU L 82 23.37 -18.64 -78.64
C LEU L 82 22.27 -18.56 -79.67
N PRO L 83 21.95 -17.35 -80.13
CA PRO L 83 20.89 -17.21 -81.13
C PRO L 83 21.34 -17.80 -82.47
N THR L 84 20.40 -18.42 -83.17
CA THR L 84 20.70 -19.02 -84.47
C THR L 84 20.88 -17.93 -85.53
N GLU L 85 21.40 -18.34 -86.69
CA GLU L 85 21.64 -17.41 -87.79
C GLU L 85 20.44 -16.48 -88.01
N ASP L 86 19.25 -17.07 -88.10
CA ASP L 86 18.03 -16.30 -88.31
C ASP L 86 17.49 -15.64 -87.04
N ARG L 87 18.22 -15.78 -85.93
CA ARG L 87 17.84 -15.20 -84.64
C ARG L 87 16.37 -15.44 -84.29
N SER L 88 15.90 -16.65 -84.55
CA SER L 88 14.51 -17.01 -84.28
C SER L 88 14.33 -17.74 -82.94
N ASN L 89 15.40 -17.81 -82.15
CA ASN L 89 15.33 -18.50 -80.87
C ASN L 89 15.80 -17.60 -79.74
N LEU L 90 15.65 -16.29 -79.89
CA LEU L 90 16.07 -15.36 -78.85
C LEU L 90 15.40 -15.61 -77.52
N ASP L 91 14.11 -15.90 -77.54
CA ASP L 91 13.36 -16.17 -76.32
C ASP L 91 13.86 -17.38 -75.55
N ARG L 92 14.84 -18.09 -76.10
CA ARG L 92 15.36 -19.27 -75.44
C ARG L 92 16.85 -19.23 -75.12
N CYS L 93 17.45 -18.06 -75.25
CA CYS L 93 18.87 -17.93 -74.97
C CYS L 93 19.21 -17.76 -73.50
N GLY L 94 20.46 -18.10 -73.16
CA GLY L 94 20.93 -18.04 -71.79
C GLY L 94 21.94 -19.17 -71.67
N PHE L 95 21.99 -19.84 -70.52
CA PHE L 95 22.92 -20.95 -70.35
C PHE L 95 22.23 -22.26 -69.93
N ARG L 96 22.83 -23.38 -70.33
CA ARG L 96 22.30 -24.71 -70.00
C ARG L 96 23.03 -25.14 -68.74
N GLY L 97 22.46 -26.10 -68.03
CA GLY L 97 23.09 -26.58 -66.81
C GLY L 97 24.21 -27.55 -67.11
N SER L 98 24.17 -28.18 -68.30
CA SER L 98 25.19 -29.12 -68.74
C SER L 98 24.95 -29.46 -70.20
N SER L 99 25.70 -30.44 -70.69
CA SER L 99 25.57 -30.86 -72.08
C SER L 99 24.70 -32.09 -72.26
N TYR L 100 23.78 -32.35 -71.33
CA TYR L 100 22.93 -33.54 -71.43
C TYR L 100 22.09 -33.66 -72.70
N LEU L 101 21.96 -32.59 -73.49
CA LEU L 101 21.17 -32.69 -74.71
C LEU L 101 21.91 -33.28 -75.89
N GLY L 102 23.24 -33.34 -75.81
CA GLY L 102 23.98 -33.93 -76.90
C GLY L 102 24.42 -32.96 -77.97
N ILE L 103 24.27 -31.67 -77.72
CA ILE L 103 24.70 -30.67 -78.70
C ILE L 103 26.22 -30.66 -78.73
N PRO L 104 26.80 -30.69 -79.94
CA PRO L 104 28.27 -30.70 -80.12
C PRO L 104 29.00 -29.55 -79.42
N PHE L 105 30.07 -29.89 -78.72
CA PHE L 105 30.88 -28.93 -77.97
C PHE L 105 31.25 -27.71 -78.81
N ASN L 106 30.89 -26.53 -78.32
CA ASN L 106 31.17 -25.28 -79.01
C ASN L 106 31.25 -24.13 -78.00
N PRO L 107 32.48 -23.77 -77.60
CA PRO L 107 32.71 -22.69 -76.62
C PRO L 107 32.33 -21.30 -77.14
N SER L 108 31.05 -21.14 -77.47
CA SER L 108 30.52 -19.89 -77.98
C SER L 108 31.37 -19.31 -79.11
N LYS L 109 31.78 -20.17 -80.03
CA LYS L 109 32.59 -19.75 -81.16
C LYS L 109 31.65 -19.49 -82.34
N ASN L 110 31.22 -20.55 -83.02
CA ASN L 110 30.30 -20.41 -84.16
C ASN L 110 28.90 -20.05 -83.66
N PRO L 111 27.96 -19.77 -84.58
CA PRO L 111 26.59 -19.42 -84.17
C PRO L 111 25.89 -20.60 -83.49
N GLY L 112 24.58 -20.48 -83.29
CA GLY L 112 23.84 -21.53 -82.64
C GLY L 112 23.30 -22.62 -83.54
N THR L 113 23.39 -23.87 -83.08
CA THR L 113 22.89 -25.02 -83.84
C THR L 113 21.46 -25.34 -83.39
N ALA L 114 20.49 -24.98 -84.22
CA ALA L 114 19.07 -25.21 -83.93
C ALA L 114 18.77 -26.59 -83.37
N HIS L 115 17.95 -26.59 -82.31
CA HIS L 115 17.54 -27.83 -81.66
C HIS L 115 16.17 -27.56 -81.05
N PRO L 116 15.19 -28.42 -81.34
CA PRO L 116 13.81 -28.34 -80.87
C PRO L 116 13.61 -28.08 -79.37
N TYR L 117 14.49 -28.63 -78.54
CA TYR L 117 14.33 -28.47 -77.10
C TYR L 117 15.48 -27.84 -76.33
N ASP L 118 16.42 -27.22 -77.05
CA ASP L 118 17.55 -26.60 -76.39
C ASP L 118 17.24 -25.16 -76.00
N SER L 119 17.37 -24.86 -74.72
CA SER L 119 17.11 -23.52 -74.23
C SER L 119 17.86 -23.32 -72.91
N GLY L 120 17.91 -22.09 -72.45
CA GLY L 120 18.60 -21.82 -71.20
C GLY L 120 17.74 -22.09 -69.98
N HIS L 121 18.35 -22.03 -68.81
CA HIS L 121 17.66 -22.23 -67.55
C HIS L 121 18.11 -21.04 -66.69
N ILE L 122 17.16 -20.25 -66.22
CA ILE L 122 17.46 -19.05 -65.45
C ILE L 122 18.52 -19.21 -64.34
N ALA L 123 18.45 -20.29 -63.57
CA ALA L 123 19.43 -20.50 -62.51
C ALA L 123 20.82 -20.81 -63.08
N MET L 124 20.85 -21.34 -64.31
CA MET L 124 22.11 -21.67 -64.95
C MET L 124 22.70 -20.41 -65.60
N THR L 125 21.83 -19.58 -66.15
CA THR L 125 22.29 -18.34 -66.76
C THR L 125 22.93 -17.53 -65.63
N TYR L 126 22.28 -17.55 -64.47
CA TYR L 126 22.78 -16.82 -63.31
C TYR L 126 24.13 -17.38 -62.82
N THR L 127 24.18 -18.66 -62.46
CA THR L 127 25.43 -19.24 -61.99
C THR L 127 26.50 -19.23 -63.07
N GLY L 128 26.09 -19.33 -64.33
CA GLY L 128 27.05 -19.29 -65.43
C GLY L 128 27.77 -17.95 -65.49
N LEU L 129 27.01 -16.86 -65.60
CA LEU L 129 27.61 -15.52 -65.66
C LEU L 129 28.44 -15.29 -64.41
N SER L 130 27.88 -15.68 -63.28
CA SER L 130 28.57 -15.54 -62.01
C SER L 130 29.93 -16.27 -62.02
N CYS L 131 29.97 -17.48 -62.55
CA CYS L 131 31.22 -18.25 -62.62
C CYS L 131 32.23 -17.56 -63.52
N LEU L 132 31.79 -17.08 -64.67
CA LEU L 132 32.68 -16.40 -65.59
C LEU L 132 33.36 -15.22 -64.91
N ILE L 133 32.59 -14.43 -64.17
CA ILE L 133 33.16 -13.28 -63.47
C ILE L 133 34.18 -13.72 -62.43
N ILE L 134 33.87 -14.79 -61.70
CA ILE L 134 34.76 -15.30 -60.68
C ILE L 134 36.07 -15.76 -61.30
N LEU L 135 35.99 -16.40 -62.46
CA LEU L 135 37.18 -16.90 -63.16
C LEU L 135 38.00 -15.81 -63.86
N GLY L 136 37.50 -14.58 -63.86
CA GLY L 136 38.24 -13.50 -64.49
C GLY L 136 37.87 -13.15 -65.92
N ASP L 137 36.91 -13.86 -66.50
CA ASP L 137 36.48 -13.57 -67.86
C ASP L 137 35.82 -12.19 -67.89
N ASP L 138 35.80 -11.55 -69.06
CA ASP L 138 35.21 -10.22 -69.19
C ASP L 138 33.81 -10.22 -69.81
N LEU L 139 33.25 -11.41 -70.01
CA LEU L 139 31.92 -11.57 -70.58
C LEU L 139 31.74 -11.06 -72.00
N SER L 140 32.84 -10.89 -72.72
CA SER L 140 32.77 -10.40 -74.10
C SER L 140 32.11 -11.43 -75.03
N ARG L 141 32.26 -12.72 -74.71
CA ARG L 141 31.64 -13.77 -75.51
C ARG L 141 30.19 -14.06 -75.14
N VAL L 142 29.66 -13.30 -74.19
CA VAL L 142 28.28 -13.47 -73.76
C VAL L 142 27.39 -12.60 -74.63
N ASP L 143 26.38 -13.19 -75.25
CA ASP L 143 25.48 -12.40 -76.06
C ASP L 143 24.49 -11.78 -75.08
N LYS L 144 24.89 -10.65 -74.50
CA LYS L 144 24.07 -9.97 -73.53
C LYS L 144 22.64 -9.72 -73.94
N GLU L 145 22.43 -9.19 -75.13
CA GLU L 145 21.07 -8.92 -75.57
C GLU L 145 20.23 -10.19 -75.69
N ALA L 146 20.86 -11.28 -76.09
CA ALA L 146 20.14 -12.55 -76.23
C ALA L 146 19.70 -13.03 -74.85
N CYS L 147 20.61 -12.95 -73.87
CA CYS L 147 20.29 -13.38 -72.52
C CYS L 147 19.13 -12.58 -71.95
N LEU L 148 19.19 -11.27 -72.11
CA LEU L 148 18.14 -10.39 -71.61
C LEU L 148 16.80 -10.68 -72.29
N ALA L 149 16.84 -11.02 -73.58
CA ALA L 149 15.61 -11.35 -74.29
C ALA L 149 15.07 -12.64 -73.70
N GLY L 150 15.97 -13.59 -73.43
CA GLY L 150 15.56 -14.84 -72.84
C GLY L 150 14.96 -14.63 -71.46
N LEU L 151 15.56 -13.73 -70.70
CA LEU L 151 15.08 -13.41 -69.37
C LEU L 151 13.66 -12.85 -69.43
N ARG L 152 13.46 -11.81 -70.24
CA ARG L 152 12.13 -11.20 -70.37
C ARG L 152 11.05 -12.23 -70.65
N ALA L 153 11.37 -13.20 -71.50
CA ALA L 153 10.42 -14.23 -71.86
C ALA L 153 9.98 -15.10 -70.68
N LEU L 154 10.81 -15.16 -69.66
CA LEU L 154 10.51 -15.99 -68.49
C LEU L 154 9.58 -15.35 -67.45
N GLN L 155 9.38 -14.03 -67.53
CA GLN L 155 8.54 -13.36 -66.55
C GLN L 155 7.04 -13.55 -66.79
N LEU L 156 6.31 -13.89 -65.73
CA LEU L 156 4.87 -14.11 -65.82
C LEU L 156 4.12 -12.83 -65.53
N GLU L 157 2.81 -12.87 -65.74
CA GLU L 157 1.95 -11.72 -65.51
C GLU L 157 2.05 -11.20 -64.08
N ASP L 158 2.12 -12.10 -63.10
CA ASP L 158 2.20 -11.71 -61.70
C ASP L 158 3.55 -11.13 -61.29
N GLY L 159 4.50 -11.10 -62.23
CA GLY L 159 5.80 -10.53 -61.92
C GLY L 159 6.90 -11.51 -61.57
N SER L 160 6.55 -12.75 -61.24
CA SER L 160 7.57 -13.75 -60.92
C SER L 160 8.14 -14.35 -62.20
N PHE L 161 9.07 -15.29 -62.07
CA PHE L 161 9.71 -15.90 -63.23
C PHE L 161 9.66 -17.42 -63.24
N CYS L 162 9.78 -17.98 -64.44
CA CYS L 162 9.85 -19.42 -64.64
C CYS L 162 11.34 -19.66 -64.87
N ALA L 163 11.76 -20.92 -64.86
CA ALA L 163 13.16 -21.22 -65.08
C ALA L 163 13.48 -21.42 -66.56
N VAL L 164 12.52 -21.99 -67.30
CA VAL L 164 12.72 -22.27 -68.72
C VAL L 164 11.51 -21.84 -69.55
N PRO L 165 11.74 -21.42 -70.81
CA PRO L 165 10.65 -20.99 -71.68
C PRO L 165 9.58 -22.07 -71.93
N GLU L 166 9.95 -23.34 -71.82
CA GLU L 166 8.98 -24.41 -72.05
C GLU L 166 7.97 -24.43 -70.91
N GLY L 167 8.28 -23.74 -69.82
CA GLY L 167 7.39 -23.70 -68.68
C GLY L 167 7.93 -24.51 -67.50
N SER L 168 7.60 -24.06 -66.30
CA SER L 168 8.04 -24.72 -65.08
C SER L 168 7.36 -24.04 -63.91
N GLU L 169 7.73 -24.42 -62.70
CA GLU L 169 7.17 -23.78 -61.53
C GLU L 169 7.73 -22.35 -61.52
N ASN L 170 7.04 -21.43 -60.87
CA ASN L 170 7.50 -20.05 -60.78
C ASN L 170 7.44 -19.59 -59.34
N ASP L 171 8.51 -18.96 -58.87
CA ASP L 171 8.55 -18.48 -57.50
C ASP L 171 9.70 -17.52 -57.26
N MET L 172 9.83 -17.11 -56.00
CA MET L 172 10.83 -16.16 -55.57
C MET L 172 12.26 -16.52 -55.97
N ARG L 173 12.61 -17.80 -55.96
CA ARG L 173 13.96 -18.23 -56.32
C ARG L 173 14.38 -17.64 -57.66
N PHE L 174 13.47 -17.71 -58.63
CA PHE L 174 13.80 -17.24 -59.96
C PHE L 174 13.75 -15.73 -60.10
N VAL L 175 13.04 -15.06 -59.19
CA VAL L 175 12.99 -13.60 -59.19
C VAL L 175 14.40 -13.14 -58.81
N TYR L 176 15.01 -13.85 -57.87
CA TYR L 176 16.35 -13.53 -57.42
C TYR L 176 17.36 -13.75 -58.56
N CYS L 177 17.19 -14.85 -59.30
CA CYS L 177 18.07 -15.17 -60.42
C CYS L 177 17.99 -14.07 -61.46
N ALA L 178 16.77 -13.66 -61.79
CA ALA L 178 16.56 -12.61 -62.77
C ALA L 178 17.26 -11.33 -62.31
N SER L 179 17.10 -11.00 -61.02
CA SER L 179 17.71 -9.80 -60.47
C SER L 179 19.23 -9.84 -60.59
N CYS L 180 19.81 -10.98 -60.24
CA CYS L 180 21.26 -11.13 -60.33
C CYS L 180 21.77 -11.00 -61.76
N ILE L 181 21.02 -11.58 -62.70
CA ILE L 181 21.43 -11.51 -64.09
C ILE L 181 21.43 -10.08 -64.57
N CYS L 182 20.34 -9.35 -64.31
CA CYS L 182 20.26 -7.96 -64.72
C CYS L 182 21.36 -7.14 -64.07
N TYR L 183 21.66 -7.43 -62.83
CA TYR L 183 22.69 -6.71 -62.12
C TYR L 183 24.06 -6.96 -62.73
N MET L 184 24.37 -8.22 -63.00
CA MET L 184 25.66 -8.57 -63.59
C MET L 184 25.82 -8.02 -65.01
N LEU L 185 24.76 -8.08 -65.81
CA LEU L 185 24.85 -7.56 -67.16
C LEU L 185 24.62 -6.06 -67.12
N ASN L 186 24.48 -5.53 -65.91
CA ASN L 186 24.26 -4.10 -65.68
C ASN L 186 23.22 -3.52 -66.65
N ASN L 187 22.09 -4.21 -66.77
CA ASN L 187 21.03 -3.80 -67.68
C ASN L 187 19.73 -4.42 -67.17
N TRP L 188 18.77 -3.59 -66.74
CA TRP L 188 17.52 -4.12 -66.23
C TRP L 188 16.39 -4.26 -67.24
N SER L 189 16.73 -4.24 -68.52
CA SER L 189 15.69 -4.40 -69.54
C SER L 189 15.25 -5.87 -69.54
N GLY L 190 15.97 -6.68 -68.75
CA GLY L 190 15.67 -8.09 -68.65
C GLY L 190 14.39 -8.39 -67.89
N MET L 191 13.84 -7.39 -67.22
CA MET L 191 12.61 -7.62 -66.46
C MET L 191 11.76 -6.38 -66.31
N ASP L 192 10.49 -6.60 -66.00
CA ASP L 192 9.55 -5.51 -65.74
C ASP L 192 9.67 -5.38 -64.21
N MET L 193 10.59 -4.53 -63.78
CA MET L 193 10.86 -4.32 -62.35
C MET L 193 9.65 -3.99 -61.50
N LYS L 194 8.74 -3.18 -62.03
CA LYS L 194 7.55 -2.81 -61.30
C LYS L 194 6.74 -4.06 -60.94
N LYS L 195 6.61 -4.99 -61.87
CA LYS L 195 5.84 -6.20 -61.60
C LYS L 195 6.56 -7.14 -60.67
N ALA L 196 7.89 -7.20 -60.77
CA ALA L 196 8.67 -8.07 -59.90
C ALA L 196 8.53 -7.59 -58.46
N ILE L 197 8.63 -6.27 -58.27
CA ILE L 197 8.50 -5.66 -56.96
C ILE L 197 7.13 -5.99 -56.38
N SER L 198 6.12 -5.94 -57.23
CA SER L 198 4.77 -6.26 -56.79
C SER L 198 4.69 -7.70 -56.29
N TYR L 199 5.33 -8.62 -57.01
CA TYR L 199 5.33 -10.02 -56.61
C TYR L 199 6.01 -10.18 -55.25
N ILE L 200 7.12 -9.48 -55.06
CA ILE L 200 7.84 -9.54 -53.80
C ILE L 200 6.98 -9.02 -52.65
N ARG L 201 6.31 -7.89 -52.84
CA ARG L 201 5.46 -7.36 -51.78
C ARG L 201 4.36 -8.35 -51.44
N ARG L 202 3.69 -8.87 -52.46
CA ARG L 202 2.60 -9.79 -52.26
C ARG L 202 2.97 -11.10 -51.61
N SER L 203 4.25 -11.38 -51.51
CA SER L 203 4.67 -12.63 -50.89
C SER L 203 4.84 -12.48 -49.38
N MET L 204 4.75 -11.25 -48.87
CA MET L 204 4.89 -11.05 -47.44
C MET L 204 3.75 -11.70 -46.69
N SER L 205 4.10 -12.55 -45.72
CA SER L 205 3.12 -13.25 -44.93
C SER L 205 2.60 -12.43 -43.74
N TYR L 206 1.57 -12.95 -43.09
CA TYR L 206 0.98 -12.30 -41.93
C TYR L 206 2.00 -12.34 -40.79
N ASP L 207 2.94 -13.28 -40.84
CA ASP L 207 3.95 -13.35 -39.80
C ASP L 207 5.17 -12.48 -40.15
N ASN L 208 5.05 -11.75 -41.25
CA ASN L 208 6.06 -10.80 -41.71
C ASN L 208 7.30 -11.27 -42.45
N GLY L 209 7.42 -12.58 -42.66
CA GLY L 209 8.55 -13.07 -43.43
C GLY L 209 8.08 -13.07 -44.87
N LEU L 210 8.95 -13.47 -45.80
CA LEU L 210 8.57 -13.54 -47.21
C LEU L 210 8.45 -15.00 -47.61
N ALA L 211 7.40 -15.34 -48.35
CA ALA L 211 7.19 -16.72 -48.79
C ALA L 211 7.58 -16.89 -50.26
N GLN L 212 7.44 -18.10 -50.79
CA GLN L 212 7.77 -18.36 -52.18
C GLN L 212 6.80 -17.62 -53.10
N GLY L 213 5.60 -17.38 -52.59
CA GLY L 213 4.57 -16.67 -53.34
C GLY L 213 3.44 -16.30 -52.38
N ALA L 214 2.52 -15.48 -52.84
CA ALA L 214 1.39 -15.04 -52.02
C ALA L 214 0.67 -16.18 -51.31
N GLY L 215 0.38 -15.99 -50.03
CA GLY L 215 -0.34 -17.00 -49.26
C GLY L 215 0.45 -18.17 -48.70
N LEU L 216 1.62 -18.43 -49.27
CA LEU L 216 2.44 -19.52 -48.80
C LEU L 216 3.17 -19.20 -47.48
N GLU L 217 3.69 -20.23 -46.83
CA GLU L 217 4.42 -20.09 -45.58
C GLU L 217 5.73 -19.32 -45.81
N SER L 218 6.00 -18.31 -44.99
CA SER L 218 7.22 -17.55 -45.17
C SER L 218 8.40 -18.47 -44.88
N HIS L 219 9.51 -18.23 -45.59
CA HIS L 219 10.68 -19.09 -45.48
C HIS L 219 11.98 -18.28 -45.56
N GLY L 220 13.00 -18.76 -44.86
CA GLY L 220 14.28 -18.07 -44.86
C GLY L 220 14.88 -17.89 -46.25
N GLY L 221 14.73 -18.92 -47.08
CA GLY L 221 15.25 -18.87 -48.44
C GLY L 221 14.56 -17.82 -49.31
N SER L 222 13.23 -17.82 -49.29
CA SER L 222 12.52 -16.85 -50.11
C SER L 222 12.64 -15.44 -49.57
N THR L 223 12.80 -15.30 -48.26
CA THR L 223 12.96 -13.98 -47.68
C THR L 223 14.28 -13.41 -48.17
N PHE L 224 15.31 -14.25 -48.23
CA PHE L 224 16.60 -13.79 -48.74
C PHE L 224 16.42 -13.40 -50.21
N CYS L 225 15.77 -14.25 -50.99
CA CYS L 225 15.60 -13.95 -52.40
C CYS L 225 14.87 -12.64 -52.63
N GLY L 226 13.83 -12.39 -51.84
CA GLY L 226 13.08 -11.16 -51.99
C GLY L 226 13.88 -9.93 -51.59
N ILE L 227 14.44 -9.97 -50.39
CA ILE L 227 15.23 -8.84 -49.89
C ILE L 227 16.46 -8.57 -50.75
N ALA L 228 17.19 -9.62 -51.11
CA ALA L 228 18.39 -9.46 -51.93
C ALA L 228 18.03 -8.88 -53.29
N SER L 229 16.90 -9.32 -53.85
CA SER L 229 16.48 -8.80 -55.15
C SER L 229 16.27 -7.29 -55.06
N LEU L 230 15.53 -6.85 -54.03
CA LEU L 230 15.26 -5.43 -53.85
C LEU L 230 16.57 -4.65 -53.64
N CYS L 231 17.52 -5.23 -52.92
CA CYS L 231 18.79 -4.54 -52.70
C CYS L 231 19.55 -4.42 -54.01
N LEU L 232 19.54 -5.49 -54.81
CA LEU L 232 20.20 -5.47 -56.10
C LEU L 232 19.57 -4.39 -56.99
N MET L 233 18.26 -4.18 -56.85
CA MET L 233 17.56 -3.18 -57.64
C MET L 233 17.76 -1.80 -57.01
N GLY L 234 18.24 -1.79 -55.77
CA GLY L 234 18.45 -0.55 -55.05
C GLY L 234 17.11 0.08 -54.70
N LYS L 235 16.15 -0.74 -54.28
CA LYS L 235 14.83 -0.22 -53.95
C LYS L 235 14.25 -0.76 -52.65
N LEU L 236 15.10 -1.25 -51.76
CA LEU L 236 14.63 -1.79 -50.48
C LEU L 236 13.80 -0.75 -49.72
N GLU L 237 14.42 0.39 -49.45
CA GLU L 237 13.79 1.50 -48.71
C GLU L 237 12.51 2.00 -49.36
N GLU L 238 12.50 2.01 -50.69
CA GLU L 238 11.35 2.49 -51.43
C GLU L 238 10.17 1.54 -51.40
N VAL L 239 10.44 0.24 -51.37
CA VAL L 239 9.37 -0.76 -51.38
C VAL L 239 8.77 -1.07 -50.03
N PHE L 240 9.59 -1.13 -48.99
CA PHE L 240 9.08 -1.42 -47.66
C PHE L 240 9.24 -0.23 -46.72
N SER L 241 8.20 0.06 -45.96
CA SER L 241 8.24 1.17 -45.01
C SER L 241 9.14 0.78 -43.84
N GLU L 242 9.47 1.76 -43.00
CA GLU L 242 10.32 1.49 -41.86
C GLU L 242 9.64 0.48 -40.94
N LYS L 243 8.33 0.63 -40.77
CA LYS L 243 7.57 -0.29 -39.92
C LYS L 243 7.64 -1.69 -40.50
N GLU L 244 7.48 -1.80 -41.81
CA GLU L 244 7.53 -3.09 -42.48
C GLU L 244 8.92 -3.71 -42.34
N LEU L 245 9.97 -2.93 -42.60
CA LEU L 245 11.32 -3.46 -42.46
C LEU L 245 11.59 -3.93 -41.03
N ASN L 246 10.99 -3.25 -40.05
CA ASN L 246 11.20 -3.65 -38.67
C ASN L 246 10.58 -5.01 -38.41
N ARG L 247 9.43 -5.25 -39.03
CA ARG L 247 8.73 -6.51 -38.86
C ARG L 247 9.50 -7.64 -39.52
N ILE L 248 10.06 -7.38 -40.70
CA ILE L 248 10.84 -8.37 -41.42
C ILE L 248 12.10 -8.68 -40.60
N LYS L 249 12.76 -7.65 -40.10
CA LYS L 249 13.96 -7.85 -39.27
C LYS L 249 13.62 -8.75 -38.10
N ARG L 250 12.49 -8.47 -37.45
CA ARG L 250 12.06 -9.29 -36.31
C ARG L 250 11.88 -10.75 -36.72
N TRP L 251 11.20 -10.97 -37.84
CA TRP L 251 10.98 -12.34 -38.30
C TRP L 251 12.32 -13.05 -38.56
N CYS L 252 13.25 -12.35 -39.21
CA CYS L 252 14.54 -12.93 -39.52
C CYS L 252 15.40 -13.23 -38.30
N ILE L 253 15.51 -12.27 -37.38
CA ILE L 253 16.36 -12.51 -36.23
C ILE L 253 15.79 -13.58 -35.32
N MET L 254 14.50 -13.85 -35.43
CA MET L 254 13.88 -14.89 -34.61
C MET L 254 14.24 -16.28 -35.14
N ARG L 255 14.85 -16.35 -36.32
CA ARG L 255 15.26 -17.63 -36.90
C ARG L 255 16.47 -18.26 -36.21
N GLN L 256 17.23 -17.49 -35.43
CA GLN L 256 18.40 -18.07 -34.77
C GLN L 256 18.06 -18.84 -33.48
N GLN L 257 18.50 -20.09 -33.43
CA GLN L 257 18.28 -20.97 -32.27
C GLN L 257 19.67 -21.20 -31.63
N ASN L 258 20.67 -21.30 -32.51
CA ASN L 258 22.10 -21.45 -32.20
C ASN L 258 22.61 -21.19 -33.62
N GLY L 259 22.23 -22.10 -34.52
CA GLY L 259 22.51 -21.91 -35.92
C GLY L 259 21.17 -21.33 -36.35
N TYR L 260 20.82 -21.39 -37.63
CA TYR L 260 19.53 -20.84 -38.05
C TYR L 260 18.65 -21.89 -38.74
N HIS L 261 17.34 -21.76 -38.57
CA HIS L 261 16.41 -22.67 -39.23
C HIS L 261 15.73 -21.86 -40.35
N GLY L 262 15.03 -22.55 -41.25
CA GLY L 262 14.38 -21.88 -42.37
C GLY L 262 12.99 -21.32 -42.09
N ARG L 263 12.32 -21.84 -41.07
CA ARG L 263 10.99 -21.40 -40.71
C ARG L 263 10.68 -21.85 -39.29
N PRO L 264 9.78 -21.11 -38.61
CA PRO L 264 9.41 -21.43 -37.23
C PRO L 264 9.16 -22.91 -36.97
N ASN L 265 9.65 -23.37 -35.83
CA ASN L 265 9.50 -24.76 -35.40
C ASN L 265 10.12 -25.85 -36.26
N LYS L 266 11.11 -25.50 -37.07
CA LYS L 266 11.83 -26.48 -37.88
C LYS L 266 13.28 -26.54 -37.37
N PRO L 267 13.95 -27.68 -37.57
CA PRO L 267 15.35 -27.76 -37.09
C PRO L 267 16.33 -26.88 -37.87
N VAL L 268 17.38 -26.42 -37.18
CA VAL L 268 18.37 -25.56 -37.84
C VAL L 268 19.14 -26.33 -38.89
N ASP L 269 19.66 -25.58 -39.85
CA ASP L 269 20.41 -26.14 -40.97
C ASP L 269 21.48 -25.11 -41.34
N THR L 270 22.71 -25.58 -41.44
CA THR L 270 23.85 -24.74 -41.78
C THR L 270 23.62 -23.69 -42.88
N CYS L 271 22.98 -24.08 -43.99
CA CYS L 271 22.80 -23.13 -45.08
C CYS L 271 22.02 -21.88 -44.71
N TYR L 272 21.21 -21.95 -43.66
CA TYR L 272 20.45 -20.77 -43.28
C TYR L 272 21.34 -19.72 -42.64
N SER L 273 22.52 -20.14 -42.21
CA SER L 273 23.48 -19.20 -41.62
C SER L 273 23.78 -18.18 -42.72
N PHE L 274 23.62 -18.58 -43.98
CA PHE L 274 23.83 -17.61 -45.03
C PHE L 274 22.50 -16.99 -45.49
N TRP L 275 21.52 -17.82 -45.81
CA TRP L 275 20.23 -17.30 -46.28
C TRP L 275 19.65 -16.25 -45.33
N VAL L 276 19.52 -16.61 -44.06
CA VAL L 276 18.99 -15.69 -43.08
C VAL L 276 20.04 -14.66 -42.65
N GLY L 277 21.24 -15.14 -42.34
CA GLY L 277 22.32 -14.26 -41.94
C GLY L 277 22.56 -13.15 -42.96
N ALA L 278 22.60 -13.51 -44.24
CA ALA L 278 22.83 -12.52 -45.28
C ALA L 278 21.67 -11.53 -45.36
N THR L 279 20.45 -11.98 -45.05
CA THR L 279 19.30 -11.09 -45.08
C THR L 279 19.46 -10.10 -43.95
N LEU L 280 19.86 -10.61 -42.79
CA LEU L 280 20.07 -9.73 -41.63
C LEU L 280 21.18 -8.71 -41.95
N LYS L 281 22.23 -9.14 -42.63
CA LYS L 281 23.30 -8.24 -43.01
C LYS L 281 22.77 -7.14 -43.92
N LEU L 282 21.94 -7.51 -44.90
CA LEU L 282 21.37 -6.52 -45.81
C LEU L 282 20.45 -5.55 -45.07
N LEU L 283 19.85 -6.02 -43.98
CA LEU L 283 18.95 -5.19 -43.18
C LEU L 283 19.74 -4.48 -42.07
N LYS L 284 21.06 -4.61 -42.12
CA LYS L 284 21.96 -3.98 -41.15
C LYS L 284 21.81 -4.36 -39.69
N ILE L 285 21.37 -5.58 -39.38
CA ILE L 285 21.25 -5.95 -37.99
C ILE L 285 21.89 -7.31 -37.71
N PHE L 286 22.66 -7.81 -38.66
CA PHE L 286 23.34 -9.08 -38.44
C PHE L 286 24.29 -8.93 -37.25
N GLN L 287 24.81 -7.71 -37.09
CA GLN L 287 25.72 -7.36 -36.00
C GLN L 287 25.10 -7.59 -34.62
N TYR L 288 23.77 -7.68 -34.54
CA TYR L 288 23.12 -7.88 -33.25
C TYR L 288 22.77 -9.33 -32.96
N THR L 289 23.24 -10.24 -33.81
CA THR L 289 22.98 -11.66 -33.60
C THR L 289 24.07 -12.24 -32.71
N ASN L 290 23.90 -13.48 -32.29
CA ASN L 290 24.92 -14.11 -31.48
C ASN L 290 25.90 -14.87 -32.39
N PHE L 291 27.11 -14.35 -32.56
CA PHE L 291 28.13 -14.96 -33.41
C PHE L 291 28.66 -16.31 -32.96
N GLU L 292 29.02 -16.41 -31.69
CA GLU L 292 29.59 -17.63 -31.16
C GLU L 292 28.73 -18.87 -31.36
N LYS L 293 27.45 -18.80 -31.02
CA LYS L 293 26.58 -19.95 -31.17
C LYS L 293 26.36 -20.33 -32.63
N ASN L 294 26.32 -19.32 -33.50
CA ASN L 294 26.15 -19.58 -34.92
C ASN L 294 27.43 -20.28 -35.42
N ARG L 295 28.58 -19.71 -35.09
CA ARG L 295 29.86 -20.29 -35.50
C ARG L 295 30.01 -21.71 -34.98
N ASN L 296 29.71 -21.93 -33.72
CA ASN L 296 29.84 -23.26 -33.15
C ASN L 296 28.95 -24.27 -33.88
N TYR L 297 27.74 -23.85 -34.25
CA TYR L 297 26.86 -24.77 -34.94
C TYR L 297 27.40 -25.14 -36.32
N ILE L 298 27.77 -24.12 -37.09
CA ILE L 298 28.31 -24.32 -38.43
C ILE L 298 29.48 -25.30 -38.39
N LEU L 299 30.43 -25.05 -37.49
CA LEU L 299 31.59 -25.91 -37.40
C LEU L 299 31.25 -27.34 -36.94
N SER L 300 30.14 -27.49 -36.23
CA SER L 300 29.74 -28.81 -35.77
C SER L 300 29.23 -29.66 -36.95
N THR L 301 28.98 -29.01 -38.10
CA THR L 301 28.49 -29.74 -39.27
C THR L 301 29.63 -29.96 -40.26
N GLN L 302 30.83 -29.60 -39.84
CA GLN L 302 32.03 -29.73 -40.66
C GLN L 302 32.44 -31.21 -40.73
N ASP L 303 32.73 -31.72 -41.92
CA ASP L 303 33.16 -33.11 -42.03
C ASP L 303 34.68 -33.07 -41.96
N ARG L 304 35.22 -33.48 -40.82
CA ARG L 304 36.66 -33.46 -40.59
C ARG L 304 37.46 -34.46 -41.41
N LEU L 305 36.78 -35.42 -42.02
CA LEU L 305 37.44 -36.43 -42.82
C LEU L 305 37.47 -36.07 -44.31
N VAL L 306 36.31 -35.82 -44.90
CA VAL L 306 36.25 -35.49 -46.32
C VAL L 306 36.18 -34.00 -46.63
N GLY L 307 35.95 -33.18 -45.61
CA GLY L 307 35.88 -31.76 -45.84
C GLY L 307 34.45 -31.35 -46.18
N GLY L 308 34.24 -30.05 -46.41
CA GLY L 308 32.90 -29.57 -46.70
C GLY L 308 32.04 -29.54 -45.44
N PHE L 309 30.80 -29.08 -45.59
CA PHE L 309 29.87 -29.00 -44.46
C PHE L 309 28.57 -29.71 -44.82
N ALA L 310 27.84 -30.16 -43.80
CA ALA L 310 26.57 -30.84 -43.98
C ALA L 310 25.49 -29.92 -43.40
N LYS L 311 24.23 -30.28 -43.57
CA LYS L 311 23.16 -29.46 -43.04
C LYS L 311 23.11 -29.62 -41.52
N TRP L 312 23.36 -30.84 -41.04
CA TRP L 312 23.34 -31.13 -39.61
C TRP L 312 24.62 -31.85 -39.23
N PRO L 313 24.96 -31.85 -37.93
CA PRO L 313 26.18 -32.54 -37.53
C PRO L 313 26.09 -34.05 -37.77
N ASP L 314 27.20 -34.68 -38.11
CA ASP L 314 27.23 -36.12 -38.36
C ASP L 314 26.29 -36.48 -39.51
N SER L 315 26.27 -35.62 -40.52
CA SER L 315 25.42 -35.81 -41.67
C SER L 315 26.39 -35.73 -42.86
N HIS L 316 26.01 -36.25 -44.02
CA HIS L 316 26.91 -36.21 -45.17
C HIS L 316 27.03 -34.82 -45.80
N PRO L 317 28.25 -34.38 -46.09
CA PRO L 317 28.49 -33.07 -46.68
C PRO L 317 28.16 -33.01 -48.17
N ASP L 318 27.89 -31.81 -48.64
CA ASP L 318 27.59 -31.61 -50.05
C ASP L 318 28.09 -30.23 -50.43
N ALA L 319 28.24 -30.00 -51.72
CA ALA L 319 28.75 -28.73 -52.24
C ALA L 319 27.92 -27.53 -51.78
N LEU L 320 26.60 -27.65 -51.77
CA LEU L 320 25.75 -26.55 -51.36
C LEU L 320 25.96 -26.12 -49.90
N HIS L 321 25.97 -27.07 -48.98
CA HIS L 321 26.17 -26.71 -47.60
C HIS L 321 27.61 -26.32 -47.29
N ALA L 322 28.55 -26.83 -48.08
CA ALA L 322 29.94 -26.48 -47.89
C ALA L 322 30.09 -25.02 -48.24
N TYR L 323 29.51 -24.63 -49.37
CA TYR L 323 29.61 -23.24 -49.80
C TYR L 323 28.89 -22.27 -48.88
N PHE L 324 27.64 -22.57 -48.53
CA PHE L 324 26.90 -21.67 -47.66
C PHE L 324 27.41 -21.67 -46.23
N GLY L 325 28.00 -22.77 -45.80
CA GLY L 325 28.55 -22.79 -44.46
C GLY L 325 29.73 -21.82 -44.42
N ILE L 326 30.54 -21.86 -45.47
CA ILE L 326 31.70 -20.99 -45.59
C ILE L 326 31.25 -19.53 -45.70
N CYS L 327 30.19 -19.28 -46.47
CA CYS L 327 29.69 -17.92 -46.60
C CYS L 327 29.10 -17.45 -45.26
N GLY L 328 28.50 -18.39 -44.53
CA GLY L 328 27.93 -18.03 -43.24
C GLY L 328 29.03 -17.60 -42.31
N LEU L 329 30.13 -18.34 -42.33
CA LEU L 329 31.30 -18.04 -41.51
C LEU L 329 31.87 -16.67 -41.95
N SER L 330 31.84 -16.42 -43.25
CA SER L 330 32.35 -15.17 -43.80
C SER L 330 31.61 -13.94 -43.26
N LEU L 331 30.30 -14.03 -43.13
CA LEU L 331 29.49 -12.92 -42.62
C LEU L 331 29.99 -12.42 -41.27
N MET L 332 30.56 -13.34 -40.48
CA MET L 332 31.09 -12.99 -39.16
C MET L 332 32.60 -12.74 -39.23
N GLU L 333 33.13 -12.63 -40.44
CA GLU L 333 34.56 -12.39 -40.64
C GLU L 333 35.48 -13.45 -40.05
N GLU L 334 35.39 -14.65 -40.59
CA GLU L 334 36.21 -15.76 -40.16
C GLU L 334 37.59 -15.52 -40.75
N SER L 335 38.61 -15.86 -39.97
CA SER L 335 39.98 -15.69 -40.43
C SER L 335 40.29 -16.69 -41.54
N GLY L 336 40.81 -16.18 -42.65
CA GLY L 336 41.14 -17.06 -43.76
C GLY L 336 40.09 -17.17 -44.83
N ILE L 337 38.93 -16.55 -44.62
CA ILE L 337 37.84 -16.57 -45.58
C ILE L 337 37.58 -15.15 -46.06
N CYS L 338 37.49 -14.95 -47.38
CA CYS L 338 37.24 -13.63 -47.93
C CYS L 338 35.88 -13.11 -47.53
N LYS L 339 35.72 -11.78 -47.61
CA LYS L 339 34.46 -11.16 -47.26
C LYS L 339 33.47 -11.43 -48.38
N VAL L 340 32.23 -11.75 -48.03
CA VAL L 340 31.22 -12.04 -49.03
C VAL L 340 30.29 -10.85 -49.31
N HIS L 341 29.86 -10.72 -50.56
CA HIS L 341 28.92 -9.68 -50.95
C HIS L 341 27.55 -10.34 -50.73
N PRO L 342 26.86 -9.98 -49.65
CA PRO L 342 25.56 -10.59 -49.33
C PRO L 342 24.46 -10.66 -50.39
N ALA L 343 24.17 -9.57 -51.09
CA ALA L 343 23.11 -9.65 -52.08
C ALA L 343 23.47 -10.40 -53.35
N LEU L 344 24.71 -10.31 -53.80
CA LEU L 344 25.13 -10.97 -55.03
C LEU L 344 25.64 -12.39 -54.82
N ASN L 345 25.84 -12.75 -53.56
CA ASN L 345 26.30 -14.08 -53.20
C ASN L 345 27.63 -14.50 -53.84
N VAL L 346 28.59 -13.58 -53.88
CA VAL L 346 29.95 -13.84 -54.41
C VAL L 346 30.91 -13.09 -53.50
N SER L 347 32.21 -13.38 -53.61
CA SER L 347 33.19 -12.72 -52.76
C SER L 347 33.27 -11.25 -53.17
N THR L 348 33.61 -10.38 -52.22
CA THR L 348 33.71 -8.96 -52.53
C THR L 348 34.80 -8.73 -53.58
N ARG L 349 35.83 -9.58 -53.60
CA ARG L 349 36.87 -9.47 -54.60
C ARG L 349 36.19 -9.53 -55.97
N THR L 350 35.34 -10.54 -56.14
CA THR L 350 34.59 -10.75 -57.36
C THR L 350 33.61 -9.60 -57.64
N SER L 351 32.94 -9.12 -56.60
CA SER L 351 31.98 -8.03 -56.80
C SER L 351 32.70 -6.81 -57.30
N GLU L 352 33.94 -6.62 -56.84
CA GLU L 352 34.74 -5.48 -57.26
C GLU L 352 35.24 -5.66 -58.70
N ARG L 353 35.60 -6.89 -59.05
CA ARG L 353 36.05 -7.17 -60.40
C ARG L 353 34.89 -6.84 -61.34
N LEU L 354 33.67 -7.11 -60.88
CA LEU L 354 32.47 -6.83 -61.68
C LEU L 354 32.22 -5.34 -61.80
N ARG L 355 32.53 -4.61 -60.75
CA ARG L 355 32.35 -3.15 -60.75
C ARG L 355 33.25 -2.59 -61.84
N ASP L 356 34.47 -3.10 -61.93
CA ASP L 356 35.42 -2.65 -62.93
C ASP L 356 34.87 -2.94 -64.32
N LEU L 357 34.53 -4.19 -64.59
CA LEU L 357 33.98 -4.56 -65.89
C LEU L 357 32.88 -3.59 -66.29
N HIS L 358 31.99 -3.29 -65.36
CA HIS L 358 30.89 -2.38 -65.63
C HIS L 358 31.41 -1.01 -66.05
N GLN L 359 32.36 -0.48 -65.30
CA GLN L 359 32.93 0.83 -65.60
C GLN L 359 33.62 0.83 -66.96
N SER L 360 34.25 -0.29 -67.32
CA SER L 360 34.93 -0.36 -68.60
C SER L 360 33.94 -0.41 -69.76
N TRP L 361 32.73 -0.93 -69.50
CA TRP L 361 31.72 -0.99 -70.55
C TRP L 361 31.16 0.41 -70.79
N LYS L 362 31.24 1.25 -69.76
CA LYS L 362 30.76 2.62 -69.87
C LYS L 362 31.74 3.43 -70.73
N THR L 363 31.55 3.37 -72.04
CA THR L 363 32.40 4.10 -72.99
C THR L 363 31.64 4.41 -74.28
N CYS M 8 -27.59 -1.15 -4.26
CA CYS M 8 -28.35 -0.39 -3.26
C CYS M 8 -29.63 -1.13 -2.85
N VAL M 9 -29.72 -1.47 -1.57
CA VAL M 9 -30.86 -2.19 -1.06
C VAL M 9 -32.21 -1.43 -1.12
N ILE M 10 -32.19 -0.11 -0.97
CA ILE M 10 -33.44 0.64 -0.97
C ILE M 10 -33.85 1.46 -2.20
N LEU M 11 -33.05 1.44 -3.27
CA LEU M 11 -33.39 2.21 -4.47
C LEU M 11 -33.03 1.48 -5.76
N CYS N 8 49.25 9.13 -11.56
CA CYS N 8 48.53 7.86 -11.43
C CYS N 8 47.57 7.89 -10.23
N VAL N 9 46.28 7.75 -10.50
CA VAL N 9 45.28 7.79 -9.45
C VAL N 9 45.36 6.66 -8.42
N ILE N 10 45.74 5.45 -8.83
CA ILE N 10 45.78 4.32 -7.89
C ILE N 10 47.11 3.83 -7.32
N LEU N 11 48.22 4.48 -7.64
CA LEU N 11 49.52 4.06 -7.13
C LEU N 11 50.47 5.21 -6.82
N CYS O 8 58.95 -10.75 44.61
CA CYS O 8 59.70 -11.59 43.68
C CYS O 8 60.63 -10.74 42.78
N VAL O 9 61.93 -10.94 42.94
CA VAL O 9 62.91 -10.19 42.18
C VAL O 9 62.88 -10.38 40.66
N ILE O 10 62.52 -11.57 40.18
CA ILE O 10 62.54 -11.81 38.74
C ILE O 10 61.23 -11.85 37.96
N LEU O 11 60.09 -11.62 38.63
CA LEU O 11 58.80 -11.64 37.94
C LEU O 11 57.81 -10.62 38.47
N CYS P 8 -82.86 6.69 -26.37
CA CYS P 8 -82.11 7.94 -26.53
C CYS P 8 -80.82 7.70 -27.33
N VAL P 9 -80.72 8.34 -28.49
CA VAL P 9 -79.57 8.18 -29.35
C VAL P 9 -78.23 8.67 -28.79
N ILE P 10 -78.24 9.70 -27.94
CA ILE P 10 -76.99 10.25 -27.43
C ILE P 10 -76.60 9.98 -25.97
N LEU P 11 -77.37 9.18 -25.24
CA LEU P 11 -77.05 8.90 -23.85
C LEU P 11 -77.41 7.49 -23.40
N CYS Q 8 -7.76 14.88 39.23
CA CYS Q 8 -8.86 14.80 40.18
C CYS Q 8 -8.83 15.97 41.18
N VAL Q 9 -9.86 16.79 41.16
CA VAL Q 9 -9.93 17.93 42.03
C VAL Q 9 -9.97 17.64 43.54
N ILE Q 10 -10.61 16.54 43.96
CA ILE Q 10 -10.71 16.26 45.39
C ILE Q 10 -9.83 15.17 46.03
N LEU Q 11 -8.92 14.56 45.27
CA LEU Q 11 -8.05 13.51 45.80
C LEU Q 11 -6.64 13.54 45.23
N LYS R 7 18.62 -35.57 -56.08
CA LYS R 7 18.99 -35.21 -54.71
C LYS R 7 19.41 -33.74 -54.58
N CYS R 8 18.68 -32.85 -55.24
CA CYS R 8 18.98 -31.42 -55.12
C CYS R 8 17.83 -30.72 -54.39
N VAL R 9 18.12 -30.25 -53.19
CA VAL R 9 17.12 -29.58 -52.38
C VAL R 9 16.53 -28.28 -52.94
N ILE R 10 17.31 -27.51 -53.71
CA ILE R 10 16.81 -26.22 -54.21
C ILE R 10 16.42 -26.09 -55.69
N LEU R 11 16.49 -27.17 -56.46
CA LEU R 11 16.14 -27.11 -57.88
C LEU R 11 15.45 -28.38 -58.37
#